data_6G31
#
_entry.id   6G31
#
_cell.length_a   116.800
_cell.length_b   134.240
_cell.length_c   134.460
_cell.angle_alpha   90.00
_cell.angle_beta   102.67
_cell.angle_gamma   90.00
#
_symmetry.space_group_name_H-M   'P 1 21 1'
#
loop_
_entity.id
_entity.type
_entity.pdbx_description
1 polymer 'Geranylgeranyl pyrophosphate synthase'
2 non-polymer 'ZOLEDRONIC ACID'
3 non-polymer 'MAGNESIUM ION'
#
_entity_poly.entity_id   1
_entity_poly.type   'polypeptide(L)'
_entity_poly.pdbx_seq_one_letter_code
;GSGSGSGMEKTQETVQRILLEPYKYLLQLPGKQVRTKLSQAFNHWLKVPEDKLQIIIEVTEMLHNASLLIDDIEDNSKLR
RGFPVAHSIYGIPSVINSANYVYFLGLEKVLTLDHQDAVKLFTRQLLELHQGQGLDIYWRDNYTCPTEEEYKAMVLQKTG
GLFGLAVGLMQLFSDYKEDLKPLLNTLGLFFQIRYDYANLHSKEYSENKSFCEDLTEGKFSFPTIHAIWSRPESTQVQNI
LRQRTENIDIKKYCVHYLEDVGSFEYTRNTLKELEAKAYKQIDARGGNPELVALVKHLSKMFKEENE
;
_entity_poly.pdbx_strand_id   A,B,C,D,E,F,G,H,I,J,K,L
#
# COMPACT_ATOMS: atom_id res chain seq x y z
N GLN A 12 10.90 -8.32 11.06
CA GLN A 12 10.90 -7.16 10.15
C GLN A 12 9.52 -6.82 9.65
N GLU A 13 8.55 -6.67 10.56
CA GLU A 13 7.19 -6.28 10.19
C GLU A 13 6.91 -4.82 10.57
N THR A 14 7.92 -3.96 10.40
CA THR A 14 7.72 -2.52 10.48
C THR A 14 7.01 -2.03 9.24
N VAL A 15 6.86 -2.93 8.26
CA VAL A 15 6.15 -2.55 7.05
C VAL A 15 4.70 -2.38 7.40
N GLN A 16 4.22 -3.03 8.45
CA GLN A 16 2.82 -2.85 8.84
C GLN A 16 2.54 -1.41 9.30
N ARG A 17 3.47 -0.90 10.09
CA ARG A 17 3.41 0.46 10.65
C ARG A 17 3.52 1.48 9.56
N ILE A 18 4.46 1.26 8.65
CA ILE A 18 4.69 2.22 7.56
C ILE A 18 3.54 2.20 6.57
N LEU A 19 3.03 1.01 6.23
CA LEU A 19 1.95 0.90 5.26
C LEU A 19 0.67 1.56 5.76
N LEU A 20 0.43 1.46 7.05
CA LEU A 20 -0.78 1.94 7.70
C LEU A 20 -0.63 3.34 8.26
N GLU A 21 0.45 4.04 7.90
CA GLU A 21 0.71 5.35 8.50
C GLU A 21 -0.34 6.42 8.19
N PRO A 22 -0.79 6.63 6.95
CA PRO A 22 -1.84 7.63 6.72
C PRO A 22 -3.07 7.41 7.57
N TYR A 23 -3.46 6.13 7.70
CA TYR A 23 -4.60 5.76 8.53
C TYR A 23 -4.36 6.18 9.98
N LYS A 24 -3.22 5.82 10.55
CA LYS A 24 -2.95 6.21 11.92
C LYS A 24 -3.00 7.73 12.07
N TYR A 25 -2.45 8.45 11.10
CA TYR A 25 -2.48 9.91 11.16
C TYR A 25 -3.90 10.42 11.26
N LEU A 26 -4.80 9.89 10.41
CA LEU A 26 -6.18 10.33 10.44
C LEU A 26 -6.83 10.02 11.78
N LEU A 27 -6.54 8.86 12.35
CA LEU A 27 -7.14 8.54 13.63
C LEU A 27 -6.65 9.49 14.70
N GLN A 28 -5.39 9.89 14.57
CA GLN A 28 -4.76 10.77 15.54
C GLN A 28 -5.52 12.08 15.63
N LEU A 29 -5.96 12.59 14.49
CA LEU A 29 -6.73 13.83 14.52
C LEU A 29 -7.99 13.45 15.27
N PRO A 30 -8.46 14.32 16.14
CA PRO A 30 -9.66 13.95 16.89
C PRO A 30 -10.82 13.75 15.93
N GLY A 31 -11.48 12.61 16.07
CA GLY A 31 -12.63 12.27 15.25
C GLY A 31 -13.70 12.12 16.30
N LYS A 32 -14.83 12.78 16.11
CA LYS A 32 -15.87 12.69 17.15
C LYS A 32 -16.24 11.24 17.44
N GLN A 33 -16.12 10.35 16.45
CA GLN A 33 -16.53 8.96 16.59
C GLN A 33 -17.95 8.87 17.11
N VAL A 34 -18.81 9.79 16.65
CA VAL A 34 -20.22 9.73 17.02
C VAL A 34 -20.75 8.35 16.72
N ARG A 35 -20.41 7.79 15.55
CA ARG A 35 -20.88 6.46 15.18
C ARG A 35 -20.52 5.41 16.22
N THR A 36 -19.39 5.59 16.92
CA THR A 36 -19.06 4.69 18.04
C THR A 36 -20.00 4.92 19.21
N LYS A 37 -20.33 6.19 19.50
CA LYS A 37 -21.36 6.49 20.49
C LYS A 37 -22.68 5.84 20.13
N LEU A 38 -23.10 5.96 18.87
CA LEU A 38 -24.27 5.27 18.35
C LEU A 38 -24.21 3.78 18.63
N SER A 39 -23.18 3.09 18.14
CA SER A 39 -23.11 1.64 18.33
C SER A 39 -23.26 1.29 19.81
N GLN A 40 -22.55 2.01 20.68
CA GLN A 40 -22.69 1.76 22.12
C GLN A 40 -24.12 1.98 22.58
N ALA A 41 -24.81 2.98 22.02
CA ALA A 41 -26.19 3.20 22.44
C ALA A 41 -27.19 2.31 21.69
N PHE A 42 -26.75 1.58 20.66
CA PHE A 42 -27.59 0.61 19.97
C PHE A 42 -27.38 -0.79 20.52
N ASN A 43 -26.43 -0.95 21.43
CA ASN A 43 -26.41 -2.22 22.14
C ASN A 43 -27.52 -2.26 23.19
N HIS A 44 -28.18 -1.11 23.44
CA HIS A 44 -29.30 -1.11 24.36
C HIS A 44 -30.41 -2.01 23.86
N TRP A 45 -30.60 -2.07 22.54
CA TRP A 45 -31.52 -3.01 21.94
C TRP A 45 -30.82 -4.32 21.61
N LEU A 46 -29.58 -4.25 21.14
CA LEU A 46 -28.92 -5.45 20.62
C LEU A 46 -28.44 -6.40 21.72
N LYS A 47 -27.75 -5.88 22.73
CA LYS A 47 -27.05 -6.64 23.78
C LYS A 47 -26.27 -7.84 23.25
N VAL A 48 -25.28 -7.50 22.41
CA VAL A 48 -24.29 -8.41 21.83
C VAL A 48 -23.22 -8.74 22.88
N PRO A 49 -22.66 -9.95 22.89
CA PRO A 49 -21.55 -10.24 23.83
C PRO A 49 -20.39 -9.28 23.56
N GLU A 50 -19.83 -8.74 24.66
CA GLU A 50 -18.71 -7.80 24.58
C GLU A 50 -17.61 -8.28 23.63
N ASP A 51 -17.25 -9.56 23.69
CA ASP A 51 -16.15 -10.09 22.88
C ASP A 51 -16.41 -9.92 21.38
N LYS A 52 -17.65 -10.17 20.93
CA LYS A 52 -18.00 -10.02 19.53
C LYS A 52 -18.24 -8.55 19.18
N LEU A 53 -18.76 -7.79 20.14
CA LEU A 53 -19.00 -6.37 19.91
C LEU A 53 -17.71 -5.61 19.65
N GLN A 54 -16.66 -5.89 20.44
CA GLN A 54 -15.38 -5.21 20.24
C GLN A 54 -14.85 -5.44 18.84
N ILE A 55 -14.97 -6.67 18.33
CA ILE A 55 -14.50 -6.95 16.98
C ILE A 55 -15.32 -6.15 15.96
N ILE A 56 -16.65 -6.13 16.10
CA ILE A 56 -17.39 -5.36 15.12
C ILE A 56 -17.02 -3.89 15.19
N ILE A 57 -16.87 -3.35 16.41
CA ILE A 57 -16.55 -1.93 16.54
C ILE A 57 -15.24 -1.62 15.84
N GLU A 58 -14.27 -2.52 15.96
CA GLU A 58 -13.02 -2.35 15.23
C GLU A 58 -13.29 -2.27 13.74
N VAL A 59 -14.15 -3.15 13.21
CA VAL A 59 -14.37 -3.13 11.76
C VAL A 59 -15.02 -1.81 11.34
N THR A 60 -15.92 -1.27 12.16
CA THR A 60 -16.54 -0.01 11.76
C THR A 60 -15.50 1.11 11.70
N GLU A 61 -14.74 1.32 12.78
CA GLU A 61 -13.79 2.42 12.77
C GLU A 61 -12.79 2.29 11.62
N MET A 62 -12.29 1.08 11.40
CA MET A 62 -11.41 0.82 10.28
C MET A 62 -12.07 1.23 8.96
N LEU A 63 -13.23 0.64 8.65
CA LEU A 63 -13.90 0.86 7.37
C LEU A 63 -14.32 2.31 7.17
N HIS A 64 -14.86 2.90 8.23
CA HIS A 64 -15.27 4.30 8.18
C HIS A 64 -14.08 5.19 7.86
N ASN A 65 -13.02 5.09 8.64
CA ASN A 65 -11.89 5.98 8.40
C ASN A 65 -11.21 5.70 7.07
N ALA A 66 -11.16 4.45 6.64
CA ALA A 66 -10.64 4.16 5.30
C ALA A 66 -11.45 4.88 4.24
N SER A 67 -12.77 4.73 4.29
CA SER A 67 -13.65 5.43 3.35
C SER A 67 -13.44 6.93 3.42
N LEU A 68 -13.18 7.49 4.61
CA LEU A 68 -12.87 8.92 4.73
C LEU A 68 -11.57 9.26 4.02
N LEU A 69 -10.54 8.42 4.18
CA LEU A 69 -9.29 8.69 3.49
C LEU A 69 -9.53 8.76 1.99
N ILE A 70 -10.27 7.80 1.46
CA ILE A 70 -10.52 7.85 0.03
C ILE A 70 -11.38 9.05 -0.30
N ASP A 71 -12.42 9.31 0.47
CA ASP A 71 -13.32 10.42 0.18
C ASP A 71 -12.58 11.74 0.04
N ASP A 72 -11.59 12.01 0.92
CA ASP A 72 -10.94 13.31 0.88
C ASP A 72 -10.14 13.51 -0.40
N ILE A 73 -9.60 12.44 -0.96
CA ILE A 73 -9.01 12.56 -2.26
C ILE A 73 -10.10 12.86 -3.27
N GLU A 74 -11.12 12.00 -3.31
CA GLU A 74 -12.10 12.15 -4.38
C GLU A 74 -12.89 13.43 -4.23
N ASP A 75 -13.22 13.82 -3.01
CA ASP A 75 -13.87 15.10 -2.82
C ASP A 75 -12.91 16.29 -2.93
N ASN A 76 -11.61 16.06 -2.99
CA ASN A 76 -10.63 17.14 -3.14
C ASN A 76 -10.74 18.17 -2.03
N SER A 77 -11.03 17.72 -0.84
CA SER A 77 -11.06 18.65 0.26
C SER A 77 -9.63 18.98 0.69
N LYS A 78 -9.50 20.09 1.44
CA LYS A 78 -8.21 20.48 1.99
C LYS A 78 -8.06 20.15 3.48
N LEU A 79 -9.14 20.05 4.23
CA LEU A 79 -9.00 19.86 5.67
C LEU A 79 -10.02 18.84 6.16
N ARG A 80 -9.67 18.14 7.24
CA ARG A 80 -10.56 17.21 7.91
C ARG A 80 -10.30 17.25 9.40
N ARG A 81 -11.33 17.57 10.18
CA ARG A 81 -11.19 17.72 11.64
C ARG A 81 -10.15 18.78 12.00
N GLY A 82 -10.03 19.80 11.14
CA GLY A 82 -9.13 20.91 11.36
C GLY A 82 -7.67 20.66 11.02
N PHE A 83 -7.31 19.48 10.56
CA PHE A 83 -5.94 19.14 10.29
C PHE A 83 -5.81 18.77 8.84
N PRO A 84 -4.67 19.05 8.21
CA PRO A 84 -4.51 18.75 6.79
C PRO A 84 -4.96 17.33 6.46
N VAL A 85 -5.47 17.16 5.25
CA VAL A 85 -5.89 15.83 4.84
C VAL A 85 -4.69 14.93 4.60
N ALA A 86 -4.94 13.63 4.66
CA ALA A 86 -3.89 12.63 4.57
C ALA A 86 -3.13 12.71 3.26
N HIS A 87 -3.81 12.84 2.13
CA HIS A 87 -3.04 12.94 0.89
C HIS A 87 -2.26 14.24 0.80
N SER A 88 -2.69 15.28 1.52
CA SER A 88 -2.00 16.55 1.47
C SER A 88 -0.62 16.48 2.10
N ILE A 89 -0.41 15.54 2.99
CA ILE A 89 0.86 15.34 3.65
C ILE A 89 1.59 14.15 3.09
N TYR A 90 0.93 13.00 3.12
CA TYR A 90 1.57 11.76 2.74
C TYR A 90 1.54 11.50 1.26
N GLY A 91 0.84 12.32 0.48
CA GLY A 91 0.75 12.13 -0.96
C GLY A 91 -0.39 11.21 -1.38
N ILE A 92 -1.03 11.48 -2.51
CA ILE A 92 -2.20 10.68 -2.90
C ILE A 92 -1.91 9.18 -2.98
N PRO A 93 -0.91 8.70 -3.73
CA PRO A 93 -0.77 7.24 -3.88
C PRO A 93 -0.70 6.51 -2.55
N SER A 94 0.11 7.04 -1.63
CA SER A 94 0.31 6.38 -0.35
C SER A 94 -0.98 6.24 0.42
N VAL A 95 -1.82 7.28 0.42
CA VAL A 95 -3.06 7.25 1.18
C VAL A 95 -4.15 6.46 0.46
N ILE A 96 -4.17 6.44 -0.87
CA ILE A 96 -5.09 5.52 -1.55
C ILE A 96 -4.76 4.10 -1.18
N ASN A 97 -3.51 3.68 -1.40
CA ASN A 97 -3.16 2.30 -1.13
C ASN A 97 -3.35 2.01 0.36
N SER A 98 -2.94 2.94 1.21
CA SER A 98 -3.11 2.80 2.63
C SER A 98 -4.57 2.51 2.98
N ALA A 99 -5.49 3.32 2.44
CA ALA A 99 -6.92 3.16 2.74
C ALA A 99 -7.46 1.84 2.20
N ASN A 100 -7.13 1.49 0.97
CA ASN A 100 -7.54 0.19 0.45
C ASN A 100 -7.03 -0.95 1.33
N TYR A 101 -5.78 -0.86 1.76
CA TYR A 101 -5.24 -1.82 2.71
C TYR A 101 -6.16 -1.92 3.92
N VAL A 102 -6.58 -0.78 4.45
CA VAL A 102 -7.43 -0.89 5.63
C VAL A 102 -8.74 -1.59 5.29
N TYR A 103 -9.26 -1.42 4.06
CA TYR A 103 -10.45 -2.17 3.66
C TYR A 103 -10.24 -3.68 3.83
N PHE A 104 -9.19 -4.22 3.20
CA PHE A 104 -9.02 -5.65 3.27
C PHE A 104 -8.53 -6.15 4.61
N LEU A 105 -7.87 -5.30 5.40
CA LEU A 105 -7.72 -5.65 6.81
C LEU A 105 -9.07 -5.81 7.49
N GLY A 106 -10.04 -4.98 7.09
CA GLY A 106 -11.38 -5.11 7.66
C GLY A 106 -12.03 -6.42 7.30
N LEU A 107 -11.97 -6.80 6.02
CA LEU A 107 -12.49 -8.11 5.64
C LEU A 107 -11.81 -9.21 6.43
N GLU A 108 -10.46 -9.19 6.49
CA GLU A 108 -9.75 -10.21 7.26
C GLU A 108 -10.24 -10.25 8.70
N LYS A 109 -10.44 -9.09 9.31
CA LYS A 109 -10.94 -9.05 10.67
C LYS A 109 -12.35 -9.59 10.75
N VAL A 110 -13.13 -9.46 9.66
CA VAL A 110 -14.50 -9.97 9.65
C VAL A 110 -14.51 -11.49 9.56
N LEU A 111 -13.45 -12.08 9.02
CA LEU A 111 -13.32 -13.52 9.02
C LEU A 111 -13.29 -14.09 10.44
N THR A 112 -13.17 -13.24 11.45
CA THR A 112 -13.35 -13.68 12.81
C THR A 112 -14.86 -13.90 13.01
N LEU A 113 -15.32 -14.00 14.27
CA LEU A 113 -16.73 -14.16 14.57
C LEU A 113 -17.26 -15.49 14.06
N ASP A 114 -16.59 -16.06 13.04
CA ASP A 114 -16.85 -17.41 12.56
C ASP A 114 -18.29 -17.56 12.08
N HIS A 115 -18.90 -16.48 11.64
CA HIS A 115 -20.31 -16.50 11.26
C HIS A 115 -20.47 -16.64 9.75
N GLN A 116 -21.32 -17.57 9.33
CA GLN A 116 -21.54 -17.81 7.92
C GLN A 116 -22.06 -16.56 7.22
N ASP A 117 -22.80 -15.72 7.92
CA ASP A 117 -23.44 -14.55 7.34
C ASP A 117 -22.61 -13.27 7.34
N ALA A 118 -21.51 -13.22 8.11
CA ALA A 118 -20.77 -11.96 8.22
C ALA A 118 -20.22 -11.52 6.88
N VAL A 119 -19.64 -12.44 6.11
CA VAL A 119 -19.00 -12.00 4.87
C VAL A 119 -20.01 -11.51 3.84
N LYS A 120 -21.14 -12.20 3.72
CA LYS A 120 -22.19 -11.79 2.78
C LYS A 120 -22.74 -10.43 3.17
N LEU A 121 -23.04 -10.23 4.45
CA LEU A 121 -23.46 -8.91 4.91
C LEU A 121 -22.39 -7.87 4.58
N PHE A 122 -21.11 -8.21 4.79
CA PHE A 122 -20.03 -7.26 4.51
C PHE A 122 -20.04 -6.81 3.06
N THR A 123 -20.04 -7.76 2.13
CA THR A 123 -20.08 -7.39 0.72
C THR A 123 -21.31 -6.54 0.41
N ARG A 124 -22.48 -6.91 0.93
CA ARG A 124 -23.64 -6.08 0.68
C ARG A 124 -23.38 -4.64 1.11
N GLN A 125 -22.96 -4.46 2.35
CA GLN A 125 -22.86 -3.11 2.88
C GLN A 125 -21.79 -2.28 2.18
N LEU A 126 -20.66 -2.88 1.85
CA LEU A 126 -19.64 -2.11 1.17
C LEU A 126 -20.07 -1.80 -0.26
N LEU A 127 -20.75 -2.73 -0.91
CA LEU A 127 -21.28 -2.48 -2.25
C LEU A 127 -22.18 -1.27 -2.27
N GLU A 128 -23.10 -1.18 -1.30
CA GLU A 128 -24.01 -0.02 -1.22
C GLU A 128 -23.27 1.26 -0.91
N LEU A 129 -22.35 1.24 0.03
CA LEU A 129 -21.56 2.44 0.30
C LEU A 129 -20.91 2.94 -0.98
N HIS A 130 -20.35 2.03 -1.75
CA HIS A 130 -19.68 2.45 -2.97
C HIS A 130 -20.66 2.94 -4.03
N GLN A 131 -21.86 2.37 -4.08
CA GLN A 131 -22.84 2.88 -5.03
C GLN A 131 -23.25 4.31 -4.72
N GLY A 132 -23.65 4.55 -3.47
CA GLY A 132 -24.03 5.90 -3.08
C GLY A 132 -22.89 6.89 -3.27
N GLN A 133 -21.69 6.51 -2.84
CA GLN A 133 -20.54 7.39 -2.98
C GLN A 133 -20.28 7.70 -4.44
N GLY A 134 -20.34 6.68 -5.28
CA GLY A 134 -20.16 6.87 -6.71
C GLY A 134 -21.19 7.80 -7.31
N LEU A 135 -22.45 7.70 -6.85
CA LEU A 135 -23.48 8.60 -7.35
C LEU A 135 -23.16 10.04 -7.02
N ASP A 136 -22.79 10.31 -5.77
CA ASP A 136 -22.47 11.69 -5.39
C ASP A 136 -21.41 12.26 -6.32
N ILE A 137 -20.32 11.53 -6.50
CA ILE A 137 -19.30 12.08 -7.39
C ILE A 137 -19.80 12.17 -8.83
N TYR A 138 -20.62 11.21 -9.29
CA TYR A 138 -21.09 11.27 -10.68
C TYR A 138 -21.86 12.54 -10.94
N TRP A 139 -22.82 12.85 -10.08
CA TRP A 139 -23.59 14.07 -10.24
C TRP A 139 -22.67 15.28 -10.17
N ARG A 140 -21.73 15.29 -9.23
CA ARG A 140 -20.87 16.46 -9.05
C ARG A 140 -20.02 16.69 -10.29
N ASP A 141 -19.39 15.64 -10.81
CA ASP A 141 -18.42 15.83 -11.86
C ASP A 141 -19.03 15.86 -13.24
N ASN A 142 -20.20 15.28 -13.43
CA ASN A 142 -20.85 15.36 -14.73
C ASN A 142 -21.87 16.47 -14.78
N TYR A 143 -21.98 17.24 -13.72
CA TYR A 143 -22.72 18.47 -13.70
C TYR A 143 -24.20 18.26 -14.01
N THR A 144 -24.76 17.10 -13.62
CA THR A 144 -26.20 16.84 -13.71
C THR A 144 -26.76 16.68 -12.30
N CYS A 145 -27.53 17.66 -11.86
CA CYS A 145 -28.11 17.66 -10.51
C CYS A 145 -29.20 16.61 -10.33
N PRO A 146 -29.29 16.04 -9.14
CA PRO A 146 -30.33 15.06 -8.88
C PRO A 146 -31.59 15.68 -8.28
N THR A 147 -32.66 14.91 -8.37
CA THR A 147 -33.89 15.26 -7.69
C THR A 147 -33.70 15.04 -6.20
N GLU A 148 -34.57 15.64 -5.39
CA GLU A 148 -34.48 15.47 -3.95
C GLU A 148 -34.59 14.00 -3.55
N GLU A 149 -35.43 13.25 -4.26
CA GLU A 149 -35.57 11.83 -3.96
C GLU A 149 -34.28 11.09 -4.29
N GLU A 150 -33.71 11.37 -5.45
CA GLU A 150 -32.43 10.75 -5.81
C GLU A 150 -31.36 11.08 -4.78
N TYR A 151 -31.36 12.32 -4.31
CA TYR A 151 -30.38 12.68 -3.31
C TYR A 151 -30.57 11.84 -2.05
N LYS A 152 -31.78 11.83 -1.51
CA LYS A 152 -32.04 11.05 -0.31
C LYS A 152 -31.66 9.58 -0.49
N ALA A 153 -32.21 8.96 -1.54
CA ALA A 153 -31.98 7.55 -1.79
C ALA A 153 -30.52 7.23 -1.85
N MET A 154 -29.73 8.05 -2.53
CA MET A 154 -28.29 7.81 -2.50
C MET A 154 -27.71 7.98 -1.10
N VAL A 155 -28.09 9.03 -0.38
CA VAL A 155 -27.59 9.21 0.98
C VAL A 155 -27.84 7.96 1.83
N LEU A 156 -29.01 7.32 1.65
CA LEU A 156 -29.33 6.07 2.32
C LEU A 156 -28.28 5.01 2.06
N GLN A 157 -27.71 5.01 0.85
CA GLN A 157 -26.66 4.07 0.50
C GLN A 157 -25.31 4.56 1.06
N LYS A 158 -25.05 5.86 0.93
CA LYS A 158 -23.78 6.47 1.31
C LYS A 158 -23.52 6.39 2.83
N THR A 159 -24.41 6.98 3.63
CA THR A 159 -24.34 6.80 5.07
C THR A 159 -25.01 5.53 5.58
N GLY A 160 -25.91 4.96 4.80
CA GLY A 160 -26.54 3.72 5.19
C GLY A 160 -25.59 2.55 5.16
N GLY A 161 -24.55 2.61 4.33
CA GLY A 161 -23.61 1.49 4.25
C GLY A 161 -22.94 1.09 5.54
N LEU A 162 -22.18 2.00 6.14
CA LEU A 162 -21.50 1.68 7.40
C LEU A 162 -22.48 1.42 8.51
N PHE A 163 -23.53 2.24 8.63
CA PHE A 163 -24.57 1.98 9.62
C PHE A 163 -25.07 0.55 9.50
N GLY A 164 -25.25 0.09 8.26
CA GLY A 164 -25.67 -1.28 8.05
C GLY A 164 -24.63 -2.31 8.46
N LEU A 165 -23.36 -2.03 8.21
CA LEU A 165 -22.35 -2.97 8.67
C LEU A 165 -22.36 -3.07 10.19
N ALA A 166 -22.41 -1.92 10.87
CA ALA A 166 -22.43 -1.90 12.33
C ALA A 166 -23.65 -2.62 12.88
N VAL A 167 -24.85 -2.09 12.58
CA VAL A 167 -26.07 -2.61 13.20
C VAL A 167 -26.39 -4.00 12.67
N GLY A 168 -26.10 -4.27 11.39
CA GLY A 168 -26.38 -5.58 10.86
C GLY A 168 -25.51 -6.65 11.48
N LEU A 169 -24.21 -6.36 11.61
CA LEU A 169 -23.29 -7.28 12.27
C LEU A 169 -23.68 -7.51 13.73
N MET A 170 -24.18 -6.47 14.41
CA MET A 170 -24.75 -6.67 15.73
C MET A 170 -25.99 -7.56 15.70
N GLN A 171 -26.81 -7.46 14.65
CA GLN A 171 -28.02 -8.28 14.58
C GLN A 171 -27.69 -9.76 14.41
N LEU A 172 -26.55 -10.08 13.77
CA LEU A 172 -26.19 -11.49 13.56
C LEU A 172 -25.95 -12.24 14.88
N PHE A 173 -25.50 -11.55 15.92
CA PHE A 173 -25.14 -12.16 17.19
C PHE A 173 -26.09 -11.81 18.31
N SER A 174 -27.28 -11.30 17.98
CA SER A 174 -28.24 -10.89 18.99
C SER A 174 -29.44 -11.81 18.98
N ASP A 175 -29.99 -12.08 20.17
CA ASP A 175 -31.27 -12.78 20.21
C ASP A 175 -32.41 -11.86 19.81
N TYR A 176 -32.08 -10.64 19.36
CA TYR A 176 -33.07 -9.70 18.87
C TYR A 176 -33.30 -10.02 17.40
N LYS A 177 -34.55 -10.08 16.97
CA LYS A 177 -34.83 -10.49 15.61
C LYS A 177 -35.56 -9.41 14.82
N GLU A 178 -35.92 -8.30 15.44
CA GLU A 178 -36.77 -7.32 14.79
C GLU A 178 -36.05 -6.65 13.63
N ASP A 179 -36.73 -5.67 13.05
CA ASP A 179 -36.32 -5.03 11.80
C ASP A 179 -36.33 -3.52 12.02
N LEU A 180 -35.16 -2.96 12.32
CA LEU A 180 -35.02 -1.55 12.66
C LEU A 180 -34.38 -0.71 11.55
N LYS A 181 -34.11 -1.29 10.38
CA LYS A 181 -33.56 -0.56 9.25
C LYS A 181 -34.32 0.74 9.00
N PRO A 182 -35.65 0.81 9.23
CA PRO A 182 -36.31 2.14 9.23
C PRO A 182 -35.63 3.16 10.13
N LEU A 183 -35.29 2.78 11.36
CA LEU A 183 -34.56 3.69 12.23
C LEU A 183 -33.21 4.05 11.62
N LEU A 184 -32.62 3.15 10.86
CA LEU A 184 -31.32 3.42 10.26
C LEU A 184 -31.43 4.41 9.11
N ASN A 185 -32.43 4.21 8.24
CA ASN A 185 -32.70 5.14 7.16
C ASN A 185 -32.94 6.53 7.73
N THR A 186 -33.99 6.68 8.54
CA THR A 186 -34.26 7.97 9.15
C THR A 186 -33.02 8.57 9.82
N LEU A 187 -32.25 7.74 10.53
CA LEU A 187 -31.08 8.27 11.24
C LEU A 187 -30.01 8.77 10.27
N GLY A 188 -29.58 7.94 9.32
CA GLY A 188 -28.56 8.38 8.41
C GLY A 188 -28.94 9.60 7.61
N LEU A 189 -30.24 9.76 7.33
CA LEU A 189 -30.65 10.98 6.64
C LEU A 189 -30.52 12.17 7.57
N PHE A 190 -30.75 11.95 8.88
CA PHE A 190 -30.56 13.04 9.83
C PHE A 190 -29.11 13.43 9.90
N PHE A 191 -28.20 12.45 9.80
CA PHE A 191 -26.78 12.78 9.92
C PHE A 191 -26.30 13.57 8.72
N GLN A 192 -26.43 13.05 7.52
CA GLN A 192 -25.93 13.82 6.41
C GLN A 192 -26.60 15.16 6.28
N ILE A 193 -27.91 15.21 6.37
CA ILE A 193 -28.53 16.51 6.15
C ILE A 193 -28.11 17.47 7.26
N ARG A 194 -27.94 16.98 8.49
CA ARG A 194 -27.32 17.83 9.52
C ARG A 194 -25.98 18.36 9.03
N TYR A 195 -25.16 17.48 8.43
CA TYR A 195 -23.85 17.89 7.94
C TYR A 195 -23.94 18.89 6.79
N ASP A 196 -24.79 18.60 5.80
CA ASP A 196 -24.90 19.46 4.63
C ASP A 196 -25.41 20.84 5.01
N TYR A 197 -26.45 20.91 5.82
CA TYR A 197 -26.88 22.19 6.34
C TYR A 197 -25.76 22.85 7.12
N ALA A 198 -25.05 22.07 7.93
CA ALA A 198 -24.00 22.61 8.79
C ALA A 198 -22.85 23.20 8.01
N ASN A 199 -22.58 22.65 6.83
CA ASN A 199 -21.52 23.15 5.99
C ASN A 199 -21.71 24.56 5.44
N LEU A 200 -22.96 24.92 5.12
CA LEU A 200 -23.29 26.17 4.46
C LEU A 200 -23.89 27.22 5.39
N HIS A 201 -24.53 26.83 6.49
CA HIS A 201 -25.27 27.84 7.26
C HIS A 201 -24.41 28.59 8.27
N SER A 202 -23.12 28.32 8.35
CA SER A 202 -22.25 29.00 9.32
C SER A 202 -22.38 30.53 9.23
N LYS A 209 -9.56 29.19 8.43
CA LYS A 209 -10.38 29.60 7.29
C LYS A 209 -11.47 28.55 6.93
N SER A 210 -11.34 27.92 5.76
CA SER A 210 -12.12 26.74 5.36
C SER A 210 -13.61 26.99 5.51
N PHE A 211 -14.08 27.90 4.66
CA PHE A 211 -15.44 28.41 4.73
C PHE A 211 -16.23 27.91 3.52
N CYS A 212 -17.44 27.43 3.77
CA CYS A 212 -18.29 26.84 2.74
C CYS A 212 -17.56 25.88 1.83
N GLU A 213 -16.78 24.98 2.43
CA GLU A 213 -16.02 23.99 1.65
C GLU A 213 -16.90 23.22 0.66
N ASP A 214 -18.18 23.04 0.98
CA ASP A 214 -19.06 22.30 0.08
C ASP A 214 -19.16 22.98 -1.28
N LEU A 215 -19.29 24.30 -1.29
CA LEU A 215 -19.36 24.98 -2.55
C LEU A 215 -18.12 24.73 -3.40
N THR A 216 -16.93 24.78 -2.79
CA THR A 216 -15.70 24.50 -3.54
C THR A 216 -15.65 23.09 -4.10
N GLU A 217 -16.22 22.11 -3.40
CA GLU A 217 -16.28 20.77 -4.00
C GLU A 217 -17.12 20.78 -5.27
N GLY A 218 -18.10 21.68 -5.37
CA GLY A 218 -19.03 21.66 -6.48
C GLY A 218 -20.10 20.63 -6.29
N LYS A 219 -20.18 20.08 -5.09
CA LYS A 219 -21.07 19.00 -4.76
C LYS A 219 -22.49 19.52 -4.58
N PHE A 220 -23.46 18.67 -4.90
CA PHE A 220 -24.84 19.04 -4.70
C PHE A 220 -25.22 18.69 -3.27
N SER A 221 -25.10 19.68 -2.40
CA SER A 221 -25.65 19.55 -1.07
C SER A 221 -27.15 19.57 -1.15
N PHE A 222 -27.78 19.10 -0.10
CA PHE A 222 -29.23 19.17 -0.01
C PHE A 222 -29.74 20.60 -0.17
N PRO A 223 -29.20 21.60 0.53
CA PRO A 223 -29.68 22.98 0.32
C PRO A 223 -29.53 23.48 -1.10
N THR A 224 -28.39 23.26 -1.74
CA THR A 224 -28.26 23.69 -3.13
C THR A 224 -29.27 22.98 -4.01
N ILE A 225 -29.58 21.72 -3.70
CA ILE A 225 -30.58 21.02 -4.50
C ILE A 225 -31.94 21.68 -4.36
N HIS A 226 -32.32 22.05 -3.12
CA HIS A 226 -33.60 22.72 -2.97
C HIS A 226 -33.63 24.05 -3.73
N ALA A 227 -32.58 24.85 -3.63
CA ALA A 227 -32.57 26.11 -4.38
C ALA A 227 -32.55 25.87 -5.88
N ILE A 228 -31.88 24.81 -6.31
CA ILE A 228 -31.79 24.54 -7.72
C ILE A 228 -33.15 24.17 -8.30
N TRP A 229 -33.91 23.29 -7.62
CA TRP A 229 -35.20 22.85 -8.15
C TRP A 229 -36.34 23.80 -7.81
N SER A 230 -36.24 24.53 -6.71
CA SER A 230 -37.31 25.43 -6.32
C SER A 230 -37.47 26.55 -7.34
N ARG A 231 -36.38 27.01 -7.95
CA ARG A 231 -36.39 28.15 -8.87
C ARG A 231 -35.72 27.82 -10.20
N PRO A 232 -36.39 27.08 -11.09
CA PRO A 232 -35.79 26.73 -12.38
C PRO A 232 -35.56 27.90 -13.31
N GLU A 233 -35.94 29.10 -12.90
CA GLU A 233 -35.78 30.30 -13.73
C GLU A 233 -34.38 30.86 -13.66
N SER A 234 -33.61 30.45 -12.64
CA SER A 234 -32.23 30.85 -12.45
C SER A 234 -31.33 29.63 -12.60
N THR A 235 -30.16 29.85 -13.19
CA THR A 235 -29.20 28.78 -13.40
C THR A 235 -27.98 28.93 -12.50
N GLN A 236 -27.90 29.97 -11.67
CA GLN A 236 -26.61 30.39 -11.13
C GLN A 236 -25.95 29.29 -10.30
N VAL A 237 -26.55 28.93 -9.17
CA VAL A 237 -26.04 27.88 -8.28
C VAL A 237 -25.38 26.75 -9.06
N GLN A 238 -26.01 26.26 -10.14
CA GLN A 238 -25.32 25.30 -10.99
C GLN A 238 -23.99 25.84 -11.49
N ASN A 239 -23.97 27.12 -11.88
CA ASN A 239 -22.75 27.71 -12.41
C ASN A 239 -21.72 27.96 -11.33
N ILE A 240 -22.17 28.47 -10.17
CA ILE A 240 -21.28 28.65 -9.02
C ILE A 240 -20.61 27.34 -8.71
N LEU A 241 -21.37 26.24 -8.77
CA LEU A 241 -20.80 24.92 -8.54
C LEU A 241 -19.79 24.55 -9.62
N ARG A 242 -20.12 24.80 -10.91
CA ARG A 242 -19.16 24.47 -11.97
C ARG A 242 -17.84 25.20 -11.78
N GLN A 243 -17.87 26.43 -11.28
CA GLN A 243 -16.64 27.18 -11.16
C GLN A 243 -15.67 26.51 -10.18
N ARG A 244 -16.18 25.93 -9.10
CA ARG A 244 -15.35 25.38 -8.03
C ARG A 244 -14.46 26.46 -7.41
N THR A 245 -15.07 27.56 -7.02
CA THR A 245 -14.32 28.73 -6.61
C THR A 245 -13.85 28.65 -5.17
N GLU A 246 -12.63 29.07 -4.91
CA GLU A 246 -12.22 29.28 -3.53
C GLU A 246 -12.53 30.70 -3.09
N ASN A 247 -13.05 31.52 -4.01
CA ASN A 247 -13.28 32.93 -3.79
C ASN A 247 -14.30 33.14 -2.69
N ILE A 248 -13.94 33.94 -1.70
CA ILE A 248 -14.82 34.08 -0.55
C ILE A 248 -16.11 34.79 -0.93
N ASP A 249 -16.00 35.81 -1.78
CA ASP A 249 -17.18 36.64 -2.07
C ASP A 249 -18.24 35.87 -2.85
N ILE A 250 -17.85 35.10 -3.86
CA ILE A 250 -18.83 34.34 -4.63
C ILE A 250 -19.59 33.38 -3.73
N LYS A 251 -18.88 32.70 -2.85
CA LYS A 251 -19.54 31.79 -1.91
C LYS A 251 -20.48 32.54 -0.97
N LYS A 252 -20.04 33.69 -0.47
CA LYS A 252 -20.92 34.50 0.39
C LYS A 252 -22.20 34.88 -0.37
N TYR A 253 -22.05 35.29 -1.63
CA TYR A 253 -23.22 35.56 -2.44
C TYR A 253 -24.10 34.35 -2.54
N CYS A 254 -23.50 33.19 -2.73
CA CYS A 254 -24.31 32.00 -2.92
C CYS A 254 -25.12 31.68 -1.67
N VAL A 255 -24.50 31.80 -0.49
CA VAL A 255 -25.30 31.58 0.72
C VAL A 255 -26.37 32.63 0.83
N HIS A 256 -26.08 33.86 0.36
CA HIS A 256 -27.09 34.90 0.30
C HIS A 256 -28.25 34.46 -0.61
N TYR A 257 -27.92 33.92 -1.77
CA TYR A 257 -28.93 33.42 -2.69
C TYR A 257 -29.74 32.30 -2.04
N LEU A 258 -29.06 31.33 -1.44
CA LEU A 258 -29.75 30.24 -0.77
C LEU A 258 -30.74 30.78 0.25
N GLU A 259 -30.30 31.74 1.07
CA GLU A 259 -31.19 32.30 2.08
C GLU A 259 -32.37 33.03 1.45
N ASP A 260 -32.13 33.76 0.35
CA ASP A 260 -33.22 34.50 -0.28
C ASP A 260 -34.26 33.57 -0.88
N VAL A 261 -33.82 32.45 -1.47
CA VAL A 261 -34.73 31.43 -2.00
C VAL A 261 -35.27 30.53 -0.91
N GLY A 262 -34.80 30.69 0.32
CA GLY A 262 -35.39 30.00 1.47
C GLY A 262 -34.87 28.61 1.75
N SER A 263 -33.68 28.26 1.25
CA SER A 263 -33.26 26.86 1.30
C SER A 263 -32.77 26.45 2.68
N PHE A 264 -32.14 27.34 3.42
CA PHE A 264 -31.76 26.93 4.76
C PHE A 264 -33.00 26.70 5.61
N GLU A 265 -34.01 27.56 5.44
CA GLU A 265 -35.29 27.30 6.07
C GLU A 265 -35.82 25.92 5.67
N TYR A 266 -35.79 25.61 4.37
CA TYR A 266 -36.26 24.31 3.92
C TYR A 266 -35.54 23.18 4.64
N THR A 267 -34.21 23.29 4.75
CA THR A 267 -33.46 22.25 5.42
C THR A 267 -33.81 22.18 6.90
N ARG A 268 -34.08 23.32 7.53
CA ARG A 268 -34.50 23.24 8.93
C ARG A 268 -35.78 22.44 9.04
N ASN A 269 -36.83 22.86 8.30
CA ASN A 269 -38.10 22.12 8.26
C ASN A 269 -37.90 20.62 8.04
N THR A 270 -37.17 20.26 6.97
CA THR A 270 -36.91 18.86 6.70
C THR A 270 -36.13 18.18 7.81
N LEU A 271 -35.22 18.92 8.47
CA LEU A 271 -34.41 18.32 9.51
C LEU A 271 -35.28 18.00 10.71
N LYS A 272 -36.06 18.99 11.16
CA LYS A 272 -36.98 18.75 12.25
C LYS A 272 -37.98 17.66 11.87
N GLU A 273 -38.31 17.55 10.58
CA GLU A 273 -39.12 16.42 10.10
C GLU A 273 -38.45 15.09 10.45
N LEU A 274 -37.23 14.90 9.95
CA LEU A 274 -36.51 13.64 10.21
C LEU A 274 -36.36 13.37 11.72
N GLU A 275 -36.02 14.38 12.51
CA GLU A 275 -35.96 14.19 13.96
C GLU A 275 -37.31 13.76 14.56
N ALA A 276 -38.40 14.37 14.09
CA ALA A 276 -39.72 14.00 14.59
C ALA A 276 -40.01 12.55 14.26
N LYS A 277 -39.65 12.11 13.06
CA LYS A 277 -39.85 10.71 12.73
C LYS A 277 -38.92 9.85 13.57
N ALA A 278 -37.69 10.35 13.77
CA ALA A 278 -36.68 9.70 14.60
C ALA A 278 -37.25 9.27 15.94
N TYR A 279 -37.86 10.20 16.65
CA TYR A 279 -38.41 9.84 17.96
C TYR A 279 -39.51 8.79 17.85
N LYS A 280 -40.28 8.81 16.75
CA LYS A 280 -41.39 7.89 16.59
C LYS A 280 -40.89 6.45 16.49
N GLN A 281 -40.05 6.14 15.50
CA GLN A 281 -39.82 4.70 15.42
C GLN A 281 -38.84 4.22 16.48
N ILE A 282 -38.18 5.11 17.22
CA ILE A 282 -37.47 4.61 18.40
C ILE A 282 -38.45 4.35 19.53
N ASP A 283 -39.46 5.22 19.72
CA ASP A 283 -40.54 4.91 20.67
C ASP A 283 -41.14 3.55 20.38
N ALA A 284 -41.41 3.26 19.11
CA ALA A 284 -41.91 1.95 18.72
C ALA A 284 -40.84 0.86 18.82
N ARG A 285 -39.58 1.20 19.03
CA ARG A 285 -38.52 0.21 19.14
C ARG A 285 -38.01 0.04 20.57
N GLY A 286 -38.70 0.60 21.56
CA GLY A 286 -38.31 0.53 22.95
C GLY A 286 -37.98 1.91 23.51
N GLY A 287 -37.30 1.91 24.65
CA GLY A 287 -36.95 3.16 25.30
C GLY A 287 -35.81 3.91 24.64
N ASN A 288 -34.61 3.32 24.68
CA ASN A 288 -33.40 3.90 24.11
C ASN A 288 -33.09 5.33 24.57
N PRO A 289 -32.95 5.56 25.88
CA PRO A 289 -32.72 6.95 26.36
C PRO A 289 -31.41 7.55 25.89
N GLU A 290 -30.31 6.81 25.97
CA GLU A 290 -29.00 7.34 25.58
C GLU A 290 -28.98 7.77 24.11
N LEU A 291 -29.58 6.96 23.22
CA LEU A 291 -29.57 7.33 21.81
C LEU A 291 -30.36 8.61 21.57
N VAL A 292 -31.53 8.73 22.21
CA VAL A 292 -32.32 9.95 22.07
C VAL A 292 -31.51 11.16 22.52
N ALA A 293 -30.76 11.01 23.62
CA ALA A 293 -29.92 12.13 24.09
C ALA A 293 -28.89 12.52 23.04
N LEU A 294 -28.28 11.53 22.40
CA LEU A 294 -27.39 11.81 21.29
C LEU A 294 -28.11 12.60 20.21
N VAL A 295 -29.35 12.20 19.89
CA VAL A 295 -30.10 12.82 18.79
C VAL A 295 -30.38 14.29 19.09
N LYS A 296 -30.81 14.59 20.32
CA LYS A 296 -31.05 15.97 20.69
C LYS A 296 -29.78 16.79 20.55
N HIS A 297 -28.68 16.28 21.13
CA HIS A 297 -27.42 17.00 21.06
C HIS A 297 -27.05 17.31 19.62
N LEU A 298 -27.21 16.33 18.72
CA LEU A 298 -26.85 16.55 17.33
C LEU A 298 -27.74 17.58 16.65
N SER A 299 -29.03 17.65 17.03
CA SER A 299 -29.97 18.63 16.46
C SER A 299 -29.79 20.04 17.02
N LYS A 300 -28.99 20.20 18.08
CA LYS A 300 -28.81 21.50 18.72
C LYS A 300 -28.35 22.63 17.79
N MET A 301 -27.74 22.33 16.64
CA MET A 301 -27.16 23.39 15.81
C MET A 301 -28.22 24.41 15.36
N PHE A 302 -29.35 23.94 14.86
CA PHE A 302 -30.39 24.83 14.34
C PHE A 302 -31.46 25.05 15.42
N LYS A 303 -31.54 26.28 15.90
CA LYS A 303 -32.51 26.70 16.92
C LYS A 303 -32.33 28.18 17.23
N GLU B 13 -31.98 -1.01 -12.14
CA GLU B 13 -30.66 -0.75 -11.54
C GLU B 13 -29.58 -0.60 -12.61
N THR B 14 -29.89 0.22 -13.62
CA THR B 14 -28.96 0.61 -14.67
C THR B 14 -27.81 1.48 -14.15
N VAL B 15 -27.84 1.82 -12.86
CA VAL B 15 -26.82 2.71 -12.28
C VAL B 15 -25.45 2.07 -12.34
N GLN B 16 -25.41 0.74 -12.41
CA GLN B 16 -24.12 0.07 -12.51
C GLN B 16 -23.39 0.50 -13.76
N ARG B 17 -24.13 0.71 -14.86
CA ARG B 17 -23.51 1.18 -16.08
C ARG B 17 -22.68 2.43 -15.80
N ILE B 18 -23.22 3.35 -15.01
CA ILE B 18 -22.49 4.58 -14.68
C ILE B 18 -21.29 4.28 -13.79
N LEU B 19 -21.51 3.47 -12.75
CA LEU B 19 -20.44 3.20 -11.79
C LEU B 19 -19.31 2.44 -12.45
N LEU B 20 -19.62 1.55 -13.37
CA LEU B 20 -18.64 0.68 -13.98
C LEU B 20 -18.07 1.22 -15.27
N GLU B 21 -18.34 2.49 -15.59
CA GLU B 21 -17.81 3.04 -16.85
C GLU B 21 -16.28 3.05 -16.91
N PRO B 22 -15.53 3.55 -15.93
CA PRO B 22 -14.07 3.48 -16.05
C PRO B 22 -13.55 2.07 -16.18
N TYR B 23 -14.06 1.16 -15.37
CA TYR B 23 -13.67 -0.24 -15.46
C TYR B 23 -14.00 -0.78 -16.84
N LYS B 24 -15.21 -0.54 -17.32
CA LYS B 24 -15.58 -0.99 -18.66
C LYS B 24 -14.62 -0.44 -19.70
N TYR B 25 -14.31 0.86 -19.62
CA TYR B 25 -13.42 1.49 -20.58
C TYR B 25 -12.10 0.76 -20.65
N LEU B 26 -11.54 0.44 -19.48
CA LEU B 26 -10.28 -0.30 -19.46
C LEU B 26 -10.45 -1.68 -20.09
N LEU B 27 -11.57 -2.35 -19.81
CA LEU B 27 -11.71 -3.69 -20.39
C LEU B 27 -11.86 -3.64 -21.90
N GLN B 28 -12.48 -2.58 -22.43
CA GLN B 28 -12.59 -2.44 -23.87
C GLN B 28 -11.21 -2.51 -24.49
N LEU B 29 -10.25 -1.88 -23.82
CA LEU B 29 -8.86 -1.89 -24.26
C LEU B 29 -8.42 -3.30 -24.62
N PRO B 30 -7.91 -3.50 -25.82
CA PRO B 30 -7.17 -4.74 -26.13
C PRO B 30 -5.98 -5.01 -25.22
N GLY B 31 -6.17 -5.93 -24.27
CA GLY B 31 -5.07 -6.50 -23.52
C GLY B 31 -5.16 -8.01 -23.58
N LYS B 32 -4.09 -8.66 -24.02
CA LYS B 32 -4.09 -10.11 -24.16
C LYS B 32 -4.56 -10.82 -22.91
N GLN B 33 -4.51 -10.16 -21.76
CA GLN B 33 -4.92 -10.75 -20.48
C GLN B 33 -4.25 -12.11 -20.29
N VAL B 34 -3.00 -12.22 -20.74
CA VAL B 34 -2.32 -13.51 -20.74
C VAL B 34 -2.33 -14.17 -19.38
N ARG B 35 -2.75 -13.45 -18.33
CA ARG B 35 -2.99 -14.08 -17.04
C ARG B 35 -4.15 -15.08 -17.14
N THR B 36 -5.15 -14.79 -17.97
CA THR B 36 -6.13 -15.82 -18.28
C THR B 36 -5.44 -17.00 -18.93
N LYS B 37 -4.60 -16.75 -19.93
CA LYS B 37 -3.89 -17.82 -20.63
C LYS B 37 -2.93 -18.57 -19.71
N LEU B 38 -2.60 -17.99 -18.55
CA LEU B 38 -1.81 -18.70 -17.56
C LEU B 38 -2.67 -19.44 -16.57
N SER B 39 -3.92 -19.03 -16.39
CA SER B 39 -4.88 -19.85 -15.68
C SER B 39 -5.25 -21.10 -16.47
N GLN B 40 -5.61 -20.91 -17.75
CA GLN B 40 -5.89 -22.05 -18.62
C GLN B 40 -4.64 -22.76 -19.10
N ALA B 41 -3.46 -22.13 -18.98
CA ALA B 41 -2.21 -22.85 -19.19
C ALA B 41 -1.77 -23.59 -17.94
N PHE B 42 -2.24 -23.16 -16.77
CA PHE B 42 -2.05 -23.85 -15.51
C PHE B 42 -3.18 -24.82 -15.28
N ASN B 43 -4.12 -24.86 -16.22
CA ASN B 43 -5.27 -25.75 -16.19
C ASN B 43 -4.88 -27.16 -16.58
N HIS B 44 -3.65 -27.35 -17.07
CA HIS B 44 -3.15 -28.68 -17.40
C HIS B 44 -2.96 -29.54 -16.15
N TRP B 45 -2.52 -28.95 -15.04
CA TRP B 45 -2.37 -29.73 -13.83
C TRP B 45 -3.62 -29.77 -12.97
N LEU B 46 -4.32 -28.64 -12.89
CA LEU B 46 -5.38 -28.49 -11.89
C LEU B 46 -6.62 -29.25 -12.30
N LYS B 47 -6.92 -29.28 -13.59
CA LYS B 47 -8.17 -29.80 -14.14
C LYS B 47 -9.36 -29.46 -13.24
N VAL B 48 -9.55 -28.14 -13.09
CA VAL B 48 -10.64 -27.55 -12.30
C VAL B 48 -11.97 -27.75 -13.01
N PRO B 49 -13.08 -27.94 -12.29
CA PRO B 49 -14.38 -28.01 -12.98
C PRO B 49 -14.65 -26.72 -13.73
N GLU B 50 -15.06 -26.85 -14.99
CA GLU B 50 -15.37 -25.72 -15.87
C GLU B 50 -16.27 -24.68 -15.20
N ASP B 51 -17.38 -25.14 -14.63
CA ASP B 51 -18.34 -24.26 -14.00
C ASP B 51 -17.67 -23.38 -12.96
N LYS B 52 -16.76 -23.97 -12.19
CA LYS B 52 -15.98 -23.21 -11.23
C LYS B 52 -14.83 -22.50 -11.92
N LEU B 53 -14.33 -23.05 -13.03
CA LEU B 53 -13.18 -22.44 -13.68
C LEU B 53 -13.51 -21.07 -14.25
N GLN B 54 -14.58 -20.98 -15.06
CA GLN B 54 -14.96 -19.70 -15.70
C GLN B 54 -15.27 -18.64 -14.66
N ILE B 55 -15.97 -19.01 -13.59
CA ILE B 55 -16.27 -18.06 -12.52
C ILE B 55 -14.97 -17.58 -11.85
N ILE B 56 -14.01 -18.49 -11.63
CA ILE B 56 -12.72 -18.09 -11.06
C ILE B 56 -12.00 -17.12 -11.99
N ILE B 57 -11.99 -17.41 -13.29
CA ILE B 57 -11.30 -16.53 -14.23
C ILE B 57 -11.93 -15.15 -14.19
N GLU B 58 -13.25 -15.10 -14.09
CA GLU B 58 -13.92 -13.82 -13.95
C GLU B 58 -13.41 -13.07 -12.72
N VAL B 59 -13.35 -13.72 -11.56
CA VAL B 59 -12.95 -12.97 -10.37
C VAL B 59 -11.47 -12.56 -10.43
N THR B 60 -10.59 -13.42 -10.93
CA THR B 60 -9.18 -13.03 -11.00
C THR B 60 -8.97 -11.84 -11.94
N GLU B 61 -9.54 -11.91 -13.15
CA GLU B 61 -9.43 -10.81 -14.10
C GLU B 61 -10.03 -9.52 -13.55
N MET B 62 -11.22 -9.61 -12.94
CA MET B 62 -11.82 -8.43 -12.32
C MET B 62 -10.86 -7.78 -11.35
N LEU B 63 -10.36 -8.56 -10.39
CA LEU B 63 -9.47 -7.99 -9.39
C LEU B 63 -8.26 -7.37 -10.04
N HIS B 64 -7.72 -8.04 -11.06
CA HIS B 64 -6.54 -7.51 -11.73
C HIS B 64 -6.82 -6.12 -12.30
N ASN B 65 -7.90 -5.98 -13.09
CA ASN B 65 -8.16 -4.70 -13.75
C ASN B 65 -8.45 -3.59 -12.74
N ALA B 66 -9.11 -3.92 -11.62
CA ALA B 66 -9.25 -2.93 -10.54
C ALA B 66 -7.90 -2.45 -10.07
N SER B 67 -6.98 -3.39 -9.82
CA SER B 67 -5.64 -3.02 -9.41
C SER B 67 -5.00 -2.07 -10.40
N LEU B 68 -5.19 -2.33 -11.70
CA LEU B 68 -4.59 -1.46 -12.73
C LEU B 68 -5.20 -0.06 -12.72
N LEU B 69 -6.50 0.02 -12.53
CA LEU B 69 -7.13 1.33 -12.42
C LEU B 69 -6.50 2.11 -11.28
N ILE B 70 -6.22 1.44 -10.18
CA ILE B 70 -5.55 2.14 -9.10
C ILE B 70 -4.08 2.43 -9.44
N ASP B 71 -3.37 1.45 -9.98
CA ASP B 71 -1.95 1.64 -10.28
C ASP B 71 -1.72 2.88 -11.14
N ASP B 72 -2.54 3.08 -12.17
CA ASP B 72 -2.29 4.25 -13.03
C ASP B 72 -2.53 5.54 -12.31
N ILE B 73 -3.41 5.56 -11.32
CA ILE B 73 -3.56 6.74 -10.49
C ILE B 73 -2.31 6.91 -9.62
N GLU B 74 -1.93 5.86 -8.90
CA GLU B 74 -0.81 5.94 -7.96
C GLU B 74 0.52 6.14 -8.68
N ASP B 75 0.70 5.41 -9.77
CA ASP B 75 1.90 5.54 -10.57
C ASP B 75 1.90 6.81 -11.42
N ASN B 76 0.78 7.52 -11.49
CA ASN B 76 0.68 8.77 -12.25
C ASN B 76 1.05 8.54 -13.71
N SER B 77 0.52 7.47 -14.27
CA SER B 77 0.77 7.15 -15.66
C SER B 77 -0.06 8.01 -16.57
N LYS B 78 0.39 8.13 -17.81
CA LYS B 78 -0.34 8.81 -18.87
C LYS B 78 -0.97 7.87 -19.87
N LEU B 79 -0.39 6.70 -20.08
CA LEU B 79 -0.81 5.78 -21.14
C LEU B 79 -0.78 4.38 -20.59
N ARG B 80 -1.67 3.54 -21.07
CA ARG B 80 -1.67 2.13 -20.69
C ARG B 80 -2.09 1.30 -21.89
N ARG B 81 -1.21 0.42 -22.34
CA ARG B 81 -1.52 -0.39 -23.51
C ARG B 81 -1.89 0.51 -24.68
N GLY B 82 -1.28 1.70 -24.73
CA GLY B 82 -1.51 2.65 -25.78
C GLY B 82 -2.76 3.50 -25.65
N PHE B 83 -3.52 3.35 -24.57
CA PHE B 83 -4.73 4.13 -24.50
C PHE B 83 -4.71 4.98 -23.25
N PRO B 84 -5.28 6.17 -23.31
CA PRO B 84 -5.30 7.05 -22.13
C PRO B 84 -5.77 6.33 -20.88
N VAL B 85 -5.23 6.75 -19.74
CA VAL B 85 -5.62 6.16 -18.47
C VAL B 85 -7.03 6.59 -18.10
N ALA B 86 -7.71 5.76 -17.31
CA ALA B 86 -9.13 5.97 -17.01
C ALA B 86 -9.37 7.29 -16.30
N HIS B 87 -8.51 7.66 -15.36
CA HIS B 87 -8.68 8.95 -14.69
C HIS B 87 -8.39 10.13 -15.61
N SER B 88 -7.61 9.92 -16.68
CA SER B 88 -7.32 10.96 -17.65
C SER B 88 -8.54 11.35 -18.46
N ILE B 89 -9.54 10.48 -18.56
CA ILE B 89 -10.78 10.81 -19.24
C ILE B 89 -11.87 11.07 -18.20
N TYR B 90 -12.09 10.08 -17.34
CA TYR B 90 -13.19 10.08 -16.40
C TYR B 90 -12.88 10.81 -15.12
N GLY B 91 -11.63 11.22 -14.88
CA GLY B 91 -11.29 11.91 -13.63
C GLY B 91 -10.83 10.98 -12.51
N ILE B 92 -10.03 11.53 -11.61
CA ILE B 92 -9.49 10.72 -10.51
C ILE B 92 -10.63 10.13 -9.67
N PRO B 93 -11.53 10.95 -9.08
CA PRO B 93 -12.55 10.39 -8.17
C PRO B 93 -13.35 9.26 -8.79
N SER B 94 -13.79 9.45 -10.02
CA SER B 94 -14.61 8.47 -10.70
C SER B 94 -13.90 7.15 -10.82
N VAL B 95 -12.63 7.18 -11.20
CA VAL B 95 -11.95 5.93 -11.43
C VAL B 95 -11.56 5.26 -10.15
N ILE B 96 -11.23 6.06 -9.12
CA ILE B 96 -10.95 5.49 -7.80
C ILE B 96 -12.16 4.73 -7.30
N ASN B 97 -13.30 5.41 -7.25
CA ASN B 97 -14.49 4.79 -6.68
C ASN B 97 -14.96 3.61 -7.51
N SER B 98 -14.95 3.73 -8.83
CA SER B 98 -15.33 2.58 -9.63
C SER B 98 -14.44 1.39 -9.30
N ALA B 99 -13.12 1.60 -9.27
CA ALA B 99 -12.21 0.47 -9.06
C ALA B 99 -12.43 -0.19 -7.70
N ASN B 100 -12.50 0.62 -6.63
CA ASN B 100 -12.83 0.08 -5.32
C ASN B 100 -14.16 -0.68 -5.33
N TYR B 101 -15.15 -0.15 -6.07
CA TYR B 101 -16.40 -0.88 -6.28
C TYR B 101 -16.12 -2.26 -6.87
N VAL B 102 -15.30 -2.32 -7.91
CA VAL B 102 -15.05 -3.61 -8.55
C VAL B 102 -14.36 -4.60 -7.62
N TYR B 103 -13.58 -4.11 -6.65
CA TYR B 103 -12.99 -4.99 -5.64
C TYR B 103 -14.04 -5.84 -4.95
N PHE B 104 -15.06 -5.19 -4.41
CA PHE B 104 -16.11 -5.86 -3.68
C PHE B 104 -17.07 -6.58 -4.60
N LEU B 105 -17.16 -6.16 -5.86
CA LEU B 105 -17.81 -7.03 -6.82
C LEU B 105 -17.06 -8.34 -6.91
N GLY B 106 -15.73 -8.29 -6.81
CA GLY B 106 -14.94 -9.50 -6.80
C GLY B 106 -15.16 -10.34 -5.56
N LEU B 107 -15.21 -9.68 -4.39
CA LEU B 107 -15.51 -10.40 -3.16
C LEU B 107 -16.85 -11.11 -3.27
N GLU B 108 -17.86 -10.41 -3.78
CA GLU B 108 -19.18 -10.99 -3.98
C GLU B 108 -19.13 -12.17 -4.94
N LYS B 109 -18.42 -12.03 -6.06
CA LYS B 109 -18.37 -13.11 -7.04
C LYS B 109 -17.64 -14.34 -6.52
N VAL B 110 -16.72 -14.16 -5.57
CA VAL B 110 -16.00 -15.32 -5.04
C VAL B 110 -16.90 -16.21 -4.21
N LEU B 111 -17.91 -15.61 -3.57
CA LEU B 111 -18.81 -16.37 -2.71
C LEU B 111 -19.60 -17.43 -3.45
N THR B 112 -19.65 -17.35 -4.78
CA THR B 112 -20.39 -18.35 -5.54
C THR B 112 -19.69 -19.69 -5.53
N LEU B 113 -18.37 -19.70 -5.27
CA LEU B 113 -17.63 -20.97 -5.25
C LEU B 113 -18.09 -21.89 -4.14
N ASP B 114 -18.77 -21.34 -3.13
CA ASP B 114 -19.38 -22.08 -2.03
C ASP B 114 -18.36 -22.81 -1.18
N HIS B 115 -17.10 -22.39 -1.22
CA HIS B 115 -16.05 -23.03 -0.44
C HIS B 115 -15.76 -22.19 0.79
N GLN B 116 -15.79 -22.85 1.95
CA GLN B 116 -15.62 -22.14 3.22
C GLN B 116 -14.30 -21.39 3.27
N ASP B 117 -13.29 -21.91 2.58
CA ASP B 117 -11.97 -21.34 2.58
C ASP B 117 -11.73 -20.34 1.44
N ALA B 118 -12.69 -20.19 0.51
CA ALA B 118 -12.48 -19.27 -0.61
C ALA B 118 -12.30 -17.82 -0.14
N VAL B 119 -13.09 -17.39 0.84
CA VAL B 119 -12.98 -16.02 1.33
C VAL B 119 -11.63 -15.78 2.00
N LYS B 120 -11.15 -16.76 2.76
CA LYS B 120 -9.86 -16.62 3.42
C LYS B 120 -8.75 -16.39 2.40
N LEU B 121 -8.71 -17.25 1.37
CA LEU B 121 -7.72 -17.09 0.32
C LEU B 121 -7.82 -15.73 -0.36
N PHE B 122 -9.04 -15.29 -0.68
CA PHE B 122 -9.24 -13.99 -1.32
C PHE B 122 -8.63 -12.88 -0.47
N THR B 123 -8.96 -12.87 0.82
CA THR B 123 -8.43 -11.86 1.72
C THR B 123 -6.92 -11.87 1.78
N ARG B 124 -6.31 -13.01 2.14
CA ARG B 124 -4.84 -13.04 2.28
C ARG B 124 -4.19 -12.59 0.99
N GLN B 125 -4.68 -13.08 -0.13
CA GLN B 125 -4.05 -12.72 -1.39
C GLN B 125 -4.17 -11.23 -1.68
N LEU B 126 -5.29 -10.61 -1.33
CA LEU B 126 -5.39 -9.17 -1.53
C LEU B 126 -4.48 -8.42 -0.57
N LEU B 127 -4.42 -8.85 0.69
CA LEU B 127 -3.52 -8.19 1.62
C LEU B 127 -2.09 -8.23 1.11
N GLU B 128 -1.67 -9.37 0.56
CA GLU B 128 -0.33 -9.45 -0.03
C GLU B 128 -0.17 -8.44 -1.16
N LEU B 129 -1.17 -8.36 -2.05
CA LEU B 129 -1.10 -7.37 -3.12
C LEU B 129 -0.97 -5.95 -2.57
N HIS B 130 -1.75 -5.61 -1.55
CA HIS B 130 -1.70 -4.26 -1.06
C HIS B 130 -0.39 -3.94 -0.37
N GLN B 131 0.21 -4.93 0.29
CA GLN B 131 1.54 -4.77 0.86
C GLN B 131 2.58 -4.50 -0.21
N GLY B 132 2.60 -5.32 -1.26
CA GLY B 132 3.54 -5.09 -2.35
C GLY B 132 3.39 -3.71 -2.96
N GLN B 133 2.17 -3.35 -3.32
CA GLN B 133 1.90 -2.03 -3.90
C GLN B 133 2.37 -0.91 -2.99
N GLY B 134 1.95 -0.97 -1.73
CA GLY B 134 2.32 0.06 -0.80
C GLY B 134 3.81 0.18 -0.65
N LEU B 135 4.52 -0.95 -0.66
CA LEU B 135 5.97 -0.95 -0.52
C LEU B 135 6.63 -0.25 -1.67
N ASP B 136 6.24 -0.60 -2.90
CA ASP B 136 6.74 0.10 -4.06
C ASP B 136 6.51 1.60 -3.93
N ILE B 137 5.27 1.99 -3.62
CA ILE B 137 4.97 3.42 -3.48
C ILE B 137 5.83 4.04 -2.40
N TYR B 138 6.01 3.36 -1.28
CA TYR B 138 6.78 3.92 -0.17
C TYR B 138 8.21 4.21 -0.59
N TRP B 139 8.83 3.25 -1.25
CA TRP B 139 10.19 3.46 -1.70
C TRP B 139 10.28 4.62 -2.66
N ARG B 140 9.45 4.62 -3.70
CA ARG B 140 9.60 5.64 -4.73
C ARG B 140 9.32 7.03 -4.18
N ASP B 141 8.20 7.18 -3.49
CA ASP B 141 7.81 8.50 -3.06
C ASP B 141 8.59 8.94 -1.84
N ASN B 142 9.16 8.00 -1.09
CA ASN B 142 9.97 8.35 0.08
C ASN B 142 11.44 8.26 -0.20
N TYR B 143 11.84 8.02 -1.46
CA TYR B 143 13.20 8.19 -1.95
C TYR B 143 14.20 7.27 -1.25
N THR B 144 13.80 6.06 -0.89
CA THR B 144 14.70 5.08 -0.31
C THR B 144 14.83 3.93 -1.29
N CYS B 145 15.95 3.86 -1.97
CA CYS B 145 16.10 2.77 -2.92
C CYS B 145 16.29 1.45 -2.16
N PRO B 146 15.66 0.38 -2.62
CA PRO B 146 15.76 -0.90 -1.92
C PRO B 146 16.90 -1.77 -2.41
N THR B 147 17.20 -2.79 -1.62
CA THR B 147 18.11 -3.82 -2.07
C THR B 147 17.40 -4.70 -3.09
N GLU B 148 18.20 -5.36 -3.91
CA GLU B 148 17.64 -6.26 -4.90
C GLU B 148 16.79 -7.33 -4.23
N GLU B 149 17.18 -7.79 -3.05
CA GLU B 149 16.37 -8.79 -2.34
C GLU B 149 15.04 -8.21 -1.89
N GLU B 150 15.04 -6.98 -1.38
CA GLU B 150 13.77 -6.32 -1.05
C GLU B 150 12.91 -6.14 -2.30
N TYR B 151 13.52 -5.87 -3.45
CA TYR B 151 12.74 -5.78 -4.67
C TYR B 151 12.09 -7.12 -5.02
N LYS B 152 12.88 -8.20 -5.08
CA LYS B 152 12.33 -9.50 -5.43
C LYS B 152 11.26 -9.92 -4.44
N ALA B 153 11.57 -9.81 -3.16
CA ALA B 153 10.62 -10.17 -2.12
C ALA B 153 9.34 -9.37 -2.23
N MET B 154 9.44 -8.07 -2.51
CA MET B 154 8.23 -7.26 -2.70
C MET B 154 7.44 -7.70 -3.93
N VAL B 155 8.11 -7.82 -5.07
CA VAL B 155 7.43 -8.19 -6.30
C VAL B 155 6.59 -9.43 -6.08
N LEU B 156 7.14 -10.39 -5.33
CA LEU B 156 6.33 -11.54 -4.98
C LEU B 156 5.00 -11.14 -4.33
N GLN B 157 4.96 -10.03 -3.59
CA GLN B 157 3.69 -9.55 -3.03
C GLN B 157 2.86 -8.79 -4.09
N LYS B 158 3.49 -7.89 -4.84
CA LYS B 158 2.78 -7.04 -5.80
C LYS B 158 2.24 -7.89 -6.93
N THR B 159 3.12 -8.63 -7.59
CA THR B 159 2.71 -9.54 -8.64
C THR B 159 2.27 -10.90 -8.13
N GLY B 160 2.70 -11.30 -6.94
CA GLY B 160 2.28 -12.60 -6.45
C GLY B 160 0.81 -12.69 -6.12
N GLY B 161 0.20 -11.60 -5.70
CA GLY B 161 -1.20 -11.66 -5.30
C GLY B 161 -2.16 -12.25 -6.32
N LEU B 162 -2.23 -11.64 -7.49
CA LEU B 162 -3.18 -12.11 -8.49
C LEU B 162 -2.91 -13.54 -8.88
N PHE B 163 -1.64 -13.88 -9.14
CA PHE B 163 -1.27 -15.25 -9.47
C PHE B 163 -1.74 -16.22 -8.40
N GLY B 164 -1.48 -15.87 -7.14
CA GLY B 164 -1.84 -16.73 -6.04
C GLY B 164 -3.34 -16.91 -5.94
N LEU B 165 -4.09 -15.86 -6.25
CA LEU B 165 -5.53 -16.01 -6.26
C LEU B 165 -5.95 -17.01 -7.31
N ALA B 166 -5.38 -16.90 -8.51
CA ALA B 166 -5.74 -17.81 -9.60
C ALA B 166 -5.50 -19.27 -9.22
N VAL B 167 -4.22 -19.63 -9.06
CA VAL B 167 -3.90 -21.04 -8.85
C VAL B 167 -4.36 -21.48 -7.47
N GLY B 168 -4.32 -20.57 -6.50
CA GLY B 168 -4.68 -20.93 -5.14
C GLY B 168 -6.15 -21.26 -4.98
N LEU B 169 -7.02 -20.43 -5.58
CA LEU B 169 -8.45 -20.74 -5.57
C LEU B 169 -8.75 -21.99 -6.40
N MET B 170 -8.08 -22.14 -7.54
CA MET B 170 -8.22 -23.38 -8.30
C MET B 170 -7.85 -24.59 -7.45
N GLN B 171 -6.92 -24.43 -6.51
CA GLN B 171 -6.43 -25.55 -5.71
C GLN B 171 -7.51 -26.16 -4.85
N LEU B 172 -8.48 -25.35 -4.38
CA LEU B 172 -9.55 -25.93 -3.57
C LEU B 172 -10.38 -26.92 -4.36
N PHE B 173 -10.44 -26.74 -5.68
CA PHE B 173 -11.27 -27.53 -6.57
C PHE B 173 -10.46 -28.49 -7.42
N SER B 174 -9.20 -28.72 -7.06
CA SER B 174 -8.35 -29.60 -7.83
C SER B 174 -8.02 -30.83 -7.01
N ASP B 175 -8.01 -31.99 -7.67
CA ASP B 175 -7.51 -33.19 -7.01
C ASP B 175 -5.98 -33.24 -6.98
N TYR B 176 -5.32 -32.20 -7.48
CA TYR B 176 -3.86 -32.13 -7.43
C TYR B 176 -3.46 -31.56 -6.09
N LYS B 177 -2.41 -32.12 -5.50
CA LYS B 177 -1.98 -31.72 -4.18
C LYS B 177 -0.59 -31.09 -4.15
N GLU B 178 0.21 -31.26 -5.20
CA GLU B 178 1.59 -30.78 -5.17
C GLU B 178 1.63 -29.26 -5.09
N ASP B 179 2.83 -28.75 -4.88
CA ASP B 179 3.04 -27.37 -4.44
C ASP B 179 3.73 -26.56 -5.54
N LEU B 180 2.96 -25.65 -6.15
CA LEU B 180 3.42 -24.85 -7.28
C LEU B 180 3.88 -23.45 -6.88
N LYS B 181 3.71 -23.08 -5.60
CA LYS B 181 4.20 -21.79 -5.13
C LYS B 181 5.66 -21.52 -5.48
N PRO B 182 6.58 -22.50 -5.48
CA PRO B 182 7.88 -22.24 -6.12
C PRO B 182 7.73 -21.77 -7.57
N LEU B 183 6.99 -22.55 -8.38
CA LEU B 183 6.75 -22.18 -9.78
C LEU B 183 6.12 -20.81 -9.86
N LEU B 184 5.26 -20.48 -8.91
CA LEU B 184 4.64 -19.16 -8.95
C LEU B 184 5.67 -18.07 -8.68
N ASN B 185 6.45 -18.20 -7.62
CA ASN B 185 7.53 -17.26 -7.33
C ASN B 185 8.34 -16.98 -8.57
N THR B 186 8.98 -18.00 -9.12
CA THR B 186 9.74 -17.79 -10.35
C THR B 186 8.90 -17.07 -11.40
N LEU B 187 7.63 -17.41 -11.50
CA LEU B 187 6.82 -16.77 -12.53
C LEU B 187 6.66 -15.29 -12.25
N GLY B 188 6.24 -14.92 -11.05
CA GLY B 188 6.05 -13.52 -10.79
C GLY B 188 7.33 -12.72 -10.96
N LEU B 189 8.47 -13.30 -10.59
CA LEU B 189 9.71 -12.56 -10.75
C LEU B 189 10.04 -12.39 -12.22
N PHE B 190 9.89 -13.47 -12.97
CA PHE B 190 10.14 -13.39 -14.39
C PHE B 190 9.21 -12.41 -15.08
N PHE B 191 7.97 -12.28 -14.60
CA PHE B 191 7.01 -11.39 -15.23
C PHE B 191 7.35 -9.94 -14.96
N GLN B 192 7.44 -9.57 -13.69
CA GLN B 192 7.73 -8.20 -13.33
C GLN B 192 9.08 -7.73 -13.85
N ILE B 193 10.09 -8.58 -13.75
CA ILE B 193 11.40 -8.17 -14.24
C ILE B 193 11.36 -8.06 -15.75
N ARG B 194 10.59 -8.94 -16.41
CA ARG B 194 10.40 -8.79 -17.85
C ARG B 194 9.83 -7.42 -18.19
N TYR B 195 8.80 -6.99 -17.45
CA TYR B 195 8.19 -5.69 -17.75
C TYR B 195 9.13 -4.53 -17.43
N ASP B 196 9.88 -4.59 -16.33
CA ASP B 196 10.78 -3.49 -15.99
C ASP B 196 11.84 -3.33 -17.07
N TYR B 197 12.48 -4.44 -17.43
CA TYR B 197 13.49 -4.38 -18.48
C TYR B 197 12.86 -3.90 -19.77
N ALA B 198 11.69 -4.44 -20.11
CA ALA B 198 11.05 -4.06 -21.37
C ALA B 198 10.68 -2.59 -21.36
N ASN B 199 10.30 -2.10 -20.21
CA ASN B 199 9.99 -0.70 -20.06
C ASN B 199 11.20 0.21 -20.27
N LEU B 200 12.41 -0.23 -19.93
CA LEU B 200 13.51 0.69 -20.05
C LEU B 200 14.33 0.49 -21.32
N HIS B 201 14.17 -0.64 -21.99
CA HIS B 201 15.10 -1.02 -23.04
C HIS B 201 14.48 -1.07 -24.44
N SER B 202 13.20 -0.73 -24.60
CA SER B 202 12.54 -0.94 -25.89
C SER B 202 13.23 -0.21 -27.07
N SER B 210 5.10 5.63 -23.09
CA SER B 210 5.72 6.01 -24.37
C SER B 210 7.15 5.49 -24.45
N PHE B 211 8.08 6.26 -23.89
CA PHE B 211 9.47 5.86 -23.76
C PHE B 211 9.92 6.12 -22.32
N CYS B 212 10.62 5.15 -21.75
CA CYS B 212 11.11 5.15 -20.38
C CYS B 212 10.15 5.74 -19.35
N GLU B 213 8.88 5.39 -19.47
CA GLU B 213 7.86 5.89 -18.56
C GLU B 213 8.20 5.61 -17.10
N ASP B 214 8.87 4.49 -16.83
CA ASP B 214 9.20 4.17 -15.44
C ASP B 214 10.11 5.22 -14.83
N LEU B 215 11.06 5.73 -15.60
CA LEU B 215 11.92 6.79 -15.10
C LEU B 215 11.10 8.02 -14.69
N THR B 216 10.13 8.41 -15.52
CA THR B 216 9.28 9.56 -15.18
C THR B 216 8.42 9.26 -13.97
N GLU B 217 7.99 8.03 -13.78
CA GLU B 217 7.23 7.74 -12.57
C GLU B 217 8.09 8.01 -11.33
N GLY B 218 9.41 7.82 -11.44
CA GLY B 218 10.32 7.84 -10.31
C GLY B 218 10.44 6.52 -9.56
N LYS B 219 9.95 5.44 -10.14
CA LYS B 219 9.99 4.14 -9.49
C LYS B 219 11.33 3.48 -9.68
N PHE B 220 11.72 2.66 -8.70
CA PHE B 220 12.94 1.86 -8.76
C PHE B 220 12.55 0.55 -9.45
N SER B 221 12.69 0.50 -10.75
CA SER B 221 12.60 -0.78 -11.44
C SER B 221 13.85 -1.61 -11.10
N PHE B 222 13.84 -2.88 -11.49
CA PHE B 222 15.02 -3.73 -11.30
C PHE B 222 16.28 -3.14 -11.91
N PRO B 223 16.32 -2.75 -13.18
CA PRO B 223 17.58 -2.22 -13.73
C PRO B 223 18.10 -1.00 -13.00
N THR B 224 17.24 -0.04 -12.73
CA THR B 224 17.74 1.13 -12.04
C THR B 224 18.29 0.75 -10.68
N ILE B 225 17.70 -0.26 -10.03
CA ILE B 225 18.20 -0.69 -8.72
C ILE B 225 19.60 -1.29 -8.84
N HIS B 226 19.80 -2.15 -9.85
CA HIS B 226 21.13 -2.73 -10.06
C HIS B 226 22.16 -1.64 -10.31
N ALA B 227 21.84 -0.64 -11.12
CA ALA B 227 22.81 0.42 -11.32
C ALA B 227 23.09 1.15 -10.03
N ILE B 228 22.05 1.36 -9.22
CA ILE B 228 22.22 2.14 -7.99
C ILE B 228 23.20 1.44 -7.04
N TRP B 229 23.02 0.14 -6.84
CA TRP B 229 23.85 -0.52 -5.83
C TRP B 229 25.18 -0.95 -6.42
N SER B 230 25.21 -1.19 -7.73
CA SER B 230 26.43 -1.68 -8.36
C SER B 230 27.55 -0.66 -8.27
N ARG B 231 27.24 0.65 -8.34
CA ARG B 231 28.24 1.71 -8.31
C ARG B 231 27.86 2.70 -7.22
N PRO B 232 28.08 2.35 -5.94
CA PRO B 232 27.66 3.23 -4.84
C PRO B 232 28.37 4.54 -4.85
N GLU B 233 29.40 4.69 -5.69
CA GLU B 233 30.14 5.94 -5.70
C GLU B 233 29.25 7.10 -6.11
N SER B 234 28.36 6.87 -7.07
CA SER B 234 27.57 7.90 -7.70
C SER B 234 26.15 7.90 -7.14
N THR B 235 25.46 9.02 -7.36
CA THR B 235 24.04 9.11 -7.05
C THR B 235 23.26 9.80 -8.18
N GLN B 236 23.66 9.65 -9.44
CA GLN B 236 22.88 10.25 -10.52
C GLN B 236 21.52 9.58 -10.62
N VAL B 237 21.50 8.25 -10.75
CA VAL B 237 20.26 7.54 -10.99
C VAL B 237 19.20 8.01 -10.01
N GLN B 238 19.52 8.02 -8.73
CA GLN B 238 18.62 8.56 -7.73
C GLN B 238 18.21 9.99 -8.04
N ASN B 239 19.14 10.80 -8.56
CA ASN B 239 18.83 12.20 -8.77
C ASN B 239 17.92 12.39 -9.97
N ILE B 240 18.15 11.64 -11.04
CA ILE B 240 17.25 11.65 -12.18
C ILE B 240 15.86 11.21 -11.76
N LEU B 241 15.80 10.13 -10.98
CA LEU B 241 14.51 9.62 -10.54
C LEU B 241 13.79 10.63 -9.69
N ARG B 242 14.50 11.26 -8.76
CA ARG B 242 13.86 12.23 -7.88
C ARG B 242 13.17 13.32 -8.68
N GLN B 243 13.74 13.69 -9.83
CA GLN B 243 13.18 14.80 -10.62
C GLN B 243 11.79 14.49 -11.16
N ARG B 244 11.53 13.24 -11.53
CA ARG B 244 10.29 12.88 -12.23
C ARG B 244 10.22 13.61 -13.56
N THR B 245 11.33 13.58 -14.28
CA THR B 245 11.50 14.46 -15.44
C THR B 245 10.83 13.89 -16.70
N GLU B 246 10.18 14.77 -17.46
CA GLU B 246 9.69 14.41 -18.77
C GLU B 246 10.70 14.69 -19.87
N ASN B 247 11.85 15.28 -19.52
CA ASN B 247 12.84 15.68 -20.52
C ASN B 247 13.41 14.47 -21.22
N ILE B 248 13.38 14.48 -22.55
CA ILE B 248 13.86 13.32 -23.29
C ILE B 248 15.37 13.19 -23.14
N ASP B 249 16.10 14.31 -23.09
CA ASP B 249 17.56 14.28 -23.06
C ASP B 249 18.08 13.65 -21.77
N ILE B 250 17.52 14.07 -20.63
CA ILE B 250 17.93 13.46 -19.37
C ILE B 250 17.60 11.99 -19.38
N LYS B 251 16.41 11.64 -19.86
CA LYS B 251 16.00 10.24 -19.86
C LYS B 251 16.96 9.40 -20.68
N LYS B 252 17.29 9.88 -21.88
CA LYS B 252 18.23 9.16 -22.71
C LYS B 252 19.59 9.04 -22.01
N TYR B 253 20.03 10.11 -21.33
CA TYR B 253 21.27 10.00 -20.56
C TYR B 253 21.20 8.89 -19.55
N CYS B 254 20.08 8.80 -18.84
CA CYS B 254 19.93 7.79 -17.81
C CYS B 254 19.98 6.40 -18.40
N VAL B 255 19.37 6.19 -19.56
CA VAL B 255 19.49 4.87 -20.17
C VAL B 255 20.91 4.60 -20.63
N HIS B 256 21.63 5.61 -21.15
CA HIS B 256 23.01 5.32 -21.54
C HIS B 256 23.86 4.98 -20.34
N TYR B 257 23.74 5.76 -19.27
CA TYR B 257 24.47 5.45 -18.05
C TYR B 257 24.09 4.06 -17.55
N LEU B 258 22.79 3.74 -17.58
CA LEU B 258 22.31 2.43 -17.15
C LEU B 258 22.97 1.32 -17.96
N GLU B 259 22.97 1.46 -19.28
CA GLU B 259 23.65 0.47 -20.11
C GLU B 259 25.14 0.43 -19.82
N ASP B 260 25.71 1.60 -19.49
CA ASP B 260 27.16 1.71 -19.33
C ASP B 260 27.64 0.92 -18.12
N VAL B 261 26.94 1.04 -17.00
CA VAL B 261 27.27 0.23 -15.85
C VAL B 261 27.01 -1.25 -16.08
N GLY B 262 26.35 -1.59 -17.17
CA GLY B 262 25.96 -2.97 -17.43
C GLY B 262 24.70 -3.44 -16.75
N SER B 263 23.82 -2.52 -16.39
CA SER B 263 22.63 -2.90 -15.65
C SER B 263 21.67 -3.72 -16.51
N PHE B 264 21.70 -3.49 -17.81
CA PHE B 264 20.85 -4.27 -18.70
C PHE B 264 21.42 -5.67 -18.90
N GLU B 265 22.74 -5.80 -19.02
CA GLU B 265 23.30 -7.15 -19.10
C GLU B 265 22.93 -7.95 -17.87
N TYR B 266 23.08 -7.34 -16.68
CA TYR B 266 22.70 -8.01 -15.44
C TYR B 266 21.23 -8.39 -15.46
N THR B 267 20.35 -7.47 -15.89
CA THR B 267 18.92 -7.76 -15.88
C THR B 267 18.59 -8.89 -16.83
N ARG B 268 19.20 -8.89 -17.99
CA ARG B 268 18.98 -9.99 -18.91
C ARG B 268 19.40 -11.31 -18.30
N ASN B 269 20.64 -11.39 -17.83
CA ASN B 269 21.15 -12.57 -17.16
C ASN B 269 20.22 -13.09 -16.07
N THR B 270 19.82 -12.24 -15.12
CA THR B 270 18.88 -12.73 -14.12
C THR B 270 17.61 -13.26 -14.78
N LEU B 271 17.21 -12.68 -15.91
CA LEU B 271 16.00 -13.16 -16.56
C LEU B 271 16.20 -14.56 -17.12
N LYS B 272 17.32 -14.78 -17.82
CA LYS B 272 17.61 -16.10 -18.35
C LYS B 272 17.77 -17.11 -17.21
N GLU B 273 18.27 -16.64 -16.07
CA GLU B 273 18.28 -17.44 -14.85
C GLU B 273 16.88 -17.91 -14.49
N LEU B 274 15.96 -16.95 -14.29
CA LEU B 274 14.60 -17.29 -13.92
C LEU B 274 13.96 -18.24 -14.92
N GLU B 275 14.09 -17.98 -16.22
CA GLU B 275 13.57 -18.90 -17.23
C GLU B 275 14.11 -20.33 -17.05
N ALA B 276 15.41 -20.46 -16.74
CA ALA B 276 15.95 -21.79 -16.50
C ALA B 276 15.28 -22.46 -15.31
N LYS B 277 15.16 -21.71 -14.21
CA LYS B 277 14.59 -22.30 -13.02
C LYS B 277 13.15 -22.67 -13.29
N ALA B 278 12.45 -21.87 -14.07
CA ALA B 278 11.12 -22.19 -14.55
C ALA B 278 11.03 -23.57 -15.14
N TYR B 279 11.72 -23.80 -16.26
CA TYR B 279 11.62 -25.10 -16.94
C TYR B 279 11.88 -26.25 -15.96
N LYS B 280 12.96 -26.14 -15.16
CA LYS B 280 13.22 -27.17 -14.15
C LYS B 280 12.01 -27.40 -13.26
N GLN B 281 11.43 -26.31 -12.75
CA GLN B 281 10.33 -26.35 -11.79
C GLN B 281 9.12 -27.07 -12.34
N ILE B 282 8.68 -26.73 -13.56
CA ILE B 282 7.54 -27.46 -14.11
C ILE B 282 7.88 -28.93 -14.22
N ASP B 283 9.11 -29.26 -14.66
CA ASP B 283 9.45 -30.68 -14.82
C ASP B 283 9.35 -31.42 -13.51
N ALA B 284 9.62 -30.75 -12.39
CA ALA B 284 9.45 -31.42 -11.10
C ALA B 284 7.99 -31.79 -10.83
N ARG B 285 7.04 -31.15 -11.50
CA ARG B 285 5.62 -31.35 -11.18
C ARG B 285 4.86 -32.07 -12.28
N GLY B 286 5.56 -32.73 -13.22
CA GLY B 286 4.88 -33.45 -14.27
C GLY B 286 5.29 -33.03 -15.66
N GLY B 287 5.43 -31.74 -15.91
CA GLY B 287 5.78 -31.29 -17.23
C GLY B 287 4.59 -30.73 -17.97
N ASN B 288 4.82 -29.64 -18.71
CA ASN B 288 3.75 -28.88 -19.33
C ASN B 288 4.09 -28.53 -20.77
N PRO B 289 3.37 -29.03 -21.73
CA PRO B 289 3.60 -28.57 -23.09
C PRO B 289 3.23 -27.10 -23.33
N GLU B 290 2.03 -26.68 -22.93
CA GLU B 290 1.57 -25.33 -23.26
C GLU B 290 2.32 -24.22 -22.52
N LEU B 291 2.46 -24.32 -21.20
CA LEU B 291 3.04 -23.22 -20.43
C LEU B 291 4.49 -22.95 -20.81
N VAL B 292 5.29 -24.01 -20.96
CA VAL B 292 6.68 -23.82 -21.37
C VAL B 292 6.72 -23.07 -22.69
N ALA B 293 5.78 -23.38 -23.58
CA ALA B 293 5.72 -22.62 -24.82
C ALA B 293 5.45 -21.16 -24.51
N LEU B 294 4.54 -20.88 -23.57
CA LEU B 294 4.24 -19.50 -23.20
C LEU B 294 5.49 -18.77 -22.72
N VAL B 295 6.21 -19.36 -21.76
CA VAL B 295 7.38 -18.68 -21.21
C VAL B 295 8.45 -18.55 -22.27
N LYS B 296 8.55 -19.51 -23.18
CA LYS B 296 9.49 -19.36 -24.29
C LYS B 296 9.15 -18.10 -25.09
N HIS B 297 7.87 -17.93 -25.43
CA HIS B 297 7.44 -16.75 -26.16
C HIS B 297 7.86 -15.49 -25.44
N LEU B 298 7.64 -15.44 -24.12
CA LEU B 298 8.01 -14.23 -23.39
C LEU B 298 9.50 -14.04 -23.32
N SER B 299 10.27 -15.12 -23.24
CA SER B 299 11.71 -14.97 -23.16
C SER B 299 12.31 -14.54 -24.49
N LYS B 300 11.56 -14.68 -25.58
CA LYS B 300 12.03 -14.14 -26.85
C LYS B 300 12.25 -12.63 -26.78
N MET B 301 11.66 -11.97 -25.78
CA MET B 301 11.74 -10.50 -25.64
C MET B 301 13.19 -10.02 -25.50
N PHE B 302 13.97 -10.69 -24.66
CA PHE B 302 15.42 -10.47 -24.60
C PHE B 302 16.19 -11.59 -25.31
N LYS B 303 15.80 -11.87 -26.55
CA LYS B 303 16.43 -12.92 -27.35
C LYS B 303 17.93 -12.67 -27.53
N THR C 11 18.72 0.20 7.99
CA THR C 11 19.73 1.19 7.64
C THR C 11 21.09 0.50 7.37
N GLN C 12 21.88 1.11 6.46
CA GLN C 12 23.03 0.42 5.87
C GLN C 12 24.22 0.34 6.82
N GLU C 13 24.50 1.37 7.61
CA GLU C 13 25.68 1.38 8.46
C GLU C 13 25.37 1.01 9.91
N THR C 14 24.26 0.34 10.15
CA THR C 14 24.01 -0.23 11.46
C THR C 14 24.92 -1.40 11.74
N VAL C 15 25.79 -1.78 10.80
CA VAL C 15 26.68 -2.91 11.05
C VAL C 15 27.67 -2.55 12.13
N GLN C 16 27.90 -1.25 12.36
CA GLN C 16 28.80 -0.85 13.43
C GLN C 16 28.23 -1.25 14.78
N ARG C 17 26.92 -1.11 14.97
CA ARG C 17 26.30 -1.60 16.18
C ARG C 17 26.65 -3.06 16.36
N ILE C 18 26.65 -3.83 15.27
CA ILE C 18 26.95 -5.26 15.34
C ILE C 18 28.42 -5.48 15.70
N LEU C 19 29.35 -4.82 15.01
CA LEU C 19 30.78 -5.04 15.25
C LEU C 19 31.24 -4.54 16.60
N LEU C 20 30.66 -3.46 17.13
CA LEU C 20 31.12 -2.93 18.39
C LEU C 20 30.26 -3.38 19.57
N GLU C 21 29.37 -4.36 19.37
CA GLU C 21 28.49 -4.79 20.46
C GLU C 21 29.26 -5.32 21.66
N PRO C 22 30.23 -6.22 21.50
CA PRO C 22 31.05 -6.58 22.68
C PRO C 22 31.72 -5.39 23.31
N TYR C 23 32.33 -4.50 22.53
CA TYR C 23 32.97 -3.35 23.14
C TYR C 23 31.97 -2.51 23.94
N LYS C 24 30.84 -2.14 23.33
CA LYS C 24 29.83 -1.38 24.07
C LYS C 24 29.36 -2.12 25.31
N TYR C 25 29.12 -3.42 25.19
CA TYR C 25 28.73 -4.22 26.33
C TYR C 25 29.75 -4.10 27.46
N LEU C 26 31.04 -4.12 27.12
CA LEU C 26 32.04 -3.92 28.18
C LEU C 26 31.93 -2.52 28.76
N LEU C 27 31.74 -1.52 27.89
CA LEU C 27 31.58 -0.14 28.33
C LEU C 27 30.31 0.07 29.12
N GLN C 28 29.51 -0.98 29.27
CA GLN C 28 28.27 -0.86 30.03
C GLN C 28 28.57 -0.23 31.38
N LEU C 29 29.65 -0.63 32.03
CA LEU C 29 29.99 0.10 33.21
C LEU C 29 31.39 0.68 33.04
N PRO C 30 31.60 1.98 33.33
CA PRO C 30 32.97 2.51 33.33
C PRO C 30 33.80 1.97 34.47
N GLY C 31 33.18 1.66 35.61
CA GLY C 31 33.94 1.13 36.73
C GLY C 31 34.89 2.19 37.27
N LYS C 32 36.13 1.77 37.52
CA LYS C 32 37.12 2.66 38.11
C LYS C 32 37.40 3.84 37.18
N GLN C 33 37.73 3.55 35.92
CA GLN C 33 38.15 4.57 34.98
C GLN C 33 39.24 5.47 35.58
N VAL C 34 40.09 4.87 36.43
CA VAL C 34 41.12 5.62 37.12
C VAL C 34 42.20 6.12 36.16
N ARG C 35 42.28 5.54 34.96
CA ARG C 35 43.18 6.08 33.95
C ARG C 35 42.73 7.47 33.49
N THR C 36 41.42 7.66 33.27
CA THR C 36 40.93 8.98 32.90
C THR C 36 41.17 9.99 34.01
N LYS C 37 40.88 9.61 35.26
CA LYS C 37 41.23 10.46 36.39
C LYS C 37 42.71 10.80 36.40
N LEU C 38 43.54 9.81 36.05
CA LEU C 38 44.98 10.04 35.96
C LEU C 38 45.29 11.16 34.97
N SER C 39 44.81 11.05 33.73
CA SER C 39 45.05 12.11 32.76
C SER C 39 44.56 13.47 33.25
N GLN C 40 43.38 13.49 33.89
CA GLN C 40 42.86 14.73 34.47
C GLN C 40 43.86 15.36 35.43
N ALA C 41 44.63 14.54 36.14
CA ALA C 41 45.65 15.16 36.96
C ALA C 41 46.98 15.35 36.25
N PHE C 42 47.18 14.76 35.07
CA PHE C 42 48.45 14.98 34.39
C PHE C 42 48.42 16.11 33.37
N ASN C 43 47.27 16.75 33.15
CA ASN C 43 47.32 17.96 32.33
C ASN C 43 47.83 19.16 33.12
N HIS C 44 48.01 18.98 34.42
CA HIS C 44 48.47 20.04 35.33
C HIS C 44 49.85 20.56 34.95
N TRP C 45 50.75 19.68 34.50
CA TRP C 45 52.04 20.10 33.97
C TRP C 45 51.95 20.35 32.47
N LEU C 46 51.18 19.51 31.79
CA LEU C 46 51.17 19.47 30.33
C LEU C 46 50.40 20.64 29.76
N LYS C 47 49.23 20.95 30.32
CA LYS C 47 48.32 21.98 29.82
C LYS C 47 48.10 21.89 28.30
N VAL C 48 47.42 20.83 27.91
CA VAL C 48 47.08 20.52 26.52
C VAL C 48 45.73 21.13 26.19
N PRO C 49 45.54 21.64 24.97
CA PRO C 49 44.26 22.26 24.59
C PRO C 49 43.08 21.28 24.68
N GLU C 50 41.94 21.80 25.16
CA GLU C 50 40.68 21.06 25.25
C GLU C 50 40.45 20.19 24.02
N ASP C 51 40.40 20.85 22.86
CA ASP C 51 40.06 20.19 21.61
C ASP C 51 40.97 19.00 21.33
N LYS C 52 42.27 19.11 21.69
CA LYS C 52 43.18 17.99 21.46
C LYS C 52 43.17 16.93 22.57
N LEU C 53 43.10 17.34 23.86
CA LEU C 53 43.16 16.29 24.89
C LEU C 53 41.92 15.41 24.87
N GLN C 54 40.73 15.99 24.58
CA GLN C 54 39.54 15.13 24.54
C GLN C 54 39.74 13.97 23.56
N ILE C 55 40.36 14.24 22.41
CA ILE C 55 40.71 13.19 21.45
C ILE C 55 41.71 12.23 22.06
N ILE C 56 42.71 12.74 22.79
CA ILE C 56 43.69 11.84 23.37
C ILE C 56 43.01 10.87 24.32
N ILE C 57 42.17 11.40 25.20
CA ILE C 57 41.51 10.57 26.21
C ILE C 57 40.61 9.53 25.57
N GLU C 58 39.84 9.94 24.57
CA GLU C 58 39.03 8.96 23.84
C GLU C 58 39.91 7.84 23.32
N VAL C 59 41.07 8.19 22.77
CA VAL C 59 41.93 7.16 22.22
C VAL C 59 42.40 6.21 23.31
N THR C 60 42.78 6.76 24.45
CA THR C 60 43.26 5.90 25.52
C THR C 60 42.19 4.96 26.01
N GLU C 61 41.00 5.50 26.33
CA GLU C 61 39.93 4.64 26.83
C GLU C 61 39.57 3.56 25.84
N MET C 62 39.50 3.91 24.57
CA MET C 62 39.28 2.90 23.54
C MET C 62 40.32 1.79 23.69
N LEU C 63 41.61 2.15 23.57
CA LEU C 63 42.65 1.13 23.53
C LEU C 63 42.67 0.30 24.80
N HIS C 64 42.45 0.94 25.93
CA HIS C 64 42.37 0.23 27.20
C HIS C 64 41.30 -0.83 27.17
N ASN C 65 40.07 -0.44 26.79
CA ASN C 65 38.94 -1.36 26.86
C ASN C 65 39.08 -2.49 25.85
N ALA C 66 39.63 -2.20 24.68
CA ALA C 66 39.92 -3.26 23.72
C ALA C 66 40.90 -4.26 24.28
N SER C 67 42.05 -3.76 24.75
CA SER C 67 43.08 -4.62 25.33
C SER C 67 42.51 -5.47 26.43
N LEU C 68 41.61 -4.87 27.22
CA LEU C 68 40.94 -5.55 28.30
C LEU C 68 40.00 -6.66 27.82
N LEU C 69 39.27 -6.42 26.72
CA LEU C 69 38.43 -7.47 26.14
C LEU C 69 39.28 -8.65 25.76
N ILE C 70 40.44 -8.40 25.13
CA ILE C 70 41.31 -9.51 24.77
C ILE C 70 41.84 -10.18 26.03
N ASP C 71 42.28 -9.40 27.01
CA ASP C 71 42.83 -9.94 28.25
C ASP C 71 41.92 -10.98 28.88
N ASP C 72 40.61 -10.73 28.88
CA ASP C 72 39.74 -11.72 29.51
C ASP C 72 39.75 -13.05 28.77
N ILE C 73 39.92 -13.02 27.46
CA ILE C 73 40.07 -14.26 26.71
C ILE C 73 41.37 -14.92 27.08
N GLU C 74 42.46 -14.17 27.09
CA GLU C 74 43.77 -14.79 27.35
C GLU C 74 43.89 -15.24 28.80
N ASP C 75 43.44 -14.41 29.72
CA ASP C 75 43.46 -14.74 31.14
C ASP C 75 42.38 -15.74 31.50
N ASN C 76 41.49 -16.09 30.58
CA ASN C 76 40.46 -17.08 30.85
C ASN C 76 39.65 -16.66 32.07
N SER C 77 39.32 -15.38 32.10
CA SER C 77 38.50 -14.81 33.16
C SER C 77 37.02 -15.16 32.99
N LYS C 78 36.30 -15.14 34.11
CA LYS C 78 34.86 -15.34 34.14
C LYS C 78 34.07 -14.08 34.39
N LEU C 79 34.65 -13.09 35.08
CA LEU C 79 33.93 -11.89 35.47
C LEU C 79 34.82 -10.68 35.27
N ARG C 80 34.19 -9.55 34.94
CA ARG C 80 34.90 -8.29 34.80
C ARG C 80 33.98 -7.16 35.26
N ARG C 81 34.41 -6.41 36.26
CA ARG C 81 33.59 -5.34 36.84
C ARG C 81 32.24 -5.86 37.32
N GLY C 82 32.18 -7.12 37.73
CA GLY C 82 30.98 -7.76 38.24
C GLY C 82 30.00 -8.32 37.22
N PHE C 83 30.31 -8.25 35.93
CA PHE C 83 29.35 -8.74 34.96
C PHE C 83 30.03 -9.78 34.11
N PRO C 84 29.31 -10.78 33.62
CA PRO C 84 29.96 -11.81 32.83
C PRO C 84 30.84 -11.19 31.75
N VAL C 85 31.95 -11.83 31.48
CA VAL C 85 32.83 -11.32 30.45
C VAL C 85 32.17 -11.43 29.07
N ALA C 86 32.68 -10.61 28.14
CA ALA C 86 32.12 -10.54 26.81
C ALA C 86 32.18 -11.87 26.07
N HIS C 87 33.31 -12.56 26.07
CA HIS C 87 33.30 -13.79 25.27
C HIS C 87 32.41 -14.88 25.89
N SER C 88 32.13 -14.82 27.19
CA SER C 88 31.20 -15.80 27.75
C SER C 88 29.78 -15.57 27.27
N ILE C 89 29.49 -14.37 26.77
CA ILE C 89 28.17 -14.04 26.26
C ILE C 89 28.14 -14.02 24.74
N TYR C 90 29.05 -13.30 24.11
CA TYR C 90 29.11 -13.23 22.66
C TYR C 90 29.97 -14.29 22.04
N GLY C 91 30.74 -15.02 22.82
CA GLY C 91 31.65 -16.00 22.24
C GLY C 91 32.97 -15.37 21.89
N ILE C 92 34.04 -16.16 22.01
CA ILE C 92 35.38 -15.62 21.76
C ILE C 92 35.51 -15.02 20.36
N PRO C 93 35.19 -15.72 19.26
CA PRO C 93 35.49 -15.18 17.92
C PRO C 93 34.98 -13.77 17.74
N SER C 94 33.75 -13.53 18.16
CA SER C 94 33.17 -12.21 18.07
C SER C 94 33.94 -11.21 18.93
N VAL C 95 34.36 -11.60 20.15
CA VAL C 95 34.96 -10.61 21.01
C VAL C 95 36.38 -10.27 20.56
N ILE C 96 37.14 -11.28 20.12
CA ILE C 96 38.47 -10.95 19.60
C ILE C 96 38.33 -10.05 18.38
N ASN C 97 37.45 -10.42 17.46
CA ASN C 97 37.37 -9.60 16.26
C ASN C 97 36.93 -8.19 16.59
N SER C 98 35.94 -8.05 17.47
CA SER C 98 35.49 -6.73 17.90
C SER C 98 36.64 -5.92 18.47
N ALA C 99 37.42 -6.52 19.39
CA ALA C 99 38.48 -5.76 20.06
C ALA C 99 39.58 -5.33 19.09
N ASN C 100 40.00 -6.23 18.20
CA ASN C 100 40.95 -5.83 17.16
C ASN C 100 40.41 -4.69 16.32
N TYR C 101 39.13 -4.77 15.95
CA TYR C 101 38.45 -3.67 15.26
C TYR C 101 38.59 -2.36 15.99
N VAL C 102 38.32 -2.37 17.29
CA VAL C 102 38.44 -1.07 17.93
C VAL C 102 39.90 -0.66 18.00
N TYR C 103 40.86 -1.61 17.99
CA TYR C 103 42.27 -1.20 17.90
C TYR C 103 42.49 -0.29 16.71
N PHE C 104 42.07 -0.74 15.53
CA PHE C 104 42.30 0.09 14.34
C PHE C 104 41.40 1.31 14.29
N LEU C 105 40.24 1.25 14.94
CA LEU C 105 39.50 2.49 15.17
C LEU C 105 40.33 3.47 16.00
N GLY C 106 41.11 2.97 16.94
CA GLY C 106 41.97 3.84 17.73
C GLY C 106 43.08 4.46 16.91
N LEU C 107 43.72 3.65 16.07
CA LEU C 107 44.71 4.22 15.17
C LEU C 107 44.10 5.31 14.32
N GLU C 108 42.91 5.05 13.75
CA GLU C 108 42.24 6.08 12.96
C GLU C 108 42.00 7.36 13.76
N LYS C 109 41.49 7.22 14.99
CA LYS C 109 41.21 8.41 15.78
C LYS C 109 42.50 9.15 16.11
N VAL C 110 43.61 8.41 16.19
CA VAL C 110 44.92 9.03 16.41
C VAL C 110 45.41 9.73 15.15
N LEU C 111 44.95 9.30 13.96
CA LEU C 111 45.27 10.04 12.76
C LEU C 111 44.79 11.49 12.84
N THR C 112 43.93 11.80 13.80
CA THR C 112 43.58 13.18 14.08
C THR C 112 44.80 13.78 14.79
N LEU C 113 44.68 14.98 15.35
CA LEU C 113 45.77 15.65 16.03
C LEU C 113 46.74 16.19 15.00
N ASP C 114 46.76 15.59 13.81
CA ASP C 114 47.45 16.09 12.63
C ASP C 114 48.96 16.25 12.84
N HIS C 115 49.53 15.54 13.81
CA HIS C 115 50.95 15.63 14.10
C HIS C 115 51.71 14.41 13.60
N GLN C 116 52.87 14.67 13.00
CA GLN C 116 53.65 13.59 12.40
C GLN C 116 54.04 12.51 13.43
N ASP C 117 54.21 12.89 14.69
CA ASP C 117 54.70 11.95 15.69
C ASP C 117 53.61 11.11 16.36
N ALA C 118 52.33 11.44 16.18
CA ALA C 118 51.28 10.73 16.92
C ALA C 118 51.25 9.25 16.57
N VAL C 119 51.25 8.91 15.28
CA VAL C 119 51.14 7.50 14.91
C VAL C 119 52.39 6.74 15.32
N LYS C 120 53.58 7.35 15.18
CA LYS C 120 54.82 6.69 15.60
C LYS C 120 54.86 6.41 17.10
N LEU C 121 54.57 7.43 17.92
CA LEU C 121 54.46 7.21 19.36
C LEU C 121 53.41 6.15 19.67
N PHE C 122 52.31 6.16 18.91
CA PHE C 122 51.23 5.18 19.05
C PHE C 122 51.73 3.75 18.81
N THR C 123 52.38 3.50 17.67
CA THR C 123 52.97 2.18 17.42
C THR C 123 53.92 1.80 18.54
N ARG C 124 54.78 2.72 18.95
CA ARG C 124 55.71 2.38 20.02
C ARG C 124 54.94 1.87 21.23
N GLN C 125 53.97 2.64 21.70
CA GLN C 125 53.33 2.29 22.96
C GLN C 125 52.49 1.03 22.85
N LEU C 126 51.83 0.81 21.72
CA LEU C 126 51.05 -0.42 21.60
C LEU C 126 51.95 -1.63 21.52
N LEU C 127 53.08 -1.52 20.79
CA LEU C 127 54.08 -2.59 20.78
C LEU C 127 54.57 -2.89 22.18
N GLU C 128 54.83 -1.86 22.98
CA GLU C 128 55.27 -2.11 24.34
C GLU C 128 54.22 -2.87 25.13
N LEU C 129 52.97 -2.45 25.03
CA LEU C 129 51.91 -3.16 25.74
C LEU C 129 51.93 -4.64 25.38
N HIS C 130 52.05 -4.95 24.07
CA HIS C 130 51.99 -6.34 23.65
C HIS C 130 53.18 -7.13 24.13
N GLN C 131 54.34 -6.48 24.24
CA GLN C 131 55.49 -7.17 24.83
C GLN C 131 55.19 -7.52 26.27
N GLY C 132 54.68 -6.57 27.05
CA GLY C 132 54.38 -6.87 28.44
C GLY C 132 53.40 -8.02 28.60
N GLN C 133 52.25 -7.94 27.92
CA GLN C 133 51.25 -9.02 28.03
C GLN C 133 51.82 -10.35 27.56
N GLY C 134 52.48 -10.36 26.41
CA GLY C 134 53.05 -11.59 25.89
C GLY C 134 53.99 -12.25 26.86
N LEU C 135 54.83 -11.46 27.55
CA LEU C 135 55.70 -12.00 28.58
C LEU C 135 54.88 -12.57 29.72
N ASP C 136 53.85 -11.84 30.13
CA ASP C 136 52.99 -12.32 31.21
C ASP C 136 52.44 -13.72 30.91
N ILE C 137 51.77 -13.84 29.77
CA ILE C 137 51.16 -15.12 29.43
C ILE C 137 52.22 -16.19 29.14
N TYR C 138 53.36 -15.83 28.55
CA TYR C 138 54.41 -16.82 28.33
C TYR C 138 54.88 -17.44 29.63
N TRP C 139 55.16 -16.62 30.64
CA TRP C 139 55.55 -17.17 31.92
C TRP C 139 54.45 -18.04 32.51
N ARG C 140 53.20 -17.61 32.41
CA ARG C 140 52.12 -18.43 32.99
C ARG C 140 51.96 -19.77 32.27
N ASP C 141 51.93 -19.74 30.94
CA ASP C 141 51.63 -20.91 30.14
C ASP C 141 52.84 -21.82 29.94
N ASN C 142 54.06 -21.33 30.12
CA ASN C 142 55.24 -22.18 30.05
C ASN C 142 55.72 -22.62 31.43
N TYR C 143 55.01 -22.21 32.48
CA TYR C 143 55.22 -22.69 33.85
C TYR C 143 56.59 -22.32 34.36
N THR C 144 57.12 -21.18 33.88
CA THR C 144 58.41 -20.65 34.30
C THR C 144 58.16 -19.38 35.08
N CYS C 145 58.33 -19.45 36.39
CA CYS C 145 58.13 -18.27 37.22
C CYS C 145 59.25 -17.25 37.01
N PRO C 146 58.93 -15.99 36.93
CA PRO C 146 59.98 -14.97 36.80
C PRO C 146 60.39 -14.44 38.17
N THR C 147 61.59 -13.86 38.20
CA THR C 147 62.06 -13.15 39.39
C THR C 147 61.46 -11.75 39.43
N GLU C 148 61.56 -11.15 40.62
CA GLU C 148 60.93 -9.85 40.87
C GLU C 148 61.33 -8.78 39.88
N GLU C 149 62.59 -8.78 39.43
CA GLU C 149 62.99 -7.74 38.50
C GLU C 149 62.31 -7.89 37.14
N GLU C 150 62.25 -9.12 36.58
CA GLU C 150 61.55 -9.29 35.30
C GLU C 150 60.08 -8.94 35.42
N TYR C 151 59.46 -9.28 36.56
CA TYR C 151 58.06 -8.90 36.73
C TYR C 151 57.93 -7.38 36.64
N LYS C 152 58.72 -6.66 37.42
CA LYS C 152 58.66 -5.20 37.34
C LYS C 152 58.91 -4.73 35.92
N ALA C 153 59.96 -5.26 35.30
CA ALA C 153 60.37 -4.85 33.96
C ALA C 153 59.29 -5.04 32.93
N MET C 154 58.65 -6.20 32.94
CA MET C 154 57.54 -6.47 32.02
C MET C 154 56.39 -5.53 32.29
N VAL C 155 56.00 -5.41 33.56
CA VAL C 155 54.87 -4.55 33.91
C VAL C 155 55.06 -3.13 33.38
N LEU C 156 56.31 -2.64 33.38
CA LEU C 156 56.55 -1.33 32.77
C LEU C 156 56.02 -1.27 31.35
N GLN C 157 56.12 -2.39 30.64
CA GLN C 157 55.59 -2.45 29.27
C GLN C 157 54.07 -2.59 29.28
N LYS C 158 53.55 -3.50 30.10
CA LYS C 158 52.13 -3.84 30.03
C LYS C 158 51.27 -2.70 30.55
N THR C 159 51.48 -2.23 31.77
CA THR C 159 50.72 -1.06 32.19
C THR C 159 51.43 0.22 31.80
N GLY C 160 52.74 0.18 31.57
CA GLY C 160 53.43 1.38 31.15
C GLY C 160 53.02 1.82 29.76
N GLY C 161 52.60 0.89 28.93
CA GLY C 161 52.23 1.17 27.55
C GLY C 161 51.16 2.24 27.37
N LEU C 162 50.00 1.99 27.93
CA LEU C 162 48.89 2.93 27.76
C LEU C 162 49.19 4.28 28.37
N PHE C 163 49.74 4.28 29.59
CA PHE C 163 50.18 5.55 30.19
C PHE C 163 51.10 6.30 29.24
N GLY C 164 52.00 5.57 28.58
CA GLY C 164 52.88 6.20 27.62
C GLY C 164 52.14 6.80 26.44
N LEU C 165 51.06 6.15 26.00
CA LEU C 165 50.25 6.76 24.95
C LEU C 165 49.62 8.06 25.42
N ALA C 166 48.97 8.03 26.58
CA ALA C 166 48.32 9.24 27.08
C ALA C 166 49.33 10.38 27.23
N VAL C 167 50.31 10.19 28.11
CA VAL C 167 51.23 11.27 28.43
C VAL C 167 52.12 11.58 27.23
N GLY C 168 52.39 10.60 26.37
CA GLY C 168 53.20 10.87 25.20
C GLY C 168 52.52 11.79 24.22
N LEU C 169 51.25 11.52 23.91
CA LEU C 169 50.51 12.43 23.02
C LEU C 169 50.30 13.82 23.63
N MET C 170 49.95 13.88 24.92
CA MET C 170 49.84 15.18 25.56
C MET C 170 51.17 15.90 25.55
N GLN C 171 52.27 15.17 25.73
CA GLN C 171 53.58 15.80 25.70
C GLN C 171 53.85 16.35 24.31
N LEU C 172 53.23 15.73 23.31
CA LEU C 172 53.35 16.23 21.95
C LEU C 172 52.61 17.55 21.76
N PHE C 173 51.52 17.79 22.49
CA PHE C 173 50.76 19.03 22.26
C PHE C 173 50.98 20.05 23.35
N SER C 174 52.04 19.88 24.14
CA SER C 174 52.37 20.78 25.24
C SER C 174 53.69 21.47 24.96
N ASP C 175 53.79 22.74 25.34
CA ASP C 175 55.07 23.45 25.35
C ASP C 175 55.97 23.02 26.53
N TYR C 176 55.53 22.00 27.26
CA TYR C 176 56.29 21.43 28.37
C TYR C 176 57.30 20.47 27.76
N LYS C 177 58.54 20.54 28.24
CA LYS C 177 59.61 19.76 27.64
C LYS C 177 60.32 18.77 28.57
N GLU C 178 59.97 18.71 29.86
CA GLU C 178 60.74 17.92 30.83
C GLU C 178 60.46 16.41 30.65
N ASP C 179 61.00 15.60 31.57
CA ASP C 179 60.99 14.15 31.46
C ASP C 179 60.16 13.58 32.62
N LEU C 180 59.00 12.98 32.28
CA LEU C 180 58.11 12.39 33.27
C LEU C 180 58.11 10.86 33.26
N LYS C 181 58.80 10.24 32.31
CA LYS C 181 58.84 8.77 32.27
C LYS C 181 59.18 8.15 33.63
N PRO C 182 60.13 8.66 34.43
CA PRO C 182 60.29 8.12 35.79
C PRO C 182 58.99 8.08 36.59
N LEU C 183 58.31 9.22 36.65
CA LEU C 183 57.01 9.27 37.33
C LEU C 183 56.03 8.25 36.76
N LEU C 184 56.03 8.09 35.43
CA LEU C 184 55.10 7.14 34.80
C LEU C 184 55.39 5.72 35.23
N ASN C 185 56.66 5.34 35.27
CA ASN C 185 57.02 3.99 35.65
C ASN C 185 56.63 3.73 37.10
N THR C 186 57.12 4.56 38.01
CA THR C 186 56.77 4.32 39.40
C THR C 186 55.27 4.24 39.60
N LEU C 187 54.53 5.12 38.93
CA LEU C 187 53.07 5.13 39.12
C LEU C 187 52.46 3.85 38.60
N GLY C 188 52.81 3.46 37.37
CA GLY C 188 52.28 2.23 36.81
C GLY C 188 52.61 1.00 37.64
N LEU C 189 53.82 0.95 38.24
CA LEU C 189 54.12 -0.18 39.10
C LEU C 189 53.28 -0.13 40.36
N PHE C 190 53.00 1.08 40.84
CA PHE C 190 52.12 1.18 41.99
C PHE C 190 50.74 0.64 41.66
N PHE C 191 50.32 0.80 40.41
CA PHE C 191 49.00 0.37 40.00
C PHE C 191 48.94 -1.14 39.92
N GLN C 192 49.88 -1.73 39.18
CA GLN C 192 49.92 -3.17 38.98
C GLN C 192 50.07 -3.91 40.30
N ILE C 193 50.94 -3.47 41.18
CA ILE C 193 50.99 -4.15 42.47
C ILE C 193 49.72 -3.86 43.28
N ARG C 194 49.11 -2.68 43.13
CA ARG C 194 47.83 -2.44 43.80
C ARG C 194 46.78 -3.50 43.41
N TYR C 195 46.60 -3.73 42.11
CA TYR C 195 45.62 -4.72 41.65
C TYR C 195 46.01 -6.13 42.09
N ASP C 196 47.30 -6.47 41.92
CA ASP C 196 47.79 -7.82 42.23
C ASP C 196 47.68 -8.14 43.71
N TYR C 197 48.04 -7.18 44.55
CA TYR C 197 47.78 -7.37 45.97
C TYR C 197 46.29 -7.52 46.23
N ALA C 198 45.48 -6.70 45.57
CA ALA C 198 44.05 -6.71 45.83
C ALA C 198 43.34 -8.00 45.41
N ASN C 199 43.89 -8.70 44.42
CA ASN C 199 43.31 -9.96 43.96
C ASN C 199 43.35 -11.14 44.95
N LEU C 200 44.49 -11.31 45.62
CA LEU C 200 44.67 -12.36 46.59
C LEU C 200 44.59 -11.84 48.00
N HIS C 201 44.29 -10.55 48.16
CA HIS C 201 44.43 -9.88 49.45
C HIS C 201 43.13 -9.81 50.25
N SER C 202 41.99 -9.59 49.58
CA SER C 202 40.74 -9.38 50.32
C SER C 202 40.27 -10.68 50.97
N ASN C 208 35.91 -8.44 40.39
CA ASN C 208 35.92 -9.13 39.10
C ASN C 208 35.43 -10.57 39.24
N LYS C 209 36.37 -11.51 39.28
CA LYS C 209 36.04 -12.92 39.42
C LYS C 209 35.48 -13.11 40.82
N SER C 210 34.73 -14.19 41.01
CA SER C 210 34.13 -14.42 42.32
C SER C 210 35.22 -14.55 43.35
N PHE C 211 36.30 -15.26 43.04
CA PHE C 211 37.38 -15.42 44.01
C PHE C 211 38.71 -14.81 43.57
N CYS C 212 39.83 -15.40 43.97
CA CYS C 212 41.07 -14.74 43.60
C CYS C 212 41.16 -14.61 42.10
N GLU C 213 40.96 -15.69 41.38
CA GLU C 213 40.95 -15.62 39.93
C GLU C 213 42.36 -15.50 39.40
N ASP C 214 43.32 -15.39 40.31
CA ASP C 214 44.71 -15.32 39.93
C ASP C 214 45.26 -16.70 40.18
N LEU C 215 44.81 -17.28 41.28
CA LEU C 215 45.20 -18.62 41.65
C LEU C 215 44.69 -19.52 40.55
N THR C 216 43.48 -19.27 40.07
CA THR C 216 42.95 -20.12 39.01
C THR C 216 43.48 -19.70 37.65
N GLU C 217 43.83 -18.43 37.45
CA GLU C 217 44.49 -18.08 36.20
C GLU C 217 45.83 -18.81 36.08
N GLY C 218 46.51 -19.08 37.19
CA GLY C 218 47.87 -19.60 37.09
C GLY C 218 48.91 -18.53 36.85
N LYS C 219 48.54 -17.28 37.02
CA LYS C 219 49.44 -16.17 36.78
C LYS C 219 50.40 -16.08 37.96
N PHE C 220 51.61 -15.63 37.66
CA PHE C 220 52.58 -15.38 38.72
C PHE C 220 52.29 -13.96 39.12
N SER C 221 51.48 -13.78 40.15
CA SER C 221 51.35 -12.45 40.71
C SER C 221 52.61 -12.09 41.52
N PHE C 222 52.76 -10.79 41.79
CA PHE C 222 53.90 -10.31 42.57
C PHE C 222 54.05 -11.00 43.91
N PRO C 223 53.02 -11.10 44.77
CA PRO C 223 53.19 -11.82 46.03
C PRO C 223 53.58 -13.27 45.83
N THR C 224 52.98 -13.93 44.85
CA THR C 224 53.35 -15.32 44.59
C THR C 224 54.81 -15.40 44.18
N ILE C 225 55.31 -14.41 43.44
CA ILE C 225 56.73 -14.43 43.10
C ILE C 225 57.58 -14.32 44.36
N HIS C 226 57.19 -13.45 45.29
CA HIS C 226 57.94 -13.39 46.55
C HIS C 226 57.88 -14.73 47.30
N ALA C 227 56.72 -15.38 47.31
CA ALA C 227 56.63 -16.67 47.98
C ALA C 227 57.49 -17.71 47.28
N ILE C 228 57.54 -17.67 45.95
CA ILE C 228 58.31 -18.65 45.20
C ILE C 228 59.80 -18.48 45.47
N TRP C 229 60.31 -17.25 45.39
CA TRP C 229 61.75 -17.09 45.55
C TRP C 229 62.18 -16.97 47.00
N SER C 230 61.25 -16.55 47.87
CA SER C 230 61.55 -16.38 49.29
C SER C 230 61.87 -17.71 49.94
N ARG C 231 61.19 -18.77 49.51
CA ARG C 231 61.33 -20.10 50.08
C ARG C 231 61.62 -21.09 48.96
N PRO C 232 62.84 -21.15 48.44
CA PRO C 232 63.14 -22.08 47.36
C PRO C 232 63.07 -23.52 47.74
N GLU C 233 62.66 -23.86 48.95
CA GLU C 233 62.66 -25.25 49.38
C GLU C 233 61.35 -25.97 49.07
N SER C 234 60.23 -25.30 49.25
CA SER C 234 58.93 -25.85 48.89
C SER C 234 58.52 -25.27 47.55
N THR C 235 57.74 -26.04 46.79
CA THR C 235 57.26 -25.56 45.50
C THR C 235 55.74 -25.41 45.48
N GLN C 236 55.10 -25.36 46.64
CA GLN C 236 53.66 -25.49 46.69
C GLN C 236 52.97 -24.54 45.74
N VAL C 237 53.37 -23.27 45.78
CA VAL C 237 52.69 -22.27 44.98
C VAL C 237 52.74 -22.64 43.51
N GLN C 238 53.94 -23.00 43.02
CA GLN C 238 54.05 -23.37 41.62
C GLN C 238 53.10 -24.49 41.25
N ASN C 239 52.92 -25.48 42.12
CA ASN C 239 52.05 -26.58 41.73
C ASN C 239 50.59 -26.13 41.71
N ILE C 240 50.17 -25.38 42.74
CA ILE C 240 48.82 -24.83 42.80
C ILE C 240 48.53 -24.00 41.55
N LEU C 241 49.50 -23.19 41.12
CA LEU C 241 49.34 -22.42 39.91
C LEU C 241 49.20 -23.33 38.70
N ARG C 242 49.97 -24.43 38.62
CA ARG C 242 49.79 -25.33 37.48
C ARG C 242 48.38 -25.82 37.39
N GLN C 243 47.74 -26.07 38.53
CA GLN C 243 46.43 -26.74 38.54
C GLN C 243 45.34 -25.90 37.90
N ARG C 244 45.35 -24.58 38.11
CA ARG C 244 44.26 -23.71 37.67
C ARG C 244 42.95 -24.14 38.33
N THR C 245 43.02 -24.39 39.63
CA THR C 245 41.93 -25.01 40.36
C THR C 245 40.84 -24.02 40.71
N GLU C 246 39.58 -24.44 40.59
CA GLU C 246 38.48 -23.65 41.12
C GLU C 246 38.17 -24.01 42.56
N ASN C 247 38.88 -24.97 43.13
CA ASN C 247 38.60 -25.40 44.49
C ASN C 247 38.93 -24.26 45.46
N ILE C 248 37.94 -23.92 46.29
CA ILE C 248 38.13 -22.86 47.27
C ILE C 248 39.05 -23.31 48.39
N ASP C 249 39.00 -24.59 48.77
CA ASP C 249 39.79 -25.04 49.91
C ASP C 249 41.28 -24.94 49.59
N ILE C 250 41.67 -25.36 48.38
CA ILE C 250 43.06 -25.22 47.96
C ILE C 250 43.45 -23.74 47.86
N LYS C 251 42.58 -22.91 47.29
CA LYS C 251 42.89 -21.49 47.12
C LYS C 251 43.07 -20.80 48.47
N LYS C 252 42.13 -21.03 49.39
CA LYS C 252 42.23 -20.46 50.72
C LYS C 252 43.48 -20.97 51.43
N TYR C 253 43.79 -22.26 51.25
CA TYR C 253 45.04 -22.76 51.78
C TYR C 253 46.22 -21.99 51.21
N CYS C 254 46.17 -21.71 49.91
CA CYS C 254 47.29 -21.03 49.27
C CYS C 254 47.48 -19.64 49.85
N VAL C 255 46.39 -18.91 50.08
CA VAL C 255 46.57 -17.61 50.72
C VAL C 255 47.09 -17.79 52.14
N HIS C 256 46.70 -18.87 52.81
CA HIS C 256 47.32 -19.13 54.11
C HIS C 256 48.83 -19.30 53.97
N TYR C 257 49.29 -20.05 52.97
CA TYR C 257 50.72 -20.19 52.74
C TYR C 257 51.35 -18.83 52.54
N LEU C 258 50.76 -18.01 51.66
CA LEU C 258 51.35 -16.70 51.42
C LEU C 258 51.37 -15.86 52.68
N GLU C 259 50.42 -16.07 53.58
CA GLU C 259 50.43 -15.33 54.83
C GLU C 259 51.53 -15.85 55.74
N ASP C 260 51.62 -17.17 55.90
CA ASP C 260 52.61 -17.77 56.80
C ASP C 260 54.02 -17.40 56.36
N VAL C 261 54.32 -17.58 55.07
CA VAL C 261 55.58 -17.13 54.50
C VAL C 261 55.75 -15.64 54.67
N GLY C 262 54.65 -14.88 54.61
CA GLY C 262 54.70 -13.45 54.81
C GLY C 262 54.85 -12.66 53.53
N SER C 263 54.27 -13.13 52.44
CA SER C 263 54.40 -12.42 51.18
C SER C 263 53.50 -11.18 51.14
N PHE C 264 52.36 -11.22 51.82
CA PHE C 264 51.51 -10.05 51.84
C PHE C 264 52.20 -8.87 52.51
N GLU C 265 52.86 -9.10 53.64
CA GLU C 265 53.61 -8.01 54.27
C GLU C 265 54.68 -7.48 53.32
N TYR C 266 55.30 -8.36 52.54
CA TYR C 266 56.33 -7.92 51.60
C TYR C 266 55.73 -6.98 50.56
N THR C 267 54.61 -7.39 49.97
CA THR C 267 54.00 -6.54 48.94
C THR C 267 53.49 -5.22 49.51
N ARG C 268 52.93 -5.24 50.73
CA ARG C 268 52.50 -4.00 51.35
C ARG C 268 53.67 -3.04 51.51
N ASN C 269 54.76 -3.51 52.15
CA ASN C 269 55.98 -2.73 52.26
C ASN C 269 56.39 -2.15 50.91
N THR C 270 56.49 -3.00 49.89
CA THR C 270 56.88 -2.55 48.55
C THR C 270 55.96 -1.46 48.01
N LEU C 271 54.68 -1.54 48.32
CA LEU C 271 53.72 -0.56 47.82
C LEU C 271 53.96 0.79 48.48
N LYS C 272 54.11 0.79 49.82
CA LYS C 272 54.38 2.05 50.48
C LYS C 272 55.66 2.68 49.96
N GLU C 273 56.64 1.85 49.61
CA GLU C 273 57.83 2.33 48.90
C GLU C 273 57.45 3.06 47.61
N LEU C 274 56.67 2.38 46.76
CA LEU C 274 56.27 2.96 45.48
C LEU C 274 55.52 4.28 45.64
N GLU C 275 54.52 4.30 46.53
CA GLU C 275 53.80 5.55 46.82
C GLU C 275 54.74 6.68 47.26
N ALA C 276 55.71 6.36 48.10
CA ALA C 276 56.67 7.36 48.54
C ALA C 276 57.46 7.91 47.36
N LYS C 277 57.93 7.02 46.47
CA LYS C 277 58.74 7.49 45.34
C LYS C 277 57.92 8.35 44.39
N ALA C 278 56.68 7.93 44.12
CA ALA C 278 55.76 8.78 43.37
C ALA C 278 55.73 10.17 43.96
N TYR C 279 55.57 10.27 45.28
CA TYR C 279 55.56 11.58 45.90
C TYR C 279 56.83 12.35 45.58
N LYS C 280 58.00 11.71 45.79
CA LYS C 280 59.28 12.43 45.67
C LYS C 280 59.51 12.90 44.24
N GLN C 281 59.12 12.09 43.25
CA GLN C 281 59.23 12.49 41.85
C GLN C 281 58.23 13.57 41.49
N ILE C 282 57.07 13.58 42.16
CA ILE C 282 56.08 14.59 41.87
C ILE C 282 56.50 15.92 42.47
N ASP C 283 56.95 15.89 43.72
CA ASP C 283 57.45 17.12 44.34
C ASP C 283 58.64 17.65 43.58
N ALA C 284 59.53 16.76 43.14
CA ALA C 284 60.57 17.19 42.22
C ALA C 284 60.01 17.69 40.90
N ARG C 285 58.80 17.27 40.52
CA ARG C 285 58.21 17.70 39.26
C ARG C 285 57.47 19.03 39.36
N GLY C 286 57.26 19.56 40.57
CA GLY C 286 56.55 20.80 40.78
C GLY C 286 55.23 20.68 41.53
N GLY C 287 54.85 19.48 41.96
CA GLY C 287 53.58 19.29 42.64
C GLY C 287 52.40 19.11 41.70
N ASN C 288 51.60 18.07 41.92
CA ASN C 288 50.34 17.88 41.20
C ASN C 288 49.31 17.49 42.25
N PRO C 289 48.77 18.49 42.99
CA PRO C 289 47.76 18.23 44.02
C PRO C 289 46.76 17.14 43.67
N GLU C 290 46.16 17.22 42.48
CA GLU C 290 45.16 16.22 42.09
C GLU C 290 45.79 14.83 42.00
N LEU C 291 46.99 14.72 41.43
CA LEU C 291 47.63 13.41 41.32
C LEU C 291 47.89 12.85 42.71
N VAL C 292 48.35 13.71 43.61
CA VAL C 292 48.61 13.33 44.98
C VAL C 292 47.35 12.77 45.64
N ALA C 293 46.23 13.44 45.42
CA ALA C 293 44.99 12.91 45.98
C ALA C 293 44.66 11.55 45.39
N LEU C 294 44.86 11.41 44.07
CA LEU C 294 44.57 10.13 43.44
C LEU C 294 45.36 9.01 44.09
N VAL C 295 46.68 9.18 44.23
CA VAL C 295 47.48 8.09 44.76
C VAL C 295 47.14 7.81 46.22
N LYS C 296 46.79 8.83 47.00
CA LYS C 296 46.35 8.54 48.37
C LYS C 296 45.09 7.68 48.39
N HIS C 297 44.05 8.11 47.67
CA HIS C 297 42.81 7.32 47.67
C HIS C 297 43.05 5.92 47.13
N LEU C 298 43.86 5.79 46.09
CA LEU C 298 44.11 4.47 45.53
C LEU C 298 44.87 3.59 46.52
N SER C 299 45.75 4.19 47.32
CA SER C 299 46.50 3.48 48.35
C SER C 299 45.67 3.17 49.59
N LYS C 300 44.45 3.70 49.67
CA LYS C 300 43.53 3.40 50.79
C LYS C 300 43.36 1.89 50.99
N MET C 301 43.79 1.09 50.00
CA MET C 301 43.61 -0.36 50.07
C MET C 301 44.28 -0.96 51.30
N PHE C 302 45.46 -0.46 51.68
CA PHE C 302 46.24 -1.05 52.76
C PHE C 302 46.38 -0.06 53.93
N LYS C 303 46.05 -0.55 55.13
CA LYS C 303 46.18 0.14 56.41
C LYS C 303 45.45 -0.69 57.48
N GLU D 13 67.33 -8.12 22.08
CA GLU D 13 66.13 -8.60 22.76
C GLU D 13 65.69 -9.99 22.28
N THR D 14 66.12 -11.02 23.04
CA THR D 14 65.63 -12.37 22.78
C THR D 14 64.15 -12.49 23.14
N VAL D 15 63.55 -11.45 23.71
CA VAL D 15 62.13 -11.51 24.03
C VAL D 15 61.29 -11.51 22.76
N GLN D 16 61.80 -10.92 21.68
CA GLN D 16 61.02 -10.88 20.45
C GLN D 16 60.81 -12.28 19.87
N ARG D 17 61.85 -13.12 19.89
CA ARG D 17 61.69 -14.49 19.42
C ARG D 17 60.57 -15.16 20.17
N ILE D 18 60.56 -14.99 21.49
CA ILE D 18 59.55 -15.64 22.33
C ILE D 18 58.17 -15.14 21.95
N LEU D 19 58.04 -13.83 21.72
CA LEU D 19 56.73 -13.28 21.38
C LEU D 19 56.24 -13.79 20.03
N LEU D 20 57.09 -13.75 19.00
CA LEU D 20 56.61 -14.02 17.66
C LEU D 20 56.80 -15.47 17.22
N GLU D 21 57.04 -16.39 18.15
CA GLU D 21 57.16 -17.78 17.74
C GLU D 21 55.94 -18.32 16.99
N PRO D 22 54.71 -18.04 17.41
CA PRO D 22 53.56 -18.55 16.62
C PRO D 22 53.54 -18.06 15.17
N TYR D 23 53.79 -16.78 14.96
CA TYR D 23 53.85 -16.24 13.60
C TYR D 23 54.90 -16.99 12.78
N LYS D 24 56.14 -17.03 13.28
CA LYS D 24 57.23 -17.73 12.59
C LYS D 24 56.85 -19.17 12.30
N TYR D 25 56.20 -19.81 13.27
CA TYR D 25 55.71 -21.16 13.08
C TYR D 25 54.81 -21.24 11.85
N LEU D 26 53.84 -20.34 11.75
CA LEU D 26 52.90 -20.36 10.65
C LEU D 26 53.59 -20.21 9.31
N LEU D 27 54.59 -19.33 9.27
CA LEU D 27 55.32 -19.10 8.05
C LEU D 27 56.06 -20.33 7.57
N GLN D 28 56.59 -21.11 8.51
CA GLN D 28 57.39 -22.26 8.11
C GLN D 28 56.77 -22.90 6.89
N LEU D 29 55.44 -23.01 6.91
CA LEU D 29 54.73 -23.60 5.79
C LEU D 29 54.77 -22.67 4.59
N PRO D 30 54.92 -23.29 3.35
CA PRO D 30 54.93 -22.35 2.21
C PRO D 30 53.56 -21.73 1.97
N GLY D 31 53.53 -20.48 1.52
CA GLY D 31 52.28 -19.80 1.26
C GLY D 31 51.56 -20.39 0.06
N THR D 36 49.60 -14.48 -3.83
CA THR D 36 50.78 -13.93 -3.18
C THR D 36 51.73 -13.27 -4.22
N LYS D 37 51.65 -13.72 -5.46
CA LYS D 37 52.35 -13.07 -6.57
C LYS D 37 51.51 -11.97 -7.21
N LEU D 38 50.24 -11.80 -6.79
CA LEU D 38 49.37 -10.83 -7.42
C LEU D 38 49.97 -9.42 -7.37
N SER D 39 50.59 -9.07 -6.24
CA SER D 39 51.21 -7.76 -6.13
C SER D 39 52.34 -7.60 -7.14
N GLN D 40 53.17 -8.64 -7.29
CA GLN D 40 54.22 -8.60 -8.31
C GLN D 40 53.63 -8.41 -9.69
N ALA D 41 52.48 -9.04 -9.98
CA ALA D 41 51.86 -8.80 -11.27
C ALA D 41 51.17 -7.45 -11.35
N PHE D 42 50.99 -6.76 -10.22
CA PHE D 42 50.44 -5.42 -10.27
C PHE D 42 51.54 -4.37 -10.34
N ASN D 43 52.81 -4.78 -10.22
CA ASN D 43 53.85 -3.82 -10.52
C ASN D 43 54.05 -3.66 -12.02
N HIS D 44 53.42 -4.52 -12.83
CA HIS D 44 53.53 -4.40 -14.27
C HIS D 44 52.95 -3.08 -14.74
N TRP D 45 51.80 -2.71 -14.19
CA TRP D 45 51.26 -1.38 -14.44
C TRP D 45 51.85 -0.39 -13.46
N LEU D 46 52.16 -0.85 -12.25
CA LEU D 46 52.58 0.05 -11.18
C LEU D 46 54.03 0.50 -11.34
N LYS D 47 54.92 -0.45 -11.54
CA LYS D 47 56.38 -0.25 -11.49
C LYS D 47 56.78 0.62 -10.30
N VAL D 48 56.48 0.07 -9.12
CA VAL D 48 56.85 0.64 -7.82
C VAL D 48 58.36 0.55 -7.64
N PRO D 49 59.01 1.55 -7.02
CA PRO D 49 60.45 1.43 -6.75
C PRO D 49 60.75 0.22 -5.87
N GLU D 50 61.87 -0.44 -6.20
CA GLU D 50 62.35 -1.64 -5.50
C GLU D 50 62.24 -1.53 -3.98
N ASP D 51 62.95 -0.59 -3.36
CA ASP D 51 62.94 -0.50 -1.90
C ASP D 51 61.52 -0.38 -1.35
N LYS D 52 60.67 0.39 -2.03
CA LYS D 52 59.30 0.56 -1.58
C LYS D 52 58.47 -0.66 -1.91
N LEU D 53 58.73 -1.32 -3.04
CA LEU D 53 57.96 -2.51 -3.35
C LEU D 53 58.20 -3.60 -2.32
N GLN D 54 59.47 -3.94 -2.07
CA GLN D 54 59.84 -4.98 -1.09
C GLN D 54 59.37 -4.61 0.31
N ILE D 55 59.49 -3.34 0.69
CA ILE D 55 59.00 -2.95 2.00
C ILE D 55 57.48 -3.09 2.07
N ILE D 56 56.78 -2.72 0.99
CA ILE D 56 55.32 -2.83 0.96
C ILE D 56 54.90 -4.28 1.07
N ILE D 57 55.53 -5.15 0.28
CA ILE D 57 55.20 -6.57 0.24
C ILE D 57 55.47 -7.23 1.58
N GLU D 58 56.57 -6.86 2.22
CA GLU D 58 56.81 -7.35 3.56
C GLU D 58 55.62 -7.00 4.46
N VAL D 59 55.16 -5.75 4.36
CA VAL D 59 54.06 -5.33 5.23
C VAL D 59 52.80 -6.13 4.92
N THR D 60 52.51 -6.34 3.63
CA THR D 60 51.30 -7.05 3.25
C THR D 60 51.29 -8.50 3.74
N GLU D 61 52.34 -9.26 3.39
CA GLU D 61 52.39 -10.65 3.82
C GLU D 61 52.33 -10.76 5.34
N MET D 62 53.02 -9.86 6.06
CA MET D 62 52.96 -9.82 7.51
C MET D 62 51.51 -9.74 7.99
N LEU D 63 50.80 -8.70 7.55
CA LEU D 63 49.43 -8.50 8.01
C LEU D 63 48.55 -9.69 7.64
N HIS D 64 48.74 -10.20 6.43
CA HIS D 64 47.95 -11.34 6.01
C HIS D 64 48.12 -12.51 6.96
N ASN D 65 49.37 -12.87 7.28
CA ASN D 65 49.63 -14.03 8.13
C ASN D 65 49.13 -13.83 9.55
N ALA D 66 49.26 -12.61 10.09
CA ALA D 66 48.67 -12.32 11.39
C ALA D 66 47.16 -12.61 11.38
N SER D 67 46.45 -12.04 10.40
CA SER D 67 45.02 -12.29 10.25
C SER D 67 44.74 -13.79 10.12
N LEU D 68 45.61 -14.53 9.43
CA LEU D 68 45.37 -15.97 9.30
C LEU D 68 45.44 -16.67 10.64
N LEU D 69 46.36 -16.27 11.52
CA LEU D 69 46.39 -16.87 12.85
C LEU D 69 45.12 -16.58 13.62
N ILE D 70 44.69 -15.32 13.57
CA ILE D 70 43.49 -14.96 14.31
C ILE D 70 42.29 -15.68 13.71
N ASP D 71 42.20 -15.69 12.38
CA ASP D 71 41.13 -16.39 11.67
C ASP D 71 41.09 -17.85 12.08
N ASP D 72 42.23 -18.52 12.19
CA ASP D 72 42.15 -19.92 12.55
C ASP D 72 41.67 -20.09 13.97
N ILE D 73 41.97 -19.16 14.87
CA ILE D 73 41.37 -19.28 16.21
C ILE D 73 39.87 -19.16 16.13
N GLU D 74 39.36 -18.11 15.47
CA GLU D 74 37.92 -17.84 15.49
C GLU D 74 37.14 -18.83 14.64
N ASP D 75 37.71 -19.25 13.53
CA ASP D 75 37.07 -20.27 12.75
C ASP D 75 37.13 -21.64 13.40
N ASN D 76 37.94 -21.81 14.44
CA ASN D 76 38.08 -23.09 15.11
C ASN D 76 38.60 -24.16 14.16
N SER D 77 39.63 -23.81 13.42
CA SER D 77 40.25 -24.79 12.56
C SER D 77 41.01 -25.82 13.40
N LYS D 78 41.29 -26.97 12.78
CA LYS D 78 42.21 -27.94 13.34
C LYS D 78 43.56 -27.93 12.64
N LEU D 79 43.56 -27.60 11.36
CA LEU D 79 44.76 -27.62 10.53
C LEU D 79 44.72 -26.43 9.60
N ARG D 80 45.89 -25.97 9.20
CA ARG D 80 46.00 -24.98 8.14
C ARG D 80 47.22 -25.35 7.30
N ARG D 81 46.97 -25.61 6.01
CA ARG D 81 48.01 -25.94 5.05
C ARG D 81 48.86 -27.09 5.55
N GLY D 82 48.22 -28.05 6.21
CA GLY D 82 48.93 -29.17 6.78
C GLY D 82 49.61 -29.52 8.08
N PHE D 83 49.86 -28.52 8.92
CA PHE D 83 50.49 -28.73 10.22
C PHE D 83 49.46 -28.16 11.17
N PRO D 84 49.39 -28.62 12.40
CA PRO D 84 48.31 -28.03 13.22
C PRO D 84 48.36 -26.53 13.41
N VAL D 85 47.18 -25.92 13.37
CA VAL D 85 47.00 -24.49 13.58
C VAL D 85 47.89 -24.04 14.74
N ALA D 86 48.30 -22.78 14.72
CA ALA D 86 49.27 -22.29 15.70
C ALA D 86 48.75 -22.42 17.12
N HIS D 87 47.47 -22.11 17.36
CA HIS D 87 46.99 -22.16 18.73
C HIS D 87 46.88 -23.58 19.29
N SER D 88 46.75 -24.59 18.44
CA SER D 88 46.72 -25.96 18.96
C SER D 88 48.06 -26.36 19.54
N ILE D 89 49.14 -25.66 19.20
CA ILE D 89 50.46 -25.94 19.74
C ILE D 89 50.84 -24.94 20.83
N TYR D 90 50.75 -23.65 20.52
CA TYR D 90 51.13 -22.61 21.47
C TYR D 90 49.98 -22.19 22.39
N GLY D 91 48.76 -22.61 22.11
CA GLY D 91 47.65 -22.16 22.96
C GLY D 91 47.03 -20.87 22.48
N ILE D 92 45.73 -20.74 22.69
CA ILE D 92 44.97 -19.59 22.19
C ILE D 92 45.60 -18.28 22.68
N PRO D 93 45.75 -18.05 23.99
CA PRO D 93 46.21 -16.73 24.43
C PRO D 93 47.49 -16.30 23.76
N SER D 94 48.44 -17.23 23.68
CA SER D 94 49.75 -16.96 23.12
C SER D 94 49.64 -16.49 21.68
N VAL D 95 48.79 -17.15 20.89
CA VAL D 95 48.69 -16.82 19.48
C VAL D 95 47.91 -15.54 19.28
N ILE D 96 46.91 -15.26 20.12
CA ILE D 96 46.24 -13.96 20.01
C ILE D 96 47.25 -12.85 20.25
N ASN D 97 47.95 -12.91 21.38
CA ASN D 97 48.83 -11.80 21.69
C ASN D 97 49.93 -11.64 20.65
N SER D 98 50.58 -12.73 20.24
CA SER D 98 51.55 -12.62 19.16
C SER D 98 50.95 -11.99 17.90
N ALA D 99 49.80 -12.49 17.43
CA ALA D 99 49.26 -11.98 16.16
C ALA D 99 48.93 -10.50 16.28
N ASN D 100 48.29 -10.11 17.37
CA ASN D 100 48.05 -8.69 17.61
C ASN D 100 49.37 -7.91 17.58
N TYR D 101 50.44 -8.52 18.10
CA TYR D 101 51.77 -7.93 17.99
C TYR D 101 52.20 -7.71 16.55
N VAL D 102 52.12 -8.74 15.70
CA VAL D 102 52.57 -8.58 14.31
C VAL D 102 51.79 -7.52 13.58
N TYR D 103 50.53 -7.28 13.99
CA TYR D 103 49.78 -6.14 13.43
C TYR D 103 50.53 -4.83 13.61
N PHE D 104 50.93 -4.55 14.85
CA PHE D 104 51.58 -3.27 15.11
C PHE D 104 53.01 -3.25 14.57
N LEU D 105 53.64 -4.41 14.45
CA LEU D 105 54.86 -4.47 13.66
C LEU D 105 54.59 -4.04 12.23
N GLY D 106 53.43 -4.41 11.67
CA GLY D 106 53.05 -3.96 10.33
C GLY D 106 52.87 -2.46 10.25
N LEU D 107 52.24 -1.88 11.29
CA LEU D 107 52.12 -0.42 11.37
C LEU D 107 53.48 0.24 11.38
N GLU D 108 54.40 -0.27 12.20
CA GLU D 108 55.73 0.32 12.23
C GLU D 108 56.42 0.22 10.87
N LYS D 109 56.41 -0.97 10.27
CA LYS D 109 57.08 -1.13 8.98
C LYS D 109 56.46 -0.23 7.94
N VAL D 110 55.17 0.06 8.05
CA VAL D 110 54.60 1.02 7.11
C VAL D 110 55.05 2.42 7.48
N LEU D 111 55.38 2.67 8.75
CA LEU D 111 55.95 3.98 9.08
C LEU D 111 57.31 4.19 8.44
N THR D 112 58.03 3.13 8.13
CA THR D 112 59.27 3.34 7.40
C THR D 112 59.07 3.57 5.90
N LEU D 113 57.84 3.85 5.46
CA LEU D 113 57.55 4.14 4.06
C LEU D 113 57.69 5.62 3.76
N ASP D 114 57.70 6.46 4.80
CA ASP D 114 57.91 7.91 4.75
C ASP D 114 56.82 8.67 4.03
N HIS D 115 55.62 8.12 3.92
CA HIS D 115 54.50 8.79 3.28
C HIS D 115 53.40 9.05 4.32
N GLN D 116 52.99 10.32 4.45
CA GLN D 116 51.95 10.69 5.41
C GLN D 116 50.61 10.05 5.06
N ASP D 117 50.38 9.73 3.78
CA ASP D 117 49.11 9.13 3.38
C ASP D 117 49.11 7.62 3.56
N ALA D 118 50.29 7.01 3.66
CA ALA D 118 50.36 5.56 3.80
C ALA D 118 49.69 5.11 5.08
N VAL D 119 49.94 5.80 6.20
CA VAL D 119 49.35 5.40 7.47
C VAL D 119 47.83 5.47 7.40
N LYS D 120 47.31 6.50 6.75
CA LYS D 120 45.86 6.59 6.55
C LYS D 120 45.35 5.40 5.78
N LEU D 121 46.03 5.06 4.68
CA LEU D 121 45.62 3.90 3.91
C LEU D 121 45.65 2.62 4.75
N PHE D 122 46.69 2.44 5.58
CA PHE D 122 46.79 1.27 6.43
C PHE D 122 45.59 1.19 7.37
N THR D 123 45.28 2.29 8.03
CA THR D 123 44.14 2.33 8.94
C THR D 123 42.83 1.98 8.25
N ARG D 124 42.52 2.65 7.13
CA ARG D 124 41.28 2.35 6.41
C ARG D 124 41.23 0.89 6.02
N GLN D 125 42.28 0.41 5.38
CA GLN D 125 42.29 -0.91 4.82
C GLN D 125 42.19 -2.00 5.88
N LEU D 126 42.75 -1.75 7.07
CA LEU D 126 42.57 -2.72 8.15
C LEU D 126 41.16 -2.63 8.72
N LEU D 127 40.66 -1.42 8.87
CA LEU D 127 39.30 -1.27 9.35
C LEU D 127 38.32 -2.07 8.52
N GLU D 128 38.48 -2.02 7.19
CA GLU D 128 37.64 -2.80 6.29
C GLU D 128 37.76 -4.29 6.55
N LEU D 129 39.00 -4.78 6.70
CA LEU D 129 39.20 -6.20 6.98
C LEU D 129 38.48 -6.60 8.26
N HIS D 130 38.61 -5.80 9.30
CA HIS D 130 37.97 -6.23 10.53
C HIS D 130 36.46 -6.15 10.39
N GLN D 131 35.98 -5.23 9.56
CA GLN D 131 34.54 -5.16 9.26
C GLN D 131 34.05 -6.42 8.58
N GLY D 132 34.67 -6.78 7.45
CA GLY D 132 34.27 -7.97 6.72
C GLY D 132 34.36 -9.22 7.56
N GLN D 133 35.50 -9.41 8.22
CA GLN D 133 35.64 -10.57 9.09
C GLN D 133 34.55 -10.58 10.15
N GLY D 134 34.36 -9.44 10.83
CA GLY D 134 33.36 -9.39 11.86
C GLY D 134 31.99 -9.79 11.36
N LEU D 135 31.66 -9.37 10.13
CA LEU D 135 30.39 -9.73 9.53
C LEU D 135 30.28 -11.23 9.31
N ASP D 136 31.31 -11.83 8.70
CA ASP D 136 31.31 -13.28 8.50
C ASP D 136 31.05 -14.01 9.81
N ILE D 137 31.79 -13.63 10.86
CA ILE D 137 31.59 -14.23 12.16
C ILE D 137 30.18 -14.00 12.66
N TYR D 138 29.64 -12.80 12.46
CA TYR D 138 28.31 -12.48 12.98
C TYR D 138 27.22 -13.34 12.36
N TRP D 139 27.25 -13.47 11.03
CA TRP D 139 26.25 -14.31 10.38
C TRP D 139 26.38 -15.74 10.82
N ARG D 140 27.57 -16.31 10.76
CA ARG D 140 27.64 -17.73 11.08
C ARG D 140 27.32 -17.96 12.55
N ASP D 141 27.84 -17.11 13.42
CA ASP D 141 27.75 -17.36 14.84
C ASP D 141 26.39 -17.03 15.39
N ASN D 142 25.67 -16.13 14.73
CA ASN D 142 24.31 -15.75 15.13
C ASN D 142 23.22 -16.40 14.29
N TYR D 143 23.59 -17.33 13.39
CA TYR D 143 22.66 -18.16 12.64
C TYR D 143 21.82 -17.37 11.65
N THR D 144 22.33 -16.31 11.07
CA THR D 144 21.58 -15.61 10.04
C THR D 144 22.30 -15.68 8.71
N CYS D 145 21.72 -16.40 7.77
CA CYS D 145 22.32 -16.46 6.45
C CYS D 145 22.20 -15.08 5.80
N PRO D 146 23.20 -14.67 5.03
CA PRO D 146 23.10 -13.37 4.38
C PRO D 146 22.48 -13.51 3.00
N THR D 147 22.08 -12.36 2.47
CA THR D 147 21.69 -12.36 1.07
C THR D 147 22.95 -12.49 0.21
N GLU D 148 22.78 -12.94 -1.03
CA GLU D 148 23.94 -13.09 -1.91
C GLU D 148 24.69 -11.78 -2.03
N GLU D 149 23.97 -10.66 -2.06
CA GLU D 149 24.64 -9.37 -2.11
C GLU D 149 25.38 -9.05 -0.81
N GLU D 150 24.77 -9.32 0.35
CA GLU D 150 25.44 -9.07 1.62
C GLU D 150 26.74 -9.82 1.69
N TYR D 151 26.73 -11.06 1.21
CA TYR D 151 27.96 -11.85 1.19
C TYR D 151 28.98 -11.18 0.31
N LYS D 152 28.62 -10.89 -0.95
CA LYS D 152 29.60 -10.28 -1.85
C LYS D 152 30.23 -9.03 -1.24
N ALA D 153 29.41 -8.12 -0.69
CA ALA D 153 29.97 -6.95 -0.02
C ALA D 153 30.95 -7.36 1.07
N MET D 154 30.57 -8.34 1.88
CA MET D 154 31.49 -8.77 2.94
C MET D 154 32.79 -9.27 2.36
N VAL D 155 32.73 -10.18 1.38
CA VAL D 155 33.96 -10.70 0.79
C VAL D 155 34.82 -9.56 0.31
N LEU D 156 34.21 -8.55 -0.32
CA LEU D 156 35.01 -7.41 -0.73
C LEU D 156 35.73 -6.79 0.47
N GLN D 157 35.10 -6.80 1.65
CA GLN D 157 35.84 -6.27 2.80
C GLN D 157 36.88 -7.26 3.32
N LYS D 158 36.49 -8.52 3.50
CA LYS D 158 37.30 -9.53 4.15
C LYS D 158 38.50 -9.89 3.30
N THR D 159 38.26 -10.33 2.08
CA THR D 159 39.37 -10.63 1.18
C THR D 159 39.87 -9.41 0.42
N GLY D 160 39.00 -8.41 0.19
CA GLY D 160 39.43 -7.22 -0.54
C GLY D 160 40.39 -6.37 0.25
N GLY D 161 40.29 -6.38 1.58
CA GLY D 161 41.11 -5.53 2.43
C GLY D 161 42.59 -5.62 2.17
N LEU D 162 43.12 -6.84 2.27
CA LEU D 162 44.55 -7.04 2.09
C LEU D 162 45.00 -6.62 0.69
N PHE D 163 44.28 -7.06 -0.35
CA PHE D 163 44.61 -6.63 -1.71
C PHE D 163 44.69 -5.11 -1.78
N GLY D 164 43.73 -4.44 -1.14
CA GLY D 164 43.74 -2.99 -1.17
C GLY D 164 44.96 -2.41 -0.50
N LEU D 165 45.43 -3.02 0.58
CA LEU D 165 46.66 -2.52 1.17
C LEU D 165 47.82 -2.69 0.22
N ALA D 166 47.93 -3.85 -0.44
CA ALA D 166 49.04 -4.07 -1.37
C ALA D 166 48.99 -3.06 -2.52
N VAL D 167 47.94 -3.14 -3.34
CA VAL D 167 47.88 -2.31 -4.55
C VAL D 167 47.72 -0.84 -4.18
N GLY D 168 47.02 -0.58 -3.09
CA GLY D 168 46.84 0.79 -2.66
C GLY D 168 48.14 1.43 -2.24
N LEU D 169 48.96 0.71 -1.45
CA LEU D 169 50.26 1.23 -1.06
C LEU D 169 51.22 1.38 -2.24
N MET D 170 51.27 0.41 -3.14
CA MET D 170 52.12 0.53 -4.31
C MET D 170 51.69 1.67 -5.22
N GLN D 171 50.39 1.95 -5.31
CA GLN D 171 49.93 2.93 -6.29
C GLN D 171 50.46 4.33 -6.01
N LEU D 172 50.63 4.71 -4.74
CA LEU D 172 51.15 6.05 -4.49
C LEU D 172 52.58 6.22 -4.99
N PHE D 173 53.34 5.13 -5.14
CA PHE D 173 54.74 5.18 -5.58
C PHE D 173 54.86 4.87 -7.07
N SER D 174 53.73 4.87 -7.79
CA SER D 174 53.71 4.55 -9.20
C SER D 174 53.26 5.76 -10.00
N ASP D 175 53.87 5.92 -11.18
CA ASP D 175 53.37 6.98 -12.06
C ASP D 175 52.01 6.65 -12.64
N TYR D 176 51.55 5.41 -12.49
CA TYR D 176 50.22 5.05 -12.98
C TYR D 176 49.17 5.74 -12.13
N LYS D 177 47.99 5.90 -12.71
CA LYS D 177 46.88 6.57 -12.05
C LYS D 177 45.53 6.01 -12.49
N GLU D 178 45.48 5.26 -13.60
CA GLU D 178 44.22 4.66 -14.01
C GLU D 178 43.73 3.72 -12.92
N ASP D 179 42.49 3.92 -12.50
CA ASP D 179 41.96 3.23 -11.33
C ASP D 179 41.69 1.76 -11.65
N LEU D 180 42.15 0.88 -10.77
CA LEU D 180 41.95 -0.55 -10.93
C LEU D 180 41.15 -1.14 -9.78
N LYS D 181 40.64 -0.31 -8.87
CA LYS D 181 39.73 -0.78 -7.84
C LYS D 181 38.64 -1.68 -8.38
N PRO D 182 38.06 -1.43 -9.57
CA PRO D 182 37.17 -2.43 -10.19
C PRO D 182 37.81 -3.81 -10.25
N LEU D 183 38.99 -3.85 -10.88
CA LEU D 183 39.71 -5.11 -10.96
C LEU D 183 39.93 -5.71 -9.58
N LEU D 184 40.20 -4.87 -8.59
CA LEU D 184 40.43 -5.42 -7.25
C LEU D 184 39.18 -6.11 -6.73
N ASN D 185 38.03 -5.44 -6.84
CA ASN D 185 36.75 -6.04 -6.47
C ASN D 185 36.59 -7.40 -7.13
N THR D 186 36.52 -7.42 -8.46
CA THR D 186 36.38 -8.66 -9.20
C THR D 186 37.40 -9.72 -8.75
N LEU D 187 38.65 -9.30 -8.49
CA LEU D 187 39.67 -10.26 -8.10
C LEU D 187 39.37 -10.87 -6.74
N GLY D 188 39.10 -10.04 -5.73
CA GLY D 188 38.82 -10.59 -4.41
C GLY D 188 37.62 -11.50 -4.41
N LEU D 189 36.61 -11.20 -5.25
CA LEU D 189 35.47 -12.09 -5.31
C LEU D 189 35.88 -13.41 -5.93
N PHE D 190 36.62 -13.34 -7.03
CA PHE D 190 37.06 -14.55 -7.71
C PHE D 190 37.86 -15.43 -6.78
N PHE D 191 38.60 -14.81 -5.87
CA PHE D 191 39.42 -15.57 -4.94
C PHE D 191 38.57 -16.26 -3.88
N GLN D 192 37.78 -15.48 -3.15
CA GLN D 192 36.99 -16.07 -2.07
C GLN D 192 36.04 -17.13 -2.56
N ILE D 193 35.40 -16.89 -3.70
CA ILE D 193 34.47 -17.87 -4.25
C ILE D 193 35.23 -19.12 -4.68
N ARG D 194 36.44 -18.96 -5.23
CA ARG D 194 37.25 -20.14 -5.51
C ARG D 194 37.49 -20.95 -4.24
N TYR D 195 37.85 -20.28 -3.15
CA TYR D 195 38.14 -20.99 -1.91
C TYR D 195 36.92 -21.75 -1.41
N ASP D 196 35.75 -21.10 -1.41
CA ASP D 196 34.53 -21.72 -0.91
C ASP D 196 34.12 -22.91 -1.75
N TYR D 197 34.01 -22.71 -3.07
CA TYR D 197 33.63 -23.80 -3.96
C TYR D 197 34.59 -24.96 -3.83
N ALA D 198 35.89 -24.66 -3.80
CA ALA D 198 36.89 -25.72 -3.70
C ALA D 198 36.80 -26.45 -2.38
N ASN D 199 36.38 -25.72 -1.35
CA ASN D 199 36.20 -26.31 -0.05
C ASN D 199 35.06 -27.33 0.04
N LEU D 200 33.96 -27.10 -0.68
CA LEU D 200 32.83 -28.00 -0.50
C LEU D 200 32.76 -29.10 -1.53
N HIS D 201 33.57 -29.05 -2.59
CA HIS D 201 33.37 -29.93 -3.72
C HIS D 201 34.51 -30.94 -3.92
N SER D 202 35.39 -31.11 -2.93
CA SER D 202 36.56 -31.95 -3.13
C SER D 202 36.46 -33.23 -2.27
N LYS D 203 36.09 -34.34 -2.93
CA LYS D 203 36.08 -35.71 -2.39
C LYS D 203 35.88 -35.87 -0.87
N SER D 210 38.74 -32.80 7.02
CA SER D 210 39.60 -33.02 5.85
C SER D 210 38.78 -32.87 4.57
N PHE D 211 37.46 -33.04 4.76
CA PHE D 211 36.44 -32.81 3.75
C PHE D 211 35.45 -31.80 4.31
N CYS D 212 35.00 -30.89 3.45
CA CYS D 212 34.02 -29.87 3.82
C CYS D 212 34.30 -29.22 5.16
N GLU D 213 35.55 -28.88 5.39
CA GLU D 213 35.93 -28.24 6.64
C GLU D 213 35.04 -27.04 6.90
N ASP D 214 34.55 -26.38 5.84
CA ASP D 214 33.71 -25.20 5.99
C ASP D 214 32.39 -25.53 6.69
N LEU D 215 31.77 -26.66 6.34
CA LEU D 215 30.54 -27.06 7.02
C LEU D 215 30.79 -27.29 8.49
N THR D 216 31.91 -27.94 8.85
CA THR D 216 32.22 -28.13 10.26
C THR D 216 32.46 -26.78 10.94
N GLU D 217 32.96 -25.79 10.20
CA GLU D 217 33.01 -24.46 10.77
C GLU D 217 31.60 -23.93 11.02
N GLY D 218 30.65 -24.27 10.14
CA GLY D 218 29.30 -23.70 10.12
C GLY D 218 29.14 -22.37 9.39
N LYS D 219 30.13 -21.96 8.61
CA LYS D 219 30.11 -20.68 7.93
C LYS D 219 29.22 -20.73 6.69
N PHE D 220 28.67 -19.58 6.32
CA PHE D 220 27.88 -19.48 5.11
C PHE D 220 28.85 -19.18 3.98
N SER D 221 29.29 -20.23 3.30
CA SER D 221 30.00 -20.06 2.05
C SER D 221 29.02 -19.73 0.94
N PHE D 222 29.56 -19.35 -0.21
CA PHE D 222 28.73 -19.02 -1.36
C PHE D 222 27.78 -20.14 -1.76
N PRO D 223 28.21 -21.39 -1.99
CA PRO D 223 27.24 -22.43 -2.37
C PRO D 223 26.17 -22.64 -1.31
N THR D 224 26.58 -22.65 -0.06
CA THR D 224 25.60 -22.82 1.00
C THR D 224 24.56 -21.72 0.96
N ILE D 225 24.98 -20.49 0.63
CA ILE D 225 24.04 -19.38 0.52
C ILE D 225 23.08 -19.58 -0.64
N HIS D 226 23.62 -19.90 -1.83
CA HIS D 226 22.72 -20.04 -2.98
C HIS D 226 21.67 -21.09 -2.73
N ALA D 227 22.06 -22.21 -2.12
CA ALA D 227 21.03 -23.19 -1.80
C ALA D 227 20.04 -22.65 -0.79
N ILE D 228 20.48 -21.81 0.16
CA ILE D 228 19.56 -21.32 1.19
C ILE D 228 18.47 -20.47 0.54
N TRP D 229 18.85 -19.59 -0.38
CA TRP D 229 17.88 -18.69 -0.98
C TRP D 229 17.12 -19.33 -2.15
N SER D 230 17.72 -20.31 -2.84
CA SER D 230 17.07 -20.92 -3.99
C SER D 230 15.82 -21.68 -3.61
N ARG D 231 15.78 -22.33 -2.45
CA ARG D 231 14.62 -23.09 -2.01
C ARG D 231 14.28 -22.64 -0.61
N PRO D 232 13.66 -21.51 -0.47
CA PRO D 232 13.33 -21.01 0.89
C PRO D 232 12.35 -21.93 1.59
N GLU D 233 11.96 -22.99 0.90
CA GLU D 233 11.03 -23.95 1.48
C GLU D 233 11.73 -24.80 2.54
N SER D 234 12.91 -25.33 2.22
CA SER D 234 13.56 -26.25 3.14
C SER D 234 14.56 -25.52 4.05
N THR D 235 14.84 -26.15 5.19
CA THR D 235 15.73 -25.59 6.19
C THR D 235 16.90 -26.52 6.49
N GLN D 236 17.24 -27.42 5.59
CA GLN D 236 18.21 -28.42 5.97
C GLN D 236 19.55 -27.77 6.27
N VAL D 237 20.18 -27.18 5.26
CA VAL D 237 21.52 -26.66 5.45
C VAL D 237 21.57 -25.73 6.65
N GLN D 238 20.55 -24.94 6.90
CA GLN D 238 20.55 -24.15 8.12
C GLN D 238 20.77 -25.02 9.37
N ASN D 239 20.10 -26.18 9.44
CA ASN D 239 20.24 -27.03 10.61
C ASN D 239 21.57 -27.77 10.61
N ILE D 240 21.99 -28.28 9.44
CA ILE D 240 23.28 -28.94 9.32
C ILE D 240 24.42 -28.02 9.70
N LEU D 241 24.36 -26.76 9.26
CA LEU D 241 25.37 -25.77 9.64
C LEU D 241 25.34 -25.51 11.13
N ARG D 242 24.14 -25.31 11.69
CA ARG D 242 24.00 -25.08 13.12
C ARG D 242 24.66 -26.19 13.94
N GLN D 243 24.66 -27.42 13.43
CA GLN D 243 25.26 -28.51 14.19
C GLN D 243 26.77 -28.33 14.37
N ARG D 244 27.46 -27.83 13.34
CA ARG D 244 28.93 -27.77 13.30
C ARG D 244 29.56 -29.16 13.34
N THR D 245 29.01 -30.07 12.54
CA THR D 245 29.30 -31.50 12.69
C THR D 245 30.59 -31.98 12.01
N GLU D 246 31.31 -32.88 12.69
CA GLU D 246 32.33 -33.65 12.02
C GLU D 246 31.83 -35.00 11.52
N ASN D 247 30.56 -35.33 11.78
CA ASN D 247 30.03 -36.64 11.38
C ASN D 247 30.12 -36.72 9.87
N ILE D 248 30.81 -37.73 9.38
CA ILE D 248 31.11 -37.75 7.96
C ILE D 248 29.85 -37.88 7.14
N ASP D 249 28.89 -38.70 7.62
CA ASP D 249 27.72 -39.02 6.82
C ASP D 249 26.83 -37.79 6.59
N ILE D 250 26.57 -37.03 7.64
CA ILE D 250 25.75 -35.84 7.48
C ILE D 250 26.38 -34.90 6.48
N LYS D 251 27.70 -34.70 6.58
CA LYS D 251 28.38 -33.79 5.68
C LYS D 251 28.27 -34.26 4.23
N LYS D 252 28.54 -35.56 4.00
CA LYS D 252 28.47 -36.07 2.64
C LYS D 252 27.07 -35.85 2.07
N TYR D 253 26.05 -36.10 2.90
CA TYR D 253 24.70 -35.79 2.46
C TYR D 253 24.61 -34.32 2.08
N CYS D 254 25.22 -33.45 2.86
CA CYS D 254 25.13 -32.02 2.58
C CYS D 254 25.74 -31.65 1.23
N VAL D 255 26.87 -32.26 0.86
CA VAL D 255 27.36 -31.95 -0.48
C VAL D 255 26.38 -32.46 -1.51
N HIS D 256 25.78 -33.63 -1.26
CA HIS D 256 24.79 -34.17 -2.19
C HIS D 256 23.63 -33.20 -2.37
N TYR D 257 23.15 -32.68 -1.25
CA TYR D 257 22.06 -31.72 -1.29
C TYR D 257 22.46 -30.51 -2.11
N LEU D 258 23.61 -29.91 -1.80
CA LEU D 258 23.98 -28.70 -2.51
C LEU D 258 24.10 -28.95 -4.00
N GLU D 259 24.55 -30.14 -4.40
CA GLU D 259 24.64 -30.41 -5.83
C GLU D 259 23.25 -30.57 -6.45
N ASP D 260 22.31 -31.17 -5.71
CA ASP D 260 21.00 -31.44 -6.29
C ASP D 260 20.23 -30.16 -6.53
N VAL D 261 20.32 -29.19 -5.61
CA VAL D 261 19.70 -27.89 -5.82
C VAL D 261 20.48 -27.06 -6.85
N GLY D 262 21.59 -27.59 -7.34
CA GLY D 262 22.32 -26.92 -8.39
C GLY D 262 23.15 -25.76 -7.89
N SER D 263 23.54 -25.78 -6.62
CA SER D 263 24.29 -24.67 -6.07
C SER D 263 25.73 -24.66 -6.57
N PHE D 264 26.41 -25.81 -6.58
CA PHE D 264 27.73 -25.88 -7.17
C PHE D 264 27.71 -25.35 -8.60
N GLU D 265 26.73 -25.79 -9.38
CA GLU D 265 26.59 -25.28 -10.75
C GLU D 265 26.47 -23.77 -10.76
N TYR D 266 25.70 -23.21 -9.84
CA TYR D 266 25.51 -21.77 -9.81
C TYR D 266 26.82 -21.05 -9.52
N THR D 267 27.56 -21.54 -8.51
CA THR D 267 28.82 -20.89 -8.18
C THR D 267 29.82 -21.02 -9.31
N ARG D 268 29.82 -22.17 -9.99
CA ARG D 268 30.70 -22.32 -11.14
C ARG D 268 30.38 -21.28 -12.20
N ASN D 269 29.09 -21.19 -12.59
CA ASN D 269 28.61 -20.14 -13.49
C ASN D 269 29.09 -18.75 -13.08
N THR D 270 28.82 -18.37 -11.82
CA THR D 270 29.25 -17.08 -11.30
C THR D 270 30.75 -16.90 -11.44
N LEU D 271 31.50 -17.99 -11.32
CA LEU D 271 32.95 -17.92 -11.42
C LEU D 271 33.40 -17.70 -12.85
N LYS D 272 32.78 -18.38 -13.82
CA LYS D 272 33.15 -18.12 -15.21
C LYS D 272 32.83 -16.68 -15.60
N GLU D 273 31.74 -16.15 -15.05
CA GLU D 273 31.43 -14.73 -15.20
C GLU D 273 32.58 -13.88 -14.69
N LEU D 274 32.96 -14.09 -13.44
CA LEU D 274 34.00 -13.28 -12.83
C LEU D 274 35.31 -13.34 -13.59
N GLU D 275 35.79 -14.54 -13.93
CA GLU D 275 37.02 -14.63 -14.72
C GLU D 275 36.89 -13.82 -16.00
N ALA D 276 35.72 -13.85 -16.63
CA ALA D 276 35.53 -13.04 -17.83
C ALA D 276 35.73 -11.57 -17.52
N LYS D 277 35.18 -11.12 -16.39
CA LYS D 277 35.33 -9.71 -16.08
C LYS D 277 36.78 -9.36 -15.80
N ALA D 278 37.54 -10.29 -15.21
CA ALA D 278 38.98 -10.12 -15.12
C ALA D 278 39.57 -9.82 -16.48
N TYR D 279 39.31 -10.73 -17.43
CA TYR D 279 39.88 -10.61 -18.77
C TYR D 279 39.57 -9.26 -19.39
N LYS D 280 38.33 -8.76 -19.23
CA LYS D 280 38.01 -7.47 -19.84
C LYS D 280 38.64 -6.31 -19.08
N GLN D 281 38.46 -6.31 -17.76
CA GLN D 281 38.90 -5.18 -16.95
C GLN D 281 40.39 -4.94 -17.09
N ILE D 282 41.19 -6.00 -17.05
CA ILE D 282 42.64 -5.81 -17.15
C ILE D 282 43.08 -5.55 -18.58
N ASP D 283 42.22 -5.82 -19.56
CA ASP D 283 42.47 -5.31 -20.91
C ASP D 283 42.34 -3.79 -20.94
N ALA D 284 41.28 -3.25 -20.34
CA ALA D 284 41.15 -1.81 -20.25
C ALA D 284 42.21 -1.18 -19.36
N ARG D 285 42.80 -1.93 -18.44
CA ARG D 285 43.83 -1.43 -17.54
C ARG D 285 45.20 -1.29 -18.21
N GLY D 286 45.27 -1.31 -19.54
CA GLY D 286 46.54 -1.26 -20.22
C GLY D 286 47.14 -2.60 -20.56
N GLY D 287 46.36 -3.68 -20.46
CA GLY D 287 46.84 -5.01 -20.80
C GLY D 287 47.82 -5.56 -19.77
N ASN D 288 47.82 -6.88 -19.63
CA ASN D 288 48.74 -7.58 -18.71
C ASN D 288 49.14 -8.98 -19.18
N PRO D 289 50.40 -9.35 -19.00
CA PRO D 289 50.86 -10.69 -19.42
C PRO D 289 50.95 -11.73 -18.28
N GLU D 290 51.36 -11.25 -17.10
CA GLU D 290 51.52 -12.04 -15.89
C GLU D 290 50.22 -12.32 -15.14
N LEU D 291 49.36 -11.32 -15.06
CA LEU D 291 48.10 -11.50 -14.33
C LEU D 291 47.16 -12.42 -15.10
N VAL D 292 47.05 -12.27 -16.42
CA VAL D 292 46.16 -13.15 -17.18
C VAL D 292 46.57 -14.61 -17.01
N ALA D 293 47.88 -14.88 -17.05
CA ALA D 293 48.33 -16.25 -16.83
C ALA D 293 47.97 -16.71 -15.43
N LEU D 294 48.15 -15.84 -14.45
CA LEU D 294 47.81 -16.19 -13.08
C LEU D 294 46.35 -16.61 -13.00
N VAL D 295 45.45 -15.75 -13.50
CA VAL D 295 44.01 -16.05 -13.40
C VAL D 295 43.64 -17.26 -14.25
N LYS D 296 44.31 -17.47 -15.38
CA LYS D 296 44.06 -18.67 -16.16
C LYS D 296 44.33 -19.90 -15.32
N HIS D 297 45.49 -19.92 -14.66
CA HIS D 297 45.83 -21.03 -13.76
C HIS D 297 44.79 -21.16 -12.65
N LEU D 298 44.42 -20.03 -12.04
CA LEU D 298 43.48 -20.08 -10.91
C LEU D 298 42.11 -20.56 -11.35
N SER D 299 41.74 -20.35 -12.60
CA SER D 299 40.45 -20.82 -13.06
C SER D 299 40.41 -22.33 -13.24
N LYS D 300 41.56 -23.01 -13.18
CA LYS D 300 41.59 -24.46 -13.32
C LYS D 300 40.73 -25.18 -12.30
N MET D 301 40.39 -24.54 -11.17
CA MET D 301 39.63 -25.18 -10.10
C MET D 301 38.27 -25.65 -10.58
N PHE D 302 37.40 -24.71 -10.94
CA PHE D 302 36.13 -25.05 -11.54
C PHE D 302 36.36 -25.41 -13.02
N GLN E 12 -41.22 25.94 -26.14
CA GLN E 12 -39.80 25.77 -25.81
C GLN E 12 -38.97 26.98 -26.24
N GLU E 13 -39.53 28.18 -26.06
CA GLU E 13 -38.76 29.42 -26.26
C GLU E 13 -38.06 29.85 -24.96
N THR E 14 -37.73 28.88 -24.11
CA THR E 14 -36.91 29.09 -22.93
C THR E 14 -35.48 29.46 -23.30
N VAL E 15 -35.15 29.41 -24.59
CA VAL E 15 -33.81 29.81 -24.97
C VAL E 15 -33.68 31.30 -24.74
N GLN E 16 -34.79 32.04 -24.71
CA GLN E 16 -34.69 33.46 -24.41
C GLN E 16 -34.24 33.68 -22.98
N ARG E 17 -34.90 33.00 -22.04
CA ARG E 17 -34.48 33.07 -20.63
C ARG E 17 -33.01 32.68 -20.52
N ILE E 18 -32.62 31.61 -21.22
CA ILE E 18 -31.24 31.17 -21.18
C ILE E 18 -30.33 32.28 -21.66
N LEU E 19 -30.72 32.97 -22.72
CA LEU E 19 -29.86 34.00 -23.29
C LEU E 19 -29.74 35.20 -22.38
N LEU E 20 -30.82 35.62 -21.74
CA LEU E 20 -30.79 36.88 -21.01
C LEU E 20 -30.48 36.73 -19.54
N GLU E 21 -30.18 35.54 -19.06
CA GLU E 21 -29.97 35.43 -17.60
C GLU E 21 -28.87 36.33 -17.06
N PRO E 22 -27.68 36.42 -17.66
CA PRO E 22 -26.65 37.32 -17.08
C PRO E 22 -27.17 38.74 -16.92
N TYR E 23 -27.91 39.21 -17.91
CA TYR E 23 -28.47 40.54 -17.89
C TYR E 23 -29.41 40.72 -16.69
N LYS E 24 -30.39 39.83 -16.56
CA LYS E 24 -31.32 39.88 -15.43
C LYS E 24 -30.61 39.78 -14.08
N TYR E 25 -29.61 38.90 -14.01
CA TYR E 25 -28.80 38.78 -12.81
C TYR E 25 -28.27 40.14 -12.40
N LEU E 26 -27.71 40.89 -13.36
CA LEU E 26 -27.27 42.24 -13.04
C LEU E 26 -28.43 43.10 -12.60
N LEU E 27 -29.63 42.86 -13.14
CA LEU E 27 -30.76 43.70 -12.77
C LEU E 27 -31.12 43.54 -11.30
N GLN E 28 -30.81 42.39 -10.68
CA GLN E 28 -31.11 42.24 -9.25
C GLN E 28 -30.50 43.39 -8.44
N LEU E 29 -29.21 43.70 -8.67
CA LEU E 29 -28.52 44.86 -8.10
C LEU E 29 -28.73 45.12 -6.59
N ALA E 41 -29.63 53.15 -9.08
CA ALA E 41 -30.43 53.49 -10.25
C ALA E 41 -30.64 55.01 -10.31
N PHE E 42 -30.32 55.61 -11.46
CA PHE E 42 -30.52 57.06 -11.67
C PHE E 42 -31.27 57.31 -12.98
N ASN E 43 -32.56 57.60 -12.84
CA ASN E 43 -33.40 58.02 -13.96
C ASN E 43 -33.70 59.51 -13.78
N HIS E 44 -32.81 60.34 -14.29
CA HIS E 44 -33.04 61.78 -14.28
C HIS E 44 -34.28 62.08 -15.12
N TRP E 45 -35.20 62.87 -14.57
CA TRP E 45 -36.39 63.30 -15.31
C TRP E 45 -36.09 64.57 -16.10
N LEU E 46 -36.92 64.83 -17.10
CA LEU E 46 -36.64 65.89 -18.04
C LEU E 46 -37.92 66.58 -18.48
N LYS E 47 -37.80 67.87 -18.73
CA LYS E 47 -38.94 68.74 -19.05
C LYS E 47 -39.60 68.31 -20.36
N VAL E 48 -40.88 68.66 -20.48
CA VAL E 48 -41.74 68.35 -21.62
C VAL E 48 -41.69 66.87 -21.99
N PRO E 49 -41.78 65.95 -21.03
CA PRO E 49 -41.75 64.51 -21.37
C PRO E 49 -42.95 64.11 -22.23
N GLU E 50 -42.68 63.22 -23.19
CA GLU E 50 -43.74 62.69 -24.03
C GLU E 50 -44.38 61.46 -23.38
N ASP E 51 -45.58 61.12 -23.85
CA ASP E 51 -46.33 59.99 -23.31
C ASP E 51 -45.59 58.65 -23.47
N LYS E 52 -45.01 58.47 -24.65
CA LYS E 52 -44.36 57.22 -25.08
C LYS E 52 -42.91 57.00 -24.71
N LEU E 53 -42.45 57.83 -23.78
CA LEU E 53 -41.08 57.88 -23.28
C LEU E 53 -40.65 56.66 -22.50
N GLN E 54 -41.58 55.76 -22.22
CA GLN E 54 -41.24 54.57 -21.45
C GLN E 54 -40.15 53.87 -22.22
N ILE E 55 -40.28 53.87 -23.53
CA ILE E 55 -39.24 53.25 -24.36
C ILE E 55 -37.89 53.91 -24.13
N ILE E 56 -37.84 55.22 -23.99
CA ILE E 56 -36.55 55.87 -23.72
C ILE E 56 -35.99 55.39 -22.39
N ILE E 57 -36.84 55.32 -21.36
CA ILE E 57 -36.40 54.87 -20.04
C ILE E 57 -35.99 53.39 -20.08
N GLU E 58 -36.81 52.55 -20.70
CA GLU E 58 -36.47 51.13 -20.85
C GLU E 58 -35.28 50.90 -21.76
N VAL E 59 -35.24 51.56 -22.92
CA VAL E 59 -34.19 51.35 -23.91
C VAL E 59 -32.86 51.83 -23.35
N THR E 60 -32.87 52.95 -22.65
CA THR E 60 -31.67 53.40 -21.97
C THR E 60 -31.28 52.41 -20.88
N GLU E 61 -32.26 51.88 -20.13
CA GLU E 61 -31.93 50.89 -19.10
C GLU E 61 -31.22 49.69 -19.71
N MET E 62 -31.79 49.12 -20.78
CA MET E 62 -31.13 48.01 -21.46
C MET E 62 -29.73 48.41 -21.89
N LEU E 63 -29.63 49.48 -22.64
CA LEU E 63 -28.35 49.84 -23.22
C LEU E 63 -27.30 50.03 -22.13
N HIS E 64 -27.69 50.68 -21.03
CA HIS E 64 -26.78 50.88 -19.92
C HIS E 64 -26.31 49.55 -19.32
N ASN E 65 -27.26 48.65 -19.00
CA ASN E 65 -26.89 47.41 -18.32
C ASN E 65 -26.01 46.52 -19.18
N ALA E 66 -26.30 46.44 -20.49
CA ALA E 66 -25.42 45.75 -21.43
C ALA E 66 -24.03 46.36 -21.44
N SER E 67 -23.96 47.69 -21.58
CA SER E 67 -22.68 48.37 -21.53
C SER E 67 -21.94 48.05 -20.24
N LEU E 68 -22.66 47.91 -19.14
CA LEU E 68 -22.04 47.56 -17.87
C LEU E 68 -21.50 46.15 -17.87
N LEU E 69 -22.22 45.19 -18.46
CA LEU E 69 -21.73 43.82 -18.52
C LEU E 69 -20.42 43.75 -19.27
N ILE E 70 -20.37 44.39 -20.43
CA ILE E 70 -19.14 44.39 -21.19
C ILE E 70 -18.06 45.15 -20.44
N ASP E 71 -18.40 46.30 -19.86
CA ASP E 71 -17.42 47.06 -19.09
C ASP E 71 -16.83 46.20 -17.98
N ASP E 72 -17.63 45.39 -17.31
CA ASP E 72 -17.05 44.60 -16.25
C ASP E 72 -16.12 43.54 -16.82
N ILE E 73 -16.37 43.07 -18.05
CA ILE E 73 -15.36 42.23 -18.69
C ILE E 73 -14.10 43.04 -18.99
N GLU E 74 -14.26 44.22 -19.60
CA GLU E 74 -13.11 45.00 -20.07
C GLU E 74 -12.30 45.56 -18.90
N ASP E 75 -12.97 46.07 -17.88
CA ASP E 75 -12.33 46.58 -16.67
C ASP E 75 -11.81 45.47 -15.77
N ASN E 76 -12.17 44.22 -16.01
CA ASN E 76 -11.74 43.11 -15.16
C ASN E 76 -12.15 43.33 -13.71
N SER E 77 -13.37 43.80 -13.50
CA SER E 77 -13.82 43.98 -12.14
C SER E 77 -14.17 42.64 -11.48
N LYS E 78 -14.11 42.62 -10.16
CA LYS E 78 -14.48 41.43 -9.39
C LYS E 78 -15.86 41.51 -8.78
N LEU E 79 -16.34 42.72 -8.55
CA LEU E 79 -17.60 42.96 -7.87
C LEU E 79 -18.29 44.12 -8.56
N ARG E 80 -19.63 44.11 -8.52
CA ARG E 80 -20.44 45.24 -8.98
C ARG E 80 -21.66 45.37 -8.08
N ARG E 81 -21.84 46.57 -7.52
CA ARG E 81 -22.97 46.83 -6.63
C ARG E 81 -22.98 45.88 -5.45
N GLY E 82 -21.79 45.47 -5.01
CA GLY E 82 -21.69 44.60 -3.85
C GLY E 82 -21.94 43.14 -4.11
N PHE E 83 -22.18 42.77 -5.36
CA PHE E 83 -22.53 41.44 -5.82
C PHE E 83 -21.48 40.99 -6.81
N PRO E 84 -21.20 39.69 -6.91
CA PRO E 84 -20.24 39.24 -7.90
C PRO E 84 -20.60 39.78 -9.28
N VAL E 85 -19.57 40.01 -10.09
CA VAL E 85 -19.81 40.41 -11.46
C VAL E 85 -20.44 39.25 -12.24
N ALA E 86 -21.11 39.58 -13.32
CA ALA E 86 -21.82 38.57 -14.07
C ALA E 86 -20.88 37.48 -14.56
N HIS E 87 -19.74 37.87 -15.12
CA HIS E 87 -18.85 36.86 -15.68
C HIS E 87 -18.23 35.98 -14.63
N SER E 88 -18.15 36.44 -13.38
CA SER E 88 -17.62 35.57 -12.35
C SER E 88 -18.55 34.38 -12.10
N ILE E 89 -19.83 34.49 -12.49
CA ILE E 89 -20.82 33.43 -12.31
C ILE E 89 -21.09 32.65 -13.59
N TYR E 90 -21.48 33.37 -14.63
CA TYR E 90 -21.93 32.70 -15.84
C TYR E 90 -20.82 32.38 -16.83
N GLY E 91 -19.62 32.91 -16.62
CA GLY E 91 -18.48 32.68 -17.49
C GLY E 91 -18.42 33.69 -18.61
N ILE E 92 -17.22 34.10 -19.02
CA ILE E 92 -17.07 35.21 -19.96
C ILE E 92 -17.94 34.99 -21.18
N PRO E 93 -17.80 33.89 -21.93
CA PRO E 93 -18.54 33.82 -23.21
C PRO E 93 -20.03 34.08 -23.07
N SER E 94 -20.67 33.48 -22.07
CA SER E 94 -22.10 33.64 -21.91
C SER E 94 -22.47 35.08 -21.68
N VAL E 95 -21.67 35.79 -20.88
CA VAL E 95 -22.06 37.14 -20.53
C VAL E 95 -21.79 38.07 -21.71
N ILE E 96 -20.73 37.80 -22.46
CA ILE E 96 -20.47 38.59 -23.66
C ILE E 96 -21.64 38.45 -24.63
N ASN E 97 -21.96 37.21 -25.00
CA ASN E 97 -23.00 37.04 -26.01
C ASN E 97 -24.32 37.58 -25.52
N SER E 98 -24.67 37.31 -24.28
CA SER E 98 -25.87 37.89 -23.71
C SER E 98 -25.87 39.40 -23.90
N ALA E 99 -24.77 40.06 -23.58
CA ALA E 99 -24.71 41.52 -23.61
C ALA E 99 -24.89 42.05 -25.03
N ASN E 100 -24.18 41.46 -25.99
CA ASN E 100 -24.40 41.88 -27.38
C ASN E 100 -25.86 41.68 -27.77
N TYR E 101 -26.44 40.54 -27.36
CA TYR E 101 -27.85 40.26 -27.61
C TYR E 101 -28.72 41.39 -27.12
N VAL E 102 -28.56 41.81 -25.88
CA VAL E 102 -29.40 42.91 -25.40
C VAL E 102 -29.08 44.21 -26.12
N TYR E 103 -27.85 44.43 -26.60
CA TYR E 103 -27.63 45.60 -27.47
C TYR E 103 -28.61 45.58 -28.64
N PHE E 104 -28.66 44.45 -29.34
CA PHE E 104 -29.53 44.40 -30.50
C PHE E 104 -31.00 44.30 -30.12
N LEU E 105 -31.35 43.81 -28.94
CA LEU E 105 -32.71 44.02 -28.46
C LEU E 105 -33.03 45.49 -28.27
N GLY E 106 -32.05 46.29 -27.87
CA GLY E 106 -32.28 47.73 -27.74
C GLY E 106 -32.56 48.38 -29.08
N LEU E 107 -31.78 48.02 -30.08
CA LEU E 107 -32.08 48.50 -31.42
C LEU E 107 -33.46 48.05 -31.88
N GLU E 108 -33.77 46.76 -31.67
CA GLU E 108 -35.07 46.23 -32.08
C GLU E 108 -36.22 46.96 -31.41
N LYS E 109 -36.11 47.18 -30.12
CA LYS E 109 -37.16 47.93 -29.43
C LYS E 109 -37.17 49.39 -29.89
N VAL E 110 -36.02 49.88 -30.37
CA VAL E 110 -35.98 51.24 -30.89
C VAL E 110 -36.71 51.33 -32.21
N LEU E 111 -36.85 50.21 -32.93
CA LEU E 111 -37.67 50.19 -34.14
C LEU E 111 -39.11 50.60 -33.82
N THR E 112 -39.48 50.66 -32.54
CA THR E 112 -40.74 51.23 -32.14
C THR E 112 -40.61 52.75 -32.28
N LEU E 113 -41.70 53.45 -32.00
CA LEU E 113 -41.76 54.90 -32.10
C LEU E 113 -41.96 55.27 -33.56
N ASP E 114 -41.63 54.35 -34.48
CA ASP E 114 -41.92 54.49 -35.90
C ASP E 114 -41.28 55.74 -36.50
N HIS E 115 -40.19 56.22 -35.89
CA HIS E 115 -39.56 57.47 -36.29
C HIS E 115 -38.33 57.22 -37.16
N GLN E 116 -38.30 57.90 -38.32
CA GLN E 116 -37.19 57.72 -39.25
C GLN E 116 -35.87 58.15 -38.64
N ASP E 117 -35.87 59.16 -37.76
CA ASP E 117 -34.63 59.68 -37.19
C ASP E 117 -34.18 58.95 -35.93
N ALA E 118 -35.06 58.13 -35.34
CA ALA E 118 -34.72 57.46 -34.09
C ALA E 118 -33.52 56.54 -34.26
N VAL E 119 -33.50 55.77 -35.35
CA VAL E 119 -32.40 54.82 -35.55
C VAL E 119 -31.09 55.58 -35.71
N LYS E 120 -31.08 56.63 -36.54
CA LYS E 120 -29.85 57.38 -36.75
C LYS E 120 -29.30 57.95 -35.44
N LEU E 121 -30.17 58.58 -34.63
CA LEU E 121 -29.70 59.08 -33.32
C LEU E 121 -29.14 57.95 -32.46
N PHE E 122 -29.82 56.80 -32.43
CA PHE E 122 -29.35 55.65 -31.66
C PHE E 122 -27.94 55.22 -32.08
N THR E 123 -27.76 54.96 -33.36
CA THR E 123 -26.45 54.52 -33.85
C THR E 123 -25.37 55.54 -33.53
N ARG E 124 -25.61 56.81 -33.86
CA ARG E 124 -24.58 57.82 -33.61
C ARG E 124 -24.15 57.76 -32.15
N GLN E 125 -25.12 57.80 -31.25
CA GLN E 125 -24.74 57.89 -29.85
C GLN E 125 -24.01 56.63 -29.39
N LEU E 126 -24.38 55.46 -29.93
CA LEU E 126 -23.69 54.25 -29.52
C LEU E 126 -22.26 54.22 -30.02
N LEU E 127 -22.03 54.64 -31.26
CA LEU E 127 -20.65 54.76 -31.75
C LEU E 127 -19.83 55.68 -30.86
N GLU E 128 -20.41 56.79 -30.40
CA GLU E 128 -19.69 57.65 -29.47
C GLU E 128 -19.30 56.89 -28.20
N LEU E 129 -20.24 56.12 -27.63
CA LEU E 129 -19.95 55.32 -26.44
C LEU E 129 -18.77 54.37 -26.66
N HIS E 130 -18.78 53.65 -27.78
CA HIS E 130 -17.71 52.71 -28.01
C HIS E 130 -16.38 53.41 -28.30
N GLN E 131 -16.41 54.59 -28.93
CA GLN E 131 -15.17 55.33 -29.13
C GLN E 131 -14.54 55.71 -27.80
N GLY E 132 -15.33 56.32 -26.91
CA GLY E 132 -14.79 56.71 -25.61
C GLY E 132 -14.24 55.53 -24.83
N GLN E 133 -15.03 54.45 -24.73
CA GLN E 133 -14.55 53.27 -24.02
C GLN E 133 -13.25 52.74 -24.62
N GLY E 134 -13.21 52.60 -25.95
CA GLY E 134 -12.01 52.09 -26.61
C GLY E 134 -10.77 52.91 -26.30
N LEU E 135 -10.91 54.24 -26.26
CA LEU E 135 -9.77 55.05 -25.88
C LEU E 135 -9.35 54.73 -24.45
N ASP E 136 -10.31 54.63 -23.54
CA ASP E 136 -9.98 54.30 -22.15
C ASP E 136 -9.18 53.00 -22.03
N ILE E 137 -9.71 51.92 -22.59
CA ILE E 137 -9.00 50.64 -22.50
C ILE E 137 -7.65 50.74 -23.17
N TYR E 138 -7.57 51.47 -24.29
CA TYR E 138 -6.31 51.57 -25.01
C TYR E 138 -5.22 52.23 -24.15
N TRP E 139 -5.55 53.33 -23.49
CA TRP E 139 -4.57 53.97 -22.61
C TRP E 139 -4.18 53.03 -21.48
N ARG E 140 -5.16 52.36 -20.87
CA ARG E 140 -4.86 51.49 -19.74
C ARG E 140 -3.97 50.33 -20.16
N ASP E 141 -4.31 49.69 -21.28
CA ASP E 141 -3.62 48.48 -21.73
C ASP E 141 -2.33 48.79 -22.49
N ASN E 142 -2.16 50.02 -22.98
CA ASN E 142 -0.94 50.39 -23.68
C ASN E 142 0.03 51.18 -22.81
N TYR E 143 -0.30 51.39 -21.54
CA TYR E 143 0.62 51.97 -20.55
C TYR E 143 1.00 53.41 -20.92
N THR E 144 0.09 54.15 -21.55
CA THR E 144 0.31 55.56 -21.87
C THR E 144 -0.69 56.39 -21.06
N CYS E 145 -0.18 57.25 -20.20
CA CYS E 145 -1.04 58.12 -19.40
C CYS E 145 -1.78 59.15 -20.27
N PRO E 146 -3.00 59.48 -19.91
CA PRO E 146 -3.78 60.46 -20.68
C PRO E 146 -3.76 61.84 -20.03
N THR E 147 -3.96 62.91 -20.80
CA THR E 147 -3.94 64.24 -20.20
C THR E 147 -5.35 64.63 -19.77
N GLU E 148 -5.44 65.61 -18.86
CA GLU E 148 -6.75 66.07 -18.40
C GLU E 148 -7.63 66.50 -19.57
N GLU E 149 -7.03 67.04 -20.63
CA GLU E 149 -7.79 67.42 -21.82
C GLU E 149 -8.34 66.18 -22.54
N GLU E 150 -7.45 65.26 -22.90
CA GLU E 150 -7.88 64.02 -23.54
C GLU E 150 -8.82 63.24 -22.64
N TYR E 151 -8.59 63.28 -21.33
CA TYR E 151 -9.46 62.61 -20.37
C TYR E 151 -10.88 63.15 -20.44
N LYS E 152 -11.05 64.46 -20.23
CA LYS E 152 -12.39 65.03 -20.28
C LYS E 152 -13.05 64.72 -21.62
N ALA E 153 -12.31 64.88 -22.71
CA ALA E 153 -12.86 64.59 -24.03
C ALA E 153 -13.37 63.15 -24.12
N MET E 154 -12.56 62.19 -23.67
CA MET E 154 -12.97 60.79 -23.73
C MET E 154 -14.19 60.52 -22.86
N VAL E 155 -14.16 61.00 -21.61
CA VAL E 155 -15.27 60.81 -20.69
C VAL E 155 -16.56 61.35 -21.28
N LEU E 156 -16.48 62.46 -22.00
CA LEU E 156 -17.67 62.97 -22.69
C LEU E 156 -18.26 61.89 -23.58
N GLN E 157 -17.43 61.09 -24.22
CA GLN E 157 -17.93 60.01 -25.05
C GLN E 157 -18.39 58.82 -24.20
N LYS E 158 -17.59 58.41 -23.21
CA LYS E 158 -17.87 57.17 -22.48
C LYS E 158 -19.15 57.28 -21.67
N THR E 159 -19.21 58.27 -20.79
CA THR E 159 -20.46 58.46 -20.06
C THR E 159 -21.46 59.30 -20.85
N GLY E 160 -20.99 60.19 -21.74
CA GLY E 160 -21.91 61.01 -22.50
C GLY E 160 -22.73 60.23 -23.51
N GLY E 161 -22.21 59.11 -24.00
CA GLY E 161 -22.85 58.33 -25.04
C GLY E 161 -24.28 57.97 -24.71
N LEU E 162 -24.47 57.26 -23.60
CA LEU E 162 -25.81 56.81 -23.22
C LEU E 162 -26.73 58.00 -22.95
N PHE E 163 -26.20 59.02 -22.26
CA PHE E 163 -26.96 60.25 -22.01
C PHE E 163 -27.56 60.77 -23.31
N GLY E 164 -26.80 60.69 -24.40
CA GLY E 164 -27.31 61.21 -25.66
C GLY E 164 -28.51 60.46 -26.23
N LEU E 165 -28.49 59.13 -26.24
CA LEU E 165 -29.67 58.40 -26.71
C LEU E 165 -30.86 58.74 -25.85
N ALA E 166 -30.65 58.81 -24.53
CA ALA E 166 -31.74 59.14 -23.63
C ALA E 166 -32.37 60.49 -23.95
N VAL E 167 -31.62 61.57 -23.70
CA VAL E 167 -32.18 62.93 -23.76
C VAL E 167 -32.44 63.36 -25.20
N GLY E 168 -31.64 62.90 -26.14
CA GLY E 168 -31.89 63.22 -27.54
C GLY E 168 -33.13 62.53 -28.06
N LEU E 169 -33.27 61.24 -27.76
CA LEU E 169 -34.46 60.52 -28.16
C LEU E 169 -35.70 61.10 -27.47
N MET E 170 -35.55 61.50 -26.20
CA MET E 170 -36.62 62.20 -25.52
C MET E 170 -36.88 63.57 -26.14
N GLN E 171 -35.82 64.26 -26.60
CA GLN E 171 -35.93 65.59 -27.19
C GLN E 171 -36.64 65.56 -28.55
N LEU E 172 -36.50 64.46 -29.30
CA LEU E 172 -37.16 64.31 -30.59
C LEU E 172 -38.67 64.38 -30.46
N PHE E 173 -39.19 64.35 -29.23
CA PHE E 173 -40.62 64.45 -28.99
C PHE E 173 -41.00 65.67 -28.16
N SER E 174 -40.05 66.56 -27.86
CA SER E 174 -40.31 67.79 -27.13
C SER E 174 -39.95 68.93 -28.07
N ASP E 175 -40.83 69.89 -28.22
CA ASP E 175 -40.44 71.04 -29.01
C ASP E 175 -39.54 72.00 -28.24
N TYR E 176 -39.10 71.63 -27.03
CA TYR E 176 -38.32 72.53 -26.20
C TYR E 176 -36.87 72.60 -26.65
N LYS E 177 -36.67 72.85 -27.95
CA LYS E 177 -35.36 72.88 -28.59
C LYS E 177 -34.43 73.90 -27.93
N ASN E 185 -28.84 69.66 -22.48
CA ASN E 185 -28.72 70.70 -23.50
C ASN E 185 -27.27 70.91 -23.93
N THR E 186 -26.53 69.82 -24.04
CA THR E 186 -25.13 69.87 -24.46
C THR E 186 -24.25 70.29 -23.29
N LEU E 187 -24.82 70.29 -22.09
CA LEU E 187 -24.07 70.59 -20.87
C LEU E 187 -22.98 69.54 -20.60
N GLY E 188 -23.32 68.26 -20.77
CA GLY E 188 -22.34 67.20 -20.61
C GLY E 188 -21.62 67.16 -19.28
N LEU E 189 -22.35 67.33 -18.18
CA LEU E 189 -21.70 67.31 -16.88
C LEU E 189 -21.04 65.97 -16.60
N PHE E 190 -19.82 66.01 -16.07
CA PHE E 190 -19.05 64.83 -15.71
C PHE E 190 -19.49 64.18 -14.40
N PHE E 191 -19.77 62.88 -14.46
CA PHE E 191 -20.09 61.95 -13.38
C PHE E 191 -18.87 61.12 -13.01
N GLN E 192 -18.11 60.76 -14.05
CA GLN E 192 -16.96 59.88 -13.92
C GLN E 192 -15.97 60.40 -12.90
N ILE E 193 -15.80 61.72 -12.78
CA ILE E 193 -14.87 62.23 -11.78
C ILE E 193 -15.34 61.85 -10.39
N ARG E 194 -16.65 61.92 -10.14
CA ARG E 194 -17.19 61.42 -8.88
C ARG E 194 -16.87 59.95 -8.70
N TYR E 195 -17.04 59.15 -9.76
CA TYR E 195 -16.71 57.72 -9.64
C TYR E 195 -15.23 57.52 -9.34
N ASP E 196 -14.38 58.30 -10.00
CA ASP E 196 -12.94 58.18 -9.81
C ASP E 196 -12.55 58.46 -8.38
N TYR E 197 -13.03 59.59 -7.83
CA TYR E 197 -12.76 59.90 -6.43
C TYR E 197 -13.39 58.86 -5.48
N ALA E 198 -14.63 58.45 -5.77
CA ALA E 198 -15.32 57.52 -4.88
C ALA E 198 -14.66 56.16 -4.83
N ASN E 199 -13.94 55.80 -5.89
CA ASN E 199 -13.17 54.56 -5.91
C ASN E 199 -11.93 54.62 -5.00
N LEU E 200 -11.26 55.78 -5.02
CA LEU E 200 -10.04 56.06 -4.30
C LEU E 200 -10.27 56.98 -3.10
N HIS E 201 -11.51 57.14 -2.64
CA HIS E 201 -11.83 57.96 -1.46
C HIS E 201 -13.28 57.73 -1.03
N SER E 210 -12.76 45.60 -2.45
CA SER E 210 -13.39 46.74 -3.11
C SER E 210 -12.64 48.03 -2.84
N PHE E 211 -11.50 47.92 -2.17
CA PHE E 211 -10.69 49.09 -1.86
C PHE E 211 -9.81 49.45 -3.06
N CYS E 212 -9.74 50.76 -3.36
CA CYS E 212 -8.98 51.27 -4.50
C CYS E 212 -9.13 50.41 -5.74
N GLU E 213 -10.36 49.98 -6.02
CA GLU E 213 -10.61 49.07 -7.15
C GLU E 213 -10.02 49.57 -8.45
N ASP E 214 -9.99 50.88 -8.68
CA ASP E 214 -9.41 51.39 -9.92
C ASP E 214 -7.91 51.15 -9.94
N LEU E 215 -7.23 51.35 -8.80
CA LEU E 215 -5.80 51.09 -8.72
C LEU E 215 -5.49 49.62 -9.05
N THR E 216 -6.32 48.71 -8.55
CA THR E 216 -6.16 47.30 -8.90
C THR E 216 -6.45 47.07 -10.38
N GLU E 217 -7.41 47.81 -10.93
CA GLU E 217 -7.72 47.69 -12.36
C GLU E 217 -6.57 48.15 -13.24
N GLY E 218 -5.80 49.14 -12.78
CA GLY E 218 -4.81 49.80 -13.61
C GLY E 218 -5.33 50.93 -14.46
N LYS E 219 -6.57 51.37 -14.23
CA LYS E 219 -7.17 52.44 -15.01
C LYS E 219 -6.63 53.78 -14.53
N PHE E 220 -6.58 54.74 -15.44
CA PHE E 220 -6.14 56.10 -15.13
C PHE E 220 -7.36 56.87 -14.65
N SER E 221 -7.54 56.97 -13.34
CA SER E 221 -8.54 57.90 -12.86
C SER E 221 -8.04 59.33 -13.08
N PHE E 222 -8.96 60.29 -13.02
CA PHE E 222 -8.54 61.68 -13.13
C PHE E 222 -7.51 62.05 -12.09
N PRO E 223 -7.69 61.73 -10.80
CA PRO E 223 -6.65 62.11 -9.82
C PRO E 223 -5.28 61.54 -10.11
N THR E 224 -5.16 60.27 -10.49
CA THR E 224 -3.83 59.76 -10.80
C THR E 224 -3.24 60.44 -12.03
N ILE E 225 -4.07 60.78 -13.02
CA ILE E 225 -3.54 61.48 -14.19
C ILE E 225 -3.03 62.86 -13.81
N HIS E 226 -3.83 63.61 -13.04
CA HIS E 226 -3.42 64.93 -12.57
C HIS E 226 -2.17 64.85 -11.70
N ALA E 227 -2.10 63.85 -10.83
CA ALA E 227 -0.93 63.67 -9.99
C ALA E 227 0.30 63.36 -10.82
N ILE E 228 0.15 62.54 -11.85
CA ILE E 228 1.28 62.19 -12.70
C ILE E 228 1.79 63.44 -13.42
N TRP E 229 0.87 64.25 -13.96
CA TRP E 229 1.30 65.40 -14.77
C TRP E 229 1.76 66.57 -13.93
N SER E 230 1.27 66.70 -12.70
CA SER E 230 1.69 67.84 -11.90
C SER E 230 3.17 67.76 -11.54
N ARG E 231 3.66 66.57 -11.16
CA ARG E 231 5.05 66.40 -10.70
C ARG E 231 5.72 65.16 -11.30
N PRO E 232 6.22 65.25 -12.55
CA PRO E 232 6.90 64.08 -13.11
C PRO E 232 8.16 63.68 -12.34
N THR E 235 5.71 59.13 -12.57
CA THR E 235 6.65 58.03 -12.62
C THR E 235 6.19 56.86 -11.75
N GLN E 236 6.26 57.04 -10.43
CA GLN E 236 5.90 55.98 -9.51
C GLN E 236 4.41 55.62 -9.63
N VAL E 237 3.55 56.60 -9.95
CA VAL E 237 2.13 56.30 -10.12
C VAL E 237 1.94 55.38 -11.32
N GLN E 238 2.59 55.70 -12.43
CA GLN E 238 2.58 54.82 -13.59
C GLN E 238 3.10 53.42 -13.23
N ASN E 239 4.12 53.36 -12.36
CA ASN E 239 4.72 52.07 -12.01
C ASN E 239 3.80 51.22 -11.13
N ILE E 240 3.19 51.83 -10.12
CA ILE E 240 2.22 51.12 -9.26
C ILE E 240 1.02 50.65 -10.07
N LEU E 241 0.49 51.52 -10.94
CA LEU E 241 -0.65 51.14 -11.76
C LEU E 241 -0.31 49.98 -12.69
N ARG E 242 0.86 50.04 -13.33
CA ARG E 242 1.27 48.97 -14.23
C ARG E 242 1.23 47.62 -13.54
N GLN E 243 1.47 47.58 -12.23
CA GLN E 243 1.48 46.32 -11.49
C GLN E 243 0.12 45.62 -11.53
N ARG E 244 -0.96 46.39 -11.52
CA ARG E 244 -2.32 45.84 -11.42
C ARG E 244 -2.43 44.98 -10.16
N THR E 245 -1.91 45.52 -9.06
CA THR E 245 -1.74 44.73 -7.86
C THR E 245 -3.04 44.64 -7.08
N GLU E 246 -3.30 43.47 -6.54
CA GLU E 246 -4.37 43.31 -5.57
C GLU E 246 -3.87 43.56 -4.17
N ASN E 247 -2.59 43.90 -4.04
CA ASN E 247 -1.93 44.12 -2.74
C ASN E 247 -2.52 45.32 -2.02
N ILE E 248 -2.95 45.11 -0.77
CA ILE E 248 -3.58 46.19 0.00
C ILE E 248 -2.55 47.24 0.42
N ASP E 249 -1.34 46.80 0.81
CA ASP E 249 -0.35 47.74 1.34
C ASP E 249 0.10 48.72 0.26
N ILE E 250 0.35 48.22 -0.95
CA ILE E 250 0.70 49.10 -2.05
C ILE E 250 -0.42 50.10 -2.27
N LYS E 251 -1.67 49.64 -2.14
CA LYS E 251 -2.84 50.51 -2.30
C LYS E 251 -2.82 51.64 -1.28
N LYS E 252 -2.52 51.34 -0.01
CA LYS E 252 -2.42 52.42 0.97
C LYS E 252 -1.33 53.42 0.58
N TYR E 253 -0.17 52.91 0.14
CA TYR E 253 0.89 53.81 -0.30
C TYR E 253 0.43 54.72 -1.43
N CYS E 254 -0.30 54.16 -2.41
CA CYS E 254 -0.80 54.96 -3.52
C CYS E 254 -1.81 55.99 -3.04
N VAL E 255 -2.65 55.59 -2.08
CA VAL E 255 -3.62 56.51 -1.49
C VAL E 255 -2.92 57.68 -0.85
N HIS E 256 -1.71 57.49 -0.30
CA HIS E 256 -1.01 58.63 0.28
C HIS E 256 -0.77 59.74 -0.75
N TYR E 257 -0.16 59.41 -1.88
CA TYR E 257 0.09 60.41 -2.94
C TYR E 257 -1.20 60.95 -3.56
N GLY E 262 -0.05 64.88 -3.41
CA GLY E 262 -1.24 65.56 -2.94
C GLY E 262 -2.10 66.15 -4.05
N SER E 263 -2.69 65.28 -4.86
CA SER E 263 -3.53 65.70 -5.99
C SER E 263 -5.01 65.42 -5.79
N PHE E 264 -5.40 64.80 -4.66
CA PHE E 264 -6.82 64.53 -4.42
C PHE E 264 -7.58 65.81 -4.12
N GLU E 265 -6.92 66.82 -3.56
CA GLU E 265 -7.59 68.09 -3.33
C GLU E 265 -7.98 68.74 -4.65
N TYR E 266 -7.11 68.65 -5.66
CA TYR E 266 -7.48 69.05 -7.02
C TYR E 266 -8.72 68.30 -7.47
N THR E 267 -8.81 67.01 -7.17
CA THR E 267 -9.98 66.23 -7.56
C THR E 267 -11.26 66.77 -6.94
N ARG E 268 -11.18 67.74 -6.05
CA ARG E 268 -12.39 68.37 -5.53
C ARG E 268 -13.20 68.97 -6.67
N ASN E 269 -12.55 69.74 -7.54
CA ASN E 269 -13.19 70.31 -8.73
C ASN E 269 -14.45 71.10 -8.34
N THR E 270 -15.61 70.44 -8.49
CA THR E 270 -16.94 70.94 -8.16
C THR E 270 -17.54 71.79 -9.26
N LEU E 271 -18.80 71.52 -9.59
CA LEU E 271 -19.50 72.28 -10.62
C LEU E 271 -20.97 72.32 -10.26
N LYS E 272 -21.56 73.50 -10.39
CA LYS E 272 -23.00 73.75 -10.16
C LYS E 272 -23.59 74.57 -11.33
N GLU E 273 -23.02 74.35 -12.52
CA GLU E 273 -23.40 75.09 -13.71
C GLU E 273 -24.66 74.64 -14.45
N LEU E 274 -25.77 74.56 -13.74
CA LEU E 274 -27.02 74.18 -14.37
C LEU E 274 -27.79 75.48 -14.59
N GLU E 275 -28.93 75.63 -13.92
CA GLU E 275 -29.71 76.85 -14.04
C GLU E 275 -30.07 77.21 -15.47
N ALA E 276 -30.38 76.21 -16.28
CA ALA E 276 -30.75 76.46 -17.67
C ALA E 276 -32.02 77.29 -17.67
N LYS E 277 -32.93 76.95 -16.77
CA LYS E 277 -34.20 77.64 -16.64
C LYS E 277 -35.15 76.83 -15.77
N PRO E 289 -35.87 72.22 -9.98
CA PRO E 289 -36.58 71.44 -8.97
C PRO E 289 -35.98 70.06 -8.70
N GLU E 290 -36.48 69.04 -9.40
CA GLU E 290 -36.00 67.68 -9.17
C GLU E 290 -34.54 67.51 -9.59
N LEU E 291 -34.16 68.09 -10.74
CA LEU E 291 -32.78 67.90 -11.24
C LEU E 291 -31.77 68.52 -10.30
N VAL E 292 -32.04 69.72 -9.82
CA VAL E 292 -31.15 70.35 -8.84
C VAL E 292 -31.01 69.44 -7.63
N ALA E 293 -32.12 68.80 -7.22
CA ALA E 293 -32.05 67.86 -6.11
C ALA E 293 -31.14 66.69 -6.42
N LEU E 294 -31.22 66.18 -7.66
CA LEU E 294 -30.32 65.09 -8.04
C LEU E 294 -28.86 65.51 -7.90
N VAL E 295 -28.53 66.69 -8.43
CA VAL E 295 -27.14 67.14 -8.39
C VAL E 295 -26.70 67.40 -6.96
N LYS E 296 -27.58 67.97 -6.14
CA LYS E 296 -27.27 68.22 -4.74
C LYS E 296 -27.03 66.92 -3.98
N HIS E 297 -27.93 65.95 -4.14
CA HIS E 297 -27.80 64.67 -3.45
C HIS E 297 -26.48 63.99 -3.80
N LEU E 298 -26.15 63.96 -5.11
CA LEU E 298 -24.90 63.30 -5.51
C LEU E 298 -23.66 64.07 -5.06
N SER E 299 -23.72 65.40 -4.99
CA SER E 299 -22.53 66.19 -4.66
C SER E 299 -22.11 66.11 -3.21
N LYS E 300 -22.93 65.54 -2.33
CA LYS E 300 -22.56 65.36 -0.91
C LYS E 300 -21.30 64.52 -0.72
N MET E 301 -20.82 63.82 -1.77
CA MET E 301 -19.64 62.97 -1.63
C MET E 301 -18.43 63.77 -1.21
N PHE E 302 -18.25 64.98 -1.78
CA PHE E 302 -17.15 65.86 -1.41
C PHE E 302 -17.63 66.86 -0.35
N LYS E 303 -17.61 66.43 0.91
CA LYS E 303 -17.94 67.30 2.04
C LYS E 303 -17.63 66.62 3.36
N GLU F 13 -8.41 63.32 -35.26
CA GLU F 13 -9.17 62.07 -35.13
C GLU F 13 -8.48 60.89 -35.83
N THR F 14 -7.16 60.78 -35.62
CA THR F 14 -6.42 59.59 -35.99
C THR F 14 -6.69 58.43 -35.05
N VAL F 15 -7.41 58.69 -33.95
CA VAL F 15 -7.60 57.68 -32.94
C VAL F 15 -8.39 56.50 -33.47
N GLN F 16 -9.14 56.68 -34.55
CA GLN F 16 -9.91 55.57 -35.10
C GLN F 16 -8.99 54.43 -35.52
N ARG F 17 -7.80 54.75 -36.04
CA ARG F 17 -6.86 53.69 -36.41
C ARG F 17 -6.61 52.76 -35.24
N ILE F 18 -6.36 53.32 -34.05
CA ILE F 18 -6.12 52.50 -32.87
C ILE F 18 -7.37 51.74 -32.50
N LEU F 19 -8.56 52.37 -32.62
CA LEU F 19 -9.79 51.66 -32.27
C LEU F 19 -9.99 50.44 -33.14
N LEU F 20 -9.64 50.52 -34.42
CA LEU F 20 -9.85 49.42 -35.33
C LEU F 20 -8.63 48.52 -35.46
N GLU F 21 -7.62 48.72 -34.61
CA GLU F 21 -6.39 47.94 -34.73
C GLU F 21 -6.66 46.45 -34.69
N PRO F 22 -7.42 45.91 -33.74
CA PRO F 22 -7.74 44.47 -33.83
C PRO F 22 -8.52 44.12 -35.08
N TYR F 23 -9.53 44.93 -35.41
CA TYR F 23 -10.33 44.64 -36.59
C TYR F 23 -9.46 44.66 -37.84
N LYS F 24 -8.65 45.71 -37.96
CA LYS F 24 -7.70 45.79 -39.06
C LYS F 24 -6.77 44.57 -39.08
N TYR F 25 -6.35 44.10 -37.91
CA TYR F 25 -5.49 42.92 -37.87
C TYR F 25 -6.17 41.74 -38.53
N LEU F 26 -7.39 41.41 -38.10
CA LEU F 26 -8.06 40.25 -38.69
C LEU F 26 -8.27 40.45 -40.18
N LEU F 27 -8.64 41.68 -40.58
CA LEU F 27 -8.87 41.90 -42.00
C LEU F 27 -7.57 41.75 -42.78
N GLN F 28 -6.46 42.16 -42.18
CA GLN F 28 -5.14 42.06 -42.82
C GLN F 28 -4.79 40.61 -43.13
N LEU F 29 -5.04 39.72 -42.17
CA LEU F 29 -4.80 38.30 -42.37
C LEU F 29 -5.45 37.84 -43.68
N PRO F 30 -4.79 36.98 -44.45
CA PRO F 30 -5.40 36.46 -45.67
C PRO F 30 -6.67 35.69 -45.34
N GLY F 31 -7.71 35.88 -46.12
CA GLY F 31 -8.95 35.19 -45.79
C GLY F 31 -9.78 34.63 -46.91
N LYS F 32 -10.53 33.59 -46.58
CA LYS F 32 -11.41 32.97 -47.54
C LYS F 32 -12.51 33.96 -47.82
N GLN F 33 -12.91 34.05 -49.08
CA GLN F 33 -13.96 34.96 -49.52
C GLN F 33 -15.20 34.14 -49.82
N VAL F 34 -15.28 32.98 -49.17
CA VAL F 34 -16.38 32.07 -49.41
C VAL F 34 -17.74 32.70 -49.14
N ARG F 35 -17.91 33.49 -48.08
CA ARG F 35 -19.24 34.07 -47.95
C ARG F 35 -19.48 35.15 -49.01
N THR F 36 -18.45 35.96 -49.30
CA THR F 36 -18.56 36.92 -50.40
C THR F 36 -18.82 36.21 -51.72
N LYS F 37 -18.19 35.04 -51.90
CA LYS F 37 -18.48 34.22 -53.07
C LYS F 37 -19.95 33.80 -53.09
N LEU F 38 -20.47 33.33 -51.94
CA LEU F 38 -21.87 32.93 -51.87
C LEU F 38 -22.78 34.06 -52.31
N SER F 39 -22.53 35.29 -51.86
CA SER F 39 -23.39 36.41 -52.23
C SER F 39 -23.25 36.75 -53.72
N GLN F 40 -22.01 36.80 -54.22
CA GLN F 40 -21.83 37.08 -55.64
C GLN F 40 -22.50 36.01 -56.49
N ALA F 41 -22.64 34.78 -55.99
CA ALA F 41 -23.34 33.75 -56.74
C ALA F 41 -24.84 33.78 -56.52
N PHE F 42 -25.33 34.55 -55.53
CA PHE F 42 -26.75 34.74 -55.37
C PHE F 42 -27.24 35.97 -56.11
N ASN F 43 -26.32 36.74 -56.68
CA ASN F 43 -26.80 37.85 -57.50
C ASN F 43 -27.26 37.40 -58.87
N HIS F 44 -27.01 36.14 -59.26
CA HIS F 44 -27.54 35.66 -60.53
C HIS F 44 -29.05 35.69 -60.54
N TRP F 45 -29.67 35.46 -59.38
CA TRP F 45 -31.10 35.63 -59.22
C TRP F 45 -31.42 37.05 -58.80
N LEU F 46 -30.66 37.58 -57.83
CA LEU F 46 -31.02 38.87 -57.24
C LEU F 46 -30.85 40.03 -58.24
N LYS F 47 -29.76 40.05 -59.00
CA LYS F 47 -29.37 41.16 -59.88
C LYS F 47 -29.61 42.52 -59.21
N VAL F 48 -28.86 42.71 -58.13
CA VAL F 48 -28.83 43.94 -57.32
C VAL F 48 -28.11 45.05 -58.07
N PRO F 49 -28.55 46.32 -57.93
CA PRO F 49 -27.77 47.42 -58.50
C PRO F 49 -26.37 47.44 -57.91
N GLU F 50 -25.37 47.62 -58.79
CA GLU F 50 -23.97 47.73 -58.37
C GLU F 50 -23.83 48.61 -57.14
N ASP F 51 -24.34 49.84 -57.21
CA ASP F 51 -24.17 50.80 -56.13
C ASP F 51 -24.71 50.29 -54.79
N LYS F 52 -25.88 49.64 -54.80
CA LYS F 52 -26.43 49.13 -53.55
C LYS F 52 -25.71 47.84 -53.14
N LEU F 53 -25.34 47.03 -54.14
CA LEU F 53 -24.70 45.76 -53.85
C LEU F 53 -23.38 45.97 -53.13
N GLN F 54 -22.57 46.92 -53.61
CA GLN F 54 -21.27 47.15 -52.99
C GLN F 54 -21.39 47.47 -51.50
N ILE F 55 -22.35 48.32 -51.12
CA ILE F 55 -22.57 48.64 -49.72
C ILE F 55 -23.02 47.40 -48.96
N ILE F 56 -23.88 46.58 -49.59
CA ILE F 56 -24.35 45.36 -48.94
C ILE F 56 -23.15 44.44 -48.62
N ILE F 57 -22.26 44.27 -49.59
CA ILE F 57 -21.10 43.40 -49.41
C ILE F 57 -20.19 43.94 -48.30
N GLU F 58 -19.99 45.26 -48.28
CA GLU F 58 -19.17 45.87 -47.23
C GLU F 58 -19.73 45.56 -45.85
N VAL F 59 -21.04 45.72 -45.69
CA VAL F 59 -21.62 45.50 -44.37
C VAL F 59 -21.56 44.03 -43.98
N THR F 60 -21.78 43.11 -44.93
CA THR F 60 -21.69 41.69 -44.59
C THR F 60 -20.27 41.32 -44.17
N GLU F 61 -19.25 41.75 -44.93
CA GLU F 61 -17.88 41.46 -44.54
C GLU F 61 -17.58 42.01 -43.15
N MET F 62 -17.99 43.25 -42.88
CA MET F 62 -17.77 43.87 -41.56
C MET F 62 -18.35 43.01 -40.44
N LEU F 63 -19.66 42.76 -40.49
CA LEU F 63 -20.31 42.04 -39.40
C LEU F 63 -19.72 40.65 -39.24
N HIS F 64 -19.42 39.99 -40.35
CA HIS F 64 -18.81 38.68 -40.23
C HIS F 64 -17.48 38.75 -39.50
N ASN F 65 -16.59 39.64 -39.91
CA ASN F 65 -15.29 39.66 -39.27
C ASN F 65 -15.39 40.05 -37.80
N ALA F 66 -16.23 41.04 -37.47
CA ALA F 66 -16.42 41.40 -36.06
C ALA F 66 -16.91 40.21 -35.24
N SER F 67 -17.94 39.53 -35.74
CA SER F 67 -18.43 38.34 -35.08
C SER F 67 -17.29 37.35 -34.88
N LEU F 68 -16.38 37.25 -35.85
CA LEU F 68 -15.25 36.35 -35.68
C LEU F 68 -14.35 36.79 -34.53
N LEU F 69 -14.16 38.11 -34.39
CA LEU F 69 -13.40 38.66 -33.27
C LEU F 69 -13.98 38.22 -31.93
N ILE F 70 -15.30 38.26 -31.81
CA ILE F 70 -15.95 37.79 -30.58
C ILE F 70 -15.88 36.27 -30.44
N ASP F 71 -16.15 35.53 -31.52
CA ASP F 71 -16.14 34.07 -31.44
C ASP F 71 -14.79 33.53 -30.98
N ASP F 72 -13.69 34.11 -31.42
CA ASP F 72 -12.40 33.56 -30.98
C ASP F 72 -12.20 33.75 -29.49
N ILE F 73 -12.72 34.83 -28.91
CA ILE F 73 -12.69 34.99 -27.47
C ILE F 73 -13.57 33.94 -26.80
N GLU F 74 -14.79 33.79 -27.27
CA GLU F 74 -15.74 32.89 -26.61
C GLU F 74 -15.33 31.43 -26.75
N ASP F 75 -14.86 31.04 -27.93
CA ASP F 75 -14.33 29.70 -28.11
C ASP F 75 -12.95 29.53 -27.50
N ASN F 76 -12.33 30.63 -27.06
CA ASN F 76 -10.99 30.61 -26.47
C ASN F 76 -10.02 29.94 -27.44
N SER F 77 -10.18 30.24 -28.71
CA SER F 77 -9.31 29.66 -29.71
C SER F 77 -7.92 30.30 -29.62
N LYS F 78 -6.92 29.56 -30.07
CA LYS F 78 -5.56 30.05 -30.06
C LYS F 78 -5.12 30.58 -31.41
N LEU F 79 -5.76 30.14 -32.49
CA LEU F 79 -5.26 30.49 -33.79
C LEU F 79 -6.46 30.81 -34.66
N ARG F 80 -6.30 31.76 -35.57
CA ARG F 80 -7.36 32.09 -36.52
C ARG F 80 -6.74 32.34 -37.88
N ARG F 81 -7.15 31.56 -38.87
CA ARG F 81 -6.60 31.65 -40.22
C ARG F 81 -5.09 31.48 -40.17
N GLY F 82 -4.60 30.65 -39.25
CA GLY F 82 -3.19 30.37 -39.10
C GLY F 82 -2.40 31.40 -38.33
N PHE F 83 -3.04 32.48 -37.86
CA PHE F 83 -2.32 33.50 -37.16
C PHE F 83 -2.92 33.70 -35.78
N PRO F 84 -2.11 34.04 -34.77
CA PRO F 84 -2.62 34.18 -33.41
C PRO F 84 -3.88 35.01 -33.35
N VAL F 85 -4.74 34.69 -32.37
CA VAL F 85 -5.96 35.43 -32.23
C VAL F 85 -5.63 36.87 -31.83
N ALA F 86 -6.49 37.80 -32.25
CA ALA F 86 -6.24 39.21 -32.01
C ALA F 86 -6.18 39.51 -30.52
N HIS F 87 -7.07 38.91 -29.72
CA HIS F 87 -7.02 39.18 -28.29
C HIS F 87 -5.74 38.61 -27.66
N SER F 88 -5.12 37.62 -28.29
CA SER F 88 -3.90 37.08 -27.72
C SER F 88 -2.74 38.09 -27.77
N ILE F 89 -2.79 39.02 -28.71
CA ILE F 89 -1.75 40.03 -28.85
C ILE F 89 -2.24 41.40 -28.39
N TYR F 90 -3.41 41.84 -28.86
CA TYR F 90 -3.93 43.15 -28.48
C TYR F 90 -4.73 43.12 -27.18
N GLY F 91 -5.04 41.95 -26.65
CA GLY F 91 -5.78 41.83 -25.40
C GLY F 91 -7.29 41.77 -25.48
N ILE F 92 -7.91 40.98 -24.60
CA ILE F 92 -9.34 40.73 -24.62
C ILE F 92 -10.12 42.04 -24.58
N PRO F 93 -9.96 42.86 -23.53
CA PRO F 93 -10.82 44.06 -23.42
C PRO F 93 -10.79 44.90 -24.68
N SER F 94 -9.60 45.09 -25.25
CA SER F 94 -9.47 45.88 -26.46
C SER F 94 -10.24 45.27 -27.63
N VAL F 95 -10.16 43.96 -27.79
CA VAL F 95 -10.74 43.33 -28.97
C VAL F 95 -12.26 43.29 -28.89
N ILE F 96 -12.82 43.11 -27.69
CA ILE F 96 -14.27 43.18 -27.56
C ILE F 96 -14.76 44.52 -28.06
N ASN F 97 -14.19 45.60 -27.52
CA ASN F 97 -14.64 46.94 -27.89
C ASN F 97 -14.46 47.17 -29.38
N SER F 98 -13.34 46.72 -29.95
CA SER F 98 -13.16 46.84 -31.39
C SER F 98 -14.31 46.18 -32.14
N ALA F 99 -14.64 44.93 -31.80
CA ALA F 99 -15.66 44.21 -32.55
C ALA F 99 -17.04 44.84 -32.37
N ASN F 100 -17.42 45.18 -31.14
CA ASN F 100 -18.69 45.87 -30.92
C ASN F 100 -18.74 47.19 -31.68
N TYR F 101 -17.64 47.94 -31.69
CA TYR F 101 -17.55 49.13 -32.54
C TYR F 101 -17.89 48.79 -33.99
N VAL F 102 -17.29 47.71 -34.50
CA VAL F 102 -17.52 47.35 -35.89
C VAL F 102 -18.98 46.97 -36.14
N TYR F 103 -19.66 46.42 -35.13
CA TYR F 103 -21.08 46.11 -35.33
C TYR F 103 -21.84 47.33 -35.80
N PHE F 104 -21.78 48.40 -35.03
CA PHE F 104 -22.59 49.58 -35.33
C PHE F 104 -22.00 50.40 -36.45
N LEU F 105 -20.69 50.32 -36.71
CA LEU F 105 -20.23 50.86 -37.98
C LEU F 105 -20.91 50.16 -39.15
N GLY F 106 -21.19 48.86 -39.00
CA GLY F 106 -21.92 48.14 -40.03
C GLY F 106 -23.36 48.60 -40.16
N LEU F 107 -24.05 48.72 -39.02
CA LEU F 107 -25.40 49.25 -39.07
C LEU F 107 -25.44 50.64 -39.71
N GLU F 108 -24.56 51.52 -39.25
CA GLU F 108 -24.52 52.89 -39.75
C GLU F 108 -24.26 52.91 -41.25
N LYS F 109 -23.42 51.98 -41.74
CA LYS F 109 -23.28 51.84 -43.18
C LYS F 109 -24.57 51.31 -43.80
N VAL F 110 -25.39 50.58 -43.04
CA VAL F 110 -26.68 50.16 -43.62
C VAL F 110 -27.65 51.34 -43.71
N LEU F 111 -27.51 52.32 -42.82
CA LEU F 111 -28.36 53.50 -42.90
C LEU F 111 -28.17 54.25 -44.20
N THR F 112 -27.08 54.00 -44.93
CA THR F 112 -26.95 54.60 -46.25
C THR F 112 -27.79 53.86 -47.28
N LEU F 113 -28.27 52.66 -46.97
CA LEU F 113 -29.15 51.99 -47.91
C LEU F 113 -30.46 52.76 -48.06
N ASP F 114 -30.80 53.60 -47.09
CA ASP F 114 -31.93 54.54 -47.14
C ASP F 114 -33.29 53.85 -47.31
N HIS F 115 -33.40 52.59 -46.91
CA HIS F 115 -34.64 51.83 -47.01
C HIS F 115 -35.25 51.52 -45.64
N GLN F 116 -36.58 51.72 -45.54
CA GLN F 116 -37.26 51.51 -44.27
C GLN F 116 -37.13 50.08 -43.76
N ASP F 117 -37.07 49.09 -44.65
CA ASP F 117 -36.96 47.70 -44.23
C ASP F 117 -35.53 47.25 -44.02
N ALA F 118 -34.54 48.02 -44.50
CA ALA F 118 -33.16 47.58 -44.36
C ALA F 118 -32.80 47.42 -42.90
N VAL F 119 -33.12 48.42 -42.08
CA VAL F 119 -32.79 48.38 -40.67
C VAL F 119 -33.60 47.30 -39.94
N LYS F 120 -34.89 47.16 -40.27
CA LYS F 120 -35.71 46.13 -39.62
C LYS F 120 -35.18 44.72 -39.90
N LEU F 121 -34.93 44.42 -41.17
CA LEU F 121 -34.35 43.13 -41.51
C LEU F 121 -33.00 42.94 -40.81
N PHE F 122 -32.18 43.99 -40.78
CA PHE F 122 -30.88 43.91 -40.12
C PHE F 122 -31.02 43.48 -38.66
N THR F 123 -31.83 44.20 -37.89
CA THR F 123 -31.98 43.84 -36.49
C THR F 123 -32.46 42.40 -36.38
N ARG F 124 -33.45 42.02 -37.20
CA ARG F 124 -33.95 40.64 -37.09
C ARG F 124 -32.79 39.67 -37.20
N GLN F 125 -31.97 39.84 -38.24
CA GLN F 125 -30.90 38.88 -38.52
C GLN F 125 -29.82 38.88 -37.44
N LEU F 126 -29.47 40.05 -36.88
CA LEU F 126 -28.45 40.06 -35.83
C LEU F 126 -28.94 39.35 -34.58
N LEU F 127 -30.22 39.58 -34.23
CA LEU F 127 -30.81 38.87 -33.10
C LEU F 127 -30.74 37.37 -33.29
N GLU F 128 -31.02 36.88 -34.51
CA GLU F 128 -30.89 35.45 -34.76
C GLU F 128 -29.46 34.95 -34.57
N LEU F 129 -28.47 35.69 -35.10
CA LEU F 129 -27.11 35.27 -34.87
C LEU F 129 -26.86 35.10 -33.38
N HIS F 130 -27.27 36.08 -32.59
CA HIS F 130 -26.90 36.01 -31.17
C HIS F 130 -27.68 34.88 -30.47
N GLN F 131 -28.89 34.64 -30.92
CA GLN F 131 -29.65 33.44 -30.53
C GLN F 131 -28.86 32.14 -30.84
N GLY F 132 -28.36 31.90 -32.07
CA GLY F 132 -27.54 30.70 -32.26
C GLY F 132 -26.28 30.66 -31.42
N GLN F 133 -25.53 31.76 -31.40
CA GLN F 133 -24.29 31.80 -30.63
C GLN F 133 -24.56 31.43 -29.20
N GLY F 134 -25.58 32.04 -28.64
CA GLY F 134 -25.92 31.76 -27.26
C GLY F 134 -26.18 30.29 -27.03
N LEU F 135 -26.88 29.64 -27.97
CA LEU F 135 -27.14 28.21 -27.77
C LEU F 135 -25.84 27.40 -27.75
N ASP F 136 -24.97 27.64 -28.72
CA ASP F 136 -23.72 26.90 -28.73
C ASP F 136 -23.00 27.05 -27.39
N ILE F 137 -22.84 28.30 -26.95
CA ILE F 137 -22.10 28.59 -25.71
C ILE F 137 -22.77 27.94 -24.50
N TYR F 138 -24.10 28.00 -24.43
CA TYR F 138 -24.81 27.46 -23.27
C TYR F 138 -24.60 25.96 -23.14
N TRP F 139 -24.80 25.23 -24.25
CA TRP F 139 -24.59 23.79 -24.25
C TRP F 139 -23.16 23.44 -23.86
N ARG F 140 -22.19 24.17 -24.40
CA ARG F 140 -20.80 23.85 -24.09
C ARG F 140 -20.46 24.09 -22.63
N ASP F 141 -20.77 25.28 -22.11
CA ASP F 141 -20.31 25.64 -20.78
C ASP F 141 -21.19 25.07 -19.68
N ASN F 142 -22.42 24.67 -19.99
CA ASN F 142 -23.27 24.01 -19.00
C ASN F 142 -23.28 22.50 -19.17
N TYR F 143 -22.53 21.97 -20.14
CA TYR F 143 -22.30 20.54 -20.35
C TYR F 143 -23.58 19.79 -20.70
N THR F 144 -24.40 20.40 -21.53
CA THR F 144 -25.64 19.77 -21.99
C THR F 144 -25.48 19.46 -23.45
N CYS F 145 -25.34 18.18 -23.78
CA CYS F 145 -25.27 17.82 -25.19
C CYS F 145 -26.66 17.98 -25.81
N PRO F 146 -26.73 18.53 -27.02
CA PRO F 146 -28.03 18.71 -27.67
C PRO F 146 -28.34 17.55 -28.61
N THR F 147 -29.62 17.46 -28.98
CA THR F 147 -30.03 16.52 -30.02
C THR F 147 -29.66 17.06 -31.39
N GLU F 148 -29.57 16.15 -32.34
CA GLU F 148 -29.22 16.52 -33.71
C GLU F 148 -30.14 17.61 -34.26
N GLU F 149 -31.42 17.54 -33.92
CA GLU F 149 -32.34 18.58 -34.38
C GLU F 149 -32.01 19.91 -33.73
N GLU F 150 -31.81 19.91 -32.40
CA GLU F 150 -31.48 21.16 -31.69
C GLU F 150 -30.23 21.78 -32.27
N TYR F 151 -29.26 20.95 -32.63
CA TYR F 151 -28.05 21.42 -33.27
C TYR F 151 -28.34 22.06 -34.61
N LYS F 152 -29.10 21.37 -35.46
CA LYS F 152 -29.42 21.92 -36.78
C LYS F 152 -30.16 23.25 -36.69
N ALA F 153 -31.17 23.34 -35.83
CA ALA F 153 -31.86 24.62 -35.64
C ALA F 153 -30.87 25.70 -35.23
N MET F 154 -29.99 25.36 -34.28
CA MET F 154 -29.00 26.32 -33.80
C MET F 154 -28.07 26.75 -34.92
N VAL F 155 -27.58 25.79 -35.71
CA VAL F 155 -26.75 26.15 -36.84
C VAL F 155 -27.49 27.10 -37.78
N LEU F 156 -28.77 26.85 -38.04
CA LEU F 156 -29.53 27.77 -38.87
C LEU F 156 -29.53 29.17 -38.29
N GLN F 157 -29.57 29.29 -36.96
CA GLN F 157 -29.57 30.64 -36.39
C GLN F 157 -28.18 31.27 -36.49
N LYS F 158 -27.15 30.54 -36.07
CA LYS F 158 -25.78 31.08 -35.97
C LYS F 158 -25.16 31.30 -37.35
N THR F 159 -25.13 30.26 -38.17
CA THR F 159 -24.58 30.41 -39.51
C THR F 159 -25.61 31.00 -40.46
N GLY F 160 -26.89 30.80 -40.18
CA GLY F 160 -27.92 31.36 -41.03
C GLY F 160 -28.08 32.86 -40.96
N GLY F 161 -27.75 33.46 -39.80
CA GLY F 161 -27.94 34.89 -39.62
C GLY F 161 -27.31 35.76 -40.68
N LEU F 162 -25.98 35.68 -40.82
CA LEU F 162 -25.30 36.56 -41.78
C LEU F 162 -25.75 36.31 -43.21
N PHE F 163 -25.84 35.04 -43.61
CA PHE F 163 -26.33 34.73 -44.97
C PHE F 163 -27.68 35.38 -45.21
N GLY F 164 -28.57 35.27 -44.22
CA GLY F 164 -29.89 35.87 -44.32
C GLY F 164 -29.84 37.38 -44.43
N LEU F 165 -28.91 38.01 -43.73
CA LEU F 165 -28.75 39.45 -43.88
C LEU F 165 -28.35 39.79 -45.31
N ALA F 166 -27.44 39.00 -45.88
CA ALA F 166 -27.01 39.24 -47.24
C ALA F 166 -28.15 39.13 -48.24
N VAL F 167 -28.69 37.93 -48.43
CA VAL F 167 -29.65 37.78 -49.51
C VAL F 167 -30.93 38.52 -49.21
N GLY F 168 -31.25 38.69 -47.93
CA GLY F 168 -32.43 39.47 -47.59
C GLY F 168 -32.27 40.94 -47.95
N LEU F 169 -31.10 41.50 -47.63
CA LEU F 169 -30.84 42.90 -47.97
C LEU F 169 -30.84 43.08 -49.48
N MET F 170 -30.21 42.16 -50.21
CA MET F 170 -30.29 42.26 -51.66
C MET F 170 -31.71 42.03 -52.17
N GLN F 171 -32.48 41.17 -51.50
CA GLN F 171 -33.85 40.91 -51.94
C GLN F 171 -34.69 42.17 -51.81
N LEU F 172 -34.34 43.03 -50.84
CA LEU F 172 -35.02 44.31 -50.70
C LEU F 172 -34.84 45.16 -51.94
N PHE F 173 -33.73 44.96 -52.66
CA PHE F 173 -33.40 45.74 -53.86
C PHE F 173 -33.48 44.93 -55.14
N SER F 174 -34.09 43.75 -55.11
CA SER F 174 -34.19 42.91 -56.29
C SER F 174 -35.65 42.70 -56.68
N ASP F 175 -35.90 42.66 -58.00
CA ASP F 175 -37.23 42.27 -58.47
C ASP F 175 -37.49 40.76 -58.35
N TYR F 176 -36.57 40.02 -57.72
CA TYR F 176 -36.75 38.60 -57.50
C TYR F 176 -37.54 38.43 -56.22
N LYS F 177 -38.69 37.76 -56.33
CA LYS F 177 -39.59 37.61 -55.21
C LYS F 177 -39.75 36.17 -54.79
N GLU F 178 -39.17 35.24 -55.55
CA GLU F 178 -39.27 33.81 -55.25
C GLU F 178 -38.61 33.46 -53.91
N ASP F 179 -39.15 32.43 -53.25
CA ASP F 179 -38.76 32.11 -51.87
C ASP F 179 -37.40 31.43 -51.84
N LEU F 180 -36.41 32.07 -51.21
CA LEU F 180 -35.07 31.54 -51.15
C LEU F 180 -34.66 31.07 -49.76
N LYS F 181 -35.55 31.17 -48.76
CA LYS F 181 -35.24 30.67 -47.42
C LYS F 181 -34.83 29.20 -47.41
N PRO F 182 -35.52 28.28 -48.11
CA PRO F 182 -35.09 26.87 -48.09
C PRO F 182 -33.65 26.65 -48.56
N LEU F 183 -33.28 27.22 -49.72
CA LEU F 183 -31.93 27.05 -50.23
C LEU F 183 -30.90 27.56 -49.24
N LEU F 184 -31.16 28.74 -48.66
CA LEU F 184 -30.33 29.25 -47.58
C LEU F 184 -30.14 28.22 -46.46
N ASN F 185 -31.24 27.66 -45.96
CA ASN F 185 -31.09 26.70 -44.88
C ASN F 185 -30.23 25.52 -45.30
N THR F 186 -30.56 24.89 -46.43
CA THR F 186 -29.73 23.80 -46.90
C THR F 186 -28.27 24.21 -46.95
N LEU F 187 -27.99 25.43 -47.38
CA LEU F 187 -26.62 25.91 -47.43
C LEU F 187 -26.03 25.99 -46.04
N GLY F 188 -26.78 26.57 -45.10
CA GLY F 188 -26.26 26.73 -43.74
C GLY F 188 -25.85 25.42 -43.10
N LEU F 189 -26.70 24.39 -43.20
CA LEU F 189 -26.30 23.11 -42.64
C LEU F 189 -25.12 22.54 -43.41
N PHE F 190 -25.10 22.76 -44.71
CA PHE F 190 -24.00 22.24 -45.50
C PHE F 190 -22.67 22.85 -45.08
N PHE F 191 -22.68 24.15 -44.81
CA PHE F 191 -21.44 24.82 -44.44
C PHE F 191 -21.03 24.36 -43.08
N GLN F 192 -21.87 24.59 -42.07
CA GLN F 192 -21.49 24.26 -40.70
C GLN F 192 -21.08 22.81 -40.50
N ILE F 193 -21.78 21.86 -41.08
CA ILE F 193 -21.34 20.47 -40.93
C ILE F 193 -20.05 20.23 -41.72
N ARG F 194 -19.93 20.84 -42.92
CA ARG F 194 -18.67 20.75 -43.66
C ARG F 194 -17.50 21.25 -42.80
N TYR F 195 -17.69 22.38 -42.15
CA TYR F 195 -16.65 22.95 -41.30
C TYR F 195 -16.39 22.10 -40.06
N ASP F 196 -17.42 21.60 -39.39
CA ASP F 196 -17.20 20.78 -38.21
C ASP F 196 -16.44 19.51 -38.53
N TYR F 197 -16.93 18.78 -39.53
CA TYR F 197 -16.27 17.56 -39.95
C TYR F 197 -14.86 17.86 -40.39
N ALA F 198 -14.67 18.95 -41.15
CA ALA F 198 -13.34 19.31 -41.60
C ALA F 198 -12.42 19.64 -40.44
N ASN F 199 -13.01 20.14 -39.37
CA ASN F 199 -12.29 20.42 -38.15
C ASN F 199 -11.83 19.14 -37.44
N LEU F 200 -12.64 18.07 -37.48
CA LEU F 200 -12.30 16.88 -36.73
C LEU F 200 -11.59 15.82 -37.55
N HIS F 201 -11.62 15.90 -38.85
CA HIS F 201 -11.19 14.75 -39.63
C HIS F 201 -9.72 14.85 -40.02
N SER F 202 -9.36 15.82 -40.88
CA SER F 202 -8.09 15.76 -41.61
C SER F 202 -7.16 16.93 -41.28
N LYS F 203 -6.00 16.93 -41.94
CA LYS F 203 -4.91 17.89 -41.73
C LYS F 203 -4.63 18.11 -40.24
N SER F 210 -4.95 24.03 -33.98
CA SER F 210 -3.91 23.37 -34.78
C SER F 210 -4.37 21.97 -35.18
N PHE F 211 -4.97 21.27 -34.22
CA PHE F 211 -5.37 19.88 -34.34
C PHE F 211 -6.60 19.69 -33.47
N CYS F 212 -7.68 19.17 -34.05
CA CYS F 212 -8.94 18.96 -33.35
C CYS F 212 -9.30 20.04 -32.35
N GLU F 213 -9.10 21.30 -32.73
CA GLU F 213 -9.37 22.42 -31.83
C GLU F 213 -10.77 22.37 -31.24
N ASP F 214 -11.75 21.82 -31.95
CA ASP F 214 -13.08 21.82 -31.41
C ASP F 214 -13.14 21.07 -30.09
N LEU F 215 -12.45 19.93 -30.02
CA LEU F 215 -12.40 19.16 -28.79
C LEU F 215 -11.83 19.98 -27.64
N THR F 216 -10.77 20.75 -27.90
CA THR F 216 -10.23 21.60 -26.86
C THR F 216 -11.25 22.66 -26.43
N GLU F 217 -12.07 23.15 -27.36
CA GLU F 217 -13.14 24.07 -26.96
C GLU F 217 -14.15 23.35 -26.07
N GLY F 218 -14.35 22.07 -26.30
CA GLY F 218 -15.39 21.31 -25.65
C GLY F 218 -16.75 21.45 -26.27
N LYS F 219 -16.86 22.10 -27.43
CA LYS F 219 -18.14 22.34 -28.07
C LYS F 219 -18.61 21.08 -28.76
N PHE F 220 -19.92 20.93 -28.83
CA PHE F 220 -20.51 19.76 -29.47
C PHE F 220 -20.62 20.02 -30.97
N SER F 221 -19.63 19.56 -31.73
CA SER F 221 -19.79 19.57 -33.18
C SER F 221 -20.73 18.45 -33.60
N PHE F 222 -21.19 18.52 -34.83
CA PHE F 222 -22.03 17.44 -35.36
C PHE F 222 -21.38 16.06 -35.24
N PRO F 223 -20.13 15.84 -35.67
CA PRO F 223 -19.55 14.50 -35.52
C PRO F 223 -19.55 14.03 -34.08
N THR F 224 -19.21 14.91 -33.14
CA THR F 224 -19.22 14.53 -31.73
C THR F 224 -20.63 14.21 -31.23
N ILE F 225 -21.67 14.95 -31.66
CA ILE F 225 -23.03 14.69 -31.16
C ILE F 225 -23.51 13.33 -31.63
N HIS F 226 -23.26 12.98 -32.88
CA HIS F 226 -23.72 11.66 -33.34
C HIS F 226 -23.17 10.56 -32.45
N ALA F 227 -21.91 10.67 -32.06
CA ALA F 227 -21.31 9.70 -31.17
C ALA F 227 -21.95 9.75 -29.80
N ILE F 228 -22.28 10.93 -29.33
CA ILE F 228 -22.81 11.04 -27.98
C ILE F 228 -24.16 10.33 -27.87
N TRP F 229 -25.07 10.60 -28.81
CA TRP F 229 -26.41 10.00 -28.74
C TRP F 229 -26.49 8.61 -29.35
N SER F 230 -25.63 8.30 -30.32
CA SER F 230 -25.66 7.00 -30.99
C SER F 230 -25.33 5.86 -30.02
N ARG F 231 -24.42 6.07 -29.07
CA ARG F 231 -24.04 5.03 -28.12
C ARG F 231 -24.11 5.59 -26.71
N PRO F 232 -25.32 5.72 -26.16
CA PRO F 232 -25.47 6.26 -24.80
C PRO F 232 -24.88 5.37 -23.71
N GLU F 233 -24.38 4.19 -24.08
CA GLU F 233 -23.79 3.30 -23.10
C GLU F 233 -22.50 3.84 -22.51
N SER F 234 -21.91 4.90 -23.07
CA SER F 234 -20.61 5.41 -22.61
C SER F 234 -20.59 6.94 -22.64
N THR F 235 -20.14 7.54 -21.53
CA THR F 235 -20.02 8.99 -21.44
C THR F 235 -18.62 9.51 -21.81
N GLN F 236 -17.86 8.77 -22.61
CA GLN F 236 -16.49 9.20 -22.90
C GLN F 236 -16.50 10.59 -23.50
N VAL F 237 -17.14 10.76 -24.66
CA VAL F 237 -17.07 12.01 -25.42
C VAL F 237 -17.49 13.19 -24.57
N GLN F 238 -18.57 13.05 -23.82
CA GLN F 238 -18.94 14.11 -22.91
C GLN F 238 -17.81 14.42 -21.95
N ASN F 239 -17.11 13.40 -21.44
CA ASN F 239 -16.03 13.63 -20.48
C ASN F 239 -14.79 14.24 -21.12
N ILE F 240 -14.38 13.73 -22.28
CA ILE F 240 -13.26 14.34 -22.97
C ILE F 240 -13.54 15.80 -23.25
N LEU F 241 -14.74 16.12 -23.70
CA LEU F 241 -15.09 17.51 -23.94
C LEU F 241 -15.03 18.31 -22.66
N ARG F 242 -15.57 17.74 -21.58
CA ARG F 242 -15.53 18.42 -20.29
C ARG F 242 -14.11 18.76 -19.88
N GLN F 243 -13.14 17.89 -20.22
CA GLN F 243 -11.74 18.08 -19.83
C GLN F 243 -11.15 19.36 -20.42
N ARG F 244 -11.54 19.73 -21.64
CA ARG F 244 -10.98 20.88 -22.37
C ARG F 244 -9.48 20.71 -22.59
N THR F 245 -9.08 19.50 -22.95
CA THR F 245 -7.69 19.11 -22.90
C THR F 245 -6.93 19.56 -24.11
N GLU F 246 -5.71 20.00 -23.89
CA GLU F 246 -4.82 20.27 -24.99
C GLU F 246 -3.97 19.05 -25.34
N ASN F 247 -4.12 17.96 -24.58
CA ASN F 247 -3.29 16.77 -24.78
C ASN F 247 -3.58 16.11 -26.13
N ILE F 248 -2.53 15.89 -26.91
CA ILE F 248 -2.69 15.34 -28.26
C ILE F 248 -3.19 13.89 -28.21
N ASP F 249 -2.75 13.11 -27.20
CA ASP F 249 -3.08 11.69 -27.15
C ASP F 249 -4.57 11.47 -26.92
N ILE F 250 -5.17 12.23 -26.01
CA ILE F 250 -6.60 12.11 -25.79
C ILE F 250 -7.38 12.48 -27.05
N LYS F 251 -6.99 13.56 -27.72
CA LYS F 251 -7.69 13.95 -28.93
C LYS F 251 -7.62 12.85 -29.98
N LYS F 252 -6.43 12.27 -30.18
CA LYS F 252 -6.29 11.19 -31.14
C LYS F 252 -7.16 10.01 -30.76
N TYR F 253 -7.20 9.68 -29.46
CA TYR F 253 -8.08 8.58 -29.03
C TYR F 253 -9.52 8.89 -29.36
N CYS F 254 -9.96 10.11 -29.04
CA CYS F 254 -11.35 10.45 -29.22
C CYS F 254 -11.75 10.44 -30.69
N VAL F 255 -10.91 10.98 -31.57
CA VAL F 255 -11.23 10.89 -32.99
C VAL F 255 -11.26 9.44 -33.43
N HIS F 256 -10.36 8.60 -32.91
CA HIS F 256 -10.47 7.19 -33.25
C HIS F 256 -11.81 6.66 -32.78
N TYR F 257 -12.22 7.04 -31.58
CA TYR F 257 -13.48 6.56 -31.05
C TYR F 257 -14.62 6.92 -31.99
N LEU F 258 -14.73 8.19 -32.38
CA LEU F 258 -15.73 8.57 -33.37
C LEU F 258 -15.64 7.65 -34.57
N GLU F 259 -14.47 7.56 -35.19
CA GLU F 259 -14.33 6.78 -36.40
C GLU F 259 -14.68 5.33 -36.21
N ASP F 260 -14.74 4.86 -34.95
CA ASP F 260 -15.11 3.48 -34.68
C ASP F 260 -16.61 3.37 -34.48
N VAL F 261 -17.19 4.32 -33.73
CA VAL F 261 -18.61 4.42 -33.56
C VAL F 261 -19.30 4.76 -34.86
N GLY F 262 -18.55 5.25 -35.84
CA GLY F 262 -19.09 5.54 -37.16
C GLY F 262 -19.62 6.94 -37.34
N SER F 263 -19.24 7.87 -36.45
CA SER F 263 -19.79 9.23 -36.47
C SER F 263 -19.30 10.00 -37.67
N PHE F 264 -18.06 9.77 -38.07
CA PHE F 264 -17.58 10.43 -39.28
C PHE F 264 -18.43 10.03 -40.47
N GLU F 265 -18.58 8.71 -40.70
CA GLU F 265 -19.36 8.22 -41.84
C GLU F 265 -20.77 8.82 -41.83
N TYR F 266 -21.38 8.92 -40.65
CA TYR F 266 -22.68 9.57 -40.53
C TYR F 266 -22.60 11.02 -40.99
N THR F 267 -21.56 11.73 -40.54
CA THR F 267 -21.42 13.15 -40.90
C THR F 267 -21.22 13.32 -42.39
N ARG F 268 -20.46 12.43 -43.01
CA ARG F 268 -20.27 12.49 -44.45
C ARG F 268 -21.60 12.29 -45.16
N ASN F 269 -22.33 11.23 -44.79
CA ASN F 269 -23.65 10.98 -45.39
C ASN F 269 -24.59 12.17 -45.26
N THR F 270 -24.76 12.73 -44.06
CA THR F 270 -25.62 13.92 -43.98
C THR F 270 -25.07 15.05 -44.85
N LEU F 271 -23.75 15.12 -45.04
CA LEU F 271 -23.20 16.16 -45.90
C LEU F 271 -23.60 15.93 -47.35
N LYS F 272 -23.42 14.70 -47.86
CA LYS F 272 -23.77 14.42 -49.23
C LYS F 272 -25.28 14.53 -49.47
N GLU F 273 -26.09 14.12 -48.49
CA GLU F 273 -27.52 14.36 -48.60
C GLU F 273 -27.80 15.85 -48.70
N LEU F 274 -27.13 16.65 -47.88
CA LEU F 274 -27.34 18.08 -47.96
C LEU F 274 -26.99 18.63 -49.33
N GLU F 275 -25.80 18.29 -49.85
CA GLU F 275 -25.43 18.72 -51.18
C GLU F 275 -26.47 18.33 -52.25
N ALA F 276 -27.00 17.11 -52.14
CA ALA F 276 -28.03 16.68 -53.10
C ALA F 276 -29.27 17.55 -53.02
N LYS F 277 -29.71 17.83 -51.80
CA LYS F 277 -30.89 18.66 -51.64
C LYS F 277 -30.61 20.08 -52.10
N ALA F 278 -29.35 20.51 -51.95
CA ALA F 278 -28.88 21.77 -52.51
C ALA F 278 -29.15 21.84 -54.01
N TYR F 279 -28.62 20.88 -54.76
CA TYR F 279 -28.81 20.89 -56.20
C TYR F 279 -30.28 20.91 -56.57
N LYS F 280 -31.06 20.02 -55.96
CA LYS F 280 -32.50 20.04 -56.19
C LYS F 280 -33.04 21.46 -56.05
N GLN F 281 -32.68 22.13 -54.96
CA GLN F 281 -33.24 23.44 -54.66
C GLN F 281 -32.69 24.55 -55.54
N ILE F 282 -31.51 24.38 -56.14
CA ILE F 282 -31.02 25.35 -57.12
C ILE F 282 -31.82 25.22 -58.42
N ASP F 283 -31.80 24.03 -59.00
CA ASP F 283 -32.52 23.80 -60.24
C ASP F 283 -33.98 24.20 -60.11
N ALA F 284 -34.64 23.74 -59.05
CA ALA F 284 -36.04 24.08 -58.82
C ALA F 284 -36.27 25.58 -58.64
N ARG F 285 -35.21 26.38 -58.53
CA ARG F 285 -35.35 27.82 -58.42
C ARG F 285 -35.01 28.55 -59.72
N GLY F 286 -34.97 27.83 -60.83
CA GLY F 286 -34.48 28.42 -62.06
C GLY F 286 -33.01 28.18 -62.33
N GLY F 287 -32.34 27.44 -61.44
CA GLY F 287 -30.95 27.10 -61.63
C GLY F 287 -29.94 28.19 -61.40
N ASN F 288 -28.68 27.81 -61.36
CA ASN F 288 -27.58 28.74 -61.20
C ASN F 288 -26.28 28.11 -61.68
N PRO F 289 -25.33 28.96 -62.20
CA PRO F 289 -24.09 28.31 -62.62
C PRO F 289 -22.98 28.53 -61.59
N GLU F 290 -22.97 29.74 -61.04
CA GLU F 290 -21.97 30.14 -60.05
C GLU F 290 -21.99 29.36 -58.75
N LEU F 291 -23.20 29.07 -58.24
CA LEU F 291 -23.32 28.35 -56.98
C LEU F 291 -23.05 26.86 -57.18
N VAL F 292 -23.73 26.26 -58.15
CA VAL F 292 -23.58 24.85 -58.44
C VAL F 292 -22.09 24.49 -58.44
N ALA F 293 -21.26 25.35 -59.03
CA ALA F 293 -19.83 25.13 -59.06
C ALA F 293 -19.19 25.22 -57.67
N LEU F 294 -19.57 26.26 -56.90
CA LEU F 294 -19.04 26.44 -55.56
C LEU F 294 -19.32 25.24 -54.68
N VAL F 295 -20.57 24.80 -54.65
CA VAL F 295 -20.95 23.74 -53.75
C VAL F 295 -20.27 22.43 -54.14
N LYS F 296 -20.09 22.20 -55.44
CA LYS F 296 -19.35 21.02 -55.87
C LYS F 296 -17.93 21.07 -55.31
N HIS F 297 -17.27 22.22 -55.46
CA HIS F 297 -15.91 22.37 -54.95
C HIS F 297 -15.86 22.07 -53.46
N LEU F 298 -16.84 22.58 -52.70
CA LEU F 298 -16.80 22.32 -51.26
C LEU F 298 -17.04 20.86 -50.94
N SER F 299 -17.88 20.18 -51.71
CA SER F 299 -18.15 18.78 -51.43
C SER F 299 -17.02 17.85 -51.85
N LYS F 300 -16.09 18.30 -52.70
CA LYS F 300 -14.95 17.45 -53.00
C LYS F 300 -14.13 17.16 -51.75
N MET F 301 -14.25 18.01 -50.73
CA MET F 301 -13.44 17.86 -49.51
C MET F 301 -13.78 16.57 -48.76
N PHE F 302 -15.05 16.19 -48.73
CA PHE F 302 -15.42 14.91 -48.11
C PHE F 302 -15.75 13.86 -49.18
N LYS F 303 -14.86 13.75 -50.17
CA LYS F 303 -15.07 12.82 -51.29
C LYS F 303 -15.30 11.40 -50.80
N LYS G 10 -27.40 -11.12 0.58
CA LYS G 10 -27.20 -10.91 -0.86
C LYS G 10 -27.79 -9.59 -1.37
N THR G 11 -27.59 -9.35 -2.67
CA THR G 11 -27.99 -8.07 -3.28
C THR G 11 -29.50 -8.01 -3.50
N GLN G 12 -29.97 -8.75 -4.51
CA GLN G 12 -31.38 -8.82 -4.87
C GLN G 12 -32.14 -9.87 -4.08
N GLU G 13 -31.73 -10.15 -2.85
CA GLU G 13 -32.46 -11.10 -2.02
C GLU G 13 -33.65 -10.44 -1.34
N THR G 14 -34.02 -9.25 -1.81
CA THR G 14 -35.28 -8.63 -1.46
C THR G 14 -36.44 -9.39 -2.08
N VAL G 15 -36.14 -10.41 -2.90
CA VAL G 15 -37.18 -11.20 -3.52
C VAL G 15 -38.00 -11.88 -2.45
N GLN G 16 -37.38 -12.15 -1.31
CA GLN G 16 -38.12 -12.75 -0.21
C GLN G 16 -39.26 -11.86 0.21
N ARG G 17 -39.02 -10.54 0.26
CA ARG G 17 -40.07 -9.61 0.62
C ARG G 17 -41.29 -9.78 -0.27
N ILE G 18 -41.10 -9.84 -1.61
CA ILE G 18 -42.30 -10.01 -2.43
C ILE G 18 -42.90 -11.37 -2.14
N LEU G 19 -42.04 -12.39 -2.00
CA LEU G 19 -42.54 -13.73 -1.72
C LEU G 19 -43.31 -13.76 -0.42
N LEU G 20 -42.94 -12.93 0.54
CA LEU G 20 -43.65 -12.98 1.80
C LEU G 20 -44.70 -11.86 1.96
N GLU G 21 -44.92 -11.02 0.95
CA GLU G 21 -45.80 -9.86 1.16
C GLU G 21 -47.22 -10.23 1.59
N PRO G 22 -47.90 -11.18 0.96
CA PRO G 22 -49.22 -11.54 1.50
C PRO G 22 -49.11 -11.94 2.95
N TYR G 23 -48.09 -12.75 3.27
CA TYR G 23 -47.95 -13.26 4.63
C TYR G 23 -47.80 -12.11 5.61
N LYS G 24 -46.84 -11.25 5.36
CA LYS G 24 -46.64 -10.11 6.23
C LYS G 24 -47.92 -9.32 6.38
N TYR G 25 -48.65 -9.13 5.26
CA TYR G 25 -49.89 -8.36 5.34
C TYR G 25 -50.84 -8.93 6.37
N LEU G 26 -51.07 -10.25 6.33
CA LEU G 26 -52.00 -10.80 7.30
C LEU G 26 -51.50 -10.55 8.72
N LEU G 27 -50.19 -10.65 8.95
CA LEU G 27 -49.70 -10.39 10.30
C LEU G 27 -49.70 -8.92 10.65
N GLN G 28 -49.54 -8.01 9.68
CA GLN G 28 -49.48 -6.60 10.07
C GLN G 28 -50.72 -6.24 10.87
N LEU G 29 -51.81 -6.85 10.52
CA LEU G 29 -53.02 -6.80 11.30
C LEU G 29 -52.79 -7.11 12.78
N PRO G 30 -53.64 -6.60 13.64
CA PRO G 30 -53.69 -7.11 15.01
C PRO G 30 -54.18 -8.56 15.05
N GLY G 31 -53.24 -9.51 15.16
CA GLY G 31 -53.58 -10.89 15.42
C GLY G 31 -53.63 -11.13 16.91
N LYS G 32 -54.76 -11.62 17.41
CA LYS G 32 -54.92 -11.82 18.85
C LYS G 32 -53.84 -12.74 19.41
N GLN G 33 -53.30 -13.63 18.59
CA GLN G 33 -52.33 -14.64 19.02
C GLN G 33 -52.94 -15.54 20.10
N VAL G 34 -54.17 -16.01 19.84
CA VAL G 34 -54.84 -16.93 20.76
C VAL G 34 -53.98 -18.16 21.00
N ARG G 35 -53.33 -18.65 19.94
CA ARG G 35 -52.45 -19.80 20.07
C ARG G 35 -51.24 -19.49 20.93
N THR G 36 -50.76 -18.24 20.91
CA THR G 36 -49.60 -17.87 21.74
C THR G 36 -49.98 -17.82 23.21
N LYS G 37 -51.17 -17.28 23.52
CA LYS G 37 -51.65 -17.28 24.90
C LYS G 37 -51.88 -18.70 25.42
N LEU G 38 -52.53 -19.55 24.62
CA LEU G 38 -52.82 -20.91 25.08
C LEU G 38 -51.56 -21.76 25.19
N SER G 39 -50.60 -21.56 24.29
CA SER G 39 -49.36 -22.33 24.36
C SER G 39 -48.48 -21.87 25.51
N GLN G 40 -48.34 -20.55 25.69
CA GLN G 40 -47.63 -20.05 26.86
C GLN G 40 -48.28 -20.52 28.15
N ALA G 41 -49.62 -20.57 28.18
CA ALA G 41 -50.28 -21.05 29.39
C ALA G 41 -50.25 -22.56 29.51
N PHE G 42 -49.88 -23.27 28.44
CA PHE G 42 -49.67 -24.71 28.54
C PHE G 42 -48.20 -25.03 28.79
N ASN G 43 -47.34 -24.02 28.86
CA ASN G 43 -45.97 -24.24 29.27
C ASN G 43 -45.82 -24.34 30.79
N HIS G 44 -46.88 -24.05 31.56
CA HIS G 44 -46.79 -24.17 33.02
C HIS G 44 -46.60 -25.63 33.46
N TRP G 45 -47.02 -26.58 32.65
CA TRP G 45 -46.79 -28.02 32.86
C TRP G 45 -45.47 -28.46 32.24
N LEU G 46 -45.27 -28.18 30.95
CA LEU G 46 -44.13 -28.71 30.23
C LEU G 46 -42.83 -28.05 30.67
N LYS G 47 -42.87 -26.76 30.99
CA LYS G 47 -41.67 -25.97 31.27
C LYS G 47 -40.57 -26.29 30.24
N VAL G 48 -40.88 -25.88 29.01
CA VAL G 48 -40.01 -25.97 27.83
C VAL G 48 -38.86 -24.98 27.94
N PRO G 49 -37.65 -25.31 27.50
CA PRO G 49 -36.57 -24.30 27.49
C PRO G 49 -37.00 -23.13 26.64
N GLU G 50 -37.12 -21.96 27.27
CA GLU G 50 -37.52 -20.74 26.58
C GLU G 50 -36.81 -20.58 25.24
N ASP G 51 -35.50 -20.81 25.23
CA ASP G 51 -34.71 -20.72 24.00
C ASP G 51 -35.28 -21.65 22.93
N LYS G 52 -35.89 -22.78 23.33
CA LYS G 52 -36.60 -23.68 22.44
C LYS G 52 -38.09 -23.33 22.26
N LEU G 53 -38.74 -22.86 23.32
CA LEU G 53 -40.16 -22.53 23.25
C LEU G 53 -40.40 -21.44 22.22
N GLN G 54 -39.53 -20.43 22.18
CA GLN G 54 -39.69 -19.38 21.17
C GLN G 54 -39.72 -19.98 19.78
N ILE G 55 -38.90 -20.99 19.50
CA ILE G 55 -38.93 -21.62 18.19
C ILE G 55 -40.27 -22.31 17.98
N ILE G 56 -40.77 -22.99 19.02
CA ILE G 56 -42.05 -23.68 18.88
C ILE G 56 -43.15 -22.69 18.54
N ILE G 57 -43.19 -21.58 19.26
CA ILE G 57 -44.18 -20.55 19.01
C ILE G 57 -44.01 -19.97 17.61
N GLU G 58 -42.77 -19.80 17.17
CA GLU G 58 -42.51 -19.31 15.82
C GLU G 58 -43.11 -20.23 14.76
N VAL G 59 -42.88 -21.54 14.89
CA VAL G 59 -43.38 -22.47 13.87
C VAL G 59 -44.90 -22.56 13.93
N THR G 60 -45.47 -22.60 15.13
CA THR G 60 -46.93 -22.68 15.22
C THR G 60 -47.58 -21.43 14.65
N GLU G 61 -47.10 -20.25 15.05
CA GLU G 61 -47.66 -19.01 14.53
C GLU G 61 -47.51 -18.92 13.01
N MET G 62 -46.32 -19.25 12.50
CA MET G 62 -46.11 -19.26 11.06
C MET G 62 -47.11 -20.16 10.35
N LEU G 63 -47.11 -21.44 10.70
CA LEU G 63 -47.94 -22.40 9.99
C LEU G 63 -49.41 -22.05 10.14
N HIS G 64 -49.83 -21.65 11.34
CA HIS G 64 -51.22 -21.27 11.52
C HIS G 64 -51.61 -20.14 10.58
N ASN G 65 -50.82 -19.06 10.56
CA ASN G 65 -51.22 -17.93 9.73
C ASN G 65 -51.26 -18.29 8.25
N ALA G 66 -50.29 -19.08 7.79
CA ALA G 66 -50.36 -19.54 6.40
C ALA G 66 -51.65 -20.30 6.15
N SER G 67 -51.98 -21.24 7.05
CA SER G 67 -53.23 -21.98 6.92
C SER G 67 -54.42 -21.04 6.81
N LEU G 68 -54.41 -19.94 7.58
CA LEU G 68 -55.51 -18.98 7.53
C LEU G 68 -55.58 -18.33 6.16
N LEU G 69 -54.42 -17.99 5.58
CA LEU G 69 -54.41 -17.45 4.23
C LEU G 69 -55.08 -18.38 3.23
N ILE G 70 -54.76 -19.68 3.29
CA ILE G 70 -55.42 -20.60 2.36
C ILE G 70 -56.91 -20.70 2.68
N ASP G 71 -57.26 -20.80 3.97
CA ASP G 71 -58.66 -20.91 4.36
C ASP G 71 -59.50 -19.80 3.75
N ASP G 72 -58.93 -18.59 3.64
CA ASP G 72 -59.71 -17.50 3.07
C ASP G 72 -60.05 -17.76 1.61
N ILE G 73 -59.12 -18.31 0.84
CA ILE G 73 -59.40 -18.62 -0.54
C ILE G 73 -60.43 -19.74 -0.64
N GLU G 74 -60.20 -20.82 0.09
CA GLU G 74 -61.06 -21.98 -0.05
C GLU G 74 -62.49 -21.67 0.41
N ASP G 75 -62.61 -20.94 1.52
CA ASP G 75 -63.91 -20.51 2.03
C ASP G 75 -64.47 -19.31 1.27
N ASN G 76 -63.66 -18.65 0.43
CA ASN G 76 -64.09 -17.50 -0.37
C ASN G 76 -64.65 -16.37 0.50
N SER G 77 -63.96 -16.06 1.59
CA SER G 77 -64.39 -14.93 2.40
C SER G 77 -63.98 -13.61 1.74
N LYS G 78 -64.69 -12.55 2.14
CA LYS G 78 -64.37 -11.22 1.64
C LYS G 78 -63.59 -10.39 2.63
N LEU G 79 -63.72 -10.65 3.93
CA LEU G 79 -63.08 -9.82 4.94
C LEU G 79 -62.49 -10.74 6.00
N ARG G 80 -61.38 -10.30 6.60
CA ARG G 80 -60.74 -11.10 7.65
C ARG G 80 -60.27 -10.18 8.76
N ARG G 81 -60.82 -10.37 9.96
CA ARG G 81 -60.46 -9.56 11.13
C ARG G 81 -60.62 -8.05 10.88
N GLY G 82 -61.63 -7.69 10.07
CA GLY G 82 -61.97 -6.30 9.75
C GLY G 82 -61.19 -5.65 8.61
N PHE G 83 -60.26 -6.35 7.98
CA PHE G 83 -59.50 -5.86 6.83
C PHE G 83 -59.56 -6.91 5.74
N PRO G 84 -59.53 -6.49 4.47
CA PRO G 84 -59.67 -7.42 3.34
C PRO G 84 -58.75 -8.64 3.39
N VAL G 85 -59.24 -9.76 2.86
CA VAL G 85 -58.42 -10.96 2.77
C VAL G 85 -57.29 -10.71 1.77
N ALA G 86 -56.17 -11.39 1.98
CA ALA G 86 -54.96 -11.05 1.22
C ALA G 86 -55.17 -11.20 -0.28
N HIS G 87 -55.86 -12.23 -0.71
CA HIS G 87 -56.01 -12.43 -2.14
C HIS G 87 -56.83 -11.36 -2.79
N SER G 88 -57.71 -10.67 -2.03
CA SER G 88 -58.53 -9.65 -2.65
C SER G 88 -57.70 -8.46 -3.14
N ILE G 89 -56.50 -8.26 -2.59
CA ILE G 89 -55.58 -7.22 -3.06
C ILE G 89 -54.37 -7.82 -3.80
N TYR G 90 -53.74 -8.85 -3.26
CA TYR G 90 -52.56 -9.40 -3.89
C TYR G 90 -52.89 -10.40 -4.98
N GLY G 91 -54.15 -10.81 -5.10
CA GLY G 91 -54.52 -11.81 -6.09
C GLY G 91 -54.37 -13.24 -5.57
N ILE G 92 -55.26 -14.12 -6.03
CA ILE G 92 -55.20 -15.51 -5.62
C ILE G 92 -53.83 -16.10 -5.90
N PRO G 93 -53.29 -16.04 -7.10
CA PRO G 93 -51.99 -16.70 -7.33
C PRO G 93 -50.89 -16.28 -6.35
N SER G 94 -50.77 -14.98 -6.13
CA SER G 94 -49.70 -14.47 -5.29
C SER G 94 -49.82 -15.02 -3.89
N VAL G 95 -51.01 -14.96 -3.32
CA VAL G 95 -51.15 -15.36 -1.92
C VAL G 95 -51.14 -16.86 -1.80
N ILE G 96 -51.63 -17.60 -2.80
CA ILE G 96 -51.48 -19.06 -2.73
C ILE G 96 -50.01 -19.41 -2.61
N ASN G 97 -49.19 -18.91 -3.55
CA ASN G 97 -47.79 -19.33 -3.54
C ASN G 97 -47.06 -18.83 -2.30
N SER G 98 -47.32 -17.59 -1.88
CA SER G 98 -46.76 -17.07 -0.64
C SER G 98 -47.09 -17.99 0.53
N ALA G 99 -48.34 -18.43 0.62
CA ALA G 99 -48.77 -19.26 1.73
C ALA G 99 -48.05 -20.59 1.73
N ASN G 100 -47.96 -21.23 0.55
CA ASN G 100 -47.21 -22.48 0.44
C ASN G 100 -45.76 -22.29 0.87
N TYR G 101 -45.16 -21.17 0.46
CA TYR G 101 -43.81 -20.81 0.90
C TYR G 101 -43.73 -20.80 2.41
N VAL G 102 -44.69 -20.16 3.07
CA VAL G 102 -44.60 -20.12 4.53
C VAL G 102 -44.75 -21.51 5.12
N TYR G 103 -45.51 -22.41 4.46
CA TYR G 103 -45.51 -23.80 4.90
C TYR G 103 -44.09 -24.36 4.97
N PHE G 104 -43.38 -24.26 3.85
CA PHE G 104 -42.05 -24.85 3.82
C PHE G 104 -41.03 -24.08 4.65
N LEU G 105 -41.23 -22.77 4.86
CA LEU G 105 -40.46 -22.10 5.91
C LEU G 105 -40.76 -22.72 7.27
N GLY G 106 -42.00 -23.18 7.47
CA GLY G 106 -42.31 -23.85 8.72
C GLY G 106 -41.55 -25.16 8.88
N LEU G 107 -41.48 -25.97 7.82
CA LEU G 107 -40.66 -27.17 7.87
C LEU G 107 -39.17 -26.84 8.07
N GLU G 108 -38.66 -25.84 7.36
CA GLU G 108 -37.26 -25.46 7.53
C GLU G 108 -36.98 -25.07 8.97
N LYS G 109 -37.78 -24.16 9.51
CA LYS G 109 -37.57 -23.71 10.89
C LYS G 109 -37.86 -24.82 11.89
N VAL G 110 -38.65 -25.79 11.46
CA VAL G 110 -39.01 -26.95 12.27
C VAL G 110 -37.80 -27.84 12.54
N LEU G 111 -36.92 -27.94 11.56
CA LEU G 111 -35.74 -28.78 11.63
C LEU G 111 -34.84 -28.35 12.78
N THR G 112 -35.02 -27.12 13.23
CA THR G 112 -34.26 -26.54 14.35
C THR G 112 -34.54 -27.27 15.67
N LEU G 113 -33.54 -27.28 16.57
CA LEU G 113 -33.66 -27.98 17.84
C LEU G 113 -33.03 -29.39 17.79
N ASP G 114 -32.57 -29.79 16.62
CA ASP G 114 -31.87 -31.06 16.45
C ASP G 114 -32.60 -32.30 16.97
N HIS G 115 -33.90 -32.37 16.78
CA HIS G 115 -34.65 -33.54 17.23
C HIS G 115 -35.04 -34.38 16.03
N GLN G 116 -34.73 -35.67 16.06
CA GLN G 116 -35.04 -36.55 14.94
C GLN G 116 -36.53 -36.80 14.77
N ASP G 117 -37.29 -36.83 15.87
CA ASP G 117 -38.71 -37.15 15.82
C ASP G 117 -39.58 -35.93 15.53
N ALA G 118 -39.00 -34.74 15.62
CA ALA G 118 -39.75 -33.52 15.44
C ALA G 118 -40.41 -33.50 14.07
N VAL G 119 -39.67 -33.90 13.04
CA VAL G 119 -40.21 -33.92 11.69
C VAL G 119 -41.35 -34.92 11.61
N LYS G 120 -41.22 -36.08 12.28
CA LYS G 120 -42.27 -37.08 12.26
C LYS G 120 -43.57 -36.53 12.85
N LEU G 121 -43.49 -35.92 14.04
CA LEU G 121 -44.67 -35.29 14.62
C LEU G 121 -45.23 -34.19 13.72
N PHE G 122 -44.34 -33.36 13.18
CA PHE G 122 -44.74 -32.27 12.31
C PHE G 122 -45.53 -32.78 11.12
N THR G 123 -44.95 -33.73 10.37
CA THR G 123 -45.64 -34.26 9.22
C THR G 123 -47.01 -34.82 9.61
N ARG G 124 -47.05 -35.66 10.64
CA ARG G 124 -48.34 -36.24 11.03
C ARG G 124 -49.37 -35.13 11.25
N GLN G 125 -49.02 -34.13 12.05
CA GLN G 125 -50.00 -33.12 12.42
C GLN G 125 -50.47 -32.33 11.21
N LEU G 126 -49.56 -32.01 10.28
CA LEU G 126 -49.98 -31.23 9.11
C LEU G 126 -50.89 -32.04 8.19
N LEU G 127 -50.56 -33.33 7.97
CA LEU G 127 -51.48 -34.15 7.17
C LEU G 127 -52.86 -34.18 7.81
N GLU G 128 -52.92 -34.30 9.15
CA GLU G 128 -54.22 -34.29 9.83
C GLU G 128 -55.00 -33.00 9.56
N LEU G 129 -54.34 -31.84 9.70
CA LEU G 129 -55.01 -30.58 9.40
C LEU G 129 -55.60 -30.59 8.00
N HIS G 130 -54.82 -31.06 7.02
CA HIS G 130 -55.33 -31.03 5.66
C HIS G 130 -56.45 -32.03 5.43
N GLN G 131 -56.44 -33.17 6.14
CA GLN G 131 -57.57 -34.10 6.04
C GLN G 131 -58.84 -33.44 6.54
N GLY G 132 -58.78 -32.81 7.73
CA GLY G 132 -59.96 -32.12 8.25
C GLY G 132 -60.50 -31.07 7.30
N GLN G 133 -59.61 -30.22 6.78
CA GLN G 133 -60.03 -29.21 5.81
C GLN G 133 -60.71 -29.87 4.62
N GLY G 134 -60.11 -30.92 4.07
CA GLY G 134 -60.71 -31.60 2.94
C GLY G 134 -62.11 -32.10 3.23
N LEU G 135 -62.34 -32.63 4.43
CA LEU G 135 -63.69 -33.06 4.76
C LEU G 135 -64.66 -31.87 4.77
N ASP G 136 -64.26 -30.76 5.42
CA ASP G 136 -65.13 -29.58 5.43
C ASP G 136 -65.48 -29.13 4.02
N ILE G 137 -64.46 -28.95 3.18
CA ILE G 137 -64.68 -28.46 1.82
C ILE G 137 -65.56 -29.41 1.04
N TYR G 138 -65.33 -30.72 1.18
CA TYR G 138 -66.13 -31.68 0.44
C TYR G 138 -67.59 -31.59 0.85
N TRP G 139 -67.85 -31.45 2.16
CA TRP G 139 -69.22 -31.31 2.62
C TRP G 139 -69.88 -30.07 2.03
N ARG G 140 -69.19 -28.94 2.06
CA ARG G 140 -69.80 -27.72 1.54
C ARG G 140 -70.07 -27.84 0.05
N ASP G 141 -69.07 -28.28 -0.70
CA ASP G 141 -69.12 -28.24 -2.15
C ASP G 141 -69.92 -29.39 -2.76
N ASN G 142 -70.10 -30.48 -2.03
CA ASN G 142 -70.90 -31.59 -2.54
C ASN G 142 -72.29 -31.63 -1.95
N TYR G 143 -72.64 -30.65 -1.12
CA TYR G 143 -74.01 -30.47 -0.63
C TYR G 143 -74.46 -31.67 0.18
N THR G 144 -73.52 -32.30 0.89
CA THR G 144 -73.81 -33.40 1.79
C THR G 144 -73.47 -32.95 3.21
N CYS G 145 -74.49 -32.75 4.03
CA CYS G 145 -74.28 -32.34 5.41
C CYS G 145 -73.72 -33.50 6.23
N PRO G 146 -72.85 -33.22 7.20
CA PRO G 146 -72.30 -34.28 8.03
C PRO G 146 -73.13 -34.54 9.30
N THR G 147 -72.83 -35.67 9.93
CA THR G 147 -73.35 -35.94 11.26
C THR G 147 -72.60 -35.10 12.28
N GLU G 148 -73.22 -34.91 13.45
CA GLU G 148 -72.48 -34.26 14.52
C GLU G 148 -71.22 -35.03 14.82
N GLU G 149 -71.24 -36.35 14.63
CA GLU G 149 -70.03 -37.14 14.84
C GLU G 149 -68.99 -36.84 13.78
N GLU G 150 -69.37 -36.89 12.50
CA GLU G 150 -68.43 -36.58 11.42
C GLU G 150 -67.92 -35.15 11.50
N TYR G 151 -68.81 -34.19 11.80
CA TYR G 151 -68.38 -32.80 11.97
C TYR G 151 -67.39 -32.66 13.11
N LYS G 152 -67.75 -33.18 14.29
CA LYS G 152 -66.88 -33.06 15.46
C LYS G 152 -65.52 -33.66 15.21
N ALA G 153 -65.47 -34.89 14.68
CA ALA G 153 -64.19 -35.51 14.35
C ALA G 153 -63.41 -34.67 13.35
N MET G 154 -64.10 -34.16 12.33
CA MET G 154 -63.44 -33.32 11.34
C MET G 154 -62.83 -32.11 12.02
N VAL G 155 -63.60 -31.44 12.86
CA VAL G 155 -63.08 -30.28 13.60
C VAL G 155 -61.86 -30.71 14.42
N LEU G 156 -61.90 -31.89 15.03
CA LEU G 156 -60.74 -32.39 15.77
C LEU G 156 -59.50 -32.45 14.89
N GLN G 157 -59.66 -32.80 13.61
CA GLN G 157 -58.51 -32.80 12.72
C GLN G 157 -58.13 -31.37 12.29
N LYS G 158 -59.14 -30.57 11.92
CA LYS G 158 -58.94 -29.26 11.32
C LYS G 158 -58.31 -28.30 12.31
N THR G 159 -58.96 -28.09 13.45
CA THR G 159 -58.37 -27.27 14.48
C THR G 159 -57.38 -28.06 15.33
N GLY G 160 -57.53 -29.38 15.39
CA GLY G 160 -56.62 -30.18 16.18
C GLY G 160 -55.20 -30.21 15.66
N GLY G 161 -55.02 -30.04 14.35
CA GLY G 161 -53.69 -30.12 13.76
C GLY G 161 -52.62 -29.19 14.32
N LEU G 162 -52.87 -27.88 14.20
CA LEU G 162 -51.90 -26.90 14.66
C LEU G 162 -51.64 -27.07 16.15
N PHE G 163 -52.69 -27.25 16.94
CA PHE G 163 -52.52 -27.53 18.35
C PHE G 163 -51.59 -28.72 18.57
N GLY G 164 -51.77 -29.77 17.77
CA GLY G 164 -50.95 -30.95 17.92
C GLY G 164 -49.48 -30.68 17.65
N LEU G 165 -49.19 -29.84 16.65
CA LEU G 165 -47.80 -29.47 16.44
C LEU G 165 -47.25 -28.67 17.61
N ALA G 166 -48.00 -27.67 18.08
CA ALA G 166 -47.53 -26.85 19.19
C ALA G 166 -47.26 -27.68 20.45
N VAL G 167 -48.33 -28.25 21.02
CA VAL G 167 -48.19 -28.93 22.31
C VAL G 167 -47.36 -30.18 22.16
N GLY G 168 -47.43 -30.84 20.99
CA GLY G 168 -46.60 -32.01 20.80
C GLY G 168 -45.13 -31.67 20.77
N LEU G 169 -44.77 -30.64 20.00
CA LEU G 169 -43.37 -30.22 19.95
C LEU G 169 -42.89 -29.78 21.32
N MET G 170 -43.74 -29.09 22.08
CA MET G 170 -43.37 -28.77 23.46
C MET G 170 -43.17 -30.03 24.29
N GLN G 171 -43.97 -31.07 24.01
CA GLN G 171 -43.86 -32.32 24.75
C GLN G 171 -42.56 -33.06 24.44
N LEU G 172 -42.00 -32.89 23.23
CA LEU G 172 -40.74 -33.61 22.92
C LEU G 172 -39.55 -33.14 23.75
N PHE G 173 -39.50 -31.86 24.12
CA PHE G 173 -38.33 -31.35 24.82
C PHE G 173 -38.58 -31.11 26.29
N SER G 174 -39.71 -31.59 26.80
CA SER G 174 -40.06 -31.45 28.20
C SER G 174 -40.39 -32.81 28.79
N ASP G 175 -39.95 -33.05 30.02
CA ASP G 175 -40.37 -34.22 30.78
C ASP G 175 -41.77 -33.95 31.32
N TYR G 176 -42.78 -34.51 30.66
CA TYR G 176 -44.17 -34.36 31.12
C TYR G 176 -44.83 -35.74 31.07
N LYS G 177 -46.16 -35.75 30.96
CA LYS G 177 -46.93 -37.01 30.99
C LYS G 177 -47.69 -37.23 29.70
N PRO G 182 -53.49 -34.19 26.87
CA PRO G 182 -53.98 -35.19 25.91
C PRO G 182 -55.43 -34.93 25.50
N LEU G 183 -56.20 -34.40 26.46
CA LEU G 183 -57.54 -33.89 26.18
C LEU G 183 -57.50 -32.45 25.70
N LEU G 184 -56.43 -32.06 25.01
CA LEU G 184 -56.45 -30.78 24.30
C LEU G 184 -57.59 -30.74 23.28
N ASN G 185 -58.04 -31.91 22.81
CA ASN G 185 -59.25 -32.08 22.03
C ASN G 185 -60.38 -31.18 22.54
N THR G 186 -60.87 -31.44 23.75
CA THR G 186 -62.00 -30.70 24.32
C THR G 186 -61.82 -29.21 24.07
N LEU G 187 -60.59 -28.71 24.19
CA LEU G 187 -60.34 -27.31 23.90
C LEU G 187 -60.58 -27.03 22.41
N GLY G 188 -60.06 -27.88 21.53
CA GLY G 188 -60.26 -27.65 20.10
C GLY G 188 -61.71 -27.64 19.66
N LEU G 189 -62.54 -28.51 20.26
CA LEU G 189 -63.96 -28.47 19.89
C LEU G 189 -64.63 -27.25 20.51
N PHE G 190 -64.18 -26.85 21.70
CA PHE G 190 -64.76 -25.68 22.35
C PHE G 190 -64.51 -24.45 21.51
N PHE G 191 -63.31 -24.33 20.97
CA PHE G 191 -62.95 -23.17 20.18
C PHE G 191 -63.71 -23.18 18.86
N GLN G 192 -63.67 -24.30 18.14
CA GLN G 192 -64.27 -24.33 16.81
C GLN G 192 -65.78 -24.07 16.87
N ILE G 193 -66.48 -24.76 17.79
CA ILE G 193 -67.91 -24.53 17.90
C ILE G 193 -68.17 -23.11 18.41
N ARG G 194 -67.28 -22.60 19.28
CA ARG G 194 -67.38 -21.21 19.72
C ARG G 194 -67.36 -20.25 18.54
N TYR G 195 -66.43 -20.46 17.60
CA TYR G 195 -66.37 -19.60 16.42
C TYR G 195 -67.64 -19.70 15.61
N ASP G 196 -68.17 -20.91 15.43
CA ASP G 196 -69.38 -21.05 14.64
C ASP G 196 -70.54 -20.29 15.28
N TYR G 197 -70.77 -20.51 16.58
CA TYR G 197 -71.85 -19.81 17.29
C TYR G 197 -71.65 -18.30 17.27
N ALA G 198 -70.44 -17.84 17.56
CA ALA G 198 -70.21 -16.41 17.55
C ALA G 198 -70.46 -15.87 16.15
N ASN G 199 -69.91 -16.54 15.16
CA ASN G 199 -70.00 -16.09 13.79
C ASN G 199 -71.45 -15.88 13.37
N LEU G 200 -72.36 -16.65 13.94
CA LEU G 200 -73.77 -16.51 13.53
C LEU G 200 -74.48 -15.48 14.41
N HIS G 201 -74.62 -15.79 15.70
CA HIS G 201 -75.33 -14.91 16.64
C HIS G 201 -74.56 -13.61 16.93
N SER G 210 -69.68 -10.57 5.54
CA SER G 210 -69.61 -9.59 6.63
C SER G 210 -70.42 -10.09 7.83
N PHE G 211 -71.71 -10.21 7.61
CA PHE G 211 -72.65 -10.67 8.62
C PHE G 211 -73.15 -12.05 8.21
N CYS G 212 -73.25 -12.96 9.19
CA CYS G 212 -73.58 -14.35 8.93
C CYS G 212 -72.76 -14.90 7.77
N GLU G 213 -71.44 -14.68 7.85
CA GLU G 213 -70.52 -15.09 6.80
C GLU G 213 -70.62 -16.57 6.44
N ASP G 214 -70.90 -17.45 7.41
CA ASP G 214 -71.00 -18.89 7.09
C ASP G 214 -72.17 -19.19 6.17
N LEU G 215 -73.33 -18.58 6.40
CA LEU G 215 -74.47 -18.81 5.51
C LEU G 215 -74.11 -18.45 4.08
N THR G 216 -73.44 -17.31 3.89
CA THR G 216 -73.02 -16.91 2.55
C THR G 216 -71.98 -17.87 1.96
N GLU G 217 -71.07 -18.39 2.80
CA GLU G 217 -70.08 -19.36 2.33
C GLU G 217 -70.72 -20.67 1.93
N GLY G 218 -71.80 -21.07 2.60
CA GLY G 218 -72.38 -22.40 2.43
C GLY G 218 -71.74 -23.49 3.26
N LYS G 219 -70.88 -23.13 4.21
CA LYS G 219 -70.21 -24.09 5.05
C LYS G 219 -71.18 -24.59 6.10
N PHE G 220 -70.98 -25.83 6.55
CA PHE G 220 -71.83 -26.39 7.59
C PHE G 220 -71.26 -26.01 8.96
N SER G 221 -71.79 -24.95 9.54
CA SER G 221 -71.46 -24.67 10.92
C SER G 221 -72.15 -25.70 11.82
N PHE G 222 -71.67 -25.79 13.05
CA PHE G 222 -72.30 -26.68 14.02
C PHE G 222 -73.78 -26.40 14.22
N PRO G 223 -74.20 -25.17 14.49
CA PRO G 223 -75.64 -24.93 14.65
C PRO G 223 -76.43 -25.29 13.41
N THR G 224 -75.92 -24.94 12.23
CA THR G 224 -76.64 -25.26 11.00
C THR G 224 -76.82 -26.76 10.85
N ILE G 225 -75.81 -27.55 11.24
CA ILE G 225 -75.93 -29.00 11.19
C ILE G 225 -77.03 -29.47 12.15
N HIS G 226 -77.06 -28.91 13.35
CA HIS G 226 -78.10 -29.30 14.31
C HIS G 226 -79.48 -29.03 13.75
N ALA G 227 -79.69 -27.87 13.13
CA ALA G 227 -80.99 -27.57 12.55
C ALA G 227 -81.32 -28.54 11.42
N ILE G 228 -80.31 -28.90 10.62
CA ILE G 228 -80.54 -29.78 9.49
C ILE G 228 -81.01 -31.16 9.98
N TRP G 229 -80.35 -31.71 11.00
CA TRP G 229 -80.67 -33.06 11.43
C TRP G 229 -81.89 -33.10 12.35
N SER G 230 -82.18 -32.04 13.07
CA SER G 230 -83.31 -32.06 14.01
C SER G 230 -84.66 -32.16 13.32
N ARG G 231 -84.82 -31.55 12.14
CA ARG G 231 -86.09 -31.54 11.42
C ARG G 231 -85.85 -32.07 10.02
N PRO G 232 -85.74 -33.40 9.87
CA PRO G 232 -85.41 -33.98 8.55
C PRO G 232 -86.43 -33.67 7.47
N GLU G 233 -87.68 -33.45 7.84
CA GLU G 233 -88.68 -33.07 6.86
C GLU G 233 -88.35 -31.75 6.20
N SER G 234 -87.66 -30.86 6.93
CA SER G 234 -87.33 -29.53 6.41
C SER G 234 -86.00 -29.58 5.67
N THR G 235 -85.97 -29.00 4.47
CA THR G 235 -84.73 -28.86 3.72
C THR G 235 -84.39 -27.41 3.42
N GLN G 236 -85.10 -26.47 4.04
CA GLN G 236 -84.89 -25.05 3.72
C GLN G 236 -83.43 -24.65 3.93
N VAL G 237 -82.80 -25.11 5.02
CA VAL G 237 -81.45 -24.66 5.35
C VAL G 237 -80.47 -25.10 4.26
N GLN G 238 -80.52 -26.37 3.88
CA GLN G 238 -79.66 -26.85 2.80
C GLN G 238 -79.83 -26.02 1.55
N ASN G 239 -81.07 -25.62 1.24
CA ASN G 239 -81.28 -24.84 0.03
C ASN G 239 -80.65 -23.45 0.19
N ILE G 240 -80.79 -22.87 1.37
CA ILE G 240 -80.16 -21.57 1.65
C ILE G 240 -78.66 -21.66 1.45
N LEU G 241 -78.03 -22.71 1.96
CA LEU G 241 -76.59 -22.85 1.79
C LEU G 241 -76.24 -23.00 0.32
N ARG G 242 -77.00 -23.82 -0.40
CA ARG G 242 -76.75 -23.95 -1.83
C ARG G 242 -76.82 -22.59 -2.52
N GLN G 243 -77.65 -21.67 -2.01
CA GLN G 243 -77.80 -20.38 -2.66
C GLN G 243 -76.49 -19.61 -2.67
N ARG G 244 -75.72 -19.67 -1.59
CA ARG G 244 -74.53 -18.84 -1.45
C ARG G 244 -74.87 -17.37 -1.61
N THR G 245 -75.97 -16.94 -0.98
CA THR G 245 -76.50 -15.59 -1.18
C THR G 245 -75.79 -14.62 -0.26
N GLU G 246 -75.51 -13.42 -0.76
CA GLU G 246 -75.03 -12.36 0.11
C GLU G 246 -76.18 -11.54 0.71
N ASN G 247 -77.42 -11.92 0.40
CA ASN G 247 -78.59 -11.16 0.83
C ASN G 247 -78.75 -11.13 2.35
N ILE G 248 -78.85 -9.92 2.91
CA ILE G 248 -78.95 -9.75 4.35
C ILE G 248 -80.30 -10.25 4.87
N ASP G 249 -81.36 -10.06 4.09
CA ASP G 249 -82.69 -10.46 4.52
C ASP G 249 -82.83 -11.97 4.58
N ILE G 250 -82.35 -12.68 3.56
CA ILE G 250 -82.43 -14.15 3.56
C ILE G 250 -81.66 -14.71 4.74
N LYS G 251 -80.47 -14.19 4.98
CA LYS G 251 -79.68 -14.64 6.13
C LYS G 251 -80.44 -14.38 7.43
N LYS G 252 -81.06 -13.19 7.56
CA LYS G 252 -81.82 -12.87 8.76
C LYS G 252 -82.93 -13.89 8.99
N TYR G 253 -83.63 -14.28 7.91
CA TYR G 253 -84.61 -15.35 8.03
C TYR G 253 -83.96 -16.63 8.55
N CYS G 254 -82.78 -16.96 8.05
CA CYS G 254 -82.11 -18.19 8.50
C CYS G 254 -81.78 -18.14 10.00
N VAL G 255 -81.33 -16.99 10.49
CA VAL G 255 -81.10 -16.86 11.92
C VAL G 255 -82.40 -17.04 12.69
N HIS G 256 -83.51 -16.50 12.15
CA HIS G 256 -84.80 -16.71 12.79
C HIS G 256 -85.16 -18.18 12.85
N TYR G 257 -85.04 -18.89 11.73
CA TYR G 257 -85.36 -20.32 11.70
C TYR G 257 -84.48 -21.12 12.64
N LEU G 258 -83.24 -20.68 12.86
CA LEU G 258 -82.36 -21.41 13.79
C LEU G 258 -82.78 -21.18 15.24
N GLU G 259 -83.18 -19.94 15.58
CA GLU G 259 -83.69 -19.70 16.92
C GLU G 259 -84.99 -20.47 17.18
N ASP G 260 -85.91 -20.46 16.21
CA ASP G 260 -87.18 -21.17 16.39
C ASP G 260 -86.98 -22.67 16.45
N VAL G 261 -86.13 -23.21 15.57
CA VAL G 261 -85.75 -24.61 15.70
C VAL G 261 -84.96 -24.87 16.97
N GLY G 262 -84.47 -23.82 17.63
CA GLY G 262 -83.78 -23.94 18.89
C GLY G 262 -82.34 -24.41 18.80
N SER G 263 -81.70 -24.26 17.65
CA SER G 263 -80.36 -24.83 17.47
C SER G 263 -79.34 -24.13 18.37
N PHE G 264 -79.49 -22.81 18.53
CA PHE G 264 -78.56 -22.04 19.36
C PHE G 264 -78.60 -22.49 20.82
N GLU G 265 -79.77 -22.90 21.30
CA GLU G 265 -79.85 -23.46 22.65
C GLU G 265 -79.01 -24.73 22.77
N TYR G 266 -78.96 -25.53 21.70
CA TYR G 266 -78.17 -26.76 21.73
C TYR G 266 -76.68 -26.46 21.69
N THR G 267 -76.25 -25.52 20.83
CA THR G 267 -74.83 -25.19 20.83
C THR G 267 -74.40 -24.57 22.14
N ARG G 268 -75.27 -23.74 22.74
CA ARG G 268 -74.95 -23.18 24.04
C ARG G 268 -74.79 -24.28 25.10
N ASN G 269 -75.79 -25.14 25.24
CA ASN G 269 -75.69 -26.29 26.14
C ASN G 269 -74.39 -27.07 25.93
N THR G 270 -74.14 -27.49 24.68
CA THR G 270 -72.94 -28.27 24.37
C THR G 270 -71.67 -27.51 24.69
N LEU G 271 -71.69 -26.19 24.58
CA LEU G 271 -70.48 -25.40 24.87
C LEU G 271 -70.23 -25.35 26.37
N LYS G 272 -71.30 -25.16 27.17
CA LYS G 272 -71.11 -25.19 28.61
C LYS G 272 -70.65 -26.56 29.06
N GLU G 273 -71.14 -27.60 28.39
CA GLU G 273 -70.61 -28.95 28.60
C GLU G 273 -69.12 -28.97 28.33
N LEU G 274 -68.72 -28.44 27.18
CA LEU G 274 -67.32 -28.44 26.78
C LEU G 274 -66.46 -27.74 27.82
N GLU G 275 -66.88 -26.56 28.27
CA GLU G 275 -66.18 -25.89 29.36
C GLU G 275 -66.11 -26.77 30.62
N ALA G 276 -67.19 -27.51 30.90
CA ALA G 276 -67.21 -28.40 32.07
C ALA G 276 -66.14 -29.48 31.97
N LYS G 277 -66.06 -30.13 30.80
CA LYS G 277 -65.06 -31.18 30.64
C LYS G 277 -63.66 -30.58 30.58
N ALA G 278 -63.56 -29.34 30.11
CA ALA G 278 -62.33 -28.57 30.23
C ALA G 278 -61.90 -28.47 31.68
N TYR G 279 -62.84 -28.19 32.56
CA TYR G 279 -62.49 -27.94 33.96
C TYR G 279 -62.18 -29.23 34.69
N LYS G 280 -63.01 -30.26 34.50
CA LYS G 280 -62.67 -31.57 35.05
C LYS G 280 -61.33 -32.04 34.53
N GLN G 281 -61.09 -31.89 33.24
CA GLN G 281 -59.83 -32.32 32.65
C GLN G 281 -58.65 -31.52 33.21
N ILE G 282 -58.84 -30.23 33.46
CA ILE G 282 -57.73 -29.40 33.93
C ILE G 282 -57.44 -29.71 35.40
N ASP G 283 -58.48 -29.93 36.21
CA ASP G 283 -58.29 -30.26 37.62
C ASP G 283 -57.77 -31.67 37.81
N ALA G 284 -57.96 -32.55 36.82
CA ALA G 284 -57.34 -33.87 36.88
C ALA G 284 -55.91 -33.84 36.35
N ARG G 285 -55.65 -33.03 35.33
CA ARG G 285 -54.27 -32.79 34.95
C ARG G 285 -53.50 -32.17 36.11
N GLY G 286 -54.16 -31.28 36.85
CA GLY G 286 -53.53 -30.65 38.00
C GLY G 286 -54.00 -29.21 38.16
N GLY G 287 -53.96 -28.45 37.08
CA GLY G 287 -54.42 -27.07 37.09
C GLY G 287 -53.39 -26.05 36.61
N ASN G 288 -53.67 -25.42 35.46
CA ASN G 288 -52.87 -24.30 35.00
C ASN G 288 -53.59 -23.01 35.34
N PRO G 289 -53.01 -22.14 36.16
CA PRO G 289 -53.76 -20.94 36.63
C PRO G 289 -54.21 -20.03 35.49
N GLU G 290 -53.30 -19.71 34.57
CA GLU G 290 -53.64 -18.82 33.45
C GLU G 290 -54.72 -19.43 32.55
N LEU G 291 -54.64 -20.74 32.31
CA LEU G 291 -55.58 -21.40 31.41
C LEU G 291 -57.01 -21.29 31.92
N VAL G 292 -57.23 -21.44 33.23
CA VAL G 292 -58.58 -21.31 33.76
C VAL G 292 -59.18 -19.96 33.43
N ALA G 293 -58.40 -18.90 33.60
CA ALA G 293 -58.88 -17.56 33.26
C ALA G 293 -59.13 -17.42 31.76
N LEU G 294 -58.23 -17.95 30.94
CA LEU G 294 -58.45 -17.91 29.49
C LEU G 294 -59.76 -18.60 29.12
N VAL G 295 -59.99 -19.79 29.66
CA VAL G 295 -61.19 -20.55 29.36
C VAL G 295 -62.41 -19.80 29.83
N LYS G 296 -62.28 -19.06 30.94
CA LYS G 296 -63.36 -18.20 31.39
C LYS G 296 -63.64 -17.11 30.34
N HIS G 297 -62.60 -16.41 29.89
CA HIS G 297 -62.78 -15.32 28.94
C HIS G 297 -63.42 -15.82 27.65
N LEU G 298 -62.91 -16.92 27.09
CA LEU G 298 -63.50 -17.46 25.88
C LEU G 298 -64.89 -18.00 26.15
N SER G 299 -65.11 -18.50 27.38
CA SER G 299 -66.38 -19.05 27.81
C SER G 299 -67.43 -17.99 28.02
N LYS G 300 -67.05 -16.69 28.00
CA LYS G 300 -68.08 -15.66 28.05
C LYS G 300 -69.03 -15.78 26.86
N MET G 301 -68.55 -16.30 25.73
CA MET G 301 -69.42 -16.58 24.60
C MET G 301 -70.38 -17.72 24.90
N PHE G 302 -70.17 -18.43 26.01
CA PHE G 302 -70.87 -19.65 26.43
C PHE G 302 -70.53 -20.82 25.53
N GLU H 13 -62.90 -43.72 8.09
CA GLU H 13 -61.70 -43.46 7.32
C GLU H 13 -61.56 -44.48 6.19
N THR H 14 -62.68 -44.72 5.50
CA THR H 14 -62.65 -45.65 4.36
C THR H 14 -61.86 -45.10 3.18
N VAL H 15 -62.06 -43.83 2.83
CA VAL H 15 -61.43 -43.26 1.64
C VAL H 15 -60.72 -41.94 1.96
N GLN H 16 -59.37 -41.98 1.97
CA GLN H 16 -58.58 -40.80 1.66
C GLN H 16 -58.83 -40.37 0.23
N ARG H 17 -59.37 -41.27 -0.60
CA ARG H 17 -59.68 -40.98 -2.00
C ARG H 17 -60.47 -39.69 -2.12
N ILE H 18 -61.42 -39.44 -1.23
CA ILE H 18 -62.17 -38.20 -1.32
C ILE H 18 -61.19 -37.03 -1.28
N LEU H 19 -60.17 -37.14 -0.43
CA LEU H 19 -59.15 -36.09 -0.40
C LEU H 19 -58.33 -36.06 -1.68
N LEU H 20 -58.05 -37.22 -2.29
CA LEU H 20 -57.11 -37.27 -3.40
C LEU H 20 -57.75 -37.19 -4.78
N GLU H 21 -59.05 -36.93 -4.89
CA GLU H 21 -59.71 -37.02 -6.19
C GLU H 21 -59.10 -36.11 -7.26
N PRO H 22 -58.83 -34.82 -7.01
CA PRO H 22 -58.20 -34.00 -8.06
C PRO H 22 -56.86 -34.55 -8.52
N TYR H 23 -56.02 -34.96 -7.57
CA TYR H 23 -54.71 -35.51 -7.90
C TYR H 23 -54.82 -36.75 -8.76
N LYS H 24 -55.65 -37.70 -8.33
CA LYS H 24 -55.86 -38.91 -9.10
C LYS H 24 -56.29 -38.58 -10.52
N TYR H 25 -57.22 -37.63 -10.67
CA TYR H 25 -57.63 -37.19 -12.00
C TYR H 25 -56.43 -36.70 -12.81
N LEU H 26 -55.60 -35.85 -12.19
CA LEU H 26 -54.45 -35.29 -12.90
C LEU H 26 -53.50 -36.40 -13.35
N LEU H 27 -53.34 -37.45 -12.54
CA LEU H 27 -52.51 -38.57 -12.96
C LEU H 27 -53.18 -39.41 -14.02
N GLN H 28 -54.51 -39.49 -14.02
CA GLN H 28 -55.22 -40.29 -14.99
C GLN H 28 -54.93 -39.83 -16.41
N LEU H 29 -55.05 -38.52 -16.65
CA LEU H 29 -54.67 -37.95 -17.93
C LEU H 29 -53.25 -38.41 -18.28
N PRO H 30 -52.89 -38.44 -19.55
CA PRO H 30 -51.52 -38.87 -19.87
C PRO H 30 -50.55 -37.69 -20.02
N GLN H 33 -45.51 -34.28 -22.40
CA GLN H 33 -44.27 -35.03 -22.60
C GLN H 33 -43.81 -35.63 -21.28
N VAL H 34 -43.79 -36.97 -21.20
CA VAL H 34 -43.44 -37.65 -19.95
C VAL H 34 -42.01 -37.34 -19.59
N ARG H 35 -41.81 -36.72 -18.42
CA ARG H 35 -40.48 -36.36 -17.93
C ARG H 35 -39.96 -37.35 -16.90
N THR H 36 -40.68 -38.47 -16.68
CA THR H 36 -40.17 -39.53 -15.81
C THR H 36 -38.89 -40.15 -16.35
N LYS H 37 -38.63 -39.96 -17.65
CA LYS H 37 -37.44 -40.55 -18.28
C LYS H 37 -36.14 -39.96 -17.72
N LEU H 38 -36.12 -38.66 -17.44
CA LEU H 38 -34.87 -37.96 -17.12
C LEU H 38 -34.23 -38.49 -15.83
N SER H 39 -35.05 -38.72 -14.80
CA SER H 39 -34.52 -39.34 -13.59
C SER H 39 -33.82 -40.65 -13.90
N GLN H 40 -34.46 -41.46 -14.76
CA GLN H 40 -33.92 -42.77 -15.12
C GLN H 40 -32.60 -42.64 -15.86
N ALA H 41 -32.49 -41.64 -16.75
CA ALA H 41 -31.21 -41.46 -17.41
C ALA H 41 -30.17 -40.89 -16.47
N PHE H 42 -30.58 -40.38 -15.31
CA PHE H 42 -29.56 -39.97 -14.36
C PHE H 42 -29.21 -41.12 -13.41
N ASN H 43 -29.95 -42.23 -13.50
CA ASN H 43 -29.54 -43.42 -12.78
C ASN H 43 -28.43 -44.16 -13.52
N HIS H 44 -28.15 -43.82 -14.78
CA HIS H 44 -27.03 -44.43 -15.50
C HIS H 44 -25.70 -44.03 -14.89
N TRP H 45 -25.64 -42.84 -14.31
CA TRP H 45 -24.52 -42.35 -13.51
C TRP H 45 -24.69 -42.73 -12.06
N LEU H 46 -25.84 -42.40 -11.48
CA LEU H 46 -25.98 -42.55 -10.03
C LEU H 46 -26.08 -44.02 -9.63
N LYS H 47 -26.56 -44.90 -10.51
CA LYS H 47 -26.84 -46.30 -10.20
C LYS H 47 -27.40 -46.48 -8.79
N VAL H 48 -28.59 -45.93 -8.59
CA VAL H 48 -29.33 -45.99 -7.32
C VAL H 48 -29.82 -47.40 -7.05
N PRO H 49 -29.79 -47.88 -5.79
CA PRO H 49 -30.43 -49.15 -5.46
C PRO H 49 -31.90 -49.12 -5.86
N GLU H 50 -32.36 -50.23 -6.45
CA GLU H 50 -33.75 -50.37 -6.90
C GLU H 50 -34.77 -49.90 -5.86
N ASP H 51 -34.67 -50.40 -4.62
CA ASP H 51 -35.69 -50.08 -3.60
C ASP H 51 -35.79 -48.57 -3.34
N LYS H 52 -34.64 -47.90 -3.20
CA LYS H 52 -34.64 -46.47 -2.92
C LYS H 52 -34.95 -45.68 -4.19
N LEU H 53 -34.54 -46.20 -5.34
CA LEU H 53 -34.88 -45.52 -6.59
C LEU H 53 -36.40 -45.50 -6.77
N GLN H 54 -37.06 -46.65 -6.58
CA GLN H 54 -38.52 -46.73 -6.73
C GLN H 54 -39.24 -45.82 -5.74
N ILE H 55 -38.78 -45.80 -4.48
CA ILE H 55 -39.40 -44.92 -3.50
C ILE H 55 -39.17 -43.45 -3.88
N ILE H 56 -37.97 -43.13 -4.36
CA ILE H 56 -37.67 -41.78 -4.80
C ILE H 56 -38.59 -41.39 -5.97
N ILE H 57 -38.80 -42.31 -6.90
CA ILE H 57 -39.65 -42.04 -8.06
C ILE H 57 -41.08 -41.76 -7.61
N GLU H 58 -41.55 -42.49 -6.59
CA GLU H 58 -42.86 -42.17 -6.03
C GLU H 58 -42.89 -40.74 -5.53
N VAL H 59 -41.86 -40.32 -4.79
CA VAL H 59 -41.86 -38.94 -4.26
C VAL H 59 -41.79 -37.92 -5.38
N THR H 60 -40.98 -38.18 -6.41
CA THR H 60 -40.84 -37.26 -7.52
C THR H 60 -42.16 -37.05 -8.25
N GLU H 61 -42.82 -38.16 -8.63
CA GLU H 61 -44.11 -38.04 -9.30
C GLU H 61 -45.12 -37.34 -8.43
N MET H 62 -45.17 -37.68 -7.14
CA MET H 62 -46.13 -37.05 -6.24
C MET H 62 -46.03 -35.54 -6.26
N LEU H 63 -44.84 -35.03 -5.89
CA LEU H 63 -44.67 -33.59 -5.78
C LEU H 63 -44.84 -32.90 -7.12
N HIS H 64 -44.33 -33.51 -8.19
CA HIS H 64 -44.51 -32.90 -9.51
C HIS H 64 -45.99 -32.71 -9.84
N ASN H 65 -46.80 -33.76 -9.70
CA ASN H 65 -48.22 -33.67 -10.07
C ASN H 65 -48.99 -32.71 -9.18
N ALA H 66 -48.71 -32.69 -7.87
CA ALA H 66 -49.34 -31.68 -7.01
C ALA H 66 -48.98 -30.26 -7.45
N SER H 67 -47.68 -29.99 -7.63
CA SER H 67 -47.23 -28.67 -8.09
C SER H 67 -47.94 -28.28 -9.38
N LEU H 68 -48.18 -29.26 -10.25
CA LEU H 68 -48.91 -28.97 -11.48
C LEU H 68 -50.35 -28.59 -11.18
N LEU H 69 -51.01 -29.27 -10.23
CA LEU H 69 -52.37 -28.90 -9.87
C LEU H 69 -52.45 -27.46 -9.44
N ILE H 70 -51.50 -27.02 -8.61
CA ILE H 70 -51.48 -25.64 -8.18
C ILE H 70 -51.18 -24.71 -9.35
N ASP H 71 -50.18 -25.08 -10.18
CA ASP H 71 -49.78 -24.23 -11.31
C ASP H 71 -50.96 -23.91 -12.20
N ASP H 72 -51.87 -24.86 -12.43
CA ASP H 72 -52.99 -24.56 -13.31
C ASP H 72 -53.94 -23.54 -12.70
N ILE H 73 -54.12 -23.56 -11.39
CA ILE H 73 -54.88 -22.49 -10.75
C ILE H 73 -54.14 -21.18 -10.89
N GLU H 74 -52.83 -21.18 -10.65
CA GLU H 74 -52.08 -19.93 -10.64
C GLU H 74 -52.01 -19.32 -12.04
N ASP H 75 -51.68 -20.12 -13.05
CA ASP H 75 -51.60 -19.62 -14.41
C ASP H 75 -52.98 -19.40 -14.98
N ASN H 76 -54.00 -19.93 -14.31
CA ASN H 76 -55.38 -19.85 -14.77
C ASN H 76 -55.55 -20.50 -16.14
N SER H 77 -54.92 -21.65 -16.34
CA SER H 77 -55.07 -22.35 -17.60
C SER H 77 -56.44 -23.01 -17.71
N LYS H 78 -56.86 -23.24 -18.96
CA LYS H 78 -58.14 -23.85 -19.27
C LYS H 78 -58.04 -25.34 -19.58
N LEU H 79 -56.86 -25.80 -20.00
CA LEU H 79 -56.65 -27.18 -20.40
C LEU H 79 -55.35 -27.65 -19.77
N ARG H 80 -55.30 -28.93 -19.42
CA ARG H 80 -54.08 -29.51 -18.86
C ARG H 80 -53.85 -30.85 -19.50
N ARG H 81 -52.72 -30.98 -20.21
CA ARG H 81 -52.40 -32.17 -20.96
C ARG H 81 -53.54 -32.48 -21.93
N GLY H 82 -54.22 -31.43 -22.38
CA GLY H 82 -55.35 -31.55 -23.29
C GLY H 82 -56.70 -31.84 -22.66
N PHE H 83 -56.79 -31.89 -21.34
CA PHE H 83 -58.03 -32.21 -20.65
C PHE H 83 -58.41 -31.07 -19.71
N PRO H 84 -59.70 -30.88 -19.43
CA PRO H 84 -60.10 -29.79 -18.53
C PRO H 84 -59.28 -29.82 -17.25
N VAL H 85 -59.00 -28.63 -16.73
CA VAL H 85 -58.19 -28.52 -15.53
C VAL H 85 -58.96 -29.10 -14.34
N ALA H 86 -58.19 -29.55 -13.34
CA ALA H 86 -58.79 -30.22 -12.18
C ALA H 86 -59.79 -29.33 -11.45
N HIS H 87 -59.46 -28.06 -11.27
CA HIS H 87 -60.38 -27.20 -10.52
C HIS H 87 -61.64 -26.89 -11.32
N SER H 88 -61.61 -27.04 -12.64
CA SER H 88 -62.82 -26.74 -13.41
C SER H 88 -63.96 -27.71 -13.08
N ILE H 89 -63.66 -28.90 -12.60
CA ILE H 89 -64.67 -29.85 -12.19
C ILE H 89 -64.74 -29.97 -10.66
N TYR H 90 -63.59 -30.06 -9.97
CA TYR H 90 -63.65 -30.23 -8.53
C TYR H 90 -63.70 -28.93 -7.75
N GLY H 91 -63.50 -27.79 -8.39
CA GLY H 91 -63.50 -26.51 -7.70
C GLY H 91 -62.14 -26.14 -7.15
N ILE H 92 -61.79 -24.86 -7.18
CA ILE H 92 -60.47 -24.41 -6.75
C ILE H 92 -60.19 -24.89 -5.33
N PRO H 93 -61.03 -24.58 -4.33
CA PRO H 93 -60.69 -24.99 -2.96
C PRO H 93 -60.36 -26.47 -2.82
N SER H 94 -61.17 -27.34 -3.42
CA SER H 94 -60.91 -28.77 -3.33
C SER H 94 -59.53 -29.10 -3.89
N VAL H 95 -59.16 -28.46 -5.00
CA VAL H 95 -57.91 -28.80 -5.67
C VAL H 95 -56.72 -28.27 -4.89
N ILE H 96 -56.87 -27.09 -4.28
CA ILE H 96 -55.80 -26.57 -3.44
C ILE H 96 -55.54 -27.51 -2.27
N ASN H 97 -56.58 -27.82 -1.49
CA ASN H 97 -56.39 -28.61 -0.29
C ASN H 97 -55.87 -30.01 -0.60
N SER H 98 -56.47 -30.67 -1.59
CA SER H 98 -55.97 -31.97 -2.02
C SER H 98 -54.50 -31.88 -2.37
N ALA H 99 -54.11 -30.89 -3.18
CA ALA H 99 -52.73 -30.81 -3.65
C ALA H 99 -51.75 -30.61 -2.49
N ASN H 100 -52.05 -29.68 -1.58
CA ASN H 100 -51.22 -29.51 -0.39
C ASN H 100 -51.08 -30.84 0.36
N TYR H 101 -52.20 -31.57 0.46
CA TYR H 101 -52.14 -32.93 1.00
C TYR H 101 -51.06 -33.72 0.29
N VAL H 102 -51.04 -33.64 -1.05
CA VAL H 102 -50.04 -34.44 -1.76
C VAL H 102 -48.62 -33.98 -1.44
N TYR H 103 -48.40 -32.69 -1.18
CA TYR H 103 -47.09 -32.25 -0.70
C TYR H 103 -46.70 -33.01 0.56
N PHE H 104 -47.61 -33.05 1.54
CA PHE H 104 -47.24 -33.66 2.83
C PHE H 104 -47.18 -35.18 2.79
N LEU H 105 -47.98 -35.83 1.94
CA LEU H 105 -47.75 -37.25 1.68
C LEU H 105 -46.37 -37.47 1.10
N GLY H 106 -45.90 -36.53 0.29
CA GLY H 106 -44.55 -36.65 -0.23
C GLY H 106 -43.50 -36.56 0.86
N LEU H 107 -43.64 -35.59 1.77
CA LEU H 107 -42.73 -35.54 2.92
C LEU H 107 -42.81 -36.82 3.71
N GLU H 108 -44.03 -37.28 3.97
CA GLU H 108 -44.23 -38.51 4.72
C GLU H 108 -43.49 -39.67 4.07
N LYS H 109 -43.58 -39.79 2.75
CA LYS H 109 -42.86 -40.84 2.05
C LYS H 109 -41.36 -40.62 2.09
N VAL H 110 -40.90 -39.36 2.21
CA VAL H 110 -39.47 -39.12 2.30
C VAL H 110 -38.90 -39.51 3.67
N LEU H 111 -39.72 -39.51 4.73
CA LEU H 111 -39.18 -40.05 5.98
C LEU H 111 -38.77 -41.51 5.86
N THR H 112 -39.22 -42.24 4.83
CA THR H 112 -38.90 -43.66 4.68
C THR H 112 -37.48 -43.92 4.22
N LEU H 113 -36.79 -42.92 3.68
CA LEU H 113 -35.40 -43.12 3.30
C LEU H 113 -34.47 -43.12 4.50
N ASP H 114 -34.94 -42.56 5.61
CA ASP H 114 -34.28 -42.63 6.91
C ASP H 114 -32.89 -42.00 6.89
N HIS H 115 -32.64 -41.12 5.92
CA HIS H 115 -31.35 -40.47 5.85
C HIS H 115 -31.53 -39.10 6.47
N GLN H 116 -30.70 -38.79 7.46
CA GLN H 116 -30.91 -37.56 8.23
C GLN H 116 -30.92 -36.34 7.32
N ASP H 117 -30.18 -36.39 6.22
CA ASP H 117 -30.04 -35.27 5.32
C ASP H 117 -31.17 -35.20 4.31
N ALA H 118 -31.96 -36.26 4.18
CA ALA H 118 -32.99 -36.33 3.15
C ALA H 118 -34.04 -35.22 3.31
N VAL H 119 -34.58 -35.05 4.52
CA VAL H 119 -35.60 -34.04 4.74
C VAL H 119 -35.04 -32.64 4.56
N LYS H 120 -33.82 -32.41 5.03
CA LYS H 120 -33.20 -31.10 4.86
C LYS H 120 -33.12 -30.75 3.38
N LEU H 121 -32.62 -31.70 2.57
CA LEU H 121 -32.58 -31.50 1.12
C LEU H 121 -33.98 -31.26 0.58
N PHE H 122 -34.95 -32.04 1.03
CA PHE H 122 -36.31 -31.93 0.53
C PHE H 122 -36.87 -30.53 0.73
N THR H 123 -36.88 -30.05 1.96
CA THR H 123 -37.39 -28.71 2.20
C THR H 123 -36.59 -27.67 1.43
N ARG H 124 -35.26 -27.81 1.40
CA ARG H 124 -34.48 -26.82 0.64
C ARG H 124 -34.97 -26.72 -0.79
N GLN H 125 -35.06 -27.86 -1.47
CA GLN H 125 -35.40 -27.84 -2.89
C GLN H 125 -36.83 -27.38 -3.13
N LEU H 126 -37.77 -27.73 -2.24
CA LEU H 126 -39.12 -27.21 -2.40
C LEU H 126 -39.16 -25.69 -2.20
N LEU H 127 -38.38 -25.18 -1.25
CA LEU H 127 -38.25 -23.73 -1.12
C LEU H 127 -37.80 -23.09 -2.43
N GLU H 128 -36.82 -23.69 -3.10
CA GLU H 128 -36.38 -23.14 -4.38
C GLU H 128 -37.51 -23.12 -5.38
N LEU H 129 -38.28 -24.23 -5.44
CA LEU H 129 -39.44 -24.27 -6.33
C LEU H 129 -40.37 -23.10 -6.06
N HIS H 130 -40.67 -22.84 -4.78
CA HIS H 130 -41.60 -21.78 -4.49
C HIS H 130 -41.03 -20.40 -4.80
N GLN H 131 -39.73 -20.20 -4.64
CA GLN H 131 -39.17 -18.92 -5.05
C GLN H 131 -39.38 -18.72 -6.54
N GLY H 132 -39.07 -19.74 -7.34
CA GLY H 132 -39.31 -19.62 -8.78
C GLY H 132 -40.76 -19.34 -9.10
N GLN H 133 -41.67 -20.08 -8.46
CA GLN H 133 -43.10 -19.93 -8.68
C GLN H 133 -43.54 -18.51 -8.38
N GLY H 134 -43.19 -18.03 -7.19
CA GLY H 134 -43.55 -16.68 -6.79
C GLY H 134 -43.01 -15.63 -7.75
N LEU H 135 -41.80 -15.83 -8.25
CA LEU H 135 -41.26 -14.85 -9.17
C LEU H 135 -42.07 -14.80 -10.46
N ASP H 136 -42.39 -15.97 -11.05
CA ASP H 136 -43.20 -15.98 -12.28
C ASP H 136 -44.53 -15.28 -12.07
N ILE H 137 -45.25 -15.65 -10.99
CA ILE H 137 -46.54 -15.04 -10.70
C ILE H 137 -46.40 -13.53 -10.47
N TYR H 138 -45.40 -13.11 -9.72
CA TYR H 138 -45.24 -11.68 -9.44
C TYR H 138 -44.99 -10.89 -10.70
N TRP H 139 -44.03 -11.33 -11.53
CA TRP H 139 -43.74 -10.61 -12.76
C TRP H 139 -44.98 -10.52 -13.63
N ARG H 140 -45.77 -11.60 -13.66
CA ARG H 140 -46.99 -11.62 -14.48
C ARG H 140 -48.07 -10.68 -13.95
N ASP H 141 -48.37 -10.75 -12.66
CA ASP H 141 -49.50 -10.02 -12.10
C ASP H 141 -49.19 -8.58 -11.75
N ASN H 142 -47.92 -8.22 -11.55
CA ASN H 142 -47.57 -6.82 -11.32
C ASN H 142 -46.97 -6.17 -12.56
N TYR H 143 -46.91 -6.90 -13.67
CA TYR H 143 -46.59 -6.40 -15.00
C TYR H 143 -45.18 -5.83 -15.09
N THR H 144 -44.24 -6.37 -14.34
CA THR H 144 -42.87 -5.89 -14.40
C THR H 144 -42.05 -6.96 -15.11
N CYS H 145 -41.63 -6.66 -16.32
CA CYS H 145 -40.94 -7.65 -17.13
C CYS H 145 -39.52 -7.85 -16.58
N PRO H 146 -39.04 -9.10 -16.58
CA PRO H 146 -37.69 -9.37 -16.08
C PRO H 146 -36.65 -9.32 -17.20
N THR H 147 -35.38 -9.22 -16.79
CA THR H 147 -34.31 -9.36 -17.77
C THR H 147 -34.13 -10.80 -18.19
N GLU H 148 -33.54 -10.99 -19.35
CA GLU H 148 -33.29 -12.34 -19.80
C GLU H 148 -32.49 -13.10 -18.75
N GLU H 149 -31.60 -12.38 -18.05
CA GLU H 149 -30.86 -12.98 -16.96
C GLU H 149 -31.76 -13.29 -15.77
N GLU H 150 -32.64 -12.34 -15.39
CA GLU H 150 -33.58 -12.59 -14.30
C GLU H 150 -34.47 -13.79 -14.60
N TYR H 151 -34.92 -13.90 -15.84
CA TYR H 151 -35.73 -15.05 -16.24
C TYR H 151 -34.93 -16.32 -16.04
N LYS H 152 -33.70 -16.36 -16.58
CA LYS H 152 -32.89 -17.57 -16.46
C LYS H 152 -32.73 -17.98 -15.00
N ALA H 153 -32.42 -17.03 -14.11
CA ALA H 153 -32.29 -17.36 -12.69
C ALA H 153 -33.57 -17.95 -12.12
N MET H 154 -34.71 -17.33 -12.44
CA MET H 154 -35.98 -17.85 -11.93
C MET H 154 -36.22 -19.26 -12.44
N VAL H 155 -36.04 -19.47 -13.74
CA VAL H 155 -36.20 -20.79 -14.34
C VAL H 155 -35.30 -21.81 -13.62
N LEU H 156 -34.10 -21.40 -13.25
CA LEU H 156 -33.26 -22.28 -12.45
C LEU H 156 -33.95 -22.65 -11.14
N GLN H 157 -34.69 -21.72 -10.53
CA GLN H 157 -35.37 -22.15 -9.30
C GLN H 157 -36.62 -22.97 -9.59
N LYS H 158 -37.45 -22.53 -10.54
CA LYS H 158 -38.75 -23.15 -10.80
C LYS H 158 -38.59 -24.55 -11.35
N THR H 159 -37.80 -24.71 -12.41
CA THR H 159 -37.54 -26.04 -12.94
C THR H 159 -36.40 -26.74 -12.22
N GLY H 160 -35.46 -25.98 -11.66
CA GLY H 160 -34.34 -26.58 -10.96
C GLY H 160 -34.75 -27.28 -9.68
N GLY H 161 -35.85 -26.83 -9.08
CA GLY H 161 -36.30 -27.41 -7.82
C GLY H 161 -36.55 -28.91 -7.84
N LEU H 162 -37.54 -29.35 -8.63
CA LEU H 162 -37.90 -30.76 -8.62
C LEU H 162 -36.73 -31.63 -9.07
N PHE H 163 -36.04 -31.24 -10.14
CA PHE H 163 -34.85 -31.97 -10.57
C PHE H 163 -33.85 -32.09 -9.44
N GLY H 164 -33.63 -31.01 -8.72
CA GLY H 164 -32.68 -31.06 -7.63
C GLY H 164 -33.10 -32.06 -6.59
N LEU H 165 -34.40 -32.20 -6.36
CA LEU H 165 -34.87 -33.22 -5.45
C LEU H 165 -34.58 -34.61 -6.00
N ALA H 166 -34.90 -34.84 -7.27
CA ALA H 166 -34.68 -36.15 -7.86
C ALA H 166 -33.20 -36.52 -7.81
N VAL H 167 -32.38 -35.80 -8.58
CA VAL H 167 -30.97 -36.17 -8.68
C VAL H 167 -30.26 -35.92 -7.36
N GLY H 168 -30.70 -34.93 -6.59
CA GLY H 168 -30.09 -34.68 -5.30
C GLY H 168 -30.35 -35.82 -4.34
N LEU H 169 -31.58 -36.35 -4.33
CA LEU H 169 -31.90 -37.52 -3.51
C LEU H 169 -31.17 -38.77 -3.97
N MET H 170 -31.10 -38.98 -5.29
CA MET H 170 -30.35 -40.12 -5.81
C MET H 170 -28.86 -40.01 -5.49
N GLN H 171 -28.31 -38.80 -5.45
CA GLN H 171 -26.90 -38.63 -5.13
C GLN H 171 -26.62 -39.09 -3.71
N LEU H 172 -27.64 -39.03 -2.85
CA LEU H 172 -27.46 -39.44 -1.46
C LEU H 172 -27.05 -40.89 -1.31
N PHE H 173 -27.54 -41.77 -2.19
CA PHE H 173 -27.31 -43.22 -2.09
C PHE H 173 -26.41 -43.77 -3.17
N SER H 174 -25.67 -42.93 -3.87
CA SER H 174 -24.83 -43.37 -4.98
C SER H 174 -23.36 -43.20 -4.65
N ASP H 175 -22.54 -44.16 -5.10
CA ASP H 175 -21.10 -43.97 -4.95
C ASP H 175 -20.54 -42.95 -5.94
N TYR H 176 -21.40 -42.30 -6.72
CA TYR H 176 -20.96 -41.24 -7.60
C TYR H 176 -20.95 -39.97 -6.77
N LYS H 177 -19.85 -39.23 -6.81
CA LYS H 177 -19.70 -38.09 -5.92
C LYS H 177 -19.52 -36.77 -6.65
N GLU H 178 -19.48 -36.78 -7.99
CA GLU H 178 -19.18 -35.57 -8.74
C GLU H 178 -20.33 -34.56 -8.65
N ASP H 179 -20.30 -33.57 -9.53
CA ASP H 179 -21.14 -32.38 -9.42
C ASP H 179 -22.04 -32.31 -10.63
N LEU H 180 -23.26 -32.81 -10.49
CA LEU H 180 -24.18 -32.79 -11.61
C LEU H 180 -25.03 -31.52 -11.64
N LYS H 181 -24.97 -30.71 -10.58
CA LYS H 181 -25.66 -29.42 -10.54
C LYS H 181 -25.44 -28.58 -11.79
N PRO H 182 -24.24 -28.48 -12.37
CA PRO H 182 -24.08 -27.78 -13.66
C PRO H 182 -24.96 -28.31 -14.79
N LEU H 183 -24.85 -29.61 -15.06
CA LEU H 183 -25.70 -30.22 -16.08
C LEU H 183 -27.18 -30.04 -15.74
N LEU H 184 -27.55 -30.09 -14.46
CA LEU H 184 -28.93 -29.82 -14.08
C LEU H 184 -29.34 -28.39 -14.44
N ASN H 185 -28.40 -27.45 -14.34
CA ASN H 185 -28.66 -26.11 -14.83
C ASN H 185 -28.97 -26.13 -16.32
N THR H 186 -28.01 -26.59 -17.13
CA THR H 186 -28.23 -26.62 -18.58
C THR H 186 -29.54 -27.32 -18.93
N LEU H 187 -29.84 -28.43 -18.26
CA LEU H 187 -31.07 -29.15 -18.60
C LEU H 187 -32.29 -28.32 -18.26
N GLY H 188 -32.36 -27.77 -17.04
CA GLY H 188 -33.53 -27.00 -16.68
C GLY H 188 -33.79 -25.85 -17.63
N LEU H 189 -32.74 -25.13 -18.02
CA LEU H 189 -32.97 -24.03 -18.94
C LEU H 189 -33.38 -24.56 -20.30
N PHE H 190 -32.88 -25.73 -20.66
CA PHE H 190 -33.26 -26.31 -21.93
C PHE H 190 -34.74 -26.66 -21.94
N PHE H 191 -35.28 -27.12 -20.80
CA PHE H 191 -36.67 -27.52 -20.78
C PHE H 191 -37.56 -26.31 -20.85
N GLN H 192 -37.42 -25.39 -19.90
CA GLN H 192 -38.29 -24.23 -19.85
C GLN H 192 -38.25 -23.40 -21.11
N ILE H 193 -37.07 -23.15 -21.66
CA ILE H 193 -37.03 -22.37 -22.90
C ILE H 193 -37.57 -23.20 -24.06
N ARG H 194 -37.34 -24.51 -24.06
CA ARG H 194 -37.96 -25.36 -25.09
C ARG H 194 -39.48 -25.22 -25.06
N TYR H 195 -40.08 -25.37 -23.87
CA TYR H 195 -41.54 -25.25 -23.75
C TYR H 195 -42.01 -23.85 -24.10
N ASP H 196 -41.27 -22.82 -23.66
CA ASP H 196 -41.63 -21.45 -23.95
C ASP H 196 -41.68 -21.18 -25.45
N TYR H 197 -40.63 -21.58 -26.16
CA TYR H 197 -40.63 -21.42 -27.61
C TYR H 197 -41.73 -22.24 -28.26
N ALA H 198 -41.92 -23.50 -27.82
CA ALA H 198 -42.91 -24.37 -28.44
C ALA H 198 -44.33 -23.84 -28.25
N ASN H 199 -44.55 -23.11 -27.19
CA ASN H 199 -45.84 -22.51 -26.94
C ASN H 199 -46.23 -21.45 -27.98
N LEU H 200 -45.26 -20.68 -28.46
CA LEU H 200 -45.54 -19.56 -29.34
C LEU H 200 -45.28 -19.84 -30.81
N HIS H 201 -44.51 -20.85 -31.16
CA HIS H 201 -44.22 -21.08 -32.57
C HIS H 201 -45.37 -21.76 -33.28
N SER H 210 -54.53 -24.62 -26.07
CA SER H 210 -55.12 -23.51 -26.81
C SER H 210 -54.18 -23.02 -27.91
N PHE H 211 -54.31 -21.75 -28.27
CA PHE H 211 -53.40 -21.10 -29.20
C PHE H 211 -52.63 -20.05 -28.41
N CYS H 212 -51.31 -20.11 -28.44
CA CYS H 212 -50.45 -19.23 -27.66
C CYS H 212 -51.00 -19.01 -26.25
N GLU H 213 -51.37 -20.12 -25.58
CA GLU H 213 -51.96 -20.07 -24.25
C GLU H 213 -51.15 -19.20 -23.30
N ASP H 214 -49.84 -19.09 -23.53
CA ASP H 214 -49.02 -18.23 -22.69
C ASP H 214 -49.44 -16.76 -22.85
N LEU H 215 -49.65 -16.31 -24.08
CA LEU H 215 -50.08 -14.95 -24.31
C LEU H 215 -51.34 -14.66 -23.54
N THR H 216 -52.28 -15.60 -23.54
CA THR H 216 -53.46 -15.46 -22.70
C THR H 216 -53.11 -15.48 -21.22
N GLU H 217 -52.09 -16.25 -20.82
CA GLU H 217 -51.70 -16.22 -19.41
C GLU H 217 -51.18 -14.86 -19.02
N GLY H 218 -50.52 -14.17 -19.95
CA GLY H 218 -49.82 -12.94 -19.66
C GLY H 218 -48.43 -13.12 -19.11
N LYS H 219 -47.91 -14.34 -19.09
CA LYS H 219 -46.59 -14.63 -18.56
C LYS H 219 -45.52 -14.22 -19.59
N PHE H 220 -44.34 -13.85 -19.09
CA PHE H 220 -43.22 -13.48 -19.95
C PHE H 220 -42.42 -14.71 -20.29
N SER H 221 -42.67 -15.28 -21.45
CA SER H 221 -41.84 -16.35 -21.98
C SER H 221 -40.49 -15.80 -22.47
N PHE H 222 -39.57 -16.70 -22.76
CA PHE H 222 -38.28 -16.29 -23.30
C PHE H 222 -38.41 -15.47 -24.57
N PRO H 223 -39.10 -15.93 -25.63
CA PRO H 223 -39.16 -15.11 -26.85
C PRO H 223 -39.76 -13.73 -26.61
N THR H 224 -40.82 -13.63 -25.82
CA THR H 224 -41.39 -12.33 -25.55
C THR H 224 -40.45 -11.44 -24.75
N ILE H 225 -39.65 -12.00 -23.84
CA ILE H 225 -38.70 -11.17 -23.11
C ILE H 225 -37.69 -10.59 -24.07
N HIS H 226 -37.16 -11.43 -24.94
CA HIS H 226 -36.25 -10.92 -25.96
C HIS H 226 -36.94 -9.89 -26.83
N ALA H 227 -38.22 -10.10 -27.13
CA ALA H 227 -38.95 -9.18 -27.98
C ALA H 227 -39.11 -7.81 -27.33
N ILE H 228 -39.38 -7.74 -26.04
CA ILE H 228 -39.50 -6.41 -25.44
C ILE H 228 -38.11 -5.76 -25.30
N TRP H 229 -37.11 -6.49 -24.80
CA TRP H 229 -35.85 -5.79 -24.54
C TRP H 229 -35.11 -5.50 -25.82
N SER H 230 -35.37 -6.30 -26.86
CA SER H 230 -34.74 -6.13 -28.15
C SER H 230 -35.13 -4.81 -28.78
N ARG H 231 -36.38 -4.37 -28.56
CA ARG H 231 -36.94 -3.13 -29.11
C ARG H 231 -37.59 -2.35 -27.99
N PRO H 232 -36.80 -1.67 -27.16
CA PRO H 232 -37.38 -1.01 -25.99
C PRO H 232 -38.37 0.06 -26.33
N GLU H 233 -38.29 0.65 -27.53
CA GLU H 233 -39.14 1.79 -27.84
C GLU H 233 -40.60 1.40 -28.07
N SER H 234 -40.88 0.15 -28.44
CA SER H 234 -42.26 -0.33 -28.57
C SER H 234 -42.74 -0.89 -27.24
N THR H 235 -44.03 -0.68 -26.95
CA THR H 235 -44.68 -1.36 -25.82
C THR H 235 -45.91 -2.16 -26.29
N GLN H 236 -45.86 -2.67 -27.52
CA GLN H 236 -46.94 -3.53 -28.02
C GLN H 236 -47.06 -4.80 -27.17
N VAL H 237 -45.95 -5.51 -27.01
CA VAL H 237 -46.02 -6.86 -26.44
C VAL H 237 -46.48 -6.82 -24.99
N GLN H 238 -45.89 -5.94 -24.18
CA GLN H 238 -46.34 -5.82 -22.80
C GLN H 238 -47.83 -5.55 -22.74
N ASN H 239 -48.33 -4.72 -23.64
CA ASN H 239 -49.75 -4.38 -23.59
C ASN H 239 -50.61 -5.57 -23.99
N ILE H 240 -50.19 -6.32 -25.00
CA ILE H 240 -50.91 -7.53 -25.39
C ILE H 240 -50.98 -8.51 -24.22
N LEU H 241 -49.88 -8.65 -23.48
CA LEU H 241 -49.91 -9.53 -22.32
C LEU H 241 -50.86 -8.99 -21.26
N ARG H 242 -50.79 -7.68 -20.99
CA ARG H 242 -51.67 -7.05 -20.00
C ARG H 242 -53.12 -7.33 -20.32
N GLN H 243 -53.46 -7.42 -21.61
CA GLN H 243 -54.85 -7.68 -21.99
C GLN H 243 -55.32 -9.03 -21.46
N ARG H 244 -54.45 -10.04 -21.46
CA ARG H 244 -54.85 -11.41 -21.15
C ARG H 244 -55.96 -11.86 -22.09
N THR H 245 -55.80 -11.55 -23.37
CA THR H 245 -56.85 -11.70 -24.35
C THR H 245 -56.89 -13.12 -24.93
N GLU H 246 -58.09 -13.65 -25.08
CA GLU H 246 -58.28 -14.90 -25.80
C GLU H 246 -58.50 -14.67 -27.28
N ASN H 247 -58.43 -13.43 -27.72
CA ASN H 247 -58.64 -13.06 -29.11
C ASN H 247 -57.61 -13.75 -30.01
N ILE H 248 -58.09 -14.43 -31.05
CA ILE H 248 -57.19 -15.16 -31.95
C ILE H 248 -56.40 -14.21 -32.85
N ASP H 249 -57.03 -13.13 -33.30
CA ASP H 249 -56.36 -12.25 -34.26
C ASP H 249 -55.21 -11.46 -33.61
N ILE H 250 -55.43 -10.96 -32.39
CA ILE H 250 -54.36 -10.28 -31.66
C ILE H 250 -53.21 -11.24 -31.43
N LYS H 251 -53.51 -12.48 -31.05
CA LYS H 251 -52.45 -13.46 -30.82
C LYS H 251 -51.65 -13.74 -32.09
N LYS H 252 -52.34 -13.97 -33.20
CA LYS H 252 -51.64 -14.23 -34.45
C LYS H 252 -50.75 -13.05 -34.84
N TYR H 253 -51.28 -11.83 -34.73
CA TYR H 253 -50.47 -10.65 -35.00
C TYR H 253 -49.28 -10.59 -34.06
N CYS H 254 -49.48 -10.95 -32.79
CA CYS H 254 -48.43 -10.85 -31.80
C CYS H 254 -47.28 -11.82 -32.07
N VAL H 255 -47.58 -13.09 -32.34
CA VAL H 255 -46.52 -14.01 -32.72
C VAL H 255 -45.86 -13.54 -34.01
N HIS H 256 -46.66 -12.95 -34.89
CA HIS H 256 -46.12 -12.37 -36.11
C HIS H 256 -45.09 -11.29 -35.79
N TYR H 257 -45.43 -10.35 -34.90
CA TYR H 257 -44.51 -9.30 -34.50
C TYR H 257 -43.26 -9.89 -33.86
N LEU H 258 -43.42 -10.97 -33.10
CA LEU H 258 -42.26 -11.62 -32.50
C LEU H 258 -41.35 -12.20 -33.57
N GLU H 259 -41.89 -12.79 -34.64
CA GLU H 259 -41.05 -13.28 -35.72
C GLU H 259 -40.38 -12.14 -36.47
N ASP H 260 -41.11 -11.05 -36.70
CA ASP H 260 -40.54 -9.94 -37.47
C ASP H 260 -39.33 -9.35 -36.77
N VAL H 261 -39.35 -9.31 -35.43
CA VAL H 261 -38.15 -8.92 -34.69
C VAL H 261 -37.16 -10.07 -34.60
N GLY H 262 -37.50 -11.24 -35.15
CA GLY H 262 -36.63 -12.41 -35.08
C GLY H 262 -36.44 -12.94 -33.68
N SER H 263 -37.39 -12.69 -32.79
CA SER H 263 -37.29 -13.21 -31.44
C SER H 263 -37.33 -14.73 -31.41
N PHE H 264 -38.04 -15.32 -32.37
CA PHE H 264 -38.08 -16.77 -32.49
C PHE H 264 -36.72 -17.35 -32.83
N GLU H 265 -36.02 -16.74 -33.80
CA GLU H 265 -34.68 -17.20 -34.19
C GLU H 265 -33.70 -17.04 -33.04
N TYR H 266 -33.85 -16.00 -32.23
CA TYR H 266 -33.03 -15.84 -31.04
C TYR H 266 -33.27 -16.99 -30.06
N THR H 267 -34.54 -17.33 -29.83
CA THR H 267 -34.84 -18.46 -28.94
C THR H 267 -34.27 -19.75 -29.50
N ARG H 268 -34.28 -19.90 -30.82
CA ARG H 268 -33.67 -21.06 -31.45
C ARG H 268 -32.18 -21.12 -31.16
N ASN H 269 -31.46 -20.02 -31.44
CA ASN H 269 -30.04 -19.92 -31.11
C ASN H 269 -29.73 -20.28 -29.67
N THR H 270 -30.42 -19.65 -28.73
CA THR H 270 -30.19 -19.99 -27.32
C THR H 270 -30.42 -21.47 -27.06
N LEU H 271 -31.39 -22.07 -27.73
CA LEU H 271 -31.63 -23.49 -27.53
C LEU H 271 -30.44 -24.30 -28.06
N LYS H 272 -29.92 -23.94 -29.23
CA LYS H 272 -28.80 -24.69 -29.80
C LYS H 272 -27.53 -24.54 -28.97
N GLU H 273 -27.27 -23.34 -28.43
CA GLU H 273 -26.19 -23.17 -27.48
C GLU H 273 -26.35 -24.15 -26.33
N LEU H 274 -27.53 -24.12 -25.70
CA LEU H 274 -27.75 -24.99 -24.56
C LEU H 274 -27.53 -26.44 -24.90
N GLU H 275 -28.05 -26.93 -26.03
CA GLU H 275 -27.80 -28.31 -26.42
C GLU H 275 -26.30 -28.62 -26.51
N ALA H 276 -25.50 -27.66 -27.00
CA ALA H 276 -24.05 -27.85 -27.07
C ALA H 276 -23.45 -28.01 -25.69
N LYS H 277 -23.81 -27.12 -24.77
CA LYS H 277 -23.25 -27.23 -23.42
C LYS H 277 -23.83 -28.44 -22.69
N ALA H 278 -25.02 -28.88 -23.09
CA ALA H 278 -25.59 -30.13 -22.59
C ALA H 278 -24.72 -31.31 -22.95
N TYR H 279 -24.28 -31.39 -24.21
CA TYR H 279 -23.41 -32.48 -24.64
C TYR H 279 -22.06 -32.42 -23.94
N LYS H 280 -21.43 -31.23 -23.95
CA LYS H 280 -20.15 -31.10 -23.27
C LYS H 280 -20.27 -31.49 -21.80
N GLN H 281 -21.25 -30.91 -21.10
CA GLN H 281 -21.44 -31.28 -19.70
C GLN H 281 -21.66 -32.77 -19.54
N ILE H 282 -22.23 -33.43 -20.56
CA ILE H 282 -22.32 -34.89 -20.50
C ILE H 282 -20.93 -35.51 -20.50
N ASP H 283 -20.12 -35.23 -21.54
CA ASP H 283 -18.89 -36.00 -21.68
C ASP H 283 -17.98 -35.75 -20.48
N ALA H 284 -17.95 -34.52 -19.97
CA ALA H 284 -17.14 -34.24 -18.79
C ALA H 284 -17.78 -34.79 -17.52
N ARG H 285 -19.10 -35.00 -17.53
CA ARG H 285 -19.75 -35.63 -16.40
C ARG H 285 -19.63 -37.15 -16.45
N GLY H 286 -19.08 -37.70 -17.52
CA GLY H 286 -18.81 -39.13 -17.60
C GLY H 286 -19.34 -39.84 -18.83
N GLY H 287 -19.99 -39.13 -19.73
CA GLY H 287 -20.61 -39.78 -20.87
C GLY H 287 -21.87 -40.54 -20.49
N ASN H 288 -22.96 -40.35 -21.26
CA ASN H 288 -24.26 -40.93 -20.93
C ASN H 288 -25.08 -41.13 -22.20
N PRO H 289 -25.22 -42.37 -22.67
CA PRO H 289 -25.95 -42.59 -23.93
C PRO H 289 -27.43 -42.21 -23.88
N GLU H 290 -28.15 -42.68 -22.86
CA GLU H 290 -29.60 -42.44 -22.80
C GLU H 290 -29.94 -40.95 -22.70
N LEU H 291 -29.20 -40.19 -21.87
CA LEU H 291 -29.49 -38.76 -21.73
C LEU H 291 -29.18 -38.01 -23.02
N VAL H 292 -28.08 -38.33 -23.69
CA VAL H 292 -27.77 -37.70 -24.97
C VAL H 292 -28.90 -37.95 -25.96
N ALA H 293 -29.42 -39.19 -25.98
CA ALA H 293 -30.55 -39.48 -26.86
C ALA H 293 -31.77 -38.66 -26.50
N LEU H 294 -32.03 -38.50 -25.21
CA LEU H 294 -33.13 -37.66 -24.74
C LEU H 294 -33.01 -36.24 -25.29
N VAL H 295 -31.81 -35.66 -25.20
CA VAL H 295 -31.60 -34.29 -25.65
C VAL H 295 -31.79 -34.19 -27.16
N LYS H 296 -31.37 -35.21 -27.91
CA LYS H 296 -31.62 -35.16 -29.36
C LYS H 296 -33.11 -35.12 -29.64
N HIS H 297 -33.88 -36.02 -29.02
CA HIS H 297 -35.32 -36.07 -29.26
C HIS H 297 -35.97 -34.73 -28.97
N LEU H 298 -35.60 -34.11 -27.83
CA LEU H 298 -36.18 -32.81 -27.52
C LEU H 298 -35.74 -31.74 -28.50
N SER H 299 -34.50 -31.82 -28.99
CA SER H 299 -33.99 -30.79 -29.89
C SER H 299 -34.60 -30.90 -31.28
N LYS H 300 -35.29 -31.99 -31.60
CA LYS H 300 -36.03 -32.03 -32.85
C LYS H 300 -37.10 -30.93 -32.91
N MET H 301 -37.50 -30.40 -31.75
CA MET H 301 -38.57 -29.40 -31.66
C MET H 301 -38.27 -28.11 -32.43
N PHE H 302 -37.01 -27.68 -32.49
CA PHE H 302 -36.70 -26.44 -33.19
C PHE H 302 -35.81 -26.67 -34.41
N LYS H 303 -36.25 -27.56 -35.29
CA LYS H 303 -35.54 -27.91 -36.52
C LYS H 303 -34.88 -26.71 -37.19
N GLN I 12 36.83 14.86 6.51
CA GLN I 12 36.17 13.62 6.85
C GLN I 12 36.34 12.59 5.75
N GLU I 13 35.59 11.50 5.83
CA GLU I 13 35.68 10.46 4.82
C GLU I 13 34.41 10.33 3.99
N THR I 14 34.57 10.43 2.67
CA THR I 14 33.45 10.30 1.75
C THR I 14 32.66 11.60 1.64
N VAL I 15 33.09 12.61 2.39
CA VAL I 15 32.45 13.91 2.31
C VAL I 15 32.75 14.47 0.93
N GLN I 16 33.98 14.28 0.48
CA GLN I 16 34.43 14.76 -0.82
C GLN I 16 33.66 14.08 -1.94
N ARG I 17 33.43 12.79 -1.82
CA ARG I 17 32.70 12.10 -2.88
C ARG I 17 31.34 12.75 -3.13
N ILE I 18 30.61 13.08 -2.06
CA ILE I 18 29.30 13.70 -2.25
C ILE I 18 29.44 15.11 -2.82
N LEU I 19 30.34 15.91 -2.23
CA LEU I 19 30.46 17.31 -2.64
C LEU I 19 31.02 17.45 -4.05
N LEU I 20 31.89 16.57 -4.48
CA LEU I 20 32.52 16.70 -5.78
C LEU I 20 31.81 15.89 -6.86
N GLU I 21 30.64 15.30 -6.56
CA GLU I 21 29.92 14.45 -7.51
C GLU I 21 29.54 15.17 -8.80
N PRO I 22 28.96 16.37 -8.78
CA PRO I 22 28.75 17.06 -10.05
C PRO I 22 30.04 17.27 -10.80
N TYR I 23 31.09 17.68 -10.09
CA TYR I 23 32.38 17.96 -10.72
C TYR I 23 32.92 16.73 -11.44
N LYS I 24 33.01 15.61 -10.71
CA LYS I 24 33.45 14.37 -11.32
C LYS I 24 32.57 14.05 -12.52
N TYR I 25 31.26 14.31 -12.40
CA TYR I 25 30.33 14.08 -13.51
C TYR I 25 30.76 14.86 -14.75
N LEU I 26 31.05 16.15 -14.61
CA LEU I 26 31.51 16.95 -15.74
C LEU I 26 32.84 16.44 -16.28
N LEU I 27 33.73 16.01 -15.38
CA LEU I 27 35.03 15.51 -15.80
C LEU I 27 34.93 14.19 -16.55
N GLN I 28 33.92 13.39 -16.24
CA GLN I 28 33.72 12.10 -16.91
C GLN I 28 33.50 12.31 -18.40
N LEU I 29 32.59 13.22 -18.73
CA LEU I 29 32.17 13.57 -20.08
C LEU I 29 33.37 13.78 -20.98
N PRO I 30 33.47 13.03 -22.09
CA PRO I 30 34.53 13.27 -23.08
C PRO I 30 34.79 14.76 -23.36
N GLY I 31 36.03 15.19 -23.14
CA GLY I 31 36.40 16.59 -23.25
C GLY I 31 37.48 16.79 -24.28
N LYS I 32 37.41 17.92 -25.00
CA LYS I 32 38.43 18.25 -25.98
C LYS I 32 39.78 18.57 -25.34
N GLN I 33 39.78 18.93 -24.05
CA GLN I 33 40.98 19.21 -23.27
C GLN I 33 41.99 20.04 -24.07
N VAL I 34 41.48 21.06 -24.75
CA VAL I 34 42.33 21.91 -25.56
C VAL I 34 43.16 22.87 -24.72
N ARG I 35 42.73 23.16 -23.49
CA ARG I 35 43.54 23.98 -22.60
C ARG I 35 44.80 23.25 -22.15
N THR I 36 44.68 21.96 -21.83
CA THR I 36 45.85 21.19 -21.39
C THR I 36 46.82 20.92 -22.53
N LYS I 37 46.32 20.71 -23.75
CA LYS I 37 47.19 20.57 -24.91
C LYS I 37 47.85 21.90 -25.25
N LEU I 38 47.06 22.98 -25.31
CA LEU I 38 47.60 24.31 -25.51
C LEU I 38 48.59 24.70 -24.43
N SER I 39 48.58 24.02 -23.29
CA SER I 39 49.61 24.26 -22.28
C SER I 39 50.81 23.36 -22.48
N GLN I 40 50.58 22.12 -22.93
CA GLN I 40 51.68 21.27 -23.34
C GLN I 40 52.55 21.96 -24.38
N ALA I 41 51.91 22.72 -25.28
CA ALA I 41 52.64 23.41 -26.33
C ALA I 41 53.64 24.42 -25.74
N PHE I 42 53.20 25.17 -24.74
CA PHE I 42 54.06 26.16 -24.09
C PHE I 42 55.13 25.55 -23.20
N ASN I 43 55.25 24.23 -23.17
CA ASN I 43 56.32 23.61 -22.40
C ASN I 43 57.67 23.72 -23.12
N HIS I 44 57.71 23.46 -24.43
CA HIS I 44 58.99 23.54 -25.15
C HIS I 44 59.62 24.92 -25.07
N TRP I 45 58.87 25.95 -24.71
CA TRP I 45 59.38 27.28 -24.42
C TRP I 45 59.76 27.39 -22.95
N LEU I 46 58.80 27.06 -22.08
CA LEU I 46 58.99 27.23 -20.65
C LEU I 46 59.89 26.13 -20.09
N LYS I 47 59.73 24.90 -20.57
CA LYS I 47 60.33 23.69 -20.01
C LYS I 47 60.32 23.75 -18.49
N VAL I 48 59.11 23.87 -17.98
CA VAL I 48 58.86 23.88 -16.54
C VAL I 48 59.17 22.50 -15.96
N PRO I 49 59.73 22.41 -14.76
CA PRO I 49 59.99 21.09 -14.17
C PRO I 49 58.71 20.28 -14.07
N GLU I 50 58.82 18.98 -14.41
CA GLU I 50 57.69 18.04 -14.31
C GLU I 50 56.94 18.20 -12.99
N ASP I 51 57.67 18.28 -11.88
CA ASP I 51 57.04 18.37 -10.56
C ASP I 51 56.12 19.58 -10.44
N LYS I 52 56.59 20.74 -10.94
CA LYS I 52 55.76 21.94 -10.89
C LYS I 52 54.71 21.94 -11.99
N LEU I 53 55.05 21.39 -13.16
CA LEU I 53 54.13 21.37 -14.30
C LEU I 53 52.88 20.56 -14.00
N GLN I 54 53.04 19.37 -13.39
CA GLN I 54 51.87 18.56 -13.07
C GLN I 54 50.89 19.31 -12.17
N ILE I 55 51.42 20.03 -11.18
CA ILE I 55 50.55 20.81 -10.31
C ILE I 55 49.87 21.92 -11.09
N ILE I 56 50.60 22.59 -11.99
CA ILE I 56 50.03 23.69 -12.78
C ILE I 56 48.88 23.17 -13.66
N ILE I 57 49.11 22.05 -14.34
CA ILE I 57 48.07 21.49 -15.21
C ILE I 57 46.85 21.08 -14.38
N GLU I 58 47.08 20.48 -13.22
CA GLU I 58 45.97 20.12 -12.35
C GLU I 58 45.16 21.36 -11.96
N VAL I 59 45.83 22.44 -11.55
CA VAL I 59 45.07 23.59 -11.07
C VAL I 59 44.27 24.23 -12.21
N THR I 60 44.88 24.36 -13.41
CA THR I 60 44.12 24.97 -14.51
C THR I 60 42.90 24.13 -14.88
N GLU I 61 43.07 22.82 -15.02
CA GLU I 61 41.92 21.97 -15.33
C GLU I 61 40.83 22.12 -14.27
N MET I 62 41.21 22.10 -12.98
CA MET I 62 40.23 22.28 -11.91
C MET I 62 39.42 23.56 -12.08
N LEU I 63 40.12 24.71 -12.06
CA LEU I 63 39.43 26.00 -12.06
C LEU I 63 38.57 26.15 -13.30
N HIS I 64 39.08 25.68 -14.44
CA HIS I 64 38.35 25.75 -15.70
C HIS I 64 37.04 24.97 -15.62
N ASN I 65 37.10 23.72 -15.14
CA ASN I 65 35.89 22.89 -15.10
C ASN I 65 34.84 23.49 -14.18
N ALA I 66 35.26 24.06 -13.04
CA ALA I 66 34.31 24.82 -12.23
C ALA I 66 33.68 25.97 -13.04
N SER I 67 34.54 26.74 -13.72
CA SER I 67 34.04 27.86 -14.51
C SER I 67 32.96 27.40 -15.48
N LEU I 68 33.13 26.23 -16.11
CA LEU I 68 32.08 25.76 -16.99
C LEU I 68 30.81 25.44 -16.22
N LEU I 69 30.92 24.87 -15.02
CA LEU I 69 29.69 24.60 -14.27
C LEU I 69 28.89 25.86 -14.01
N ILE I 70 29.55 26.90 -13.51
CA ILE I 70 28.80 28.13 -13.26
C ILE I 70 28.29 28.69 -14.58
N ASP I 71 29.11 28.64 -15.63
CA ASP I 71 28.64 29.12 -16.93
C ASP I 71 27.39 28.39 -17.34
N ASP I 72 27.32 27.07 -17.07
CA ASP I 72 26.13 26.34 -17.49
C ASP I 72 24.90 26.84 -16.76
N ILE I 73 25.05 27.23 -15.50
CA ILE I 73 23.89 27.85 -14.84
C ILE I 73 23.59 29.23 -15.43
N GLU I 74 24.60 30.09 -15.56
CA GLU I 74 24.35 31.47 -15.92
C GLU I 74 23.78 31.58 -17.34
N ASP I 75 24.31 30.80 -18.26
CA ASP I 75 23.81 30.73 -19.63
C ASP I 75 22.53 29.92 -19.75
N ASN I 76 22.15 29.17 -18.73
CA ASN I 76 20.99 28.30 -18.80
C ASN I 76 21.12 27.40 -20.02
N SER I 77 22.31 26.85 -20.21
CA SER I 77 22.45 25.93 -21.33
C SER I 77 21.70 24.65 -21.01
N LYS I 78 21.26 23.96 -22.06
CA LYS I 78 20.55 22.70 -21.89
C LYS I 78 21.47 21.52 -22.06
N LEU I 79 22.56 21.69 -22.78
CA LEU I 79 23.47 20.59 -23.03
C LEU I 79 24.89 21.09 -22.87
N ARG I 80 25.73 20.21 -22.35
CA ARG I 80 27.15 20.48 -22.21
C ARG I 80 27.88 19.19 -22.55
N ARG I 81 28.70 19.24 -23.61
CA ARG I 81 29.44 18.10 -24.13
C ARG I 81 28.50 16.95 -24.48
N GLY I 82 27.28 17.27 -24.91
CA GLY I 82 26.32 16.26 -25.31
C GLY I 82 25.68 15.53 -24.16
N PHE I 83 26.02 15.88 -22.94
CA PHE I 83 25.50 15.22 -21.78
C PHE I 83 24.77 16.25 -20.95
N PRO I 84 23.70 15.86 -20.27
CA PRO I 84 22.93 16.82 -19.47
C PRO I 84 23.84 17.64 -18.57
N VAL I 85 23.46 18.89 -18.36
CA VAL I 85 24.25 19.75 -17.51
C VAL I 85 24.18 19.26 -16.08
N ALA I 86 25.20 19.63 -15.30
CA ALA I 86 25.28 19.16 -13.92
C ALA I 86 24.07 19.60 -13.12
N HIS I 87 23.61 20.84 -13.30
CA HIS I 87 22.43 21.25 -12.55
C HIS I 87 21.16 20.54 -12.98
N SER I 88 21.10 20.05 -14.23
CA SER I 88 19.92 19.31 -14.65
C SER I 88 19.82 17.97 -13.94
N ILE I 89 20.93 17.46 -13.41
CA ILE I 89 20.95 16.16 -12.74
C ILE I 89 20.99 16.36 -11.23
N TYR I 90 21.97 17.08 -10.74
CA TYR I 90 22.15 17.21 -9.30
C TYR I 90 21.36 18.37 -8.69
N GLY I 91 20.82 19.26 -9.51
CA GLY I 91 20.12 20.44 -9.03
C GLY I 91 21.03 21.64 -8.84
N ILE I 92 20.49 22.83 -9.09
CA ILE I 92 21.24 24.07 -9.06
C ILE I 92 22.01 24.27 -7.77
N PRO I 93 21.38 24.27 -6.58
CA PRO I 93 22.14 24.59 -5.36
C PRO I 93 23.37 23.72 -5.19
N SER I 94 23.22 22.43 -5.46
CA SER I 94 24.28 21.45 -5.28
C SER I 94 25.46 21.75 -6.17
N VAL I 95 25.21 22.04 -7.45
CA VAL I 95 26.30 22.27 -8.39
C VAL I 95 26.92 23.65 -8.16
N ILE I 96 26.13 24.64 -7.77
CA ILE I 96 26.73 25.91 -7.39
C ILE I 96 27.74 25.69 -6.28
N ASN I 97 27.29 25.10 -5.16
CA ASN I 97 28.20 24.98 -4.02
C ASN I 97 29.41 24.11 -4.33
N SER I 98 29.21 22.97 -5.00
CA SER I 98 30.34 22.14 -5.41
C SER I 98 31.34 22.93 -6.26
N ALA I 99 30.85 23.67 -7.24
CA ALA I 99 31.76 24.39 -8.12
C ALA I 99 32.57 25.41 -7.32
N ASN I 100 31.89 26.18 -6.47
CA ASN I 100 32.61 27.11 -5.62
C ASN I 100 33.66 26.37 -4.79
N TYR I 101 33.29 25.18 -4.31
CA TYR I 101 34.23 24.32 -3.59
C TYR I 101 35.49 24.08 -4.41
N VAL I 102 35.35 23.62 -5.65
CA VAL I 102 36.58 23.35 -6.41
C VAL I 102 37.33 24.63 -6.69
N TYR I 103 36.66 25.78 -6.74
CA TYR I 103 37.40 27.05 -6.79
C TYR I 103 38.40 27.12 -5.65
N PHE I 104 37.93 26.90 -4.40
CA PHE I 104 38.86 27.07 -3.29
C PHE I 104 39.80 25.88 -3.12
N LEU I 105 39.39 24.69 -3.55
CA LEU I 105 40.35 23.60 -3.69
C LEU I 105 41.46 23.95 -4.64
N GLY I 106 41.17 24.75 -5.67
CA GLY I 106 42.22 25.22 -6.53
C GLY I 106 43.18 26.15 -5.80
N LEU I 107 42.64 27.08 -5.02
CA LEU I 107 43.51 27.94 -4.22
C LEU I 107 44.43 27.11 -3.34
N GLU I 108 43.86 26.12 -2.65
CA GLU I 108 44.66 25.24 -1.83
C GLU I 108 45.72 24.52 -2.65
N LYS I 109 45.37 24.07 -3.85
CA LYS I 109 46.35 23.38 -4.67
C LYS I 109 47.48 24.31 -5.10
N VAL I 110 47.19 25.61 -5.30
CA VAL I 110 48.26 26.55 -5.61
C VAL I 110 49.11 26.87 -4.38
N LEU I 111 48.62 26.58 -3.18
CA LEU I 111 49.49 26.68 -2.00
C LEU I 111 50.70 25.74 -2.10
N THR I 112 50.65 24.75 -2.99
CA THR I 112 51.89 24.09 -3.33
C THR I 112 52.66 25.02 -4.26
N LEU I 113 53.78 24.55 -4.80
CA LEU I 113 54.63 25.34 -5.70
C LEU I 113 55.51 26.26 -4.86
N ASP I 114 55.08 26.55 -3.63
CA ASP I 114 55.91 27.25 -2.65
C ASP I 114 56.36 28.61 -3.15
N HIS I 115 55.58 29.22 -4.05
CA HIS I 115 55.94 30.49 -4.67
C HIS I 115 55.17 31.64 -4.01
N GLN I 116 55.92 32.65 -3.54
CA GLN I 116 55.29 33.77 -2.84
C GLN I 116 54.35 34.55 -3.74
N ASP I 117 54.65 34.61 -5.04
CA ASP I 117 53.85 35.37 -5.99
C ASP I 117 52.76 34.55 -6.68
N ALA I 118 52.77 33.21 -6.56
CA ALA I 118 51.84 32.37 -7.28
C ALA I 118 50.39 32.72 -6.95
N VAL I 119 50.09 32.89 -5.66
CA VAL I 119 48.73 33.22 -5.27
C VAL I 119 48.33 34.56 -5.84
N LYS I 120 49.27 35.51 -5.93
CA LYS I 120 48.97 36.82 -6.50
C LYS I 120 48.48 36.68 -7.94
N LEU I 121 49.24 35.97 -8.78
CA LEU I 121 48.81 35.74 -10.16
C LEU I 121 47.45 35.03 -10.20
N PHE I 122 47.25 34.04 -9.31
CA PHE I 122 45.99 33.32 -9.28
C PHE I 122 44.83 34.28 -9.07
N THR I 123 44.93 35.12 -8.03
CA THR I 123 43.89 36.09 -7.73
C THR I 123 43.62 37.00 -8.94
N ARG I 124 44.68 37.56 -9.51
CA ARG I 124 44.51 38.44 -10.65
C ARG I 124 43.72 37.76 -11.76
N GLN I 125 44.14 36.56 -12.13
CA GLN I 125 43.50 35.91 -13.27
C GLN I 125 42.04 35.56 -12.99
N LEU I 126 41.70 35.16 -11.75
CA LEU I 126 40.30 34.82 -11.50
C LEU I 126 39.37 36.03 -11.49
N LEU I 127 39.77 37.12 -10.81
CA LEU I 127 38.93 38.31 -10.85
C LEU I 127 38.78 38.79 -12.29
N GLU I 128 39.85 38.72 -13.09
CA GLU I 128 39.69 39.06 -14.51
C GLU I 128 38.59 38.20 -15.16
N LEU I 129 38.56 36.90 -14.86
CA LEU I 129 37.54 36.03 -15.45
C LEU I 129 36.07 36.48 -15.24
N HIS I 130 35.76 36.73 -13.97
CA HIS I 130 34.46 37.22 -13.56
C HIS I 130 34.24 38.59 -14.19
N GLN I 131 35.24 39.48 -14.17
CA GLN I 131 34.95 40.73 -14.87
C GLN I 131 34.41 40.46 -16.29
N GLY I 132 35.09 39.61 -17.06
CA GLY I 132 34.61 39.29 -18.41
C GLY I 132 33.24 38.63 -18.42
N GLN I 133 33.07 37.58 -17.62
CA GLN I 133 31.80 36.86 -17.55
C GLN I 133 30.68 37.79 -17.10
N GLY I 134 30.92 38.56 -16.04
CA GLY I 134 29.91 39.49 -15.55
C GLY I 134 29.50 40.52 -16.59
N LEU I 135 30.47 41.01 -17.37
CA LEU I 135 30.12 41.97 -18.42
C LEU I 135 29.23 41.32 -19.46
N ASP I 136 29.63 40.13 -19.94
CA ASP I 136 28.80 39.40 -20.91
C ASP I 136 27.39 39.18 -20.39
N ILE I 137 27.27 38.72 -19.15
CA ILE I 137 25.95 38.50 -18.56
C ILE I 137 25.17 39.81 -18.51
N TYR I 138 25.86 40.92 -18.18
CA TYR I 138 25.17 42.19 -18.05
C TYR I 138 24.57 42.62 -19.39
N TRP I 139 25.36 42.55 -20.47
CA TRP I 139 24.84 42.87 -21.79
C TRP I 139 23.71 41.92 -22.19
N ARG I 140 23.90 40.62 -21.97
CA ARG I 140 22.91 39.66 -22.42
C ARG I 140 21.57 39.93 -21.75
N ASP I 141 21.59 40.07 -20.43
CA ASP I 141 20.35 40.19 -19.69
C ASP I 141 19.76 41.60 -19.71
N ASN I 142 20.56 42.63 -19.99
CA ASN I 142 20.04 43.99 -20.03
C ASN I 142 19.85 44.53 -21.45
N TYR I 143 20.08 43.72 -22.47
CA TYR I 143 19.69 44.03 -23.86
C TYR I 143 20.41 45.25 -24.42
N THR I 144 21.64 45.49 -24.00
CA THR I 144 22.47 46.56 -24.56
C THR I 144 23.63 45.89 -25.26
N CYS I 145 23.63 45.95 -26.59
CA CYS I 145 24.70 45.33 -27.36
C CYS I 145 26.01 46.12 -27.22
N PRO I 146 27.14 45.43 -27.17
CA PRO I 146 28.43 46.10 -27.05
C PRO I 146 29.09 46.40 -28.39
N THR I 147 30.09 47.28 -28.32
CA THR I 147 30.94 47.54 -29.47
C THR I 147 31.88 46.36 -29.67
N GLU I 148 32.40 46.24 -30.89
CA GLU I 148 33.33 45.16 -31.20
C GLU I 148 34.54 45.19 -30.28
N GLU I 149 35.00 46.39 -29.92
CA GLU I 149 36.12 46.53 -29.01
C GLU I 149 35.76 46.06 -27.61
N GLU I 150 34.59 46.44 -27.11
CA GLU I 150 34.15 45.99 -25.81
C GLU I 150 34.11 44.46 -25.77
N TYR I 151 33.61 43.85 -26.85
CA TYR I 151 33.54 42.40 -26.93
C TYR I 151 34.92 41.76 -26.89
N LYS I 152 35.83 42.19 -27.78
CA LYS I 152 37.17 41.62 -27.83
C LYS I 152 37.91 41.78 -26.51
N ALA I 153 37.88 42.99 -25.94
CA ALA I 153 38.52 43.23 -24.64
C ALA I 153 37.93 42.30 -23.58
N MET I 154 36.60 42.17 -23.58
CA MET I 154 35.98 41.31 -22.60
C MET I 154 36.42 39.87 -22.77
N VAL I 155 36.33 39.32 -23.99
CA VAL I 155 36.77 37.93 -24.18
C VAL I 155 38.22 37.76 -23.76
N LEU I 156 39.07 38.76 -24.04
CA LEU I 156 40.44 38.71 -23.56
C LEU I 156 40.45 38.53 -22.04
N GLN I 157 39.49 39.14 -21.35
CA GLN I 157 39.42 38.92 -19.91
C GLN I 157 38.83 37.55 -19.59
N LYS I 158 37.77 37.15 -20.29
CA LYS I 158 36.99 35.98 -19.95
C LYS I 158 37.78 34.70 -20.16
N THR I 159 38.21 34.44 -21.39
CA THR I 159 39.06 33.28 -21.59
C THR I 159 40.53 33.61 -21.31
N GLY I 160 40.90 34.88 -21.47
CA GLY I 160 42.28 35.27 -21.22
C GLY I 160 42.65 35.04 -19.78
N GLY I 161 41.67 35.05 -18.88
CA GLY I 161 41.88 34.79 -17.46
C GLY I 161 42.51 33.43 -17.27
N LEU I 162 41.81 32.41 -17.77
CA LEU I 162 42.29 31.03 -17.64
C LEU I 162 43.62 30.87 -18.36
N PHE I 163 43.71 31.37 -19.60
CA PHE I 163 44.99 31.29 -20.30
C PHE I 163 46.10 31.89 -19.47
N GLY I 164 45.84 33.06 -18.90
CA GLY I 164 46.86 33.76 -18.14
C GLY I 164 47.31 33.01 -16.91
N LEU I 165 46.39 32.32 -16.24
CA LEU I 165 46.82 31.51 -15.12
C LEU I 165 47.73 30.39 -15.59
N ALA I 166 47.33 29.68 -16.66
CA ALA I 166 48.14 28.58 -17.15
C ALA I 166 49.54 29.06 -17.52
N VAL I 167 49.62 29.93 -18.54
CA VAL I 167 50.91 30.32 -19.10
C VAL I 167 51.70 31.21 -18.14
N GLY I 168 51.01 32.09 -17.40
CA GLY I 168 51.72 32.95 -16.46
C GLY I 168 52.29 32.18 -15.28
N LEU I 169 51.46 31.34 -14.67
CA LEU I 169 51.96 30.49 -13.59
C LEU I 169 53.08 29.60 -14.10
N MET I 170 52.95 29.13 -15.35
CA MET I 170 54.03 28.40 -15.99
C MET I 170 55.27 29.27 -16.11
N GLN I 171 55.07 30.58 -16.35
CA GLN I 171 56.20 31.51 -16.51
C GLN I 171 56.95 31.69 -15.20
N LEU I 172 56.26 31.57 -14.06
CA LEU I 172 56.95 31.72 -12.78
C LEU I 172 58.02 30.65 -12.59
N PHE I 173 57.85 29.47 -13.19
CA PHE I 173 58.76 28.35 -13.02
C PHE I 173 59.60 28.05 -14.25
N SER I 174 59.67 28.98 -15.19
CA SER I 174 60.38 28.76 -16.45
C SER I 174 61.61 29.64 -16.54
N ASP I 175 62.67 29.10 -17.13
CA ASP I 175 63.82 29.95 -17.41
C ASP I 175 63.61 30.87 -18.60
N TYR I 176 62.41 30.86 -19.20
CA TYR I 176 62.11 31.73 -20.34
C TYR I 176 61.59 33.07 -19.82
N LYS I 177 62.15 34.15 -20.35
CA LYS I 177 61.81 35.50 -19.89
C LYS I 177 61.30 36.39 -21.01
N GLU I 178 61.11 35.86 -22.22
CA GLU I 178 60.41 36.62 -23.23
C GLU I 178 58.98 36.89 -22.77
N ASP I 179 58.24 37.67 -23.57
CA ASP I 179 56.83 37.86 -23.32
C ASP I 179 56.05 37.07 -24.37
N LEU I 180 54.92 36.52 -23.96
CA LEU I 180 54.01 35.85 -24.87
C LEU I 180 52.57 36.33 -24.69
N LYS I 181 52.33 37.23 -23.73
CA LYS I 181 51.01 37.85 -23.55
C LYS I 181 50.36 38.32 -24.86
N PRO I 182 51.09 38.86 -25.84
CA PRO I 182 50.47 39.08 -27.16
C PRO I 182 49.98 37.80 -27.83
N LEU I 183 50.75 36.71 -27.74
CA LEU I 183 50.25 35.42 -28.20
C LEU I 183 48.94 35.08 -27.49
N LEU I 184 49.00 34.89 -26.17
CA LEU I 184 47.80 34.54 -25.40
C LEU I 184 46.63 35.44 -25.76
N ASN I 185 46.91 36.72 -26.04
CA ASN I 185 45.88 37.63 -26.55
C ASN I 185 45.25 37.00 -27.79
N THR I 186 46.03 36.90 -28.86
CA THR I 186 45.52 36.34 -30.12
C THR I 186 44.87 34.96 -29.93
N LEU I 187 45.50 34.06 -29.19
CA LEU I 187 44.99 32.71 -29.04
C LEU I 187 43.68 32.67 -28.25
N GLY I 188 43.67 33.28 -27.07
CA GLY I 188 42.47 33.29 -26.28
C GLY I 188 41.31 33.98 -26.96
N LEU I 189 41.60 34.98 -27.81
CA LEU I 189 40.51 35.55 -28.60
C LEU I 189 40.09 34.59 -29.70
N PHE I 190 41.08 33.88 -30.26
CA PHE I 190 40.81 32.94 -31.33
C PHE I 190 39.94 31.78 -30.88
N PHE I 191 40.05 31.39 -29.62
CA PHE I 191 39.26 30.27 -29.13
C PHE I 191 37.79 30.66 -29.05
N GLN I 192 37.52 31.79 -28.39
CA GLN I 192 36.16 32.25 -28.23
C GLN I 192 35.49 32.57 -29.56
N ILE I 193 36.21 33.23 -30.47
CA ILE I 193 35.58 33.52 -31.76
C ILE I 193 35.36 32.22 -32.55
N ARG I 194 36.27 31.25 -32.43
CA ARG I 194 36.05 29.94 -33.04
C ARG I 194 34.80 29.25 -32.50
N TYR I 195 34.67 29.17 -31.17
CA TYR I 195 33.54 28.46 -30.59
C TYR I 195 32.24 29.19 -30.89
N ASP I 196 32.18 30.47 -30.55
CA ASP I 196 30.99 31.26 -30.79
C ASP I 196 30.64 31.21 -32.27
N TYR I 197 31.67 31.29 -33.10
CA TYR I 197 31.52 31.19 -34.54
C TYR I 197 30.80 29.92 -34.96
N ALA I 198 30.89 28.86 -34.15
CA ALA I 198 30.29 27.57 -34.53
C ALA I 198 28.78 27.65 -34.69
N ASN I 199 28.29 27.21 -35.86
CA ASN I 199 26.89 27.16 -36.21
C ASN I 199 26.70 26.21 -37.41
N LEU I 200 26.77 24.90 -37.12
CA LEU I 200 26.69 23.83 -38.12
C LEU I 200 25.29 23.24 -38.24
N LYS I 209 20.88 17.26 -31.57
CA LYS I 209 20.70 18.52 -32.28
C LYS I 209 21.33 19.70 -31.52
N SER I 210 20.58 20.21 -30.53
CA SER I 210 20.99 21.38 -29.75
C SER I 210 21.44 22.52 -30.65
N PHE I 211 20.90 22.57 -31.86
CA PHE I 211 21.46 23.41 -32.91
C PHE I 211 21.41 24.88 -32.53
N CYS I 212 22.52 25.57 -32.78
CA CYS I 212 22.70 27.02 -32.56
C CYS I 212 22.05 27.55 -31.28
N GLU I 213 22.35 26.88 -30.16
CA GLU I 213 21.85 27.27 -28.84
C GLU I 213 22.20 28.71 -28.45
N ASP I 214 23.29 29.27 -28.98
CA ASP I 214 23.74 30.60 -28.52
C ASP I 214 22.65 31.65 -28.70
N LEU I 215 21.92 31.59 -29.83
CA LEU I 215 20.79 32.50 -30.04
C LEU I 215 19.71 32.29 -28.99
N THR I 216 19.39 31.04 -28.66
CA THR I 216 18.38 30.75 -27.63
C THR I 216 18.81 31.30 -26.28
N GLU I 217 20.12 31.31 -26.00
CA GLU I 217 20.60 31.92 -24.78
C GLU I 217 20.27 33.40 -24.73
N GLY I 218 20.16 34.04 -25.90
CA GLY I 218 20.02 35.48 -25.96
C GLY I 218 21.33 36.20 -25.90
N LYS I 219 22.43 35.47 -26.03
CA LYS I 219 23.76 36.04 -25.91
C LYS I 219 24.13 36.81 -27.17
N PHE I 220 24.97 37.82 -26.98
CA PHE I 220 25.49 38.58 -28.10
C PHE I 220 26.68 37.82 -28.62
N SER I 221 26.45 37.01 -29.66
CA SER I 221 27.57 36.41 -30.34
C SER I 221 28.31 37.46 -31.18
N PHE I 222 29.55 37.15 -31.54
CA PHE I 222 30.27 38.03 -32.46
C PHE I 222 29.48 38.17 -33.74
N PRO I 223 29.02 37.09 -34.40
CA PRO I 223 28.17 37.26 -35.58
C PRO I 223 26.93 38.06 -35.28
N THR I 224 26.27 37.80 -34.15
CA THR I 224 25.09 38.57 -33.80
C THR I 224 25.43 40.05 -33.63
N ILE I 225 26.60 40.34 -33.05
CA ILE I 225 27.02 41.74 -32.89
C ILE I 225 27.27 42.39 -34.24
N HIS I 226 27.96 41.68 -35.15
CA HIS I 226 28.20 42.18 -36.49
C HIS I 226 26.89 42.40 -37.22
N ALA I 227 25.92 41.51 -37.04
CA ALA I 227 24.63 41.66 -37.69
C ALA I 227 23.86 42.88 -37.17
N ILE I 228 23.85 43.09 -35.84
CA ILE I 228 23.12 44.24 -35.29
C ILE I 228 23.78 45.55 -35.73
N TRP I 229 25.12 45.63 -35.69
CA TRP I 229 25.77 46.88 -36.03
C TRP I 229 25.89 47.11 -37.54
N SER I 230 25.88 46.04 -38.34
CA SER I 230 26.00 46.19 -39.78
C SER I 230 24.81 46.92 -40.38
N ARG I 231 23.61 46.70 -39.83
CA ARG I 231 22.38 47.31 -40.35
C ARG I 231 21.61 47.97 -39.21
N PRO I 232 22.00 49.20 -38.81
CA PRO I 232 21.30 49.88 -37.71
C PRO I 232 19.84 50.20 -38.06
N GLU I 233 19.05 49.15 -38.22
CA GLU I 233 17.61 49.27 -38.48
C GLU I 233 16.95 47.90 -38.30
N VAL I 237 17.42 41.58 -35.06
CA VAL I 237 18.34 40.65 -34.40
C VAL I 237 18.23 40.81 -32.88
N GLN I 238 18.27 42.07 -32.43
CA GLN I 238 18.04 42.37 -31.03
C GLN I 238 16.69 41.83 -30.58
N ASN I 239 15.68 41.90 -31.44
CA ASN I 239 14.34 41.44 -31.07
C ASN I 239 14.28 39.91 -30.98
N ILE I 240 14.85 39.22 -31.96
CA ILE I 240 14.91 37.75 -31.89
C ILE I 240 15.68 37.33 -30.65
N LEU I 241 16.80 38.01 -30.35
CA LEU I 241 17.56 37.68 -29.15
C LEU I 241 16.74 37.94 -27.89
N ARG I 242 16.08 39.10 -27.84
CA ARG I 242 15.23 39.42 -26.70
C ARG I 242 14.15 38.36 -26.49
N GLN I 243 13.66 37.75 -27.57
CA GLN I 243 12.65 36.72 -27.43
C GLN I 243 13.21 35.53 -26.64
N ARG I 244 14.48 35.20 -26.87
CA ARG I 244 15.11 34.02 -26.27
C ARG I 244 14.31 32.77 -26.61
N THR I 245 13.91 32.66 -27.87
CA THR I 245 12.95 31.65 -28.28
C THR I 245 13.67 30.33 -28.51
N GLU I 246 13.02 29.24 -28.12
CA GLU I 246 13.50 27.91 -28.44
C GLU I 246 13.00 27.40 -29.79
N ASN I 247 12.20 28.20 -30.50
CA ASN I 247 11.61 27.79 -31.77
C ASN I 247 12.67 27.57 -32.84
N ILE I 248 12.61 26.41 -33.51
CA ILE I 248 13.59 26.16 -34.54
C ILE I 248 13.38 27.14 -35.69
N ASP I 249 12.12 27.50 -35.95
CA ASP I 249 11.85 28.39 -37.07
C ASP I 249 12.39 29.77 -36.82
N ILE I 250 12.22 30.31 -35.61
CA ILE I 250 12.76 31.63 -35.30
C ILE I 250 14.28 31.61 -35.44
N LYS I 251 14.93 30.56 -34.93
CA LYS I 251 16.39 30.46 -35.05
C LYS I 251 16.82 30.39 -36.51
N LYS I 252 16.12 29.60 -37.32
CA LYS I 252 16.46 29.47 -38.73
C LYS I 252 16.29 30.80 -39.48
N TYR I 253 15.16 31.49 -39.26
CA TYR I 253 14.98 32.80 -39.86
C TYR I 253 16.07 33.76 -39.42
N CYS I 254 16.44 33.68 -38.14
CA CYS I 254 17.51 34.51 -37.60
C CYS I 254 18.80 34.18 -38.32
N VAL I 255 19.00 32.90 -38.65
CA VAL I 255 20.13 32.50 -39.46
C VAL I 255 20.08 33.15 -40.82
N HIS I 256 18.87 33.32 -41.38
CA HIS I 256 18.73 34.03 -42.65
C HIS I 256 19.17 35.49 -42.53
N TYR I 257 18.66 36.21 -41.52
CA TYR I 257 19.04 37.62 -41.35
C TYR I 257 20.55 37.76 -41.12
N LEU I 258 21.17 36.77 -40.47
CA LEU I 258 22.62 36.75 -40.40
C LEU I 258 23.24 36.48 -41.77
N GLU I 259 22.70 35.48 -42.49
CA GLU I 259 23.30 35.06 -43.76
C GLU I 259 23.27 36.19 -44.78
N ASP I 260 22.18 36.94 -44.84
CA ASP I 260 22.13 38.12 -45.68
C ASP I 260 22.90 39.29 -45.08
N VAL I 261 23.08 39.32 -43.76
CA VAL I 261 23.97 40.31 -43.18
C VAL I 261 25.43 40.02 -43.49
N GLY I 262 25.75 38.79 -43.88
CA GLY I 262 27.13 38.44 -44.19
C GLY I 262 28.06 38.45 -43.01
N SER I 263 27.52 38.55 -41.79
CA SER I 263 28.30 38.65 -40.56
C SER I 263 29.12 37.39 -40.32
N PHE I 264 29.10 36.45 -41.27
CA PHE I 264 29.80 35.16 -41.12
C PHE I 264 31.24 35.27 -41.64
N GLU I 265 31.40 35.40 -42.96
CA GLU I 265 32.73 35.51 -43.54
C GLU I 265 33.49 36.73 -43.03
N TYR I 266 32.84 37.66 -42.35
CA TYR I 266 33.57 38.73 -41.68
C TYR I 266 34.27 38.19 -40.44
N THR I 267 33.56 37.41 -39.62
CA THR I 267 34.18 36.79 -38.45
C THR I 267 35.11 35.65 -38.84
N ARG I 268 34.73 34.85 -39.83
CA ARG I 268 35.62 33.81 -40.34
C ARG I 268 36.87 34.45 -40.90
N ASN I 269 36.71 35.46 -41.75
CA ASN I 269 37.83 36.27 -42.18
C ASN I 269 38.66 36.71 -40.98
N THR I 270 38.04 37.39 -40.02
CA THR I 270 38.72 37.87 -38.82
C THR I 270 39.42 36.73 -38.08
N LEU I 271 38.95 35.50 -38.23
CA LEU I 271 39.65 34.35 -37.68
C LEU I 271 40.83 33.99 -38.57
N LYS I 272 40.72 34.26 -39.87
CA LYS I 272 41.85 34.06 -40.77
C LYS I 272 42.89 35.15 -40.57
N GLU I 273 42.42 36.36 -40.26
CA GLU I 273 43.26 37.49 -39.85
C GLU I 273 43.90 37.23 -38.50
N LEU I 274 43.08 37.00 -37.47
CA LEU I 274 43.61 36.76 -36.13
C LEU I 274 44.46 35.50 -36.10
N GLU I 275 43.91 34.37 -36.56
CA GLU I 275 44.68 33.13 -36.65
C GLU I 275 45.87 33.29 -37.56
N ALA I 276 45.67 33.91 -38.73
CA ALA I 276 46.76 34.09 -39.66
C ALA I 276 47.87 34.87 -38.97
N LYS I 277 47.48 35.84 -38.16
CA LYS I 277 48.43 36.65 -37.42
C LYS I 277 49.25 35.80 -36.44
N ALA I 278 48.61 34.79 -35.87
CA ALA I 278 49.26 33.93 -34.88
C ALA I 278 50.49 33.14 -35.31
N TYR I 279 50.48 32.56 -36.50
CA TYR I 279 51.63 31.76 -36.91
C TYR I 279 52.88 32.63 -36.90
N LYS I 280 52.73 33.85 -37.40
CA LYS I 280 53.79 34.85 -37.43
C LYS I 280 54.16 35.33 -36.03
N GLN I 281 53.15 35.58 -35.19
CA GLN I 281 53.45 36.00 -33.83
C GLN I 281 54.12 34.89 -33.02
N ILE I 282 53.84 33.62 -33.35
CA ILE I 282 54.47 32.51 -32.64
C ILE I 282 55.98 32.52 -32.86
N ASP I 283 56.40 32.58 -34.12
CA ASP I 283 57.82 32.57 -34.49
C ASP I 283 58.60 33.70 -33.80
N GLY I 287 60.16 28.91 -32.84
CA GLY I 287 58.96 28.83 -32.05
C GLY I 287 58.21 27.53 -32.22
N ASN I 288 56.99 27.48 -31.72
CA ASN I 288 56.24 26.23 -31.59
C ASN I 288 55.81 25.65 -32.94
N PRO I 289 56.19 24.41 -33.25
CA PRO I 289 55.43 23.63 -34.22
C PRO I 289 54.25 22.95 -33.52
N GLU I 290 54.44 22.58 -32.25
CA GLU I 290 53.38 21.88 -31.50
C GLU I 290 52.14 22.75 -31.37
N LEU I 291 52.32 24.04 -31.05
CA LEU I 291 51.19 24.97 -31.05
C LEU I 291 50.68 25.20 -32.47
N VAL I 292 51.60 25.24 -33.44
CA VAL I 292 51.22 25.44 -34.84
C VAL I 292 50.25 24.36 -35.32
N ALA I 293 50.52 23.09 -35.00
CA ALA I 293 49.62 22.03 -35.43
C ALA I 293 48.25 22.19 -34.81
N LEU I 294 48.20 22.53 -33.52
CA LEU I 294 46.93 22.82 -32.86
C LEU I 294 46.21 23.98 -33.53
N VAL I 295 46.95 25.01 -33.93
CA VAL I 295 46.31 26.20 -34.52
C VAL I 295 45.71 25.87 -35.88
N LYS I 296 46.47 25.18 -36.74
CA LYS I 296 45.93 24.79 -38.05
C LYS I 296 44.77 23.81 -37.89
N HIS I 297 44.98 22.74 -37.12
CA HIS I 297 43.94 21.74 -36.93
C HIS I 297 42.69 22.34 -36.27
N LEU I 298 42.88 23.15 -35.23
CA LEU I 298 41.76 23.75 -34.50
C LEU I 298 41.00 24.73 -35.36
N SER I 299 41.67 25.37 -36.32
CA SER I 299 41.09 26.33 -37.27
C SER I 299 40.31 25.69 -38.41
N LYS I 300 40.27 24.35 -38.54
CA LYS I 300 39.63 23.73 -39.71
C LYS I 300 38.18 24.16 -39.90
N MET I 301 37.47 24.52 -38.84
CA MET I 301 36.08 24.97 -38.99
C MET I 301 36.03 26.26 -39.78
N GLU J 13 37.20 52.65 -15.33
CA GLU J 13 36.79 51.33 -14.86
C GLU J 13 35.54 51.42 -13.98
N THR J 14 34.54 52.16 -14.45
CA THR J 14 33.23 52.20 -13.83
C THR J 14 32.47 50.86 -13.95
N VAL J 15 33.06 49.87 -14.62
CA VAL J 15 32.38 48.58 -14.80
C VAL J 15 32.23 47.84 -13.48
N GLN J 16 33.08 48.12 -12.51
CA GLN J 16 32.95 47.45 -11.22
C GLN J 16 31.61 47.78 -10.60
N ARG J 17 31.15 49.02 -10.78
CA ARG J 17 29.82 49.40 -10.29
C ARG J 17 28.75 48.47 -10.84
N ILE J 18 28.77 48.19 -12.14
CA ILE J 18 27.76 47.30 -12.69
C ILE J 18 27.97 45.88 -12.17
N LEU J 19 29.23 45.42 -12.09
CA LEU J 19 29.49 44.06 -11.64
C LEU J 19 29.07 43.88 -10.19
N LEU J 20 29.25 44.90 -9.38
CA LEU J 20 28.98 44.81 -7.96
C LEU J 20 27.58 45.29 -7.59
N GLU J 21 26.71 45.47 -8.58
CA GLU J 21 25.36 45.97 -8.30
C GLU J 21 24.61 45.06 -7.33
N PRO J 22 24.54 43.73 -7.53
CA PRO J 22 23.84 42.90 -6.54
C PRO J 22 24.44 42.98 -5.14
N TYR J 23 25.76 42.87 -5.04
CA TYR J 23 26.44 42.92 -3.73
C TYR J 23 26.19 44.26 -3.03
N LYS J 24 26.32 45.36 -3.78
CA LYS J 24 25.98 46.66 -3.22
C LYS J 24 24.54 46.69 -2.71
N TYR J 25 23.61 46.14 -3.48
CA TYR J 25 22.21 46.10 -3.04
C TYR J 25 22.06 45.35 -1.72
N LEU J 26 22.67 44.16 -1.60
CA LEU J 26 22.54 43.44 -0.34
C LEU J 26 23.14 44.25 0.79
N LEU J 27 24.28 44.90 0.55
CA LEU J 27 24.86 45.67 1.63
C LEU J 27 23.95 46.83 2.01
N GLN J 28 23.18 47.33 1.05
CA GLN J 28 22.28 48.46 1.28
C GLN J 28 21.21 48.18 2.32
N LEU J 29 20.29 47.28 1.97
CA LEU J 29 19.18 46.89 2.84
C LEU J 29 19.71 46.58 4.23
N PRO J 30 18.94 46.87 5.28
CA PRO J 30 19.34 46.44 6.63
C PRO J 30 19.74 44.98 6.72
N GLY J 31 20.48 44.68 7.77
CA GLY J 31 21.00 43.36 8.04
C GLY J 31 21.67 43.41 9.39
N LYS J 32 21.47 42.36 10.19
CA LYS J 32 21.98 42.27 11.56
C LYS J 32 23.34 42.92 11.73
N GLN J 33 24.23 42.70 10.76
CA GLN J 33 25.61 43.16 10.84
C GLN J 33 26.20 42.84 12.21
N VAL J 34 25.64 41.82 12.85
CA VAL J 34 26.03 41.48 14.21
C VAL J 34 27.42 40.89 14.23
N ARG J 35 27.78 40.14 13.19
CA ARG J 35 29.12 39.56 13.12
C ARG J 35 30.20 40.61 13.34
N THR J 36 29.98 41.84 12.88
CA THR J 36 30.90 42.94 13.17
C THR J 36 31.00 43.18 14.67
N LYS J 37 29.87 43.09 15.38
CA LYS J 37 29.91 43.18 16.83
C LYS J 37 30.61 41.97 17.45
N LEU J 38 30.56 40.79 16.82
CA LEU J 38 31.34 39.67 17.31
C LEU J 38 32.83 39.98 17.23
N SER J 39 33.30 40.43 16.06
CA SER J 39 34.71 40.77 15.90
C SER J 39 35.16 41.81 16.92
N GLN J 40 34.39 42.90 17.04
CA GLN J 40 34.70 43.91 18.04
C GLN J 40 34.77 43.29 19.43
N ALA J 41 33.81 42.44 19.79
CA ALA J 41 33.81 41.88 21.13
C ALA J 41 34.87 40.82 21.33
N PHE J 42 35.54 40.37 20.27
CA PHE J 42 36.69 39.50 20.45
C PHE J 42 38.00 40.27 20.40
N ASN J 43 37.95 41.54 20.02
CA ASN J 43 39.19 42.28 20.13
C ASN J 43 39.47 42.69 21.57
N HIS J 44 38.52 42.52 22.48
CA HIS J 44 38.79 42.81 23.89
C HIS J 44 39.89 41.91 24.43
N TRP J 45 40.06 40.73 23.85
CA TRP J 45 41.17 39.83 24.09
C TRP J 45 42.28 40.04 23.07
N LEU J 46 41.91 40.09 21.78
CA LEU J 46 42.94 40.10 20.75
C LEU J 46 43.67 41.44 20.70
N LYS J 47 43.00 42.54 21.05
CA LYS J 47 43.51 43.92 20.94
C LYS J 47 44.37 44.11 19.68
N VAL J 48 43.73 43.83 18.55
CA VAL J 48 44.36 43.93 17.22
C VAL J 48 44.59 45.39 16.86
N PRO J 49 45.71 45.70 16.21
CA PRO J 49 45.93 47.06 15.70
C PRO J 49 44.87 47.45 14.67
N GLU J 50 44.39 48.69 14.78
CA GLU J 50 43.44 49.25 13.82
C GLU J 50 43.87 49.01 12.39
N ASP J 51 45.15 49.26 12.08
CA ASP J 51 45.63 49.16 10.70
C ASP J 51 45.32 47.80 10.10
N LYS J 52 45.52 46.74 10.87
CA LYS J 52 45.17 45.40 10.41
C LYS J 52 43.71 45.08 10.67
N LEU J 53 43.16 45.54 11.80
CA LEU J 53 41.81 45.14 12.20
C LEU J 53 40.76 45.60 11.20
N GLN J 54 40.83 46.87 10.78
CA GLN J 54 39.84 47.37 9.81
C GLN J 54 39.85 46.53 8.55
N ILE J 55 41.04 46.12 8.09
CA ILE J 55 41.11 45.31 6.89
C ILE J 55 40.45 43.95 7.12
N ILE J 56 40.68 43.31 8.28
CA ILE J 56 40.05 42.00 8.50
C ILE J 56 38.53 42.13 8.55
N ILE J 57 38.03 43.20 9.19
CA ILE J 57 36.59 43.40 9.27
C ILE J 57 36.00 43.64 7.88
N GLU J 58 36.71 44.38 7.03
CA GLU J 58 36.28 44.51 5.64
C GLU J 58 36.18 43.15 4.96
N VAL J 59 37.18 42.28 5.18
CA VAL J 59 37.20 40.97 4.52
C VAL J 59 36.06 40.09 5.00
N THR J 60 35.79 40.07 6.32
CA THR J 60 34.67 39.26 6.82
C THR J 60 33.35 39.81 6.30
N GLU J 61 33.14 41.12 6.38
CA GLU J 61 31.88 41.67 5.89
C GLU J 61 31.66 41.32 4.42
N MET J 62 32.69 41.50 3.59
CA MET J 62 32.58 41.12 2.18
C MET J 62 32.19 39.67 2.03
N LEU J 63 33.01 38.77 2.57
CA LEU J 63 32.79 37.35 2.33
C LEU J 63 31.43 36.92 2.83
N HIS J 64 31.04 37.41 4.00
CA HIS J 64 29.74 37.04 4.54
C HIS J 64 28.63 37.44 3.57
N ASN J 65 28.64 38.70 3.12
CA ASN J 65 27.55 39.14 2.27
C ASN J 65 27.51 38.36 0.96
N ALA J 66 28.67 38.04 0.39
CA ALA J 66 28.68 37.19 -0.79
C ALA J 66 28.03 35.85 -0.50
N SER J 67 28.45 35.21 0.59
CA SER J 67 27.90 33.91 0.95
C SER J 67 26.40 33.98 1.08
N LEU J 68 25.86 35.08 1.61
CA LEU J 68 24.41 35.20 1.69
C LEU J 68 23.79 35.32 0.30
N LEU J 69 24.43 36.06 -0.60
CA LEU J 69 23.94 36.15 -1.95
C LEU J 69 23.79 34.77 -2.58
N ILE J 70 24.80 33.94 -2.43
CA ILE J 70 24.73 32.57 -2.94
C ILE J 70 23.76 31.72 -2.13
N ASP J 71 23.80 31.84 -0.80
CA ASP J 71 22.94 31.05 0.06
C ASP J 71 21.48 31.17 -0.33
N ASP J 72 21.05 32.34 -0.80
CA ASP J 72 19.64 32.46 -1.16
C ASP J 72 19.33 31.63 -2.39
N ILE J 73 20.24 31.62 -3.35
CA ILE J 73 20.06 30.77 -4.52
C ILE J 73 20.01 29.32 -4.08
N GLU J 74 20.93 28.92 -3.23
CA GLU J 74 20.99 27.53 -2.81
C GLU J 74 19.76 27.14 -2.02
N ASP J 75 19.31 28.03 -1.13
CA ASP J 75 18.13 27.86 -0.31
C ASP J 75 16.81 28.25 -0.97
N ASN J 76 16.83 28.94 -2.11
CA ASN J 76 15.61 29.40 -2.76
C ASN J 76 14.78 30.28 -1.84
N SER J 77 15.45 31.13 -1.09
CA SER J 77 14.68 32.02 -0.25
C SER J 77 14.07 33.10 -1.11
N LYS J 78 13.01 33.71 -0.62
CA LYS J 78 12.37 34.79 -1.36
C LYS J 78 12.78 36.16 -0.84
N LEU J 79 13.23 36.23 0.39
CA LEU J 79 13.40 37.49 1.06
C LEU J 79 14.59 37.46 2.01
N ARG J 80 15.19 38.63 2.24
CA ARG J 80 16.27 38.81 3.21
C ARG J 80 16.03 40.09 3.99
N ARG J 81 15.90 39.95 5.30
CA ARG J 81 15.74 41.11 6.18
C ARG J 81 14.57 41.99 5.77
N GLY J 82 13.50 41.39 5.25
CA GLY J 82 12.34 42.14 4.79
C GLY J 82 12.38 42.67 3.38
N PHE J 83 13.40 42.35 2.59
CA PHE J 83 13.51 42.90 1.25
C PHE J 83 13.69 41.83 0.20
N PRO J 84 13.26 42.09 -1.03
CA PRO J 84 13.39 41.09 -2.10
C PRO J 84 14.80 40.53 -2.19
N VAL J 85 14.87 39.25 -2.56
CA VAL J 85 16.15 38.58 -2.72
C VAL J 85 16.90 39.20 -3.89
N ALA J 86 18.22 39.13 -3.84
CA ALA J 86 19.04 39.79 -4.85
C ALA J 86 18.76 39.26 -6.26
N HIS J 87 18.65 37.93 -6.38
CA HIS J 87 18.40 37.33 -7.68
C HIS J 87 16.99 37.61 -8.18
N SER J 88 16.05 37.92 -7.29
CA SER J 88 14.69 38.20 -7.73
C SER J 88 14.61 39.47 -8.55
N ILE J 89 15.56 40.38 -8.37
CA ILE J 89 15.59 41.61 -9.16
C ILE J 89 16.71 41.59 -10.19
N TYR J 90 17.91 41.14 -9.83
CA TYR J 90 19.01 41.14 -10.79
C TYR J 90 19.12 39.84 -11.60
N GLY J 91 18.41 38.78 -11.22
CA GLY J 91 18.50 37.51 -11.93
C GLY J 91 19.60 36.61 -11.41
N ILE J 92 19.37 35.31 -11.49
CA ILE J 92 20.29 34.32 -10.94
C ILE J 92 21.71 34.53 -11.46
N PRO J 93 21.95 34.53 -12.78
CA PRO J 93 23.34 34.63 -13.26
C PRO J 93 24.10 35.82 -12.72
N SER J 94 23.47 37.00 -12.76
CA SER J 94 24.11 38.23 -12.34
C SER J 94 24.56 38.13 -10.89
N VAL J 95 23.70 37.60 -10.02
CA VAL J 95 24.07 37.58 -8.61
C VAL J 95 25.11 36.50 -8.36
N ILE J 96 25.00 35.37 -9.05
CA ILE J 96 26.01 34.33 -8.89
C ILE J 96 27.38 34.91 -9.20
N ASN J 97 27.53 35.48 -10.39
CA ASN J 97 28.84 35.97 -10.76
C ASN J 97 29.31 37.10 -9.87
N SER J 98 28.42 38.05 -9.56
CA SER J 98 28.79 39.15 -8.67
C SER J 98 29.33 38.64 -7.34
N ALA J 99 28.63 37.69 -6.70
CA ALA J 99 29.08 37.21 -5.40
C ALA J 99 30.41 36.50 -5.51
N ASN J 100 30.56 35.64 -6.52
CA ASN J 100 31.86 34.98 -6.70
C ASN J 100 32.98 36.01 -6.89
N TYR J 101 32.71 37.05 -7.67
CA TYR J 101 33.66 38.13 -7.84
C TYR J 101 34.06 38.70 -6.48
N VAL J 102 33.08 39.04 -5.64
CA VAL J 102 33.49 39.63 -4.38
C VAL J 102 34.22 38.62 -3.52
N TYR J 103 33.98 37.32 -3.72
CA TYR J 103 34.80 36.31 -3.04
C TYR J 103 36.28 36.55 -3.33
N PHE J 104 36.63 36.63 -4.61
CA PHE J 104 38.05 36.76 -4.89
C PHE J 104 38.56 38.16 -4.56
N LEU J 105 37.68 39.16 -4.63
CA LEU J 105 38.02 40.47 -4.08
C LEU J 105 38.38 40.35 -2.61
N GLY J 106 37.73 39.43 -1.90
CA GLY J 106 38.12 39.18 -0.52
C GLY J 106 39.51 38.62 -0.46
N LEU J 107 39.85 37.71 -1.38
CA LEU J 107 41.23 37.21 -1.43
C LEU J 107 42.23 38.36 -1.63
N GLU J 108 41.94 39.26 -2.57
CA GLU J 108 42.82 40.40 -2.78
C GLU J 108 42.96 41.25 -1.51
N LYS J 109 41.84 41.53 -0.82
CA LYS J 109 41.91 42.36 0.37
C LYS J 109 42.69 41.70 1.51
N VAL J 110 42.63 40.36 1.62
CA VAL J 110 43.39 39.72 2.70
C VAL J 110 44.87 39.69 2.36
N LEU J 111 45.22 39.72 1.06
CA LEU J 111 46.64 39.84 0.72
C LEU J 111 47.26 41.14 1.21
N THR J 112 46.45 42.16 1.55
CA THR J 112 47.00 43.41 2.09
C THR J 112 47.41 43.34 3.56
N LEU J 113 47.02 42.28 4.28
CA LEU J 113 47.51 42.09 5.64
C LEU J 113 48.99 41.70 5.63
N ASP J 114 49.49 41.26 4.48
CA ASP J 114 50.91 40.98 4.21
C ASP J 114 51.45 39.87 5.09
N HIS J 115 50.59 39.02 5.63
CA HIS J 115 51.02 37.93 6.48
C HIS J 115 51.04 36.66 5.65
N GLN J 116 52.16 35.94 5.68
CA GLN J 116 52.33 34.75 4.86
C GLN J 116 51.29 33.68 5.18
N ASP J 117 50.82 33.63 6.44
CA ASP J 117 49.88 32.60 6.88
C ASP J 117 48.43 32.93 6.56
N ALA J 118 48.13 34.18 6.21
CA ALA J 118 46.75 34.60 6.00
C ALA J 118 46.08 33.82 4.88
N VAL J 119 46.76 33.65 3.74
CA VAL J 119 46.13 32.94 2.64
C VAL J 119 45.87 31.49 2.96
N LYS J 120 46.83 30.82 3.62
CA LYS J 120 46.60 29.43 4.00
C LYS J 120 45.39 29.32 4.89
N LEU J 121 45.28 30.22 5.89
CA LEU J 121 44.11 30.26 6.75
C LEU J 121 42.84 30.52 5.94
N PHE J 122 42.91 31.45 5.00
CA PHE J 122 41.76 31.81 4.17
C PHE J 122 41.25 30.60 3.41
N THR J 123 42.15 29.93 2.69
CA THR J 123 41.78 28.73 1.96
C THR J 123 41.17 27.68 2.90
N ARG J 124 41.83 27.42 4.02
CA ARG J 124 41.30 26.42 4.95
C ARG J 124 39.87 26.74 5.37
N GLN J 125 39.67 27.96 5.87
CA GLN J 125 38.38 28.34 6.43
C GLN J 125 37.29 28.42 5.37
N LEU J 126 37.63 28.91 4.17
CA LEU J 126 36.63 28.97 3.11
C LEU J 126 36.24 27.56 2.69
N LEU J 127 37.20 26.64 2.64
CA LEU J 127 36.88 25.24 2.39
C LEU J 127 35.88 24.75 3.43
N GLU J 128 36.09 25.12 4.69
CA GLU J 128 35.15 24.72 5.74
C GLU J 128 33.76 25.24 5.46
N LEU J 129 33.65 26.52 5.11
CA LEU J 129 32.34 27.09 4.77
C LEU J 129 31.66 26.28 3.69
N HIS J 130 32.38 25.97 2.61
CA HIS J 130 31.74 25.28 1.49
C HIS J 130 31.42 23.83 1.80
N GLN J 131 32.19 23.17 2.66
CA GLN J 131 31.81 21.82 3.06
C GLN J 131 30.51 21.84 3.84
N GLY J 132 30.40 22.73 4.82
CA GLY J 132 29.15 22.83 5.57
C GLY J 132 27.96 23.13 4.67
N GLN J 133 28.12 24.08 3.79
CA GLN J 133 27.04 24.40 2.91
C GLN J 133 26.70 23.16 2.15
N GLY J 134 27.68 22.56 1.52
CA GLY J 134 27.42 21.37 0.72
C GLY J 134 26.69 20.29 1.48
N LEU J 135 27.00 20.12 2.77
CA LEU J 135 26.28 19.15 3.59
C LEU J 135 24.82 19.56 3.80
N ASP J 136 24.59 20.82 4.18
CA ASP J 136 23.21 21.26 4.35
C ASP J 136 22.41 21.05 3.08
N ILE J 137 22.93 21.55 1.96
CA ILE J 137 22.27 21.40 0.66
C ILE J 137 22.10 19.92 0.32
N TYR J 138 23.09 19.10 0.66
CA TYR J 138 22.99 17.69 0.32
C TYR J 138 21.84 17.01 1.03
N TRP J 139 21.80 17.13 2.36
CA TRP J 139 20.72 16.48 3.13
C TRP J 139 19.38 17.00 2.67
N ARG J 140 19.28 18.30 2.47
CA ARG J 140 18.00 18.86 2.07
C ARG J 140 17.55 18.32 0.72
N ASP J 141 18.42 18.36 -0.29
CA ASP J 141 17.96 18.03 -1.63
C ASP J 141 17.92 16.53 -1.93
N ASN J 142 18.65 15.70 -1.20
CA ASN J 142 18.67 14.27 -1.45
C ASN J 142 17.82 13.47 -0.47
N TYR J 143 17.07 14.16 0.40
CA TYR J 143 16.04 13.52 1.22
C TYR J 143 16.63 12.52 2.20
N THR J 144 17.78 12.86 2.76
CA THR J 144 18.39 12.12 3.85
C THR J 144 18.48 13.01 5.09
N CYS J 145 17.74 12.66 6.12
CA CYS J 145 17.86 13.39 7.37
C CYS J 145 19.19 13.07 8.04
N PRO J 146 19.84 14.06 8.65
CA PRO J 146 21.11 13.81 9.36
C PRO J 146 20.92 13.59 10.85
N THR J 147 21.90 13.00 11.52
CA THR J 147 21.83 12.88 12.97
C THR J 147 22.09 14.23 13.62
N GLU J 148 21.73 14.31 14.91
CA GLU J 148 22.03 15.52 15.67
C GLU J 148 23.54 15.79 15.68
N GLU J 149 24.36 14.72 15.75
CA GLU J 149 25.81 14.88 15.70
C GLU J 149 26.25 15.35 14.33
N GLU J 150 25.72 14.74 13.27
CA GLU J 150 26.08 15.19 11.93
C GLU J 150 25.73 16.66 11.73
N TYR J 151 24.57 17.06 12.26
CA TYR J 151 24.15 18.45 12.17
C TYR J 151 25.11 19.36 12.89
N LYS J 152 25.42 19.04 14.15
CA LYS J 152 26.33 19.89 14.91
C LYS J 152 27.65 20.04 14.19
N ALA J 153 28.21 18.93 13.71
CA ALA J 153 29.45 19.04 12.94
C ALA J 153 29.29 19.97 11.75
N MET J 154 28.19 19.81 11.01
CA MET J 154 27.97 20.66 9.84
C MET J 154 27.91 22.13 10.24
N VAL J 155 27.18 22.44 11.30
CA VAL J 155 27.11 23.82 11.75
C VAL J 155 28.49 24.36 12.08
N LEU J 156 29.30 23.57 12.77
CA LEU J 156 30.64 24.04 13.05
C LEU J 156 31.39 24.38 11.78
N GLN J 157 31.18 23.61 10.72
CA GLN J 157 31.85 23.97 9.47
C GLN J 157 31.20 25.18 8.79
N LYS J 158 29.88 25.17 8.65
CA LYS J 158 29.18 26.19 7.87
C LYS J 158 29.23 27.55 8.56
N THR J 159 28.68 27.63 9.74
CA THR J 159 28.74 28.90 10.45
C THR J 159 30.09 29.08 11.12
N GLY J 160 30.78 27.98 11.41
CA GLY J 160 32.08 28.12 12.02
C GLY J 160 33.14 28.69 11.10
N GLY J 161 33.02 28.45 9.80
CA GLY J 161 34.06 28.87 8.89
C GLY J 161 34.43 30.33 8.96
N LEU J 162 33.46 31.20 8.67
CA LEU J 162 33.71 32.63 8.62
C LEU J 162 34.05 33.21 9.99
N PHE J 163 33.32 32.83 11.03
CA PHE J 163 33.67 33.28 12.38
C PHE J 163 35.12 32.94 12.71
N GLY J 164 35.54 31.72 12.38
CA GLY J 164 36.93 31.35 12.58
C GLY J 164 37.87 32.16 11.73
N LEU J 165 37.43 32.57 10.54
CA LEU J 165 38.25 33.45 9.70
C LEU J 165 38.45 34.80 10.37
N ALA J 166 37.38 35.38 10.87
CA ALA J 166 37.49 36.67 11.56
C ALA J 166 38.43 36.56 12.75
N VAL J 167 38.10 35.68 13.69
CA VAL J 167 38.85 35.64 14.93
C VAL J 167 40.26 35.12 14.69
N GLY J 168 40.42 34.17 13.79
CA GLY J 168 41.74 33.62 13.50
C GLY J 168 42.64 34.63 12.81
N LEU J 169 42.09 35.34 11.83
CA LEU J 169 42.86 36.38 11.17
C LEU J 169 43.24 37.46 12.17
N MET J 170 42.35 37.79 13.10
CA MET J 170 42.73 38.69 14.17
C MET J 170 43.85 38.08 15.00
N GLN J 171 43.81 36.77 15.19
CA GLN J 171 44.77 36.07 16.03
C GLN J 171 46.18 36.10 15.44
N LEU J 172 46.29 36.20 14.11
CA LEU J 172 47.64 36.23 13.53
C LEU J 172 48.43 37.42 14.04
N PHE J 173 47.78 38.52 14.39
CA PHE J 173 48.43 39.77 14.76
C PHE J 173 48.33 40.11 16.24
N SER J 174 47.93 39.17 17.09
CA SER J 174 47.80 39.44 18.51
C SER J 174 48.85 38.64 19.27
N ASP J 175 49.44 39.27 20.30
CA ASP J 175 50.35 38.55 21.19
C ASP J 175 49.62 37.62 22.14
N TYR J 176 48.32 37.42 21.92
CA TYR J 176 47.51 36.59 22.79
C TYR J 176 47.76 35.12 22.47
N LYS J 177 47.88 34.32 23.51
CA LYS J 177 48.26 32.93 23.35
C LYS J 177 47.16 31.97 23.81
N GLU J 178 46.06 32.47 24.34
CA GLU J 178 45.00 31.59 24.76
C GLU J 178 44.35 30.92 23.54
N ASP J 179 43.81 29.72 23.75
CA ASP J 179 43.04 29.01 22.75
C ASP J 179 41.58 29.47 22.85
N LEU J 180 40.94 29.67 21.71
CA LEU J 180 39.55 30.12 21.70
C LEU J 180 38.66 29.30 20.77
N LYS J 181 39.20 28.31 20.06
CA LYS J 181 38.47 27.30 19.30
C LYS J 181 37.29 26.71 20.07
N PRO J 182 37.41 26.42 21.38
CA PRO J 182 36.24 25.89 22.11
C PRO J 182 35.07 26.86 22.18
N LEU J 183 35.32 28.09 22.61
CA LEU J 183 34.26 29.10 22.63
C LEU J 183 33.79 29.44 21.23
N LEU J 184 34.67 29.40 20.24
CA LEU J 184 34.22 29.53 18.86
C LEU J 184 33.13 28.51 18.54
N ASN J 185 33.44 27.25 18.77
CA ASN J 185 32.47 26.17 18.57
C ASN J 185 31.16 26.46 19.29
N THR J 186 31.21 26.53 20.62
CA THR J 186 29.99 26.81 21.38
C THR J 186 29.21 27.98 20.78
N LEU J 187 29.91 29.03 20.37
CA LEU J 187 29.22 30.18 19.81
C LEU J 187 28.53 29.83 18.50
N GLY J 188 29.24 29.20 17.56
CA GLY J 188 28.61 28.92 16.28
C GLY J 188 27.39 28.03 16.41
N LEU J 189 27.42 27.07 17.36
CA LEU J 189 26.20 26.28 17.54
C LEU J 189 25.12 27.13 18.18
N PHE J 190 25.52 28.12 18.99
CA PHE J 190 24.53 29.03 19.54
C PHE J 190 23.87 29.83 18.43
N PHE J 191 24.62 30.12 17.37
CA PHE J 191 24.08 30.90 16.27
C PHE J 191 23.12 30.06 15.45
N GLN J 192 23.60 28.96 14.91
CA GLN J 192 22.76 28.13 14.05
C GLN J 192 21.53 27.58 14.75
N ILE J 193 21.67 27.12 15.98
CA ILE J 193 20.51 26.58 16.69
C ILE J 193 19.56 27.71 17.10
N ARG J 194 20.10 28.87 17.49
CA ARG J 194 19.24 30.03 17.76
C ARG J 194 18.45 30.45 16.53
N TYR J 195 19.11 30.56 15.37
CA TYR J 195 18.43 30.98 14.15
C TYR J 195 17.39 29.97 13.72
N ASP J 196 17.70 28.68 13.80
CA ASP J 196 16.72 27.67 13.41
C ASP J 196 15.48 27.75 14.28
N TYR J 197 15.67 27.80 15.60
CA TYR J 197 14.56 27.90 16.52
C TYR J 197 13.75 29.18 16.27
N ALA J 198 14.44 30.30 16.05
CA ALA J 198 13.72 31.56 15.85
C ALA J 198 12.95 31.54 14.54
N ASN J 199 13.47 30.82 13.57
CA ASN J 199 12.80 30.65 12.31
C ASN J 199 11.50 29.85 12.42
N LEU J 200 11.46 28.84 13.30
CA LEU J 200 10.30 27.96 13.36
C LEU J 200 9.30 28.32 14.45
N HIS J 201 9.74 28.96 15.53
CA HIS J 201 8.84 29.29 16.62
C HIS J 201 8.02 30.58 16.43
N SER J 202 8.38 31.44 15.48
CA SER J 202 7.69 32.70 15.27
C SER J 202 6.17 32.62 15.33
N LYS J 209 8.80 38.69 10.05
CA LYS J 209 9.38 37.70 9.16
C LYS J 209 8.30 36.97 8.33
N SER J 210 8.75 36.03 7.48
CA SER J 210 7.84 35.08 6.84
C SER J 210 7.41 34.02 7.84
N PHE J 211 6.53 33.11 7.42
CA PHE J 211 6.11 32.01 8.28
C PHE J 211 6.85 30.74 7.91
N CYS J 212 7.54 30.19 8.90
CA CYS J 212 8.33 28.97 8.79
C CYS J 212 9.06 28.83 7.47
N GLU J 213 9.74 29.91 7.06
CA GLU J 213 10.50 29.87 5.80
C GLU J 213 11.38 28.64 5.71
N ASP J 214 11.90 28.16 6.83
CA ASP J 214 12.75 26.97 6.79
C ASP J 214 11.98 25.76 6.26
N LEU J 215 10.71 25.61 6.65
CA LEU J 215 9.88 24.54 6.13
C LEU J 215 9.73 24.64 4.62
N THR J 216 9.57 25.86 4.10
CA THR J 216 9.45 26.02 2.65
C THR J 216 10.75 25.66 1.95
N GLU J 217 11.89 25.94 2.58
CA GLU J 217 13.14 25.45 2.01
C GLU J 217 13.14 23.94 2.00
N GLY J 218 12.55 23.33 3.03
CA GLY J 218 12.69 21.92 3.24
C GLY J 218 13.96 21.54 3.94
N LYS J 219 14.66 22.50 4.55
CA LYS J 219 15.94 22.24 5.20
C LYS J 219 15.74 21.56 6.54
N PHE J 220 16.72 20.73 6.94
CA PHE J 220 16.67 20.05 8.23
C PHE J 220 17.28 20.97 9.27
N SER J 221 16.44 21.76 9.92
CA SER J 221 16.82 22.55 11.08
C SER J 221 16.97 21.67 12.32
N PHE J 222 17.54 22.24 13.38
CA PHE J 222 17.67 21.54 14.64
C PHE J 222 16.35 21.01 15.17
N PRO J 223 15.26 21.83 15.29
CA PRO J 223 13.99 21.27 15.79
C PRO J 223 13.38 20.17 14.93
N THR J 224 13.43 20.33 13.61
CA THR J 224 12.84 19.30 12.77
C THR J 224 13.59 17.98 12.90
N ILE J 225 14.92 17.99 12.98
CA ILE J 225 15.65 16.73 13.17
C ILE J 225 15.33 16.14 14.53
N HIS J 226 15.16 16.98 15.54
CA HIS J 226 14.75 16.42 16.82
C HIS J 226 13.47 15.65 16.69
N ALA J 227 12.49 16.20 15.97
CA ALA J 227 11.22 15.49 15.79
C ALA J 227 11.41 14.23 14.97
N ILE J 228 12.29 14.26 13.97
CA ILE J 228 12.51 13.09 13.15
C ILE J 228 13.01 11.93 14.00
N TRP J 229 14.03 12.17 14.81
CA TRP J 229 14.65 11.08 15.54
C TRP J 229 13.89 10.74 16.82
N SER J 230 13.15 11.72 17.36
CA SER J 230 12.38 11.51 18.57
C SER J 230 11.25 10.53 18.36
N ARG J 231 10.63 10.56 17.18
CA ARG J 231 9.48 9.70 16.92
C ARG J 231 9.75 8.92 15.65
N PRO J 232 10.57 7.85 15.75
CA PRO J 232 10.91 7.05 14.55
C PRO J 232 9.71 6.36 13.95
N GLU J 233 8.54 6.63 14.52
CA GLU J 233 7.28 6.08 14.01
C GLU J 233 6.82 6.81 12.75
N SER J 234 6.65 8.12 12.84
CA SER J 234 5.90 8.87 11.84
C SER J 234 6.84 9.53 10.83
N THR J 235 6.71 9.17 9.57
CA THR J 235 7.47 9.90 8.55
C THR J 235 6.71 11.14 8.10
N GLN J 236 6.02 11.85 9.01
CA GLN J 236 5.30 13.05 8.58
C GLN J 236 6.25 14.19 8.27
N VAL J 237 7.18 14.49 9.19
CA VAL J 237 8.01 15.69 9.08
C VAL J 237 8.81 15.64 7.80
N GLN J 238 9.42 14.49 7.54
CA GLN J 238 10.11 14.28 6.28
C GLN J 238 9.22 14.63 5.10
N ASN J 239 7.94 14.26 5.19
CA ASN J 239 7.04 14.46 4.04
C ASN J 239 6.66 15.93 3.85
N ILE J 240 6.34 16.64 4.94
CA ILE J 240 6.01 18.07 4.85
C ILE J 240 7.19 18.86 4.28
N LEU J 241 8.41 18.55 4.73
CA LEU J 241 9.57 19.22 4.14
C LEU J 241 9.71 18.86 2.67
N ARG J 242 9.54 17.58 2.36
CA ARG J 242 9.69 17.09 1.01
C ARG J 242 8.81 17.88 0.06
N GLN J 243 7.61 18.25 0.52
CA GLN J 243 6.72 19.02 -0.33
C GLN J 243 7.30 20.38 -0.65
N ARG J 244 7.97 21.02 0.33
CA ARG J 244 8.36 22.42 0.22
C ARG J 244 7.11 23.28 0.03
N THR J 245 6.12 23.02 0.87
CA THR J 245 4.82 23.60 0.65
C THR J 245 4.81 25.04 1.10
N GLU J 246 4.16 25.88 0.32
CA GLU J 246 3.92 27.24 0.76
C GLU J 246 2.61 27.35 1.50
N ASN J 247 1.88 26.24 1.61
CA ASN J 247 0.56 26.23 2.20
C ASN J 247 0.62 26.56 3.69
N ILE J 248 -0.18 27.52 4.11
CA ILE J 248 -0.14 27.97 5.49
C ILE J 248 -0.65 26.88 6.42
N ASP J 249 -1.64 26.10 5.98
CA ASP J 249 -2.24 25.08 6.84
C ASP J 249 -1.25 23.95 7.13
N ILE J 250 -0.54 23.47 6.10
CA ILE J 250 0.43 22.41 6.33
C ILE J 250 1.55 22.90 7.24
N LYS J 251 2.07 24.11 6.99
CA LYS J 251 3.13 24.62 7.83
C LYS J 251 2.67 24.74 9.27
N LYS J 252 1.48 25.29 9.48
CA LYS J 252 0.94 25.46 10.82
C LYS J 252 0.77 24.12 11.52
N TYR J 253 0.23 23.11 10.81
CA TYR J 253 0.10 21.80 11.43
C TYR J 253 1.47 21.26 11.81
N CYS J 254 2.46 21.45 10.95
CA CYS J 254 3.79 20.93 11.22
C CYS J 254 4.35 21.55 12.49
N VAL J 255 4.15 22.85 12.69
CA VAL J 255 4.54 23.47 13.95
C VAL J 255 3.77 22.85 15.11
N HIS J 256 2.50 22.53 14.89
CA HIS J 256 1.74 21.87 15.95
C HIS J 256 2.40 20.56 16.37
N TYR J 257 2.76 19.75 15.38
CA TYR J 257 3.45 18.49 15.63
C TYR J 257 4.76 18.73 16.36
N LEU J 258 5.57 19.66 15.85
CA LEU J 258 6.85 19.96 16.48
C LEU J 258 6.67 20.35 17.94
N GLU J 259 5.58 21.05 18.28
CA GLU J 259 5.42 21.37 19.69
C GLU J 259 4.93 20.17 20.50
N ASP J 260 4.10 19.30 19.92
CA ASP J 260 3.61 18.17 20.71
C ASP J 260 4.66 17.08 20.86
N VAL J 261 5.59 16.97 19.91
CA VAL J 261 6.66 15.98 20.04
C VAL J 261 7.59 16.34 21.19
N GLY J 262 7.80 17.64 21.43
CA GLY J 262 8.75 18.11 22.41
C GLY J 262 9.90 18.88 21.82
N SER J 263 10.09 18.82 20.51
CA SER J 263 11.23 19.43 19.83
C SER J 263 11.51 20.85 20.28
N PHE J 264 10.49 21.58 20.73
CA PHE J 264 10.69 22.99 21.04
C PHE J 264 11.28 23.18 22.42
N GLU J 265 10.65 22.59 23.46
CA GLU J 265 11.28 22.60 24.77
C GLU J 265 12.70 22.07 24.68
N TYR J 266 12.94 21.08 23.81
CA TYR J 266 14.28 20.50 23.64
C TYR J 266 15.24 21.47 22.98
N THR J 267 14.80 22.20 21.96
CA THR J 267 15.69 23.17 21.33
C THR J 267 16.02 24.24 22.34
N ARG J 268 15.05 24.62 23.16
CA ARG J 268 15.35 25.56 24.23
C ARG J 268 16.40 25.00 25.17
N ASN J 269 16.15 23.80 25.72
CA ASN J 269 17.10 23.17 26.62
C ASN J 269 18.53 23.17 26.07
N THR J 270 18.73 22.64 24.85
CA THR J 270 20.08 22.68 24.29
C THR J 270 20.57 24.12 24.19
N LEU J 271 19.65 25.08 24.00
CA LEU J 271 20.07 26.47 23.88
C LEU J 271 20.50 27.05 25.23
N LYS J 272 19.78 26.75 26.30
CA LYS J 272 20.17 27.24 27.62
C LYS J 272 21.44 26.57 28.11
N GLU J 273 21.60 25.28 27.81
CA GLU J 273 22.86 24.60 28.05
C GLU J 273 24.00 25.30 27.32
N LEU J 274 23.82 25.49 26.00
CA LEU J 274 24.86 26.13 25.19
C LEU J 274 25.23 27.52 25.69
N GLU J 275 24.24 28.36 25.96
CA GLU J 275 24.54 29.67 26.53
C GLU J 275 25.31 29.56 27.84
N ALA J 276 24.95 28.61 28.69
CA ALA J 276 25.70 28.44 29.94
C ALA J 276 27.15 28.05 29.65
N LYS J 277 27.35 27.10 28.74
CA LYS J 277 28.71 26.67 28.44
C LYS J 277 29.50 27.81 27.84
N ALA J 278 28.87 28.60 26.99
CA ALA J 278 29.44 29.87 26.57
C ALA J 278 29.89 30.67 27.78
N TYR J 279 29.02 30.76 28.78
CA TYR J 279 29.31 31.60 29.94
C TYR J 279 30.53 31.09 30.71
N LYS J 280 30.76 29.78 30.73
CA LYS J 280 31.92 29.26 31.45
C LYS J 280 33.20 29.45 30.66
N GLN J 281 33.15 29.29 29.35
CA GLN J 281 34.41 29.34 28.62
C GLN J 281 35.02 30.74 28.61
N ILE J 282 34.21 31.78 28.80
CA ILE J 282 34.74 33.15 28.86
C ILE J 282 35.54 33.35 30.14
N ASP J 283 35.01 32.90 31.27
CA ASP J 283 35.81 32.84 32.50
C ASP J 283 37.08 32.03 32.27
N ALA J 284 36.97 30.90 31.57
CA ALA J 284 38.17 30.14 31.22
C ALA J 284 39.17 31.01 30.46
N ARG J 285 38.71 32.04 29.74
CA ARG J 285 39.63 32.97 29.11
C ARG J 285 39.72 34.30 29.83
N GLY J 286 39.30 34.36 31.09
CA GLY J 286 39.36 35.59 31.85
C GLY J 286 38.14 36.47 31.76
N GLY J 287 37.25 36.23 30.82
CA GLY J 287 36.03 37.01 30.79
C GLY J 287 36.08 38.09 29.72
N ASN J 288 34.90 38.47 29.26
CA ASN J 288 34.76 39.56 28.30
C ASN J 288 33.43 40.23 28.60
N PRO J 289 33.43 41.49 29.06
CA PRO J 289 32.16 42.13 29.43
C PRO J 289 31.17 42.24 28.28
N GLU J 290 31.65 42.74 27.14
CA GLU J 290 30.79 42.94 25.98
C GLU J 290 30.25 41.61 25.46
N LEU J 291 31.09 40.57 25.38
CA LEU J 291 30.59 39.30 24.87
C LEU J 291 29.53 38.71 25.79
N VAL J 292 29.74 38.78 27.11
CA VAL J 292 28.71 38.31 28.03
C VAL J 292 27.40 39.04 27.76
N ALA J 293 27.49 40.35 27.52
CA ALA J 293 26.29 41.10 27.19
C ALA J 293 25.67 40.59 25.88
N LEU J 294 26.52 40.32 24.87
CA LEU J 294 26.00 39.83 23.60
C LEU J 294 25.24 38.52 23.77
N VAL J 295 25.83 37.55 24.48
CA VAL J 295 25.17 36.25 24.60
C VAL J 295 23.89 36.39 25.40
N LYS J 296 23.87 37.24 26.43
CA LYS J 296 22.62 37.46 27.15
C LYS J 296 21.55 38.04 26.23
N HIS J 297 21.90 39.11 25.50
CA HIS J 297 20.93 39.76 24.61
C HIS J 297 20.38 38.78 23.59
N LEU J 298 21.26 37.97 22.97
CA LEU J 298 20.78 36.98 22.02
C LEU J 298 19.99 35.89 22.72
N SER J 299 20.32 35.60 23.97
CA SER J 299 19.62 34.56 24.70
C SER J 299 18.22 34.98 25.12
N LYS J 300 17.91 36.27 25.08
CA LYS J 300 16.54 36.69 25.36
C LYS J 300 15.56 36.07 24.37
N MET J 301 16.04 35.59 23.23
CA MET J 301 15.15 35.10 22.17
C MET J 301 14.28 33.93 22.64
N PHE J 302 14.82 33.03 23.48
CA PHE J 302 14.04 31.87 23.92
C PHE J 302 13.65 31.96 25.39
N LYS J 303 13.52 33.19 25.89
CA LYS J 303 13.01 33.45 27.24
C LYS J 303 11.80 32.59 27.63
N GLN K 12 0.70 -16.22 6.95
CA GLN K 12 1.49 -16.65 8.10
C GLN K 12 1.13 -18.08 8.48
N GLU K 13 0.49 -18.79 7.55
CA GLU K 13 0.13 -20.20 7.73
C GLU K 13 1.17 -21.14 7.13
N THR K 14 2.38 -20.63 6.90
CA THR K 14 3.59 -21.36 6.52
C THR K 14 4.05 -22.26 7.66
N VAL K 15 3.28 -22.29 8.74
CA VAL K 15 3.57 -23.09 9.93
C VAL K 15 3.45 -24.57 9.65
N GLN K 16 2.50 -24.97 8.82
CA GLN K 16 2.43 -26.39 8.47
C GLN K 16 3.68 -26.82 7.72
N ARG K 17 4.22 -25.94 6.87
CA ARG K 17 5.46 -26.25 6.17
C ARG K 17 6.57 -26.59 7.16
N ILE K 18 6.71 -25.80 8.22
CA ILE K 18 7.80 -26.06 9.16
C ILE K 18 7.53 -27.32 9.97
N LEU K 19 6.31 -27.52 10.47
CA LEU K 19 6.10 -28.69 11.32
C LEU K 19 6.31 -30.01 10.58
N LEU K 20 6.00 -30.07 9.29
CA LEU K 20 6.11 -31.33 8.56
C LEU K 20 7.43 -31.48 7.84
N GLU K 21 8.38 -30.58 8.06
CA GLU K 21 9.65 -30.65 7.35
C GLU K 21 10.42 -31.94 7.59
N PRO K 22 10.59 -32.44 8.83
CA PRO K 22 11.23 -33.76 8.98
C PRO K 22 10.50 -34.83 8.20
N TYR K 23 9.18 -34.85 8.29
CA TYR K 23 8.39 -35.85 7.59
C TYR K 23 8.62 -35.80 6.08
N LYS K 24 8.40 -34.63 5.50
CA LYS K 24 8.62 -34.47 4.07
C LYS K 24 10.03 -34.89 3.69
N TYR K 25 10.99 -34.55 4.56
CA TYR K 25 12.38 -34.95 4.35
C TYR K 25 12.51 -36.47 4.22
N LEU K 26 11.86 -37.21 5.12
CA LEU K 26 11.91 -38.65 4.99
C LEU K 26 11.27 -39.07 3.67
N LEU K 27 10.19 -38.40 3.29
CA LEU K 27 9.52 -38.80 2.06
C LEU K 27 10.40 -38.58 0.84
N GLN K 28 11.27 -37.57 0.87
CA GLN K 28 12.16 -37.30 -0.25
C GLN K 28 13.01 -38.52 -0.58
N LEU K 29 13.51 -39.17 0.46
CA LEU K 29 14.36 -40.34 0.34
C LEU K 29 13.77 -41.36 -0.63
N PRO K 30 14.59 -41.92 -1.51
CA PRO K 30 14.23 -43.17 -2.18
C PRO K 30 13.60 -44.19 -1.24
N GLY K 31 12.41 -44.65 -1.61
CA GLY K 31 11.70 -45.64 -0.82
C GLY K 31 11.14 -46.72 -1.71
N LYS K 32 11.05 -47.92 -1.16
CA LYS K 32 10.52 -49.05 -1.92
C LYS K 32 9.02 -48.99 -2.08
N GLN K 33 8.33 -48.20 -1.23
CA GLN K 33 6.88 -48.01 -1.29
C GLN K 33 6.14 -49.33 -1.46
N VAL K 34 6.70 -50.41 -0.90
CA VAL K 34 6.09 -51.72 -1.06
C VAL K 34 4.76 -51.78 -0.33
N ARG K 35 4.58 -50.95 0.70
CA ARG K 35 3.29 -50.88 1.38
C ARG K 35 2.18 -50.56 0.39
N THR K 36 2.39 -49.54 -0.43
CA THR K 36 1.45 -49.19 -1.50
C THR K 36 1.28 -50.33 -2.49
N LYS K 37 2.26 -51.24 -2.60
CA LYS K 37 2.13 -52.37 -3.51
C LYS K 37 1.28 -53.47 -2.91
N LEU K 38 1.45 -53.78 -1.62
CA LEU K 38 0.52 -54.69 -0.95
C LEU K 38 -0.90 -54.15 -1.03
N SER K 39 -1.06 -52.83 -0.95
CA SER K 39 -2.36 -52.22 -1.20
C SER K 39 -2.84 -52.52 -2.62
N GLN K 40 -2.02 -52.12 -3.61
CA GLN K 40 -2.44 -52.18 -5.01
C GLN K 40 -2.78 -53.61 -5.43
N ALA K 41 -2.00 -54.58 -4.97
CA ALA K 41 -2.32 -55.97 -5.26
C ALA K 41 -3.37 -56.53 -4.32
N PHE K 42 -3.74 -55.80 -3.28
CA PHE K 42 -4.82 -56.26 -2.43
C PHE K 42 -6.16 -55.70 -2.86
N ASN K 43 -6.20 -54.76 -3.80
CA ASN K 43 -7.50 -54.29 -4.23
C ASN K 43 -8.19 -55.24 -5.19
N HIS K 44 -7.50 -56.28 -5.69
CA HIS K 44 -8.16 -57.20 -6.62
C HIS K 44 -9.29 -57.98 -5.96
N TRP K 45 -9.21 -58.19 -4.65
CA TRP K 45 -10.29 -58.80 -3.88
C TRP K 45 -11.27 -57.73 -3.40
N LEU K 46 -10.73 -56.69 -2.77
CA LEU K 46 -11.58 -55.68 -2.15
C LEU K 46 -12.27 -54.82 -3.19
N LYS K 47 -11.62 -54.61 -4.33
CA LYS K 47 -12.03 -53.64 -5.34
C LYS K 47 -12.58 -52.38 -4.71
N VAL K 48 -11.72 -51.76 -3.90
CA VAL K 48 -12.07 -50.47 -3.30
C VAL K 48 -12.10 -49.42 -4.39
N PRO K 49 -13.09 -48.52 -4.42
CA PRO K 49 -13.12 -47.52 -5.49
C PRO K 49 -12.48 -46.15 -5.21
N GLU K 50 -11.71 -45.72 -6.21
CA GLU K 50 -11.40 -44.31 -6.55
C GLU K 50 -10.92 -43.52 -5.33
N ASP K 51 -11.55 -42.37 -5.03
CA ASP K 51 -11.09 -41.48 -3.97
C ASP K 51 -10.98 -42.19 -2.64
N LYS K 52 -11.84 -43.17 -2.36
CA LYS K 52 -11.74 -43.84 -1.08
C LYS K 52 -10.48 -44.70 -1.03
N LEU K 53 -10.11 -45.32 -2.15
CA LEU K 53 -8.86 -46.09 -2.20
C LEU K 53 -7.66 -45.16 -2.03
N GLN K 54 -7.66 -44.02 -2.75
CA GLN K 54 -6.58 -43.05 -2.62
C GLN K 54 -6.43 -42.58 -1.18
N ILE K 55 -7.55 -42.34 -0.50
CA ILE K 55 -7.48 -41.96 0.92
C ILE K 55 -6.89 -43.10 1.75
N ILE K 56 -7.23 -44.34 1.41
CA ILE K 56 -6.67 -45.45 2.17
C ILE K 56 -5.16 -45.48 2.03
N ILE K 57 -4.64 -45.41 0.81
CA ILE K 57 -3.18 -45.47 0.63
C ILE K 57 -2.51 -44.24 1.24
N GLU K 58 -3.11 -43.06 1.08
CA GLU K 58 -2.54 -41.88 1.70
C GLU K 58 -2.38 -42.06 3.21
N VAL K 59 -3.43 -42.51 3.89
CA VAL K 59 -3.33 -42.62 5.34
C VAL K 59 -2.34 -43.71 5.73
N THR K 60 -2.33 -44.83 5.01
CA THR K 60 -1.40 -45.89 5.36
C THR K 60 0.05 -45.42 5.26
N GLU K 61 0.42 -44.79 4.13
CA GLU K 61 1.78 -44.30 3.98
C GLU K 61 2.13 -43.27 5.07
N MET K 62 1.19 -42.35 5.36
CA MET K 62 1.43 -41.35 6.42
C MET K 62 1.81 -42.01 7.74
N LEU K 63 0.93 -42.89 8.25
CA LEU K 63 1.19 -43.49 9.55
C LEU K 63 2.50 -44.28 9.55
N HIS K 64 2.78 -44.98 8.45
CA HIS K 64 4.03 -45.74 8.38
C HIS K 64 5.23 -44.82 8.55
N ASN K 65 5.27 -43.71 7.80
CA ASN K 65 6.45 -42.83 7.86
C ASN K 65 6.63 -42.22 9.24
N ALA K 66 5.54 -41.80 9.90
CA ALA K 66 5.67 -41.32 11.27
C ALA K 66 6.32 -42.36 12.15
N SER K 67 5.82 -43.59 12.08
CA SER K 67 6.43 -44.67 12.85
C SER K 67 7.91 -44.80 12.53
N LEU K 68 8.28 -44.65 11.26
CA LEU K 68 9.68 -44.79 10.90
C LEU K 68 10.53 -43.71 11.59
N LEU K 69 10.00 -42.49 11.69
CA LEU K 69 10.71 -41.41 12.41
C LEU K 69 10.97 -41.77 13.86
N ILE K 70 9.93 -42.21 14.56
CA ILE K 70 10.17 -42.53 15.96
C ILE K 70 11.08 -43.74 16.08
N ASP K 71 10.88 -44.76 15.24
CA ASP K 71 11.76 -45.94 15.27
C ASP K 71 13.21 -45.54 15.08
N ASP K 72 13.46 -44.58 14.19
CA ASP K 72 14.83 -44.15 13.97
C ASP K 72 15.40 -43.50 15.22
N ILE K 73 14.58 -42.80 15.99
CA ILE K 73 15.05 -42.31 17.28
C ILE K 73 15.30 -43.46 18.24
N GLU K 74 14.28 -44.28 18.50
CA GLU K 74 14.40 -45.29 19.54
C GLU K 74 15.36 -46.41 19.15
N ASP K 75 15.32 -46.86 17.90
CA ASP K 75 16.34 -47.82 17.51
C ASP K 75 17.69 -47.13 17.37
N ASN K 76 17.73 -45.80 17.38
CA ASN K 76 18.97 -45.04 17.33
C ASN K 76 19.77 -45.35 16.08
N SER K 77 19.09 -45.37 14.93
CA SER K 77 19.84 -45.59 13.71
C SER K 77 20.64 -44.35 13.36
N LYS K 78 21.72 -44.56 12.62
CA LYS K 78 22.51 -43.44 12.17
C LYS K 78 22.15 -43.04 10.76
N LEU K 79 21.66 -44.00 9.99
CA LEU K 79 21.31 -43.80 8.60
C LEU K 79 20.04 -44.59 8.33
N ARG K 80 19.23 -44.09 7.40
CA ARG K 80 18.02 -44.77 6.97
C ARG K 80 17.87 -44.61 5.47
N ARG K 81 17.77 -45.73 4.76
CA ARG K 81 17.65 -45.74 3.30
C ARG K 81 18.81 -45.00 2.64
N GLY K 82 19.97 -45.03 3.28
CA GLY K 82 21.14 -44.39 2.74
C GLY K 82 21.28 -42.90 3.00
N PHE K 83 20.37 -42.30 3.73
CA PHE K 83 20.37 -40.87 3.99
C PHE K 83 20.48 -40.64 5.48
N PRO K 84 21.09 -39.54 5.90
CA PRO K 84 21.12 -39.25 7.33
C PRO K 84 19.72 -39.38 7.89
N VAL K 85 19.64 -39.82 9.14
CA VAL K 85 18.35 -39.97 9.78
C VAL K 85 17.73 -38.59 10.01
N ALA K 86 16.40 -38.56 10.06
CA ALA K 86 15.70 -37.28 10.18
C ALA K 86 16.08 -36.55 11.46
N HIS K 87 16.12 -37.26 12.57
CA HIS K 87 16.43 -36.54 13.80
C HIS K 87 17.89 -36.10 13.83
N SER K 88 18.78 -36.81 13.14
CA SER K 88 20.19 -36.39 13.15
C SER K 88 20.37 -35.04 12.47
N ILE K 89 19.44 -34.63 11.62
CA ILE K 89 19.53 -33.34 10.95
C ILE K 89 18.66 -32.32 11.64
N TYR K 90 17.40 -32.64 11.86
CA TYR K 90 16.48 -31.67 12.41
C TYR K 90 16.47 -31.66 13.93
N GLY K 91 17.15 -32.59 14.55
CA GLY K 91 17.14 -32.64 16.00
C GLY K 91 16.00 -33.46 16.54
N ILE K 92 16.26 -34.14 17.65
CA ILE K 92 15.24 -35.01 18.22
C ILE K 92 13.93 -34.27 18.46
N PRO K 93 13.91 -33.14 19.16
CA PRO K 93 12.61 -32.48 19.43
C PRO K 93 11.77 -32.20 18.20
N SER K 94 12.39 -31.66 17.13
CA SER K 94 11.65 -31.29 15.93
C SER K 94 10.98 -32.50 15.31
N VAL K 95 11.71 -33.60 15.22
CA VAL K 95 11.21 -34.80 14.55
C VAL K 95 10.23 -35.57 15.45
N ILE K 96 10.42 -35.54 16.77
CA ILE K 96 9.43 -36.14 17.67
C ILE K 96 8.09 -35.45 17.50
N ASN K 97 8.09 -34.14 17.69
CA ASN K 97 6.81 -33.42 17.65
C ASN K 97 6.19 -33.54 16.27
N SER K 98 7.01 -33.41 15.23
CA SER K 98 6.53 -33.59 13.87
C SER K 98 5.86 -34.94 13.70
N ALA K 99 6.49 -36.03 14.16
CA ALA K 99 5.93 -37.36 13.92
C ALA K 99 4.59 -37.52 14.62
N ASN K 100 4.52 -37.11 15.89
CA ASN K 100 3.22 -37.17 16.55
C ASN K 100 2.18 -36.37 15.77
N TYR K 101 2.60 -35.20 15.26
CA TYR K 101 1.75 -34.39 14.41
C TYR K 101 1.23 -35.18 13.22
N VAL K 102 2.11 -35.91 12.53
CA VAL K 102 1.65 -36.66 11.37
C VAL K 102 0.68 -37.76 11.80
N TYR K 103 0.83 -38.32 13.00
CA TYR K 103 -0.17 -39.26 13.52
C TYR K 103 -1.55 -38.62 13.55
N PHE K 104 -1.67 -37.48 14.22
CA PHE K 104 -3.02 -36.93 14.39
C PHE K 104 -3.57 -36.30 13.12
N LEU K 105 -2.70 -35.82 12.22
CA LEU K 105 -3.17 -35.52 10.86
C LEU K 105 -3.70 -36.78 10.20
N GLY K 106 -3.11 -37.92 10.54
CA GLY K 106 -3.63 -39.18 10.05
C GLY K 106 -5.01 -39.49 10.60
N LEU K 107 -5.19 -39.32 11.91
CA LEU K 107 -6.52 -39.54 12.48
C LEU K 107 -7.55 -38.64 11.85
N GLU K 108 -7.24 -37.36 11.69
CA GLU K 108 -8.21 -36.46 11.05
C GLU K 108 -8.56 -36.97 9.66
N LYS K 109 -7.55 -37.42 8.91
CA LYS K 109 -7.85 -38.00 7.61
C LYS K 109 -8.69 -39.28 7.76
N VAL K 110 -8.59 -39.99 8.88
CA VAL K 110 -9.47 -41.15 9.08
C VAL K 110 -10.87 -40.64 9.40
N LEU K 111 -10.97 -39.44 9.96
CA LEU K 111 -12.25 -38.78 10.10
C LEU K 111 -12.83 -38.48 8.74
N THR K 112 -12.03 -38.50 7.67
CA THR K 112 -12.77 -38.47 6.41
C THR K 112 -13.33 -39.88 6.15
N LEU K 113 -14.10 -40.01 5.07
CA LEU K 113 -14.75 -41.26 4.66
C LEU K 113 -16.03 -41.44 5.47
N ASP K 114 -16.12 -40.74 6.61
CA ASP K 114 -17.36 -40.63 7.36
C ASP K 114 -17.87 -41.97 7.88
N HIS K 115 -16.98 -42.91 8.18
CA HIS K 115 -17.42 -44.23 8.62
C HIS K 115 -17.39 -44.29 10.15
N GLN K 116 -18.53 -44.69 10.74
CA GLN K 116 -18.66 -44.73 12.19
C GLN K 116 -17.68 -45.70 12.82
N ASP K 117 -17.35 -46.77 12.12
CA ASP K 117 -16.44 -47.80 12.61
C ASP K 117 -14.98 -47.57 12.21
N ALA K 118 -14.71 -46.64 11.30
CA ALA K 118 -13.34 -46.45 10.80
C ALA K 118 -12.38 -46.05 11.91
N VAL K 119 -12.76 -45.07 12.72
CA VAL K 119 -11.86 -44.60 13.77
C VAL K 119 -11.60 -45.70 14.79
N LYS K 120 -12.61 -46.52 15.08
CA LYS K 120 -12.40 -47.62 16.02
C LYS K 120 -11.26 -48.51 15.54
N LEU K 121 -11.31 -48.90 14.26
CA LEU K 121 -10.22 -49.67 13.68
C LEU K 121 -8.90 -48.92 13.79
N PHE K 122 -8.93 -47.61 13.56
CA PHE K 122 -7.70 -46.80 13.66
C PHE K 122 -7.05 -46.95 15.03
N THR K 123 -7.81 -46.69 16.10
CA THR K 123 -7.28 -46.82 17.45
C THR K 123 -6.79 -48.23 17.74
N ARG K 124 -7.61 -49.23 17.42
CA ARG K 124 -7.19 -50.60 17.68
C ARG K 124 -5.84 -50.88 17.05
N GLN K 125 -5.71 -50.57 15.75
CA GLN K 125 -4.51 -50.94 15.03
C GLN K 125 -3.28 -50.20 15.57
N LEU K 126 -3.44 -48.92 15.92
CA LEU K 126 -2.30 -48.19 16.45
C LEU K 126 -1.92 -48.69 17.83
N LEU K 127 -2.91 -48.99 18.69
CA LEU K 127 -2.61 -49.53 20.00
C LEU K 127 -1.78 -50.80 19.85
N GLU K 128 -2.16 -51.66 18.91
CA GLU K 128 -1.37 -52.87 18.66
C GLU K 128 0.05 -52.51 18.24
N LEU K 129 0.19 -51.54 17.32
CA LEU K 129 1.52 -51.13 16.87
C LEU K 129 2.40 -50.72 18.04
N HIS K 130 1.86 -49.89 18.94
CA HIS K 130 2.66 -49.40 20.05
C HIS K 130 2.99 -50.51 21.04
N GLN K 131 2.13 -51.52 21.17
CA GLN K 131 2.53 -52.68 21.97
C GLN K 131 3.75 -53.36 21.36
N GLY K 132 3.69 -53.61 20.04
CA GLY K 132 4.82 -54.25 19.38
C GLY K 132 6.12 -53.50 19.55
N GLN K 133 6.11 -52.21 19.24
CA GLN K 133 7.31 -51.40 19.40
C GLN K 133 7.79 -51.39 20.85
N GLY K 134 6.89 -51.16 21.80
CA GLY K 134 7.28 -51.14 23.20
C GLY K 134 7.90 -52.44 23.70
N LEU K 135 7.33 -53.57 23.29
CA LEU K 135 7.90 -54.86 23.68
C LEU K 135 9.29 -55.04 23.08
N ASP K 136 9.42 -54.71 21.80
CA ASP K 136 10.72 -54.77 21.17
C ASP K 136 11.74 -53.90 21.91
N ILE K 137 11.40 -52.62 22.17
CA ILE K 137 12.33 -51.69 22.83
C ILE K 137 12.67 -52.16 24.24
N TYR K 138 11.68 -52.65 24.99
CA TYR K 138 11.97 -53.15 26.34
C TYR K 138 12.96 -54.30 26.25
N TRP K 139 12.70 -55.26 25.36
CA TRP K 139 13.59 -56.40 25.20
C TRP K 139 15.01 -55.94 24.84
N ARG K 140 15.15 -54.98 23.93
CA ARG K 140 16.50 -54.55 23.58
C ARG K 140 17.20 -53.90 24.77
N ASP K 141 16.53 -52.94 25.42
CA ASP K 141 17.13 -52.11 26.48
C ASP K 141 17.08 -52.75 27.86
N ASN K 142 16.26 -53.77 28.11
CA ASN K 142 16.26 -54.41 29.42
C ASN K 142 17.08 -55.70 29.43
N TYR K 143 17.71 -56.04 28.31
CA TYR K 143 18.65 -57.16 28.21
C TYR K 143 17.96 -58.49 28.48
N THR K 144 16.68 -58.58 28.16
CA THR K 144 15.87 -59.79 28.28
C THR K 144 15.41 -60.26 26.90
N CYS K 145 15.96 -61.35 26.42
CA CYS K 145 15.55 -61.91 25.14
C CYS K 145 14.14 -62.48 25.23
N PRO K 146 13.36 -62.40 24.15
CA PRO K 146 12.02 -62.96 24.17
C PRO K 146 12.09 -64.44 23.81
N THR K 147 10.99 -65.12 24.08
CA THR K 147 10.92 -66.48 23.59
C THR K 147 10.71 -66.44 22.09
N GLU K 148 11.16 -67.50 21.40
CA GLU K 148 10.90 -67.58 19.97
C GLU K 148 9.41 -67.51 19.73
N GLU K 149 8.64 -68.08 20.65
CA GLU K 149 7.18 -67.97 20.64
C GLU K 149 6.74 -66.53 20.92
N GLU K 150 7.34 -65.90 21.94
CA GLU K 150 7.02 -64.51 22.30
C GLU K 150 7.29 -63.54 21.15
N TYR K 151 8.40 -63.76 20.42
CA TYR K 151 8.78 -62.85 19.34
C TYR K 151 7.69 -62.76 18.29
N LYS K 152 7.23 -63.89 17.77
CA LYS K 152 6.23 -63.86 16.71
C LYS K 152 5.00 -63.07 17.12
N ALA K 153 4.51 -63.28 18.34
CA ALA K 153 3.37 -62.51 18.81
C ALA K 153 3.68 -61.01 18.75
N MET K 154 4.88 -60.62 19.20
CA MET K 154 5.23 -59.21 19.16
C MET K 154 5.26 -58.69 17.73
N VAL K 155 5.96 -59.39 16.83
CA VAL K 155 6.05 -58.97 15.42
C VAL K 155 4.66 -58.86 14.78
N LEU K 156 3.77 -59.81 15.08
CA LEU K 156 2.41 -59.72 14.62
C LEU K 156 1.79 -58.41 15.07
N GLN K 157 2.15 -57.95 16.27
CA GLN K 157 1.65 -56.63 16.66
C GLN K 157 2.40 -55.49 15.99
N LYS K 158 3.73 -55.57 15.94
CA LYS K 158 4.55 -54.46 15.47
C LYS K 158 4.45 -54.27 13.96
N THR K 159 4.80 -55.30 13.17
CA THR K 159 4.74 -55.12 11.73
C THR K 159 3.33 -55.32 11.19
N GLY K 160 2.52 -56.15 11.85
CA GLY K 160 1.14 -56.37 11.45
C GLY K 160 0.27 -55.15 11.58
N GLY K 161 0.64 -54.23 12.48
CA GLY K 161 -0.15 -53.03 12.70
C GLY K 161 -0.45 -52.30 11.41
N LEU K 162 0.59 -51.99 10.63
CA LEU K 162 0.41 -51.25 9.39
C LEU K 162 -0.49 -52.00 8.43
N PHE K 163 -0.26 -53.30 8.25
CA PHE K 163 -1.10 -54.13 7.39
C PHE K 163 -2.57 -54.08 7.80
N GLY K 164 -2.84 -54.17 9.11
CA GLY K 164 -4.21 -54.26 9.58
C GLY K 164 -5.04 -53.02 9.26
N LEU K 165 -4.44 -51.84 9.38
CA LEU K 165 -5.18 -50.63 9.02
C LEU K 165 -5.52 -50.62 7.53
N ALA K 166 -4.55 -50.95 6.69
CA ALA K 166 -4.77 -50.93 5.24
C ALA K 166 -5.87 -51.92 4.85
N VAL K 167 -5.64 -53.21 5.09
CA VAL K 167 -6.60 -54.20 4.59
C VAL K 167 -7.92 -54.08 5.32
N GLY K 168 -7.90 -53.73 6.61
CA GLY K 168 -9.14 -53.58 7.34
C GLY K 168 -9.96 -52.40 6.86
N LEU K 169 -9.31 -51.26 6.67
CA LEU K 169 -10.00 -50.07 6.16
C LEU K 169 -10.50 -50.27 4.74
N MET K 170 -9.69 -50.91 3.88
CA MET K 170 -10.18 -51.21 2.53
C MET K 170 -11.36 -52.18 2.59
N GLN K 171 -11.33 -53.15 3.51
CA GLN K 171 -12.43 -54.10 3.66
C GLN K 171 -13.67 -53.40 4.18
N LEU K 172 -13.50 -52.30 4.92
CA LEU K 172 -14.65 -51.56 5.41
C LEU K 172 -15.49 -51.01 4.27
N PHE K 173 -14.87 -50.72 3.13
CA PHE K 173 -15.57 -50.14 1.99
C PHE K 173 -15.65 -51.08 0.78
N SER K 174 -15.36 -52.36 0.97
CA SER K 174 -15.23 -53.32 -0.13
C SER K 174 -16.39 -54.30 -0.12
N ASP K 175 -16.81 -54.70 -1.32
CA ASP K 175 -17.91 -55.66 -1.44
C ASP K 175 -17.54 -57.07 -1.02
N TYR K 176 -16.27 -57.37 -0.80
CA TYR K 176 -15.90 -58.70 -0.33
C TYR K 176 -15.94 -58.74 1.20
N LYS K 177 -15.60 -59.90 1.76
CA LYS K 177 -15.60 -60.12 3.20
C LYS K 177 -14.95 -61.47 3.53
N LYS K 181 -8.48 -63.20 4.80
CA LYS K 181 -8.46 -62.11 5.77
C LYS K 181 -7.45 -62.34 6.92
N PRO K 182 -7.35 -63.56 7.46
CA PRO K 182 -6.27 -63.84 8.41
C PRO K 182 -4.92 -64.04 7.74
N LEU K 183 -4.89 -64.21 6.41
CA LEU K 183 -3.67 -64.33 5.62
C LEU K 183 -2.63 -63.29 6.01
N LEU K 184 -3.09 -62.09 6.41
CA LEU K 184 -2.18 -61.01 6.79
C LEU K 184 -1.15 -61.49 7.81
N ASN K 185 -1.60 -62.18 8.86
CA ASN K 185 -0.71 -62.86 9.80
C ASN K 185 0.45 -63.52 9.05
N THR K 186 0.12 -64.57 8.29
CA THR K 186 1.12 -65.30 7.50
C THR K 186 2.00 -64.35 6.69
N LEU K 187 1.40 -63.31 6.11
CA LEU K 187 2.17 -62.34 5.33
C LEU K 187 3.08 -61.51 6.22
N GLY K 188 2.54 -60.95 7.31
CA GLY K 188 3.33 -60.06 8.15
C GLY K 188 4.56 -60.68 8.76
N LEU K 189 4.55 -61.99 8.98
CA LEU K 189 5.75 -62.59 9.55
C LEU K 189 6.89 -62.63 8.56
N PHE K 190 6.58 -62.70 7.26
CA PHE K 190 7.62 -62.76 6.25
C PHE K 190 8.45 -61.49 6.24
N PHE K 191 7.82 -60.35 5.91
CA PHE K 191 8.55 -59.10 5.77
C PHE K 191 9.51 -58.90 6.94
N GLN K 192 8.97 -58.94 8.17
CA GLN K 192 9.82 -58.66 9.32
C GLN K 192 10.96 -59.65 9.40
N ILE K 193 10.69 -60.95 9.26
CA ILE K 193 11.80 -61.89 9.37
C ILE K 193 12.76 -61.68 8.21
N ARG K 194 12.24 -61.43 7.00
CA ARG K 194 13.11 -61.13 5.87
C ARG K 194 13.99 -59.92 6.19
N TYR K 195 13.37 -58.86 6.75
CA TYR K 195 14.13 -57.66 7.07
C TYR K 195 15.26 -57.99 8.01
N ASP K 196 15.01 -58.88 8.97
CA ASP K 196 16.08 -59.28 9.88
C ASP K 196 17.17 -60.04 9.14
N TYR K 197 16.80 -61.06 8.36
CA TYR K 197 17.80 -61.91 7.72
C TYR K 197 18.69 -61.12 6.78
N ALA K 198 18.07 -60.39 5.84
CA ALA K 198 18.86 -59.65 4.88
C ALA K 198 19.68 -58.58 5.56
N ASN K 199 19.24 -58.21 6.76
CA ASN K 199 19.92 -57.24 7.59
C ASN K 199 21.23 -57.68 8.23
N LEU K 200 21.40 -58.98 8.53
CA LEU K 200 22.58 -59.39 9.27
C LEU K 200 23.66 -59.97 8.37
N HIS K 201 23.28 -60.53 7.23
CA HIS K 201 24.22 -61.02 6.23
C HIS K 201 24.22 -60.06 5.03
N SER K 202 25.37 -59.51 4.72
CA SER K 202 25.51 -58.67 3.53
C SER K 202 26.44 -59.35 2.54
N SER K 210 27.66 -49.68 5.59
CA SER K 210 27.51 -50.15 6.96
C SER K 210 27.09 -51.61 6.97
N PHE K 211 27.30 -52.26 8.12
CA PHE K 211 27.11 -53.71 8.24
C PHE K 211 26.73 -54.06 9.68
N CYS K 212 25.75 -54.96 9.82
CA CYS K 212 25.28 -55.41 11.13
C CYS K 212 24.65 -54.24 11.92
N GLU K 213 23.80 -53.47 11.23
CA GLU K 213 23.20 -52.30 11.87
C GLU K 213 22.48 -52.64 13.18
N ASP K 214 21.82 -53.80 13.19
CA ASP K 214 21.12 -54.31 14.39
C ASP K 214 22.10 -54.66 15.51
N LEU K 215 23.19 -55.34 15.16
CA LEU K 215 24.22 -55.67 16.12
C LEU K 215 24.69 -54.39 16.80
N THR K 216 24.79 -53.32 16.02
CA THR K 216 25.04 -52.00 16.60
C THR K 216 23.83 -51.55 17.43
N GLU K 217 22.62 -51.79 16.93
CA GLU K 217 21.42 -51.47 17.70
C GLU K 217 21.29 -52.35 18.92
N GLY K 218 21.77 -53.58 18.85
CA GLY K 218 21.51 -54.49 19.93
C GLY K 218 20.16 -55.14 19.88
N LYS K 219 19.43 -55.01 18.76
CA LYS K 219 18.09 -55.56 18.67
C LYS K 219 18.13 -57.06 18.44
N PHE K 220 17.13 -57.75 18.98
CA PHE K 220 17.00 -59.19 18.84
C PHE K 220 16.25 -59.51 17.56
N SER K 221 17.00 -59.78 16.49
CA SER K 221 16.42 -60.32 15.27
C SER K 221 16.03 -61.79 15.49
N PHE K 222 15.23 -62.31 14.56
CA PHE K 222 14.89 -63.73 14.59
C PHE K 222 16.11 -64.65 14.54
N PRO K 223 17.06 -64.47 13.60
CA PRO K 223 18.26 -65.31 13.63
C PRO K 223 19.05 -65.17 14.92
N THR K 224 19.21 -63.94 15.43
CA THR K 224 19.94 -63.78 16.69
C THR K 224 19.26 -64.56 17.81
N ILE K 225 17.93 -64.59 17.81
CA ILE K 225 17.20 -65.39 18.79
C ILE K 225 17.50 -66.88 18.60
N HIS K 226 17.50 -67.34 17.34
CA HIS K 226 17.83 -68.74 17.07
C HIS K 226 19.21 -69.10 17.61
N ALA K 227 20.18 -68.22 17.43
CA ALA K 227 21.50 -68.48 18.00
C ALA K 227 21.43 -68.51 19.51
N ILE K 228 20.57 -67.67 20.11
CA ILE K 228 20.51 -67.61 21.56
C ILE K 228 20.03 -68.93 22.15
N TRP K 229 18.89 -69.45 21.67
CA TRP K 229 18.34 -70.65 22.28
C TRP K 229 18.78 -71.97 21.65
N SER K 230 19.29 -71.96 20.42
CA SER K 230 19.70 -73.21 19.79
C SER K 230 20.83 -73.86 20.57
N ARG K 231 21.76 -73.05 21.10
CA ARG K 231 22.90 -73.52 21.89
C ARG K 231 22.87 -72.68 23.16
N PRO K 232 21.99 -73.00 24.11
CA PRO K 232 21.88 -72.17 25.31
C PRO K 232 23.14 -72.14 26.15
N GLU K 233 23.85 -73.27 26.27
CA GLU K 233 25.14 -73.29 26.94
C GLU K 233 25.06 -72.73 28.36
N GLN K 236 27.05 -65.56 25.22
CA GLN K 236 27.98 -65.09 24.19
C GLN K 236 27.38 -63.92 23.40
N VAL K 237 26.39 -64.24 22.57
CA VAL K 237 25.66 -63.23 21.80
C VAL K 237 25.12 -62.13 22.72
N GLN K 238 24.56 -62.52 23.87
CA GLN K 238 24.04 -61.54 24.83
C GLN K 238 25.07 -60.48 25.19
N ASN K 239 26.34 -60.89 25.36
CA ASN K 239 27.38 -59.92 25.72
C ASN K 239 27.72 -59.01 24.54
N ILE K 240 27.81 -59.57 23.33
CA ILE K 240 28.05 -58.76 22.13
C ILE K 240 26.93 -57.76 21.92
N LEU K 241 25.68 -58.19 22.12
CA LEU K 241 24.53 -57.30 21.98
C LEU K 241 24.59 -56.19 23.01
N ARG K 242 24.84 -56.54 24.28
CA ARG K 242 24.98 -55.52 25.32
C ARG K 242 26.07 -54.52 24.96
N GLN K 243 27.11 -54.98 24.26
CA GLN K 243 28.16 -54.07 23.83
C GLN K 243 27.61 -53.02 22.87
N ARG K 244 26.74 -53.44 21.94
CA ARG K 244 26.18 -52.54 20.92
C ARG K 244 27.29 -51.86 20.12
N THR K 245 28.29 -52.63 19.73
CA THR K 245 29.52 -52.06 19.19
C THR K 245 29.37 -51.72 17.72
N GLU K 246 29.99 -50.61 17.32
CA GLU K 246 30.14 -50.25 15.91
C GLU K 246 31.38 -50.89 15.31
N ASN K 247 32.11 -51.69 16.10
CA ASN K 247 33.34 -52.34 15.69
C ASN K 247 33.09 -53.36 14.58
N ILE K 248 33.86 -53.26 13.50
CA ILE K 248 33.65 -54.15 12.36
C ILE K 248 34.06 -55.58 12.71
N ASP K 249 35.13 -55.76 13.48
CA ASP K 249 35.64 -57.11 13.75
C ASP K 249 34.72 -57.89 14.68
N ILE K 250 34.23 -57.27 15.74
CA ILE K 250 33.30 -57.94 16.65
C ILE K 250 31.99 -58.29 15.95
N LYS K 251 31.44 -57.35 15.17
CA LYS K 251 30.24 -57.64 14.42
C LYS K 251 30.48 -58.78 13.44
N LYS K 252 31.63 -58.75 12.76
CA LYS K 252 32.01 -59.83 11.87
C LYS K 252 32.10 -61.15 12.64
N TYR K 253 32.66 -61.11 13.85
CA TYR K 253 32.71 -62.28 14.70
C TYR K 253 31.32 -62.81 15.01
N CYS K 254 30.38 -61.92 15.29
CA CYS K 254 29.01 -62.35 15.55
C CYS K 254 28.41 -62.99 14.30
N VAL K 255 28.71 -62.40 13.13
CA VAL K 255 28.31 -63.01 11.87
C VAL K 255 28.95 -64.38 11.74
N HIS K 256 30.16 -64.54 12.27
CA HIS K 256 30.80 -65.86 12.31
C HIS K 256 30.00 -66.83 13.17
N TYR K 257 29.58 -66.39 14.36
CA TYR K 257 28.81 -67.26 15.25
C TYR K 257 27.49 -67.72 14.62
N LEU K 258 26.84 -66.85 13.85
CA LEU K 258 25.54 -67.22 13.28
C LEU K 258 25.64 -68.44 12.36
N GLU K 259 26.62 -68.46 11.46
CA GLU K 259 26.69 -69.52 10.46
C GLU K 259 27.07 -70.86 11.08
N ASP K 260 28.03 -70.86 12.01
CA ASP K 260 28.38 -72.09 12.73
C ASP K 260 27.18 -72.61 13.51
N VAL K 261 26.38 -71.70 14.09
CA VAL K 261 25.16 -72.08 14.80
C VAL K 261 24.04 -72.51 13.86
N GLY K 262 24.23 -72.35 12.56
CA GLY K 262 23.21 -72.73 11.60
C GLY K 262 21.95 -71.88 11.73
N TYR K 266 18.59 -71.80 9.91
CA TYR K 266 17.22 -72.17 10.22
C TYR K 266 16.27 -71.10 9.73
N THR K 267 16.69 -69.84 9.90
CA THR K 267 15.82 -68.72 9.54
C THR K 267 15.48 -68.72 8.05
N ARG K 268 16.44 -69.06 7.19
CA ARG K 268 16.11 -69.13 5.76
C ARG K 268 15.04 -70.19 5.51
N ASN K 269 15.28 -71.42 5.97
CA ASN K 269 14.28 -72.49 5.91
C ASN K 269 12.93 -72.05 6.47
N THR K 270 12.93 -71.50 7.69
CA THR K 270 11.68 -71.02 8.30
C THR K 270 10.99 -70.01 7.39
N LEU K 271 11.78 -69.24 6.63
CA LEU K 271 11.20 -68.30 5.69
C LEU K 271 10.60 -69.03 4.50
N LYS K 272 11.19 -70.16 4.09
CA LYS K 272 10.61 -70.91 2.99
C LYS K 272 9.30 -71.59 3.41
N GLU K 273 9.23 -72.10 4.65
CA GLU K 273 7.98 -72.62 5.19
C GLU K 273 6.91 -71.53 5.18
N LEU K 274 7.24 -70.36 5.75
CA LEU K 274 6.28 -69.25 5.77
C LEU K 274 5.82 -68.89 4.35
N GLU K 275 6.78 -68.76 3.42
CA GLU K 275 6.42 -68.50 2.02
C GLU K 275 5.40 -69.51 1.49
N ALA K 276 5.56 -70.79 1.85
CA ALA K 276 4.59 -71.80 1.42
C ALA K 276 3.23 -71.54 2.05
N LYS K 277 3.21 -71.21 3.34
CA LYS K 277 1.92 -71.01 4.01
C LYS K 277 1.19 -69.81 3.44
N ALA K 278 1.93 -68.86 2.85
CA ALA K 278 1.27 -67.79 2.14
C ALA K 278 0.84 -68.23 0.74
N TYR K 279 1.62 -69.11 0.11
CA TYR K 279 1.21 -69.65 -1.18
C TYR K 279 -0.12 -70.39 -1.08
N LYS K 280 -0.45 -70.92 0.09
CA LYS K 280 -1.80 -71.47 0.28
C LYS K 280 -2.78 -70.36 0.69
N GLN K 281 -2.71 -69.91 1.94
CA GLN K 281 -3.65 -68.96 2.52
C GLN K 281 -3.95 -67.78 1.61
N PRO K 289 -2.78 -63.65 -7.04
CA PRO K 289 -1.68 -64.07 -7.91
C PRO K 289 -0.60 -62.99 -8.02
N GLU K 290 -0.99 -61.75 -8.28
CA GLU K 290 0.01 -60.69 -8.34
C GLU K 290 0.69 -60.58 -6.99
N LEU K 291 -0.08 -60.75 -5.92
CA LEU K 291 0.52 -60.77 -4.58
C LEU K 291 1.52 -61.92 -4.50
N VAL K 292 1.21 -63.05 -5.14
CA VAL K 292 2.19 -64.13 -5.22
C VAL K 292 3.45 -63.64 -5.90
N ALA K 293 3.32 -62.78 -6.92
CA ALA K 293 4.51 -62.24 -7.58
C ALA K 293 5.34 -61.37 -6.63
N LEU K 294 4.68 -60.46 -5.92
CA LEU K 294 5.41 -59.66 -4.93
C LEU K 294 6.08 -60.56 -3.90
N VAL K 295 5.35 -61.59 -3.45
CA VAL K 295 5.87 -62.51 -2.43
C VAL K 295 7.08 -63.25 -2.97
N LYS K 296 7.04 -63.62 -4.25
CA LYS K 296 8.18 -64.25 -4.89
C LYS K 296 9.37 -63.31 -4.94
N HIS K 297 9.14 -62.08 -5.40
CA HIS K 297 10.22 -61.09 -5.49
C HIS K 297 10.85 -60.86 -4.13
N LEU K 298 10.03 -60.73 -3.09
CA LEU K 298 10.56 -60.57 -1.74
C LEU K 298 11.26 -61.82 -1.27
N SER K 299 10.79 -62.98 -1.75
CA SER K 299 11.32 -64.31 -1.41
C SER K 299 12.62 -64.65 -2.12
N LYS K 300 13.04 -63.87 -3.14
CA LYS K 300 14.30 -64.15 -3.80
C LYS K 300 15.49 -64.09 -2.83
N MET K 301 15.36 -63.36 -1.72
CA MET K 301 16.42 -63.30 -0.73
C MET K 301 16.66 -64.66 -0.07
N PHE K 302 15.62 -65.48 0.01
CA PHE K 302 15.71 -66.80 0.63
C PHE K 302 16.70 -67.71 -0.10
N GLU L 13 -2.54 -60.11 30.86
CA GLU L 13 -1.31 -59.64 30.22
C GLU L 13 -0.63 -58.51 31.04
N THR L 14 0.52 -58.83 31.63
CA THR L 14 1.36 -57.85 32.31
C THR L 14 2.03 -56.89 31.34
N VAL L 15 1.81 -57.04 30.03
CA VAL L 15 2.46 -56.15 29.07
C VAL L 15 1.98 -54.72 29.22
N GLN L 16 0.73 -54.52 29.68
CA GLN L 16 0.29 -53.16 29.96
C GLN L 16 1.00 -52.61 31.19
N ARG L 17 1.22 -53.46 32.20
CA ARG L 17 2.02 -53.04 33.34
C ARG L 17 3.38 -52.57 32.88
N ILE L 18 3.98 -53.30 31.94
CA ILE L 18 5.32 -52.97 31.46
C ILE L 18 5.33 -51.73 30.54
N LEU L 19 4.35 -51.62 29.62
CA LEU L 19 4.33 -50.55 28.63
C LEU L 19 4.16 -49.20 29.28
N LEU L 20 3.39 -49.14 30.36
CA LEU L 20 3.06 -47.91 31.04
C LEU L 20 3.97 -47.62 32.22
N GLU L 21 5.12 -48.30 32.32
CA GLU L 21 5.99 -48.05 33.46
C GLU L 21 6.36 -46.58 33.58
N PRO L 22 6.83 -45.90 32.51
CA PRO L 22 7.01 -44.44 32.62
C PRO L 22 5.72 -43.67 32.89
N TYR L 23 4.60 -44.01 32.22
CA TYR L 23 3.37 -43.26 32.46
C TYR L 23 2.94 -43.36 33.93
N LYS L 24 2.89 -44.58 34.45
CA LYS L 24 2.59 -44.77 35.87
C LYS L 24 3.57 -44.00 36.73
N TYR L 25 4.85 -44.02 36.34
CA TYR L 25 5.85 -43.27 37.07
C TYR L 25 5.52 -41.77 37.11
N LEU L 26 5.16 -41.19 35.97
CA LEU L 26 4.83 -39.77 35.92
C LEU L 26 3.61 -39.44 36.75
N LEU L 27 2.59 -40.30 36.70
CA LEU L 27 1.40 -40.03 37.47
C LEU L 27 1.66 -40.13 38.96
N GLN L 28 2.61 -40.98 39.36
CA GLN L 28 2.95 -41.15 40.77
C GLN L 28 3.42 -39.85 41.40
N LEU L 29 4.29 -39.12 40.70
CA LEU L 29 4.80 -37.85 41.19
C LEU L 29 3.66 -36.96 41.65
N PRO L 30 3.80 -36.28 42.79
CA PRO L 30 2.80 -35.28 43.18
C PRO L 30 2.86 -34.03 42.30
N GLY L 31 1.91 -33.90 41.39
CA GLY L 31 1.72 -32.68 40.62
C GLY L 31 0.44 -32.00 41.09
N LYS L 32 0.45 -30.66 41.08
CA LYS L 32 -0.73 -29.91 41.51
C LYS L 32 -1.98 -30.39 40.78
N GLN L 33 -1.86 -30.66 39.47
CA GLN L 33 -2.98 -31.14 38.67
C GLN L 33 -4.16 -30.16 38.76
N VAL L 34 -3.85 -28.87 38.76
CA VAL L 34 -4.88 -27.85 38.69
C VAL L 34 -5.65 -27.89 37.38
N ARG L 35 -5.21 -28.71 36.43
CA ARG L 35 -6.02 -29.03 35.27
C ARG L 35 -7.33 -29.71 35.70
N THR L 36 -7.22 -30.73 36.55
CA THR L 36 -8.42 -31.36 37.10
C THR L 36 -9.24 -30.33 37.86
N LYS L 37 -8.57 -29.39 38.54
CA LYS L 37 -9.29 -28.35 39.26
C LYS L 37 -10.11 -27.49 38.31
N LEU L 38 -9.47 -26.93 37.27
CA LEU L 38 -10.19 -26.13 36.29
C LEU L 38 -11.36 -26.92 35.70
N SER L 39 -11.11 -28.18 35.32
CA SER L 39 -12.18 -29.04 34.84
C SER L 39 -13.32 -29.13 35.85
N GLN L 40 -13.00 -29.04 37.14
CA GLN L 40 -14.04 -29.05 38.15
C GLN L 40 -14.72 -27.69 38.28
N ALA L 41 -14.05 -26.60 37.91
CA ALA L 41 -14.67 -25.30 38.08
C ALA L 41 -15.49 -24.88 36.89
N PHE L 42 -15.35 -25.55 35.74
CA PHE L 42 -16.20 -25.23 34.60
C PHE L 42 -17.45 -26.08 34.57
N ASN L 43 -17.63 -26.91 35.60
CA ASN L 43 -18.83 -27.70 35.75
C ASN L 43 -19.99 -26.88 36.29
N HIS L 44 -19.71 -25.85 37.10
CA HIS L 44 -20.79 -25.01 37.64
C HIS L 44 -21.57 -24.31 36.55
N TRP L 45 -20.97 -24.15 35.38
CA TRP L 45 -21.64 -23.71 34.17
C TRP L 45 -22.14 -24.90 33.37
N LEU L 46 -21.26 -25.86 33.11
CA LEU L 46 -21.57 -26.92 32.17
C LEU L 46 -22.69 -27.83 32.70
N LYS L 47 -22.64 -28.17 33.98
CA LYS L 47 -23.53 -29.17 34.58
C LYS L 47 -23.69 -30.37 33.66
N VAL L 48 -22.60 -31.10 33.50
CA VAL L 48 -22.45 -32.31 32.70
C VAL L 48 -22.68 -33.51 33.61
N PRO L 49 -23.34 -34.58 33.14
CA PRO L 49 -23.54 -35.76 33.98
C PRO L 49 -22.23 -36.35 34.53
N GLU L 50 -22.30 -36.73 35.82
CA GLU L 50 -21.20 -37.35 36.55
C GLU L 50 -20.48 -38.44 35.75
N ASP L 51 -21.21 -39.51 35.37
CA ASP L 51 -20.60 -40.67 34.71
C ASP L 51 -19.84 -40.29 33.44
N LYS L 52 -20.37 -39.36 32.64
CA LYS L 52 -19.65 -38.98 31.44
C LYS L 52 -18.46 -38.10 31.78
N LEU L 53 -18.65 -37.25 32.80
CA LEU L 53 -17.59 -36.34 33.21
C LEU L 53 -16.37 -37.11 33.69
N GLN L 54 -16.58 -38.15 34.51
CA GLN L 54 -15.44 -38.91 35.02
C GLN L 54 -14.60 -39.45 33.88
N ILE L 55 -15.24 -39.97 32.83
CA ILE L 55 -14.45 -40.43 31.69
C ILE L 55 -13.74 -39.23 31.02
N ILE L 56 -14.40 -38.06 31.00
CA ILE L 56 -13.77 -36.88 30.41
C ILE L 56 -12.48 -36.55 31.16
N ILE L 57 -12.55 -36.53 32.50
CA ILE L 57 -11.40 -36.21 33.34
C ILE L 57 -10.29 -37.23 33.14
N GLU L 58 -10.67 -38.52 33.02
CA GLU L 58 -9.68 -39.54 32.70
C GLU L 58 -8.95 -39.19 31.41
N VAL L 59 -9.71 -38.77 30.39
CA VAL L 59 -9.09 -38.45 29.10
C VAL L 59 -8.17 -37.23 29.21
N THR L 60 -8.61 -36.19 29.94
CA THR L 60 -7.78 -35.00 30.05
C THR L 60 -6.49 -35.26 30.82
N GLU L 61 -6.58 -35.82 32.03
CA GLU L 61 -5.38 -36.09 32.83
C GLU L 61 -4.43 -37.04 32.10
N MET L 62 -4.99 -38.10 31.52
CA MET L 62 -4.21 -39.05 30.74
C MET L 62 -3.43 -38.34 29.65
N LEU L 63 -4.14 -37.62 28.77
CA LEU L 63 -3.47 -36.98 27.65
C LEU L 63 -2.44 -35.97 28.11
N HIS L 64 -2.78 -35.20 29.15
CA HIS L 64 -1.86 -34.19 29.66
C HIS L 64 -0.55 -34.86 30.05
N ASN L 65 -0.64 -35.93 30.83
CA ASN L 65 0.57 -36.57 31.31
C ASN L 65 1.38 -37.10 30.13
N ALA L 66 0.70 -37.65 29.13
CA ALA L 66 1.40 -38.10 27.94
C ALA L 66 2.19 -36.96 27.32
N SER L 67 1.56 -35.80 27.15
CA SER L 67 2.27 -34.66 26.60
C SER L 67 3.49 -34.29 27.45
N LEU L 68 3.37 -34.39 28.78
CA LEU L 68 4.49 -33.98 29.63
C LEU L 68 5.71 -34.88 29.46
N LEU L 69 5.54 -36.19 29.29
CA LEU L 69 6.71 -37.03 29.05
C LEU L 69 7.48 -36.54 27.84
N ILE L 70 6.77 -36.24 26.76
CA ILE L 70 7.42 -35.77 25.55
C ILE L 70 8.03 -34.38 25.77
N ASP L 71 7.31 -33.48 26.45
CA ASP L 71 7.90 -32.17 26.72
C ASP L 71 9.24 -32.33 27.44
N ASP L 72 9.34 -33.29 28.36
CA ASP L 72 10.64 -33.50 29.00
C ASP L 72 11.65 -34.07 28.01
N ILE L 73 11.23 -34.87 27.05
CA ILE L 73 12.19 -35.28 26.03
C ILE L 73 12.67 -34.07 25.23
N GLU L 74 11.74 -33.25 24.73
CA GLU L 74 12.08 -32.15 23.84
C GLU L 74 12.79 -31.01 24.57
N ASP L 75 12.24 -30.58 25.69
CA ASP L 75 12.91 -29.53 26.44
C ASP L 75 14.16 -30.04 27.15
N ASN L 76 14.35 -31.34 27.20
CA ASN L 76 15.53 -31.90 27.85
C ASN L 76 15.61 -31.38 29.28
N SER L 77 14.49 -31.39 29.97
CA SER L 77 14.56 -30.93 31.34
C SER L 77 15.34 -31.96 32.15
N LYS L 78 15.86 -31.49 33.28
CA LYS L 78 16.60 -32.38 34.17
C LYS L 78 15.66 -32.94 35.22
N LEU L 79 14.58 -32.21 35.48
CA LEU L 79 13.64 -32.55 36.52
C LEU L 79 12.24 -32.27 36.03
N ARG L 80 11.29 -32.97 36.64
CA ARG L 80 9.87 -32.72 36.43
C ARG L 80 9.16 -32.86 37.77
N ARG L 81 8.40 -31.82 38.13
CA ARG L 81 7.64 -31.83 39.38
C ARG L 81 8.56 -32.08 40.54
N GLY L 82 9.79 -31.61 40.43
CA GLY L 82 10.77 -31.72 41.48
C GLY L 82 11.43 -33.08 41.58
N PHE L 83 11.09 -34.01 40.70
CA PHE L 83 11.56 -35.38 40.72
C PHE L 83 12.22 -35.71 39.39
N PRO L 84 13.12 -36.68 39.36
CA PRO L 84 13.83 -37.03 38.12
C PRO L 84 12.93 -37.24 36.92
N VAL L 85 13.43 -36.88 35.75
CA VAL L 85 12.68 -37.09 34.52
C VAL L 85 12.58 -38.57 34.17
N ALA L 86 11.50 -38.93 33.46
CA ALA L 86 11.21 -40.33 33.15
C ALA L 86 12.28 -40.96 32.27
N HIS L 87 12.74 -40.25 31.24
CA HIS L 87 13.70 -40.85 30.33
C HIS L 87 15.04 -41.11 31.00
N SER L 88 15.34 -40.42 32.10
CA SER L 88 16.56 -40.69 32.83
C SER L 88 16.56 -42.07 33.47
N ILE L 89 15.39 -42.65 33.72
CA ILE L 89 15.29 -43.97 34.32
C ILE L 89 14.94 -45.02 33.28
N TYR L 90 13.90 -44.78 32.52
CA TYR L 90 13.45 -45.75 31.55
C TYR L 90 14.10 -45.58 30.19
N GLY L 91 14.82 -44.49 29.97
CA GLY L 91 15.44 -44.33 28.66
C GLY L 91 14.51 -43.65 27.68
N ILE L 92 15.10 -42.89 26.76
CA ILE L 92 14.30 -42.14 25.81
C ILE L 92 13.34 -43.07 25.09
N PRO L 93 13.81 -44.15 24.45
CA PRO L 93 12.88 -44.93 23.62
C PRO L 93 11.64 -45.39 24.36
N SER L 94 11.82 -45.97 25.54
CA SER L 94 10.71 -46.51 26.30
C SER L 94 9.68 -45.43 26.62
N VAL L 95 10.15 -44.24 26.96
CA VAL L 95 9.26 -43.17 27.37
C VAL L 95 8.54 -42.56 26.17
N ILE L 96 9.23 -42.45 25.04
CA ILE L 96 8.58 -41.97 23.82
C ILE L 96 7.44 -42.92 23.44
N ASN L 97 7.77 -44.21 23.30
CA ASN L 97 6.77 -45.16 22.86
C ASN L 97 5.64 -45.27 23.87
N SER L 98 5.98 -45.35 25.14
CA SER L 98 4.95 -45.41 26.18
C SER L 98 4.01 -44.21 26.08
N ALA L 99 4.56 -43.00 25.94
CA ALA L 99 3.69 -41.81 25.94
C ALA L 99 2.75 -41.82 24.75
N ASN L 100 3.27 -42.11 23.54
CA ASN L 100 2.41 -42.21 22.38
C ASN L 100 1.34 -43.28 22.58
N TYR L 101 1.74 -44.42 23.16
CA TYR L 101 0.79 -45.45 23.52
C TYR L 101 -0.36 -44.85 24.32
N VAL L 102 -0.04 -44.02 25.31
CA VAL L 102 -1.10 -43.42 26.12
C VAL L 102 -1.92 -42.45 25.28
N TYR L 103 -1.33 -41.83 24.25
CA TYR L 103 -2.13 -41.03 23.33
C TYR L 103 -3.25 -41.86 22.72
N PHE L 104 -2.91 -43.00 22.12
CA PHE L 104 -3.97 -43.74 21.46
C PHE L 104 -4.88 -44.44 22.45
N LEU L 105 -4.36 -44.80 23.63
CA LEU L 105 -5.24 -45.28 24.69
C LEU L 105 -6.25 -44.22 25.04
N GLY L 106 -5.84 -42.95 24.98
CA GLY L 106 -6.76 -41.86 25.21
C GLY L 106 -7.83 -41.78 24.15
N LEU L 107 -7.46 -41.92 22.86
CA LEU L 107 -8.52 -41.98 21.85
C LEU L 107 -9.46 -43.13 22.15
N GLU L 108 -8.91 -44.30 22.51
CA GLU L 108 -9.77 -45.45 22.80
C GLU L 108 -10.78 -45.14 23.89
N LYS L 109 -10.31 -44.52 24.98
CA LYS L 109 -11.22 -44.16 26.06
C LYS L 109 -12.18 -43.05 25.65
N VAL L 110 -11.77 -42.18 24.72
CA VAL L 110 -12.66 -41.11 24.30
C VAL L 110 -13.79 -41.64 23.42
N LEU L 111 -13.55 -42.74 22.70
CA LEU L 111 -14.63 -43.35 21.94
C LEU L 111 -15.76 -43.86 22.83
N THR L 112 -15.50 -44.03 24.12
CA THR L 112 -16.57 -44.43 25.03
C THR L 112 -17.51 -43.29 25.40
N LEU L 113 -17.23 -42.06 25.00
CA LEU L 113 -18.16 -40.99 25.26
C LEU L 113 -19.38 -41.09 24.35
N ASP L 114 -19.27 -41.88 23.27
CA ASP L 114 -20.36 -42.24 22.35
C ASP L 114 -20.98 -41.06 21.66
N HIS L 115 -20.30 -39.93 21.60
CA HIS L 115 -20.81 -38.74 20.93
C HIS L 115 -20.16 -38.67 19.56
N GLN L 116 -20.99 -38.52 18.53
CA GLN L 116 -20.45 -38.58 17.17
C GLN L 116 -19.38 -37.55 16.94
N ASP L 117 -19.50 -36.39 17.57
CA ASP L 117 -18.55 -35.30 17.38
C ASP L 117 -17.35 -35.41 18.30
N ALA L 118 -17.36 -36.35 19.25
CA ALA L 118 -16.27 -36.45 20.23
C ALA L 118 -14.93 -36.70 19.56
N VAL L 119 -14.86 -37.65 18.63
CA VAL L 119 -13.59 -37.92 17.96
C VAL L 119 -13.16 -36.72 17.15
N LYS L 120 -14.11 -36.05 16.50
CA LYS L 120 -13.79 -34.86 15.72
C LYS L 120 -13.18 -33.77 16.61
N LEU L 121 -13.84 -33.47 17.72
CA LEU L 121 -13.28 -32.50 18.64
C LEU L 121 -11.91 -32.94 19.14
N PHE L 122 -11.78 -34.22 19.48
CA PHE L 122 -10.52 -34.73 20.01
C PHE L 122 -9.38 -34.53 19.03
N THR L 123 -9.53 -35.04 17.81
CA THR L 123 -8.49 -34.88 16.81
C THR L 123 -8.18 -33.41 16.60
N ARG L 124 -9.21 -32.57 16.51
CA ARG L 124 -9.00 -31.14 16.32
C ARG L 124 -8.10 -30.56 17.41
N GLN L 125 -8.46 -30.78 18.67
CA GLN L 125 -7.73 -30.14 19.76
C GLN L 125 -6.31 -30.67 19.86
N LEU L 126 -6.09 -31.95 19.59
CA LEU L 126 -4.73 -32.47 19.64
C LEU L 126 -3.89 -31.88 18.51
N LEU L 127 -4.48 -31.72 17.33
CA LEU L 127 -3.78 -31.03 16.24
C LEU L 127 -3.33 -29.65 16.69
N GLU L 128 -4.22 -28.91 17.35
CA GLU L 128 -3.83 -27.59 17.86
C GLU L 128 -2.66 -27.70 18.82
N LEU L 129 -2.71 -28.68 19.74
CA LEU L 129 -1.64 -28.86 20.73
C LEU L 129 -0.31 -29.07 20.05
N HIS L 130 -0.27 -30.01 19.11
CA HIS L 130 0.99 -30.30 18.47
C HIS L 130 1.49 -29.17 17.68
N GLN L 131 0.59 -28.34 17.16
CA GLN L 131 0.96 -27.17 16.37
C GLN L 131 1.73 -26.17 17.22
N GLY L 132 1.24 -25.96 18.43
CA GLY L 132 1.85 -25.07 19.39
C GLY L 132 3.20 -25.55 19.89
N GLN L 133 3.26 -26.82 20.26
CA GLN L 133 4.53 -27.43 20.62
C GLN L 133 5.53 -27.24 19.50
N GLY L 134 5.12 -27.53 18.26
CA GLY L 134 6.01 -27.40 17.13
C GLY L 134 6.60 -26.01 16.99
N LEU L 135 5.78 -24.98 17.18
CA LEU L 135 6.32 -23.62 17.10
C LEU L 135 7.31 -23.34 18.22
N ASP L 136 6.98 -23.73 19.46
CA ASP L 136 7.93 -23.48 20.55
C ASP L 136 9.28 -24.08 20.23
N ILE L 137 9.28 -25.36 19.90
CA ILE L 137 10.51 -26.07 19.56
C ILE L 137 11.19 -25.40 18.37
N TYR L 138 10.43 -25.03 17.36
CA TYR L 138 11.01 -24.46 16.14
C TYR L 138 11.75 -23.16 16.42
N TRP L 139 11.09 -22.21 17.09
CA TRP L 139 11.71 -20.94 17.38
C TRP L 139 12.97 -21.16 18.19
N ARG L 140 12.91 -22.05 19.19
CA ARG L 140 14.08 -22.26 20.03
C ARG L 140 15.25 -22.90 19.27
N ASP L 141 15.01 -23.99 18.56
CA ASP L 141 16.11 -24.73 18.00
C ASP L 141 16.67 -24.06 16.77
N ASN L 142 15.90 -23.19 16.12
CA ASN L 142 16.39 -22.44 14.98
C ASN L 142 16.72 -21.00 15.34
N TYR L 143 16.61 -20.63 16.62
CA TYR L 143 17.06 -19.35 17.20
C TYR L 143 16.28 -18.16 16.64
N THR L 144 15.01 -18.36 16.37
CA THR L 144 14.18 -17.29 15.84
C THR L 144 13.25 -16.78 16.93
N CYS L 145 13.53 -15.59 17.43
CA CYS L 145 12.64 -15.03 18.42
C CYS L 145 11.36 -14.60 17.72
N PRO L 146 10.21 -14.92 18.26
CA PRO L 146 8.95 -14.51 17.65
C PRO L 146 8.47 -13.23 18.29
N THR L 147 7.50 -12.57 17.67
CA THR L 147 6.88 -11.41 18.29
C THR L 147 5.97 -11.87 19.41
N GLU L 148 5.67 -10.94 20.32
CA GLU L 148 4.76 -11.32 21.39
C GLU L 148 3.42 -11.77 20.82
N GLU L 149 3.02 -11.26 19.65
CA GLU L 149 1.81 -11.76 19.04
C GLU L 149 1.97 -13.20 18.59
N GLU L 150 3.09 -13.53 17.93
CA GLU L 150 3.34 -14.93 17.57
C GLU L 150 3.39 -15.80 18.82
N TYR L 151 3.98 -15.28 19.90
CA TYR L 151 4.04 -16.00 21.15
C TYR L 151 2.63 -16.30 21.66
N LYS L 152 1.82 -15.25 21.82
CA LYS L 152 0.48 -15.41 22.37
C LYS L 152 -0.33 -16.35 21.50
N ALA L 153 -0.28 -16.13 20.19
CA ALA L 153 -1.01 -16.99 19.27
C ALA L 153 -0.64 -18.44 19.48
N MET L 154 0.66 -18.72 19.64
CA MET L 154 1.13 -20.10 19.88
C MET L 154 0.61 -20.65 21.20
N VAL L 155 0.71 -19.85 22.25
CA VAL L 155 0.25 -20.27 23.56
C VAL L 155 -1.19 -20.75 23.50
N LEU L 156 -2.04 -20.02 22.76
CA LEU L 156 -3.42 -20.48 22.60
C LEU L 156 -3.48 -21.90 22.04
N GLN L 157 -2.55 -22.26 21.15
CA GLN L 157 -2.56 -23.62 20.63
C GLN L 157 -1.98 -24.62 21.63
N LYS L 158 -0.82 -24.32 22.21
CA LYS L 158 -0.13 -25.30 23.04
C LYS L 158 -0.87 -25.52 24.35
N THR L 159 -1.08 -24.46 25.11
CA THR L 159 -1.84 -24.65 26.33
C THR L 159 -3.34 -24.65 26.05
N GLY L 160 -3.78 -24.02 24.95
CA GLY L 160 -5.18 -24.02 24.63
C GLY L 160 -5.71 -25.39 24.26
N GLY L 161 -4.86 -26.25 23.71
CA GLY L 161 -5.30 -27.57 23.30
C GLY L 161 -5.97 -28.41 24.38
N LEU L 162 -5.25 -28.71 25.46
CA LEU L 162 -5.81 -29.59 26.48
C LEU L 162 -7.05 -28.98 27.12
N PHE L 163 -6.97 -27.70 27.52
CA PHE L 163 -8.12 -27.00 28.09
C PHE L 163 -9.32 -27.07 27.16
N GLY L 164 -9.09 -26.85 25.86
CA GLY L 164 -10.17 -26.88 24.88
C GLY L 164 -10.83 -28.24 24.72
N LEU L 165 -10.04 -29.32 24.76
CA LEU L 165 -10.65 -30.64 24.75
C LEU L 165 -11.49 -30.83 26.00
N ALA L 166 -10.99 -30.39 27.16
CA ALA L 166 -11.76 -30.51 28.38
C ALA L 166 -13.10 -29.76 28.27
N VAL L 167 -13.05 -28.44 28.11
CA VAL L 167 -14.31 -27.69 28.18
C VAL L 167 -15.18 -27.99 26.97
N GLY L 168 -14.59 -28.21 25.80
CA GLY L 168 -15.38 -28.53 24.63
C GLY L 168 -16.06 -29.88 24.73
N LEU L 169 -15.32 -30.89 25.21
CA LEU L 169 -15.91 -32.21 25.41
C LEU L 169 -17.01 -32.16 26.46
N MET L 170 -16.83 -31.38 27.53
CA MET L 170 -17.93 -31.21 28.47
C MET L 170 -19.12 -30.53 27.81
N GLN L 171 -18.85 -29.59 26.91
CA GLN L 171 -19.93 -28.92 26.20
C GLN L 171 -20.70 -29.90 25.32
N LEU L 172 -20.04 -30.98 24.89
CA LEU L 172 -20.72 -31.96 24.05
C LEU L 172 -21.93 -32.57 24.74
N PHE L 173 -21.93 -32.68 26.07
CA PHE L 173 -23.03 -33.31 26.81
C PHE L 173 -23.82 -32.34 27.68
N SER L 174 -23.65 -31.04 27.52
CA SER L 174 -24.24 -30.09 28.46
C SER L 174 -25.37 -29.30 27.82
N ASP L 175 -26.37 -29.00 28.64
CA ASP L 175 -27.44 -28.13 28.21
C ASP L 175 -27.00 -26.70 28.12
N TYR L 176 -25.70 -26.46 28.27
CA TYR L 176 -25.14 -25.12 28.12
C TYR L 176 -24.83 -24.84 26.66
N LYS L 177 -25.20 -23.65 26.20
CA LYS L 177 -25.02 -23.26 24.82
C LYS L 177 -24.12 -22.04 24.66
N GLU L 178 -23.86 -21.30 25.74
CA GLU L 178 -23.06 -20.09 25.61
C GLU L 178 -21.67 -20.47 25.14
N ASP L 179 -21.05 -19.54 24.42
CA ASP L 179 -19.71 -19.73 23.84
C ASP L 179 -18.67 -19.30 24.87
N LEU L 180 -17.74 -20.19 25.20
CA LEU L 180 -16.76 -19.93 26.26
C LEU L 180 -15.34 -19.74 25.76
N LYS L 181 -15.08 -19.94 24.46
CA LYS L 181 -13.74 -19.81 23.90
C LYS L 181 -13.02 -18.52 24.30
N PRO L 182 -13.67 -17.37 24.46
CA PRO L 182 -12.91 -16.21 24.98
C PRO L 182 -12.27 -16.45 26.34
N LEU L 183 -13.02 -17.01 27.30
CA LEU L 183 -12.46 -17.27 28.63
C LEU L 183 -11.33 -18.29 28.55
N LEU L 184 -11.51 -19.33 27.72
CA LEU L 184 -10.43 -20.28 27.46
C LEU L 184 -9.18 -19.60 26.92
N ASN L 185 -9.35 -18.57 26.11
CA ASN L 185 -8.18 -17.82 25.65
C ASN L 185 -7.54 -17.07 26.80
N THR L 186 -8.24 -16.08 27.38
CA THR L 186 -7.64 -15.27 28.45
C THR L 186 -6.98 -16.14 29.53
N LEU L 187 -7.64 -17.21 29.96
CA LEU L 187 -7.04 -18.09 30.96
C LEU L 187 -5.83 -18.82 30.38
N GLY L 188 -5.97 -19.37 29.17
CA GLY L 188 -4.86 -20.10 28.60
C GLY L 188 -3.61 -19.27 28.50
N LEU L 189 -3.76 -17.99 28.14
CA LEU L 189 -2.58 -17.14 28.14
C LEU L 189 -2.15 -16.83 29.57
N PHE L 190 -3.12 -16.83 30.48
CA PHE L 190 -2.82 -16.53 31.88
C PHE L 190 -1.90 -17.57 32.50
N PHE L 191 -2.06 -18.85 32.14
CA PHE L 191 -1.24 -19.90 32.76
C PHE L 191 0.20 -19.81 32.29
N GLN L 192 0.41 -19.84 30.98
CA GLN L 192 1.76 -19.81 30.45
C GLN L 192 2.51 -18.56 30.83
N ILE L 193 1.85 -17.41 30.78
CA ILE L 193 2.54 -16.18 31.16
C ILE L 193 2.88 -16.18 32.66
N ARG L 194 1.98 -16.70 33.49
CA ARG L 194 2.31 -16.86 34.91
C ARG L 194 3.55 -17.72 35.05
N TYR L 195 3.58 -18.87 34.37
CA TYR L 195 4.70 -19.80 34.52
C TYR L 195 6.00 -19.18 34.02
N ASP L 196 5.96 -18.52 32.87
CA ASP L 196 7.17 -17.93 32.33
C ASP L 196 7.73 -16.90 33.29
N TYR L 197 6.86 -16.05 33.82
CA TYR L 197 7.29 -15.10 34.83
C TYR L 197 7.85 -15.82 36.04
N ALA L 198 7.19 -16.89 36.49
CA ALA L 198 7.62 -17.59 37.69
C ALA L 198 8.97 -18.26 37.54
N ASN L 199 9.29 -18.69 36.33
CA ASN L 199 10.57 -19.32 36.09
C ASN L 199 11.79 -18.44 36.30
N LEU L 200 11.68 -17.16 35.96
CA LEU L 200 12.81 -16.26 35.99
C LEU L 200 12.87 -15.42 37.26
N HIS L 201 11.71 -15.00 37.76
CA HIS L 201 11.65 -14.11 38.90
C HIS L 201 12.33 -14.72 40.13
N SER L 210 16.18 -26.37 38.63
CA SER L 210 16.18 -25.90 40.01
C SER L 210 16.07 -24.37 40.04
N PHE L 211 16.95 -23.70 39.26
CA PHE L 211 16.91 -22.26 39.12
C PHE L 211 16.94 -21.88 37.65
N CYS L 212 16.09 -20.92 37.26
CA CYS L 212 15.99 -20.40 35.90
C CYS L 212 16.06 -21.47 34.83
N GLU L 213 15.30 -22.56 35.03
CA GLU L 213 15.30 -23.67 34.08
C GLU L 213 15.01 -23.26 32.65
N ASP L 214 14.18 -22.22 32.45
CA ASP L 214 13.83 -21.80 31.08
C ASP L 214 15.03 -21.30 30.31
N LEU L 215 15.88 -20.48 30.93
CA LEU L 215 17.07 -19.99 30.25
C LEU L 215 17.97 -21.13 29.83
N THR L 216 18.15 -22.13 30.68
CA THR L 216 18.95 -23.26 30.25
C THR L 216 18.28 -24.04 29.14
N GLU L 217 16.94 -24.08 29.12
CA GLU L 217 16.25 -24.73 28.00
C GLU L 217 16.53 -24.01 26.69
N GLY L 218 16.78 -22.70 26.76
CA GLY L 218 16.98 -21.86 25.60
C GLY L 218 15.71 -21.38 24.95
N LYS L 219 14.55 -21.59 25.58
CA LYS L 219 13.26 -21.22 25.02
C LYS L 219 12.94 -19.74 25.20
N PHE L 220 12.14 -19.23 24.30
CA PHE L 220 11.69 -17.84 24.32
C PHE L 220 10.43 -17.76 25.17
N SER L 221 10.61 -17.43 26.45
CA SER L 221 9.53 -17.09 27.36
C SER L 221 9.00 -15.68 27.06
N PHE L 222 7.87 -15.37 27.65
CA PHE L 222 7.29 -14.04 27.49
C PHE L 222 8.22 -12.93 27.96
N PRO L 223 8.76 -12.95 29.19
CA PRO L 223 9.63 -11.84 29.62
C PRO L 223 10.86 -11.68 28.77
N THR L 224 11.53 -12.78 28.44
CA THR L 224 12.71 -12.68 27.61
C THR L 224 12.37 -12.17 26.21
N ILE L 225 11.22 -12.56 25.65
CA ILE L 225 10.81 -12.02 24.36
C ILE L 225 10.66 -10.51 24.47
N HIS L 226 10.02 -10.05 25.55
CA HIS L 226 9.87 -8.62 25.76
C HIS L 226 11.22 -7.92 25.81
N ALA L 227 12.20 -8.51 26.50
CA ALA L 227 13.52 -7.89 26.54
C ALA L 227 14.14 -7.86 25.16
N ILE L 228 13.95 -8.92 24.38
CA ILE L 228 14.58 -8.99 23.06
C ILE L 228 14.06 -7.87 22.18
N TRP L 229 12.75 -7.68 22.14
CA TRP L 229 12.23 -6.69 21.21
C TRP L 229 12.29 -5.28 21.79
N SER L 230 12.26 -5.16 23.11
CA SER L 230 12.25 -3.86 23.74
C SER L 230 13.52 -3.08 23.46
N ARG L 231 14.63 -3.78 23.31
CA ARG L 231 15.92 -3.15 23.03
C ARG L 231 16.51 -3.85 21.81
N PRO L 232 16.05 -3.50 20.61
CA PRO L 232 16.53 -4.19 19.40
C PRO L 232 18.00 -3.99 19.13
N GLU L 233 18.63 -3.02 19.81
CA GLU L 233 20.03 -2.70 19.54
C GLU L 233 20.98 -3.76 20.10
N SER L 234 20.55 -4.56 21.09
CA SER L 234 21.43 -5.49 21.77
C SER L 234 20.95 -6.92 21.58
N THR L 235 21.87 -7.81 21.19
CA THR L 235 21.56 -9.21 21.02
C THR L 235 22.09 -10.06 22.17
N GLN L 236 22.28 -9.47 23.35
CA GLN L 236 22.67 -10.24 24.53
C GLN L 236 21.68 -11.38 24.77
N VAL L 237 20.41 -11.06 24.98
CA VAL L 237 19.42 -12.07 25.37
C VAL L 237 19.50 -13.26 24.46
N GLN L 238 19.48 -13.01 23.15
CA GLN L 238 19.60 -14.09 22.19
C GLN L 238 20.86 -14.90 22.40
N ASN L 239 21.97 -14.26 22.72
CA ASN L 239 23.23 -15.00 22.86
C ASN L 239 23.25 -15.83 24.14
N ILE L 240 22.81 -15.26 25.25
CA ILE L 240 22.72 -16.03 26.49
C ILE L 240 21.85 -17.26 26.29
N LEU L 241 20.70 -17.09 25.61
CA LEU L 241 19.83 -18.23 25.34
C LEU L 241 20.51 -19.23 24.43
N ARG L 242 21.12 -18.73 23.36
CA ARG L 242 21.75 -19.62 22.39
C ARG L 242 22.70 -20.55 23.08
N GLN L 243 23.38 -20.04 24.11
CA GLN L 243 24.37 -20.85 24.80
C GLN L 243 23.75 -22.07 25.44
N ARG L 244 22.55 -21.93 26.02
CA ARG L 244 21.95 -23.00 26.82
C ARG L 244 22.88 -23.35 27.99
N THR L 245 23.38 -22.31 28.65
CA THR L 245 24.35 -22.47 29.72
C THR L 245 23.65 -22.66 31.05
N GLU L 246 24.21 -23.55 31.87
CA GLU L 246 23.81 -23.70 33.26
C GLU L 246 24.69 -22.89 34.22
N ASN L 247 25.58 -22.05 33.70
CA ASN L 247 26.44 -21.23 34.55
C ASN L 247 25.56 -20.29 35.39
N ILE L 248 25.71 -20.36 36.72
CA ILE L 248 24.81 -19.60 37.58
C ILE L 248 25.01 -18.09 37.40
N ASP L 249 26.25 -17.67 37.19
CA ASP L 249 26.56 -16.25 37.07
C ASP L 249 25.94 -15.65 35.83
N ILE L 250 26.03 -16.35 34.70
CA ILE L 250 25.42 -15.85 33.48
C ILE L 250 23.92 -15.69 33.65
N LYS L 251 23.25 -16.70 34.22
CA LYS L 251 21.81 -16.60 34.40
C LYS L 251 21.46 -15.43 35.30
N LYS L 252 22.15 -15.30 36.43
CA LYS L 252 21.85 -14.21 37.33
C LYS L 252 21.96 -12.88 36.60
N TYR L 253 23.02 -12.72 35.79
CA TYR L 253 23.15 -11.50 34.99
C TYR L 253 21.97 -11.33 34.05
N CYS L 254 21.52 -12.43 33.46
CA CYS L 254 20.47 -12.32 32.47
C CYS L 254 19.17 -11.82 33.09
N VAL L 255 18.78 -12.37 34.24
CA VAL L 255 17.57 -11.87 34.90
C VAL L 255 17.79 -10.44 35.33
N HIS L 256 19.03 -10.09 35.70
CA HIS L 256 19.33 -8.70 35.99
C HIS L 256 19.02 -7.81 34.79
N TYR L 257 19.44 -8.25 33.61
CA TYR L 257 19.15 -7.49 32.39
C TYR L 257 17.67 -7.34 32.21
N LEU L 258 16.92 -8.44 32.33
CA LEU L 258 15.48 -8.35 32.15
C LEU L 258 14.90 -7.36 33.14
N GLU L 259 15.29 -7.47 34.41
CA GLU L 259 14.80 -6.54 35.40
C GLU L 259 15.13 -5.10 35.00
N ASP L 260 16.34 -4.87 34.51
CA ASP L 260 16.78 -3.51 34.26
C ASP L 260 16.12 -2.92 33.02
N VAL L 261 15.73 -3.74 32.05
CA VAL L 261 15.04 -3.23 30.87
C VAL L 261 13.55 -3.30 31.13
N GLY L 262 13.18 -3.54 32.37
CA GLY L 262 11.78 -3.51 32.76
C GLY L 262 10.93 -4.64 32.25
N SER L 263 11.52 -5.77 31.87
CA SER L 263 10.73 -6.87 31.34
C SER L 263 9.84 -7.52 32.39
N PHE L 264 10.26 -7.50 33.65
CA PHE L 264 9.45 -8.14 34.67
C PHE L 264 8.27 -7.27 35.07
N GLU L 265 8.42 -5.95 35.04
CA GLU L 265 7.26 -5.06 35.23
C GLU L 265 6.29 -5.17 34.07
N TYR L 266 6.80 -5.40 32.86
CA TYR L 266 5.93 -5.59 31.71
C TYR L 266 5.16 -6.90 31.83
N THR L 267 5.84 -7.98 32.21
CA THR L 267 5.12 -9.24 32.34
C THR L 267 4.09 -9.14 33.45
N ARG L 268 4.45 -8.46 34.54
CA ARG L 268 3.49 -8.28 35.62
C ARG L 268 2.28 -7.49 35.17
N ASN L 269 2.50 -6.31 34.57
CA ASN L 269 1.39 -5.52 34.04
C ASN L 269 0.50 -6.34 33.10
N THR L 270 1.09 -7.01 32.11
CA THR L 270 0.29 -7.85 31.20
C THR L 270 -0.49 -8.91 31.97
N LEU L 271 0.10 -9.46 33.03
CA LEU L 271 -0.58 -10.52 33.76
C LEU L 271 -1.74 -9.96 34.58
N LYS L 272 -1.56 -8.77 35.16
CA LYS L 272 -2.65 -8.15 35.91
C LYS L 272 -3.78 -7.70 34.98
N GLU L 273 -3.43 -7.23 33.78
CA GLU L 273 -4.43 -6.93 32.76
C GLU L 273 -5.24 -8.19 32.45
N LEU L 274 -4.56 -9.29 32.15
CA LEU L 274 -5.29 -10.52 31.84
C LEU L 274 -6.16 -10.95 33.01
N GLU L 275 -5.63 -10.92 34.23
CA GLU L 275 -6.47 -11.21 35.40
C GLU L 275 -7.75 -10.37 35.39
N ALA L 276 -7.62 -9.12 34.98
CA ALA L 276 -8.79 -8.26 34.85
C ALA L 276 -9.75 -8.80 33.80
N LYS L 277 -9.22 -9.19 32.63
CA LYS L 277 -10.09 -9.65 31.56
C LYS L 277 -10.77 -10.96 31.93
N ALA L 278 -10.03 -11.84 32.60
CA ALA L 278 -10.64 -13.03 33.19
C ALA L 278 -11.89 -12.65 33.97
N TYR L 279 -11.76 -11.69 34.90
CA TYR L 279 -12.89 -11.38 35.78
C TYR L 279 -14.09 -10.86 35.00
N LYS L 280 -13.86 -9.96 34.03
CA LYS L 280 -14.97 -9.52 33.18
C LYS L 280 -15.65 -10.70 32.53
N GLN L 281 -14.88 -11.55 31.85
CA GLN L 281 -15.46 -12.64 31.08
C GLN L 281 -16.21 -13.63 31.94
N ILE L 282 -15.74 -13.86 33.18
CA ILE L 282 -16.43 -14.79 34.05
C ILE L 282 -17.71 -14.17 34.54
N ASP L 283 -17.72 -12.86 34.76
CA ASP L 283 -18.96 -12.21 35.17
C ASP L 283 -20.00 -12.30 34.07
N ALA L 284 -19.64 -11.92 32.85
CA ALA L 284 -20.62 -11.87 31.77
C ALA L 284 -21.05 -13.26 31.31
N ARG L 285 -20.25 -14.28 31.55
CA ARG L 285 -20.68 -15.66 31.29
C ARG L 285 -21.59 -16.21 32.41
N GLY L 286 -22.11 -15.35 33.27
CA GLY L 286 -23.00 -15.76 34.34
C GLY L 286 -22.41 -15.63 35.73
N GLY L 287 -21.10 -15.47 35.84
CA GLY L 287 -20.47 -15.42 37.16
C GLY L 287 -20.10 -16.79 37.68
N ASN L 288 -18.95 -16.88 38.33
CA ASN L 288 -18.51 -18.16 38.88
C ASN L 288 -17.78 -18.07 40.21
N PRO L 289 -18.41 -18.65 41.31
CA PRO L 289 -17.67 -18.55 42.57
C PRO L 289 -16.38 -19.37 42.62
N GLU L 290 -16.44 -20.61 42.12
CA GLU L 290 -15.31 -21.52 42.15
C GLU L 290 -14.10 -21.08 41.34
N LEU L 291 -14.35 -20.55 40.15
CA LEU L 291 -13.28 -20.11 39.26
C LEU L 291 -12.67 -18.76 39.66
N VAL L 292 -13.50 -17.77 40.02
CA VAL L 292 -12.96 -16.44 40.36
C VAL L 292 -11.97 -16.54 41.50
N ALA L 293 -12.30 -17.33 42.53
CA ALA L 293 -11.37 -17.52 43.65
C ALA L 293 -10.09 -18.17 43.18
N LEU L 294 -10.19 -19.16 42.27
CA LEU L 294 -8.99 -19.78 41.70
C LEU L 294 -8.09 -18.72 41.05
N VAL L 295 -8.68 -17.82 40.28
CA VAL L 295 -7.88 -16.79 39.63
C VAL L 295 -7.23 -15.89 40.66
N LYS L 296 -7.92 -15.62 41.78
CA LYS L 296 -7.27 -14.87 42.86
C LYS L 296 -6.03 -15.60 43.39
N HIS L 297 -6.18 -16.88 43.74
CA HIS L 297 -5.05 -17.65 44.27
C HIS L 297 -3.89 -17.72 43.29
N LEU L 298 -4.17 -18.03 42.02
CA LEU L 298 -3.10 -18.14 41.04
C LEU L 298 -2.49 -16.77 40.72
N SER L 299 -3.30 -15.72 40.74
CA SER L 299 -2.78 -14.39 40.45
C SER L 299 -1.95 -13.84 41.59
N LYS L 300 -2.00 -14.47 42.76
CA LYS L 300 -1.13 -14.07 43.86
C LYS L 300 0.35 -14.15 43.51
N MET L 301 0.71 -14.85 42.43
CA MET L 301 2.12 -15.02 42.05
C MET L 301 2.81 -13.68 41.86
N PHE L 302 2.26 -12.82 41.01
CA PHE L 302 2.82 -11.50 40.75
C PHE L 302 2.31 -10.45 41.73
N LYS L 303 2.18 -10.80 43.01
CA LYS L 303 1.72 -9.84 44.02
C LYS L 303 2.88 -9.30 44.85
#